data_2MAW
#
_entry.id   2MAW
#
_entity_poly.entity_id   1
_entity_poly.type   'polypeptide(L)'
_entity_poly.pdbx_seq_one_letter_code
;SNAEEELYYGLNLLIPCVLISALALLVFLLPADSGEKISLGITVLLSLTVFMLLVAEIMPSTSDSSPSIAQYFASTMIIV
GLSVVVTVIVLQYHHHDPDGGEGGGEGIDRLCLMAFSVFTIICTIGILMSAPNFVEE
;
_entity_poly.pdbx_strand_id   A
#
# COMPACT_ATOMS: atom_id res chain seq x y z
N GLU A 4 -5.59 23.71 -6.00
CA GLU A 4 -6.30 23.07 -4.91
C GLU A 4 -6.63 21.61 -5.26
N GLU A 5 -6.91 21.37 -6.53
CA GLU A 5 -7.23 20.03 -7.00
C GLU A 5 -6.14 19.04 -6.62
N GLU A 6 -4.91 19.53 -6.52
CA GLU A 6 -3.78 18.69 -6.16
C GLU A 6 -3.97 18.06 -4.78
N LEU A 7 -4.45 18.87 -3.83
CA LEU A 7 -4.68 18.39 -2.47
C LEU A 7 -5.95 17.55 -2.40
N TYR A 8 -7.03 18.07 -2.99
CA TYR A 8 -8.30 17.35 -2.98
C TYR A 8 -8.17 15.99 -3.62
N TYR A 9 -7.55 15.95 -4.79
CA TYR A 9 -7.35 14.69 -5.51
C TYR A 9 -6.58 13.68 -4.66
N GLY A 10 -5.39 14.08 -4.22
CA GLY A 10 -4.57 13.21 -3.41
C GLY A 10 -5.31 12.70 -2.18
N LEU A 11 -6.10 13.57 -1.56
CA LEU A 11 -6.86 13.22 -0.38
C LEU A 11 -7.76 12.01 -0.65
N ASN A 12 -8.62 12.14 -1.65
CA ASN A 12 -9.53 11.06 -2.01
C ASN A 12 -8.76 9.78 -2.33
N LEU A 13 -7.50 9.93 -2.73
CA LEU A 13 -6.66 8.79 -3.06
C LEU A 13 -6.04 8.19 -1.81
N LEU A 14 -5.94 9.00 -0.75
CA LEU A 14 -5.37 8.55 0.51
C LEU A 14 -6.38 7.74 1.31
N ILE A 15 -7.66 8.05 1.13
CA ILE A 15 -8.73 7.35 1.82
C ILE A 15 -8.59 5.84 1.67
N PRO A 16 -8.58 5.38 0.41
CA PRO A 16 -8.46 3.95 0.09
C PRO A 16 -7.07 3.41 0.41
N CYS A 17 -6.05 4.19 0.08
CA CYS A 17 -4.66 3.79 0.32
C CYS A 17 -4.48 3.36 1.78
N VAL A 18 -4.74 4.28 2.70
CA VAL A 18 -4.61 4.01 4.13
C VAL A 18 -5.63 2.97 4.59
N LEU A 19 -6.80 2.99 3.97
CA LEU A 19 -7.87 2.06 4.32
C LEU A 19 -7.40 0.62 4.19
N ILE A 20 -6.98 0.23 2.99
CA ILE A 20 -6.49 -1.12 2.74
C ILE A 20 -5.41 -1.51 3.76
N SER A 21 -4.39 -0.65 3.88
CA SER A 21 -3.30 -0.91 4.81
C SER A 21 -3.83 -1.20 6.21
N ALA A 22 -4.85 -0.45 6.62
CA ALA A 22 -5.44 -0.63 7.94
C ALA A 22 -6.08 -2.01 8.06
N LEU A 23 -7.01 -2.31 7.16
CA LEU A 23 -7.70 -3.60 7.18
C LEU A 23 -6.70 -4.75 7.16
N ALA A 24 -5.59 -4.56 6.45
CA ALA A 24 -4.56 -5.58 6.36
C ALA A 24 -3.97 -5.89 7.74
N LEU A 25 -3.67 -4.83 8.49
CA LEU A 25 -3.09 -4.98 9.82
C LEU A 25 -3.97 -5.86 10.70
N LEU A 26 -5.28 -5.71 10.56
CA LEU A 26 -6.24 -6.49 11.34
C LEU A 26 -5.99 -7.98 11.15
N VAL A 27 -5.58 -8.36 9.94
CA VAL A 27 -5.31 -9.76 9.63
C VAL A 27 -3.88 -10.14 10.00
N PHE A 28 -2.94 -9.24 9.70
CA PHE A 28 -1.53 -9.49 10.01
C PHE A 28 -1.35 -9.86 11.47
N LEU A 29 -1.92 -9.06 12.35
CA LEU A 29 -1.82 -9.31 13.80
C LEU A 29 -2.71 -10.47 14.21
N LEU A 30 -3.80 -10.67 13.47
CA LEU A 30 -4.73 -11.75 13.77
C LEU A 30 -4.80 -12.73 12.60
N PRO A 31 -3.74 -13.53 12.44
CA PRO A 31 -3.66 -14.53 11.37
C PRO A 31 -4.62 -15.70 11.59
N ALA A 32 -5.88 -15.50 11.21
CA ALA A 32 -6.89 -16.54 11.36
C ALA A 32 -6.70 -17.66 10.34
N ASP A 33 -6.20 -17.30 9.17
CA ASP A 33 -5.97 -18.27 8.10
C ASP A 33 -7.27 -18.98 7.73
N SER A 34 -8.37 -18.25 7.79
CA SER A 34 -9.68 -18.82 7.46
C SER A 34 -9.99 -18.65 5.98
N GLY A 35 -9.40 -17.62 5.37
CA GLY A 35 -9.63 -17.37 3.95
C GLY A 35 -9.38 -15.92 3.58
N GLU A 36 -9.43 -15.04 4.57
CA GLU A 36 -9.21 -13.62 4.34
C GLU A 36 -7.80 -13.36 3.82
N LYS A 37 -6.86 -14.24 4.19
CA LYS A 37 -5.48 -14.11 3.77
C LYS A 37 -5.38 -14.00 2.25
N ILE A 38 -5.97 -14.97 1.55
CA ILE A 38 -5.95 -14.98 0.10
C ILE A 38 -6.97 -14.00 -0.48
N SER A 39 -8.03 -13.75 0.28
CA SER A 39 -9.08 -12.84 -0.15
C SER A 39 -8.54 -11.43 -0.31
N LEU A 40 -7.96 -10.89 0.74
CA LEU A 40 -7.40 -9.54 0.72
C LEU A 40 -6.15 -9.49 -0.16
N GLY A 41 -5.47 -10.63 -0.28
CA GLY A 41 -4.27 -10.70 -1.09
C GLY A 41 -4.49 -10.17 -2.50
N ILE A 42 -5.45 -10.75 -3.20
CA ILE A 42 -5.75 -10.33 -4.57
C ILE A 42 -6.48 -8.99 -4.58
N THR A 43 -7.18 -8.69 -3.50
CA THR A 43 -7.92 -7.44 -3.38
C THR A 43 -6.99 -6.24 -3.48
N VAL A 44 -6.04 -6.16 -2.54
CA VAL A 44 -5.09 -5.06 -2.53
C VAL A 44 -4.23 -5.06 -3.78
N LEU A 45 -3.99 -6.24 -4.33
CA LEU A 45 -3.18 -6.38 -5.54
C LEU A 45 -3.92 -5.80 -6.75
N LEU A 46 -5.20 -6.11 -6.86
CA LEU A 46 -6.02 -5.62 -7.97
C LEU A 46 -6.40 -4.16 -7.76
N SER A 47 -6.46 -3.75 -6.49
CA SER A 47 -6.82 -2.37 -6.17
C SER A 47 -5.67 -1.42 -6.48
N LEU A 48 -4.44 -1.95 -6.43
CA LEU A 48 -3.25 -1.15 -6.71
C LEU A 48 -3.10 -0.91 -8.21
N THR A 49 -3.14 -1.99 -8.99
CA THR A 49 -3.01 -1.91 -10.43
C THR A 49 -4.00 -0.91 -11.02
N VAL A 50 -5.22 -0.91 -10.48
CA VAL A 50 -6.27 -0.01 -10.95
C VAL A 50 -5.96 1.44 -10.58
N PHE A 51 -5.82 1.69 -9.28
CA PHE A 51 -5.53 3.04 -8.79
C PHE A 51 -4.29 3.60 -9.49
N MET A 52 -3.34 2.72 -9.81
CA MET A 52 -2.11 3.13 -10.47
C MET A 52 -2.40 3.70 -11.86
N LEU A 53 -3.27 3.01 -12.60
CA LEU A 53 -3.63 3.46 -13.94
C LEU A 53 -4.14 4.88 -13.93
N LEU A 54 -4.91 5.23 -12.91
CA LEU A 54 -5.46 6.57 -12.78
C LEU A 54 -4.35 7.60 -12.55
N VAL A 55 -3.50 7.33 -11.57
CA VAL A 55 -2.39 8.23 -11.25
C VAL A 55 -1.43 8.35 -12.43
N ALA A 56 -1.33 7.28 -13.22
CA ALA A 56 -0.45 7.27 -14.38
C ALA A 56 -1.09 8.01 -15.56
N GLU A 57 -2.42 8.04 -15.58
CA GLU A 57 -3.15 8.71 -16.65
C GLU A 57 -2.97 10.22 -16.58
N ILE A 58 -2.99 10.76 -15.37
CA ILE A 58 -2.82 12.19 -15.16
C ILE A 58 -1.38 12.61 -15.40
N MET A 59 -0.45 11.68 -15.22
CA MET A 59 0.96 11.96 -15.42
C MET A 59 1.53 11.08 -16.54
N PRO A 60 1.14 11.38 -17.79
CA PRO A 60 1.59 10.63 -18.96
C PRO A 60 3.07 10.87 -19.27
N SER A 61 3.56 10.29 -20.36
CA SER A 61 4.95 10.45 -20.76
C SER A 61 5.11 10.21 -22.26
N THR A 62 4.86 11.25 -23.04
CA THR A 62 4.98 11.17 -24.49
C THR A 62 5.67 12.40 -25.05
N SER A 63 5.23 13.58 -24.62
CA SER A 63 5.81 14.83 -25.09
C SER A 63 6.69 15.46 -24.01
N ASP A 64 6.29 15.28 -22.76
CA ASP A 64 7.03 15.83 -21.63
C ASP A 64 7.36 14.75 -20.61
N SER A 65 8.51 14.11 -20.79
CA SER A 65 8.92 13.05 -19.88
C SER A 65 9.44 13.63 -18.56
N SER A 66 8.56 13.65 -17.56
CA SER A 66 8.91 14.17 -16.25
C SER A 66 7.94 13.68 -15.18
N PRO A 67 8.01 12.37 -14.89
CA PRO A 67 7.15 11.73 -13.89
C PRO A 67 7.50 12.16 -12.47
N SER A 68 6.50 12.66 -11.74
CA SER A 68 6.71 13.11 -10.37
C SER A 68 6.14 12.09 -9.38
N ILE A 69 4.81 12.04 -9.30
CA ILE A 69 4.15 11.12 -8.39
C ILE A 69 4.22 9.69 -8.91
N ALA A 70 4.22 9.54 -10.23
CA ALA A 70 4.28 8.22 -10.85
C ALA A 70 5.50 7.45 -10.36
N GLN A 71 6.65 8.10 -10.37
CA GLN A 71 7.89 7.48 -9.93
C GLN A 71 7.76 6.95 -8.50
N TYR A 72 6.95 7.63 -7.70
CA TYR A 72 6.74 7.23 -6.32
C TYR A 72 5.73 6.09 -6.22
N PHE A 73 4.65 6.20 -6.99
CA PHE A 73 3.60 5.18 -6.99
C PHE A 73 4.16 3.84 -7.49
N ALA A 74 5.12 3.90 -8.39
CA ALA A 74 5.73 2.70 -8.94
C ALA A 74 6.57 1.99 -7.89
N SER A 75 7.53 2.71 -7.31
CA SER A 75 8.40 2.14 -6.28
C SER A 75 7.58 1.52 -5.16
N THR A 76 6.38 2.04 -4.95
CA THR A 76 5.50 1.53 -3.90
C THR A 76 5.05 0.10 -4.20
N MET A 77 4.47 -0.10 -5.38
CA MET A 77 4.00 -1.42 -5.78
C MET A 77 5.11 -2.45 -5.63
N ILE A 78 6.35 -2.01 -5.79
CA ILE A 78 7.49 -2.90 -5.67
C ILE A 78 7.60 -3.50 -4.28
N ILE A 79 7.65 -2.63 -3.27
CA ILE A 79 7.74 -3.06 -1.89
C ILE A 79 6.45 -3.71 -1.43
N VAL A 80 5.33 -3.26 -2.01
CA VAL A 80 4.02 -3.81 -1.66
C VAL A 80 3.86 -5.23 -2.19
N GLY A 81 4.43 -5.48 -3.36
CA GLY A 81 4.34 -6.80 -3.97
C GLY A 81 5.10 -7.86 -3.19
N LEU A 82 6.41 -7.67 -3.06
CA LEU A 82 7.25 -8.61 -2.34
C LEU A 82 6.75 -8.80 -0.91
N SER A 83 6.05 -7.79 -0.40
CA SER A 83 5.51 -7.85 0.96
C SER A 83 4.51 -8.98 1.10
N VAL A 84 3.53 -9.01 0.21
CA VAL A 84 2.49 -10.04 0.23
C VAL A 84 3.10 -11.43 0.04
N VAL A 85 4.24 -11.49 -0.65
CA VAL A 85 4.93 -12.75 -0.90
C VAL A 85 5.46 -13.34 0.39
N VAL A 86 6.10 -12.49 1.20
CA VAL A 86 6.67 -12.93 2.47
C VAL A 86 5.58 -13.44 3.41
N THR A 87 4.49 -12.69 3.51
CA THR A 87 3.38 -13.05 4.38
C THR A 87 2.90 -14.47 4.09
N VAL A 88 2.78 -14.80 2.80
CA VAL A 88 2.34 -16.12 2.38
C VAL A 88 3.29 -17.20 2.88
N ILE A 89 4.56 -17.07 2.53
CA ILE A 89 5.57 -18.03 2.95
C ILE A 89 5.54 -18.25 4.46
N VAL A 90 5.39 -17.16 5.21
CA VAL A 90 5.33 -17.24 6.66
C VAL A 90 4.17 -18.10 7.13
N LEU A 91 3.03 -17.99 6.44
CA LEU A 91 1.85 -18.77 6.78
C LEU A 91 2.11 -20.26 6.58
N GLN A 92 2.91 -20.60 5.59
CA GLN A 92 3.24 -21.99 5.31
C GLN A 92 4.07 -22.60 6.44
N TYR A 93 5.19 -21.96 6.74
CA TYR A 93 6.07 -22.44 7.80
C TYR A 93 5.32 -22.61 9.11
N HIS A 94 4.69 -21.54 9.57
CA HIS A 94 3.94 -21.57 10.82
C HIS A 94 2.52 -22.09 10.57
N HIS A 95 2.27 -23.35 10.92
CA HIS A 95 0.96 -23.95 10.73
C HIS A 95 0.19 -23.99 12.04
N HIS A 96 0.37 -22.96 12.86
CA HIS A 96 -0.31 -22.86 14.15
C HIS A 96 -1.17 -21.61 14.21
N ASP A 97 -2.47 -21.76 13.94
CA ASP A 97 -3.39 -20.65 13.96
C ASP A 97 -4.71 -21.06 14.62
N PRO A 98 -4.67 -21.28 15.95
CA PRO A 98 -5.85 -21.68 16.72
C PRO A 98 -6.88 -20.55 16.84
N ASP A 99 -8.12 -20.92 17.15
CA ASP A 99 -9.18 -19.93 17.30
C ASP A 99 -9.58 -19.78 18.77
N GLY A 100 -10.16 -18.63 19.10
CA GLY A 100 -10.58 -18.39 20.48
C GLY A 100 -10.98 -16.95 20.70
N GLY A 101 -10.00 -16.07 20.85
CA GLY A 101 -10.29 -14.67 21.09
C GLY A 101 -9.49 -13.76 20.18
N GLU A 102 -8.62 -12.93 20.78
CA GLU A 102 -7.79 -12.01 20.03
C GLU A 102 -6.36 -11.99 20.56
N GLY A 103 -5.44 -11.48 19.75
CA GLY A 103 -4.04 -11.42 20.17
C GLY A 103 -3.27 -12.66 19.77
N GLY A 104 -2.38 -12.52 18.79
CA GLY A 104 -1.60 -13.65 18.35
C GLY A 104 -0.87 -13.36 17.04
N GLY A 105 -0.01 -12.36 17.05
CA GLY A 105 0.73 -12.00 15.85
C GLY A 105 2.20 -12.35 15.96
N GLU A 106 3.03 -11.68 15.15
CA GLU A 106 4.46 -11.92 15.16
C GLU A 106 5.24 -10.62 15.01
N GLY A 107 6.50 -10.62 15.44
CA GLY A 107 7.32 -9.44 15.33
C GLY A 107 7.55 -9.01 13.90
N ILE A 108 7.95 -9.95 13.06
CA ILE A 108 8.21 -9.65 11.66
C ILE A 108 7.01 -8.95 11.02
N ASP A 109 5.82 -9.49 11.25
CA ASP A 109 4.60 -8.90 10.70
C ASP A 109 4.43 -7.46 11.17
N ARG A 110 4.74 -7.22 12.44
CA ARG A 110 4.62 -5.88 13.00
C ARG A 110 5.61 -4.92 12.36
N LEU A 111 6.85 -5.37 12.22
CA LEU A 111 7.90 -4.56 11.62
C LEU A 111 7.54 -4.16 10.19
N CYS A 112 7.10 -5.13 9.41
CA CYS A 112 6.70 -4.89 8.03
C CYS A 112 5.58 -3.86 7.95
N LEU A 113 4.76 -3.81 8.99
CA LEU A 113 3.64 -2.87 9.04
C LEU A 113 4.13 -1.47 9.40
N MET A 114 4.93 -1.38 10.46
CA MET A 114 5.46 -0.10 10.91
C MET A 114 6.25 0.59 9.79
N ALA A 115 6.94 -0.21 8.99
CA ALA A 115 7.73 0.32 7.88
C ALA A 115 6.84 0.90 6.81
N PHE A 116 5.84 0.13 6.37
CA PHE A 116 4.91 0.58 5.34
C PHE A 116 4.10 1.78 5.82
N SER A 117 3.88 1.84 7.13
CA SER A 117 3.12 2.95 7.71
C SER A 117 3.79 4.28 7.44
N VAL A 118 5.01 4.44 7.94
CA VAL A 118 5.76 5.68 7.75
C VAL A 118 6.04 5.92 6.27
N PHE A 119 6.19 4.84 5.51
CA PHE A 119 6.46 4.94 4.08
C PHE A 119 5.37 5.74 3.37
N THR A 120 4.13 5.54 3.79
CA THR A 120 2.99 6.25 3.21
C THR A 120 2.99 7.73 3.61
N ILE A 121 3.29 7.98 4.88
CA ILE A 121 3.33 9.35 5.39
C ILE A 121 4.41 10.17 4.69
N ILE A 122 5.61 9.60 4.60
CA ILE A 122 6.72 10.28 3.95
C ILE A 122 6.50 10.39 2.45
N CYS A 123 5.70 9.48 1.91
CA CYS A 123 5.41 9.48 0.48
C CYS A 123 4.56 10.69 0.09
N THR A 124 3.37 10.78 0.68
CA THR A 124 2.46 11.88 0.40
C THR A 124 3.16 13.23 0.57
N ILE A 125 3.99 13.34 1.61
CA ILE A 125 4.72 14.57 1.87
C ILE A 125 5.89 14.73 0.91
N GLY A 126 6.39 13.60 0.40
CA GLY A 126 7.51 13.64 -0.53
C GLY A 126 7.22 14.49 -1.75
N ILE A 127 6.13 14.19 -2.44
CA ILE A 127 5.74 14.93 -3.63
C ILE A 127 5.12 16.28 -3.26
N LEU A 128 4.56 16.36 -2.06
CA LEU A 128 3.93 17.60 -1.59
C LEU A 128 4.98 18.67 -1.35
N MET A 129 6.10 18.28 -0.75
CA MET A 129 7.18 19.22 -0.47
C MET A 129 8.06 19.43 -1.70
N SER A 130 8.10 18.42 -2.56
CA SER A 130 8.91 18.50 -3.78
C SER A 130 8.35 19.54 -4.74
N ALA A 131 7.04 19.78 -4.64
CA ALA A 131 6.38 20.75 -5.51
C ALA A 131 5.02 21.13 -4.95
N PRO A 132 5.01 21.90 -3.85
CA PRO A 132 3.78 22.36 -3.20
C PRO A 132 3.02 23.37 -4.04
N ASN A 133 3.73 24.02 -4.96
CA ASN A 133 3.12 25.02 -5.83
C ASN A 133 2.31 24.36 -6.94
N PHE A 134 1.49 25.15 -7.62
CA PHE A 134 0.66 24.65 -8.71
C PHE A 134 1.13 25.20 -10.05
N VAL A 135 2.42 25.51 -10.14
CA VAL A 135 2.98 26.04 -11.37
C VAL A 135 3.21 24.94 -12.40
N GLU A 136 3.66 25.33 -13.59
CA GLU A 136 3.91 24.38 -14.67
C GLU A 136 5.26 23.69 -14.48
N GLU A 137 5.57 22.76 -15.37
CA GLU A 137 6.83 22.02 -15.31
C GLU A 137 7.39 21.79 -16.70
N GLU A 4 -6.03 23.38 -6.64
CA GLU A 4 -6.96 22.58 -5.88
C GLU A 4 -7.25 21.25 -6.58
N GLU A 5 -7.23 21.28 -7.91
CA GLU A 5 -7.48 20.08 -8.70
C GLU A 5 -6.53 18.95 -8.29
N GLU A 6 -5.25 19.27 -8.20
CA GLU A 6 -4.24 18.29 -7.83
C GLU A 6 -4.42 17.87 -6.37
N LEU A 7 -4.69 18.84 -5.51
CA LEU A 7 -4.87 18.57 -4.09
C LEU A 7 -6.01 17.60 -3.86
N TYR A 8 -7.19 17.94 -4.37
CA TYR A 8 -8.36 17.09 -4.22
C TYR A 8 -8.12 15.70 -4.82
N TYR A 9 -7.26 15.66 -5.84
CA TYR A 9 -6.93 14.41 -6.50
C TYR A 9 -6.06 13.52 -5.61
N GLY A 10 -4.90 14.05 -5.23
CA GLY A 10 -3.99 13.29 -4.39
C GLY A 10 -4.63 12.88 -3.07
N LEU A 11 -5.42 13.78 -2.49
CA LEU A 11 -6.09 13.51 -1.23
C LEU A 11 -7.10 12.37 -1.38
N ASN A 12 -7.97 12.49 -2.38
CA ASN A 12 -8.98 11.48 -2.63
C ASN A 12 -8.34 10.11 -2.84
N LEU A 13 -7.09 10.10 -3.26
CA LEU A 13 -6.36 8.87 -3.50
C LEU A 13 -5.77 8.31 -2.19
N LEU A 14 -5.59 9.21 -1.22
CA LEU A 14 -5.04 8.82 0.07
C LEU A 14 -6.10 8.19 0.95
N ILE A 15 -7.35 8.61 0.74
CA ILE A 15 -8.47 8.08 1.52
C ILE A 15 -8.49 6.55 1.50
N PRO A 16 -8.54 5.98 0.29
CA PRO A 16 -8.56 4.52 0.10
C PRO A 16 -7.22 3.88 0.46
N CYS A 17 -6.13 4.52 0.04
CA CYS A 17 -4.79 4.01 0.31
C CYS A 17 -4.61 3.71 1.80
N VAL A 18 -4.77 4.73 2.63
CA VAL A 18 -4.62 4.58 4.08
C VAL A 18 -5.72 3.69 4.64
N LEU A 19 -6.90 3.75 4.04
CA LEU A 19 -8.03 2.94 4.48
C LEU A 19 -7.71 1.46 4.40
N ILE A 20 -7.34 1.00 3.20
CA ILE A 20 -7.00 -0.40 2.99
C ILE A 20 -5.83 -0.82 3.88
N SER A 21 -4.88 0.09 4.05
CA SER A 21 -3.69 -0.19 4.87
C SER A 21 -4.09 -0.58 6.29
N ALA A 22 -4.94 0.25 6.90
CA ALA A 22 -5.41 -0.01 8.26
C ALA A 22 -6.10 -1.37 8.35
N LEU A 23 -7.05 -1.61 7.47
CA LEU A 23 -7.79 -2.87 7.45
C LEU A 23 -6.83 -4.05 7.33
N ALA A 24 -5.81 -3.90 6.50
CA ALA A 24 -4.83 -4.97 6.30
C ALA A 24 -4.04 -5.22 7.58
N LEU A 25 -3.73 -4.16 8.30
CA LEU A 25 -2.98 -4.28 9.55
C LEU A 25 -3.74 -5.10 10.58
N LEU A 26 -5.06 -4.91 10.61
CA LEU A 26 -5.91 -5.64 11.55
C LEU A 26 -5.72 -7.15 11.40
N VAL A 27 -5.63 -7.61 10.16
CA VAL A 27 -5.43 -9.02 9.88
C VAL A 27 -4.00 -9.45 10.15
N PHE A 28 -3.07 -8.51 9.98
CA PHE A 28 -1.66 -8.79 10.21
C PHE A 28 -1.39 -9.12 11.67
N LEU A 29 -1.99 -8.36 12.57
CA LEU A 29 -1.82 -8.58 14.01
C LEU A 29 -2.57 -9.83 14.45
N LEU A 30 -3.68 -10.12 13.79
CA LEU A 30 -4.49 -11.29 14.12
C LEU A 30 -4.77 -12.13 12.88
N PRO A 31 -3.73 -12.83 12.39
CA PRO A 31 -3.84 -13.69 11.21
C PRO A 31 -4.68 -14.93 11.46
N ALA A 32 -5.99 -14.80 11.24
CA ALA A 32 -6.91 -15.91 11.44
C ALA A 32 -7.12 -16.70 10.15
N ASP A 33 -7.61 -17.92 10.28
CA ASP A 33 -7.85 -18.78 9.12
C ASP A 33 -9.34 -18.88 8.82
N SER A 34 -9.97 -17.72 8.59
CA SER A 34 -11.40 -17.67 8.29
C SER A 34 -11.63 -17.52 6.80
N GLY A 35 -10.68 -16.90 6.12
CA GLY A 35 -10.79 -16.68 4.69
C GLY A 35 -10.45 -15.27 4.27
N GLU A 36 -10.60 -14.33 5.20
CA GLU A 36 -10.31 -12.93 4.93
C GLU A 36 -8.87 -12.76 4.44
N LYS A 37 -7.98 -13.63 4.92
CA LYS A 37 -6.58 -13.57 4.53
C LYS A 37 -6.43 -13.63 3.01
N ILE A 38 -6.92 -14.71 2.42
CA ILE A 38 -6.84 -14.88 0.97
C ILE A 38 -7.77 -13.91 0.25
N SER A 39 -8.86 -13.53 0.92
CA SER A 39 -9.82 -12.61 0.34
C SER A 39 -9.18 -11.25 0.07
N LEU A 40 -8.67 -10.62 1.12
CA LEU A 40 -8.03 -9.32 1.00
C LEU A 40 -6.72 -9.43 0.24
N GLY A 41 -6.10 -10.61 0.29
CA GLY A 41 -4.85 -10.83 -0.41
C GLY A 41 -4.92 -10.43 -1.87
N ILE A 42 -5.87 -11.01 -2.59
CA ILE A 42 -6.04 -10.71 -4.01
C ILE A 42 -6.70 -9.35 -4.22
N THR A 43 -7.49 -8.93 -3.22
CA THR A 43 -8.18 -7.64 -3.29
C THR A 43 -7.19 -6.50 -3.32
N VAL A 44 -6.34 -6.42 -2.30
CA VAL A 44 -5.34 -5.36 -2.21
C VAL A 44 -4.36 -5.42 -3.38
N LEU A 45 -4.08 -6.63 -3.85
CA LEU A 45 -3.17 -6.83 -4.96
C LEU A 45 -3.78 -6.33 -6.26
N LEU A 46 -5.04 -6.69 -6.50
CA LEU A 46 -5.74 -6.27 -7.70
C LEU A 46 -5.86 -4.75 -7.76
N SER A 47 -6.42 -4.16 -6.70
CA SER A 47 -6.59 -2.71 -6.64
C SER A 47 -5.26 -2.00 -6.88
N LEU A 48 -4.17 -2.66 -6.54
CA LEU A 48 -2.84 -2.09 -6.72
C LEU A 48 -2.55 -1.84 -8.20
N THR A 49 -2.54 -2.93 -8.98
CA THR A 49 -2.28 -2.82 -10.41
C THR A 49 -3.31 -1.95 -11.10
N VAL A 50 -4.52 -1.92 -10.56
CA VAL A 50 -5.60 -1.11 -11.13
C VAL A 50 -5.35 0.38 -10.89
N PHE A 51 -5.12 0.73 -9.64
CA PHE A 51 -4.87 2.13 -9.28
C PHE A 51 -3.58 2.64 -9.93
N MET A 52 -2.54 1.83 -9.88
CA MET A 52 -1.25 2.19 -10.47
C MET A 52 -1.42 2.57 -11.94
N LEU A 53 -2.26 1.82 -12.64
CA LEU A 53 -2.50 2.07 -14.06
C LEU A 53 -3.25 3.39 -14.25
N LEU A 54 -4.07 3.74 -13.28
CA LEU A 54 -4.84 4.97 -13.35
C LEU A 54 -3.95 6.19 -13.13
N VAL A 55 -3.13 6.14 -12.08
CA VAL A 55 -2.21 7.23 -11.77
C VAL A 55 -1.12 7.36 -12.82
N ALA A 56 -0.76 6.23 -13.43
CA ALA A 56 0.28 6.22 -14.46
C ALA A 56 -0.21 6.91 -15.73
N GLU A 57 -1.44 6.60 -16.13
CA GLU A 57 -2.01 7.19 -17.33
C GLU A 57 -2.09 8.72 -17.20
N ILE A 58 -2.52 9.19 -16.04
CA ILE A 58 -2.64 10.61 -15.79
C ILE A 58 -1.27 11.26 -15.59
N MET A 59 -0.34 10.49 -15.05
CA MET A 59 1.02 10.98 -14.81
C MET A 59 2.03 10.16 -15.59
N PRO A 60 2.02 10.30 -16.92
CA PRO A 60 2.94 9.58 -17.80
C PRO A 60 4.39 10.06 -17.67
N SER A 61 5.32 9.23 -18.10
CA SER A 61 6.74 9.58 -18.02
C SER A 61 7.39 9.54 -19.40
N THR A 62 6.85 10.33 -20.33
CA THR A 62 7.38 10.38 -21.69
C THR A 62 7.46 11.83 -22.18
N SER A 63 6.34 12.53 -22.13
CA SER A 63 6.29 13.92 -22.58
C SER A 63 7.09 14.82 -21.64
N ASP A 64 6.54 15.06 -20.45
CA ASP A 64 7.20 15.90 -19.46
C ASP A 64 8.49 15.25 -18.96
N SER A 65 8.49 13.92 -18.90
CA SER A 65 9.67 13.18 -18.44
C SER A 65 9.99 13.54 -17.00
N SER A 66 8.98 13.94 -16.25
CA SER A 66 9.17 14.31 -14.85
C SER A 66 8.28 13.48 -13.93
N PRO A 67 8.61 12.19 -13.80
CA PRO A 67 7.85 11.25 -12.96
C PRO A 67 8.02 11.56 -11.48
N SER A 68 7.02 12.22 -10.89
CA SER A 68 7.05 12.57 -9.48
C SER A 68 6.34 11.51 -8.64
N ILE A 69 5.01 11.51 -8.71
CA ILE A 69 4.21 10.55 -7.96
C ILE A 69 4.23 9.18 -8.63
N ALA A 70 4.43 9.17 -9.94
CA ALA A 70 4.47 7.92 -10.69
C ALA A 70 5.63 7.03 -10.23
N GLN A 71 6.79 7.64 -10.04
CA GLN A 71 7.97 6.91 -9.61
C GLN A 71 7.79 6.38 -8.19
N TYR A 72 7.21 7.21 -7.32
CA TYR A 72 6.98 6.83 -5.94
C TYR A 72 5.96 5.69 -5.85
N PHE A 73 4.87 5.82 -6.60
CA PHE A 73 3.82 4.81 -6.61
C PHE A 73 4.36 3.47 -7.10
N ALA A 74 5.09 3.50 -8.21
CA ALA A 74 5.67 2.29 -8.78
C ALA A 74 6.57 1.58 -7.78
N SER A 75 7.48 2.35 -7.16
CA SER A 75 8.41 1.79 -6.19
C SER A 75 7.66 1.07 -5.08
N THR A 76 6.42 1.49 -4.83
CA THR A 76 5.60 0.89 -3.79
C THR A 76 5.24 -0.55 -4.14
N MET A 77 4.66 -0.75 -5.32
CA MET A 77 4.27 -2.07 -5.77
C MET A 77 5.45 -3.04 -5.71
N ILE A 78 6.66 -2.49 -5.85
CA ILE A 78 7.87 -3.31 -5.80
C ILE A 78 8.04 -3.95 -4.44
N ILE A 79 8.02 -3.13 -3.39
CA ILE A 79 8.18 -3.62 -2.03
C ILE A 79 6.94 -4.38 -1.57
N VAL A 80 5.79 -3.97 -2.09
CA VAL A 80 4.52 -4.62 -1.73
C VAL A 80 4.44 -6.02 -2.32
N GLY A 81 4.68 -6.14 -3.62
CA GLY A 81 4.62 -7.43 -4.28
C GLY A 81 5.51 -8.46 -3.61
N LEU A 82 6.81 -8.19 -3.56
CA LEU A 82 7.76 -9.09 -2.94
C LEU A 82 7.38 -9.38 -1.49
N SER A 83 6.65 -8.45 -0.89
CA SER A 83 6.22 -8.61 0.50
C SER A 83 4.99 -9.50 0.59
N VAL A 84 4.18 -9.50 -0.48
CA VAL A 84 2.97 -10.31 -0.52
C VAL A 84 3.30 -11.77 -0.82
N VAL A 85 4.40 -11.99 -1.54
CA VAL A 85 4.83 -13.34 -1.89
C VAL A 85 5.62 -13.98 -0.76
N VAL A 86 6.38 -13.16 -0.05
CA VAL A 86 7.18 -13.66 1.07
C VAL A 86 6.32 -13.94 2.29
N THR A 87 5.17 -13.28 2.36
CA THR A 87 4.26 -13.48 3.48
C THR A 87 3.37 -14.70 3.27
N VAL A 88 2.82 -14.83 2.07
CA VAL A 88 1.96 -15.96 1.73
C VAL A 88 2.68 -17.28 1.94
N ILE A 89 3.97 -17.31 1.62
CA ILE A 89 4.77 -18.51 1.77
C ILE A 89 5.04 -18.81 3.24
N VAL A 90 5.68 -17.88 3.92
CA VAL A 90 5.98 -18.04 5.35
C VAL A 90 4.72 -18.28 6.16
N LEU A 91 3.59 -17.81 5.64
CA LEU A 91 2.30 -17.98 6.31
C LEU A 91 1.83 -19.42 6.23
N GLN A 92 1.98 -20.02 5.05
CA GLN A 92 1.57 -21.40 4.84
C GLN A 92 2.38 -22.35 5.71
N TYR A 93 3.61 -21.96 6.03
CA TYR A 93 4.49 -22.78 6.85
C TYR A 93 3.82 -23.15 8.16
N HIS A 94 2.94 -22.27 8.64
CA HIS A 94 2.23 -22.52 9.89
C HIS A 94 0.99 -23.37 9.65
N HIS A 95 1.10 -24.67 9.95
CA HIS A 95 -0.01 -25.59 9.77
C HIS A 95 -1.01 -25.48 10.92
N HIS A 96 -0.56 -25.85 12.11
CA HIS A 96 -1.41 -25.79 13.29
C HIS A 96 -1.91 -24.36 13.53
N ASP A 97 -3.17 -24.12 13.17
CA ASP A 97 -3.77 -22.81 13.35
C ASP A 97 -5.30 -22.89 13.28
N PRO A 98 -5.90 -23.43 14.34
CA PRO A 98 -7.36 -23.58 14.43
C PRO A 98 -8.08 -22.24 14.58
N ASP A 99 -7.40 -21.29 15.22
CA ASP A 99 -7.96 -19.96 15.43
C ASP A 99 -6.98 -19.05 16.15
N GLY A 100 -6.98 -17.78 15.79
CA GLY A 100 -6.08 -16.83 16.42
C GLY A 100 -6.29 -16.72 17.91
N GLY A 101 -5.20 -16.62 18.66
CA GLY A 101 -5.30 -16.51 20.11
C GLY A 101 -5.65 -15.10 20.57
N GLU A 102 -4.83 -14.54 21.44
CA GLU A 102 -5.07 -13.20 21.96
C GLU A 102 -3.84 -12.31 21.75
N GLY A 103 -4.06 -11.12 21.19
CA GLY A 103 -2.97 -10.20 20.95
C GLY A 103 -2.19 -10.54 19.69
N GLY A 104 -0.96 -11.01 19.86
CA GLY A 104 -0.14 -11.36 18.72
C GLY A 104 1.18 -11.99 19.13
N GLY A 105 2.21 -11.79 18.31
CA GLY A 105 3.52 -12.35 18.60
C GLY A 105 4.53 -12.10 17.51
N GLU A 106 4.13 -12.38 16.27
CA GLU A 106 5.01 -12.18 15.12
C GLU A 106 5.38 -10.70 14.99
N GLY A 107 6.62 -10.37 15.34
CA GLY A 107 7.09 -9.00 15.25
C GLY A 107 7.40 -8.59 13.82
N ILE A 108 7.79 -9.56 12.99
CA ILE A 108 8.11 -9.30 11.60
C ILE A 108 6.98 -8.53 10.91
N ASP A 109 5.75 -8.95 11.17
CA ASP A 109 4.58 -8.30 10.57
C ASP A 109 4.54 -6.82 10.92
N ARG A 110 4.61 -6.52 12.22
CA ARG A 110 4.58 -5.14 12.69
C ARG A 110 5.71 -4.33 12.06
N LEU A 111 6.87 -4.95 11.92
CA LEU A 111 8.03 -4.29 11.34
C LEU A 111 7.72 -3.78 9.93
N CYS A 112 7.16 -4.66 9.11
CA CYS A 112 6.81 -4.30 7.73
C CYS A 112 5.71 -3.25 7.71
N LEU A 113 4.76 -3.38 8.64
CA LEU A 113 3.64 -2.44 8.72
C LEU A 113 4.14 -1.04 9.04
N MET A 114 4.92 -0.93 10.11
CA MET A 114 5.46 0.36 10.53
C MET A 114 6.25 1.02 9.40
N ALA A 115 6.91 0.20 8.59
CA ALA A 115 7.71 0.68 7.47
C ALA A 115 6.80 1.24 6.37
N PHE A 116 5.69 0.56 6.13
CA PHE A 116 4.75 0.98 5.11
C PHE A 116 4.02 2.27 5.51
N SER A 117 3.71 2.37 6.80
CA SER A 117 3.01 3.54 7.32
C SER A 117 3.82 4.81 7.06
N VAL A 118 5.04 4.85 7.59
CA VAL A 118 5.91 6.00 7.41
C VAL A 118 6.24 6.22 5.94
N PHE A 119 6.24 5.14 5.18
CA PHE A 119 6.54 5.21 3.76
C PHE A 119 5.53 6.10 3.03
N THR A 120 4.29 6.09 3.50
CA THR A 120 3.23 6.89 2.90
C THR A 120 3.31 8.34 3.37
N ILE A 121 3.76 8.53 4.61
CA ILE A 121 3.88 9.86 5.18
C ILE A 121 5.02 10.64 4.52
N ILE A 122 6.14 9.97 4.32
CA ILE A 122 7.30 10.60 3.70
C ILE A 122 7.09 10.78 2.20
N CYS A 123 6.25 9.94 1.63
CA CYS A 123 5.96 10.01 0.20
C CYS A 123 5.07 11.20 -0.12
N THR A 124 3.90 11.24 0.48
CA THR A 124 2.96 12.34 0.26
C THR A 124 3.61 13.69 0.52
N ILE A 125 4.50 13.72 1.50
CA ILE A 125 5.20 14.95 1.86
C ILE A 125 6.40 15.19 0.94
N GLY A 126 6.94 14.11 0.40
CA GLY A 126 8.08 14.22 -0.49
C GLY A 126 7.73 14.88 -1.81
N ILE A 127 6.55 14.55 -2.34
CA ILE A 127 6.11 15.13 -3.60
C ILE A 127 5.43 16.47 -3.38
N LEU A 128 4.90 16.68 -2.18
CA LEU A 128 4.23 17.93 -1.85
C LEU A 128 5.21 19.11 -1.89
N MET A 129 6.41 18.87 -1.38
CA MET A 129 7.44 19.92 -1.36
C MET A 129 8.18 19.97 -2.70
N SER A 130 8.19 18.85 -3.41
CA SER A 130 8.86 18.77 -4.71
C SER A 130 8.08 19.54 -5.77
N ALA A 131 6.77 19.64 -5.58
CA ALA A 131 5.91 20.34 -6.51
C ALA A 131 4.89 21.20 -5.77
N PRO A 132 5.36 22.33 -5.21
CA PRO A 132 4.50 23.25 -4.47
C PRO A 132 3.53 24.00 -5.38
N ASN A 133 2.83 24.98 -4.81
CA ASN A 133 1.87 25.77 -5.58
C ASN A 133 2.57 26.93 -6.29
N PHE A 134 2.96 26.69 -7.55
CA PHE A 134 3.64 27.71 -8.33
C PHE A 134 2.62 28.65 -9.00
N VAL A 135 1.62 28.07 -9.65
CA VAL A 135 0.60 28.84 -10.33
C VAL A 135 -0.78 28.22 -10.14
N GLU A 136 -1.79 29.06 -9.97
CA GLU A 136 -3.16 28.59 -9.77
C GLU A 136 -4.06 29.02 -10.93
N GLU A 137 -5.04 28.19 -11.25
CA GLU A 137 -5.96 28.49 -12.34
C GLU A 137 -5.21 28.82 -13.63
N GLU A 4 -4.31 24.46 -3.71
CA GLU A 4 -5.55 23.85 -3.28
C GLU A 4 -5.77 22.52 -3.98
N GLU A 5 -5.38 22.45 -5.25
CA GLU A 5 -5.55 21.23 -6.04
C GLU A 5 -4.57 20.16 -5.58
N GLU A 6 -3.41 20.59 -5.09
CA GLU A 6 -2.40 19.66 -4.61
C GLU A 6 -2.78 19.08 -3.25
N LEU A 7 -3.37 19.91 -2.40
CA LEU A 7 -3.79 19.48 -1.08
C LEU A 7 -4.78 18.33 -1.17
N TYR A 8 -5.92 18.58 -1.83
CA TYR A 8 -6.95 17.56 -1.99
C TYR A 8 -6.37 16.30 -2.63
N TYR A 9 -5.44 16.49 -3.55
CA TYR A 9 -4.81 15.36 -4.24
C TYR A 9 -4.17 14.40 -3.25
N GLY A 10 -3.23 14.91 -2.46
CA GLY A 10 -2.57 14.07 -1.48
C GLY A 10 -3.53 13.42 -0.52
N LEU A 11 -4.55 14.15 -0.11
CA LEU A 11 -5.56 13.63 0.81
C LEU A 11 -6.27 12.41 0.22
N ASN A 12 -6.83 12.59 -0.98
CA ASN A 12 -7.54 11.52 -1.66
C ASN A 12 -6.63 10.30 -1.83
N LEU A 13 -5.33 10.53 -1.85
CA LEU A 13 -4.36 9.45 -2.01
C LEU A 13 -4.07 8.77 -0.67
N LEU A 14 -4.33 9.50 0.42
CA LEU A 14 -4.10 8.96 1.76
C LEU A 14 -5.25 8.05 2.17
N ILE A 15 -6.44 8.33 1.66
CA ILE A 15 -7.61 7.54 1.98
C ILE A 15 -7.36 6.05 1.77
N PRO A 16 -6.97 5.70 0.53
CA PRO A 16 -6.68 4.31 0.17
C PRO A 16 -5.40 3.79 0.82
N CYS A 17 -4.37 4.63 0.85
CA CYS A 17 -3.10 4.26 1.44
C CYS A 17 -3.29 3.71 2.86
N VAL A 18 -3.88 4.54 3.73
CA VAL A 18 -4.12 4.14 5.11
C VAL A 18 -5.19 3.05 5.19
N LEU A 19 -6.14 3.09 4.27
CA LEU A 19 -7.22 2.11 4.23
C LEU A 19 -6.65 0.69 4.18
N ILE A 20 -5.80 0.43 3.21
CA ILE A 20 -5.18 -0.88 3.06
C ILE A 20 -4.40 -1.27 4.31
N SER A 21 -3.64 -0.32 4.85
CA SER A 21 -2.84 -0.56 6.04
C SER A 21 -3.73 -0.96 7.22
N ALA A 22 -4.90 -0.31 7.31
CA ALA A 22 -5.83 -0.60 8.39
C ALA A 22 -6.52 -1.95 8.19
N LEU A 23 -7.12 -2.13 7.01
CA LEU A 23 -7.81 -3.37 6.69
C LEU A 23 -6.87 -4.56 6.78
N ALA A 24 -5.59 -4.33 6.46
CA ALA A 24 -4.59 -5.37 6.51
C ALA A 24 -4.17 -5.66 7.95
N LEU A 25 -4.02 -4.61 8.74
CA LEU A 25 -3.63 -4.75 10.14
C LEU A 25 -4.62 -5.63 10.90
N LEU A 26 -5.90 -5.46 10.60
CA LEU A 26 -6.95 -6.23 11.25
C LEU A 26 -6.74 -7.72 11.03
N VAL A 27 -6.34 -8.09 9.82
CA VAL A 27 -6.09 -9.49 9.48
C VAL A 27 -4.73 -9.94 9.98
N PHE A 28 -3.79 -9.00 10.05
CA PHE A 28 -2.44 -9.31 10.51
C PHE A 28 -2.47 -9.95 11.89
N LEU A 29 -3.15 -9.29 12.83
CA LEU A 29 -3.25 -9.79 14.19
C LEU A 29 -4.07 -11.08 14.25
N LEU A 30 -5.01 -11.21 13.31
CA LEU A 30 -5.86 -12.39 13.24
C LEU A 30 -5.62 -13.16 11.95
N PRO A 31 -4.47 -13.85 11.88
CA PRO A 31 -4.08 -14.65 10.71
C PRO A 31 -4.95 -15.89 10.55
N ALA A 32 -5.93 -15.83 9.66
CA ALA A 32 -6.82 -16.95 9.43
C ALA A 32 -6.69 -17.47 7.99
N ASP A 33 -6.52 -18.78 7.85
CA ASP A 33 -6.38 -19.39 6.54
C ASP A 33 -7.71 -19.96 6.06
N SER A 34 -8.80 -19.37 6.54
CA SER A 34 -10.13 -19.82 6.15
C SER A 34 -10.40 -19.55 4.68
N GLY A 35 -9.85 -18.45 4.18
CA GLY A 35 -10.03 -18.10 2.78
C GLY A 35 -9.89 -16.61 2.53
N GLU A 36 -10.03 -15.82 3.60
CA GLU A 36 -9.93 -14.36 3.50
C GLU A 36 -8.49 -13.95 3.21
N LYS A 37 -7.54 -14.77 3.63
CA LYS A 37 -6.12 -14.50 3.42
C LYS A 37 -5.84 -14.23 1.96
N ILE A 38 -6.14 -15.20 1.11
CA ILE A 38 -5.91 -15.07 -0.32
C ILE A 38 -6.90 -14.09 -0.95
N SER A 39 -8.06 -13.95 -0.33
CA SER A 39 -9.10 -13.05 -0.82
C SER A 39 -8.60 -11.61 -0.80
N LEU A 40 -8.23 -11.12 0.38
CA LEU A 40 -7.75 -9.76 0.54
C LEU A 40 -6.44 -9.56 -0.22
N GLY A 41 -5.68 -10.64 -0.37
CA GLY A 41 -4.41 -10.57 -1.07
C GLY A 41 -4.55 -9.96 -2.45
N ILE A 42 -5.46 -10.52 -3.25
CA ILE A 42 -5.69 -10.04 -4.61
C ILE A 42 -6.38 -8.69 -4.60
N THR A 43 -7.14 -8.43 -3.54
CA THR A 43 -7.87 -7.17 -3.40
C THR A 43 -6.92 -5.98 -3.46
N VAL A 44 -5.82 -6.06 -2.70
CA VAL A 44 -4.83 -5.00 -2.66
C VAL A 44 -4.09 -4.90 -3.99
N LEU A 45 -3.57 -6.03 -4.47
CA LEU A 45 -2.84 -6.07 -5.74
C LEU A 45 -3.69 -5.49 -6.87
N LEU A 46 -4.93 -5.95 -6.97
CA LEU A 46 -5.83 -5.46 -8.01
C LEU A 46 -6.15 -3.98 -7.83
N SER A 47 -6.12 -3.53 -6.57
CA SER A 47 -6.40 -2.14 -6.27
C SER A 47 -5.26 -1.23 -6.72
N LEU A 48 -4.06 -1.79 -6.77
CA LEU A 48 -2.88 -1.04 -7.19
C LEU A 48 -2.91 -0.75 -8.68
N THR A 49 -3.03 -1.81 -9.48
CA THR A 49 -3.09 -1.68 -10.93
C THR A 49 -4.15 -0.69 -11.35
N VAL A 50 -5.28 -0.69 -10.64
CA VAL A 50 -6.38 0.21 -10.93
C VAL A 50 -6.02 1.65 -10.58
N PHE A 51 -5.52 1.85 -9.36
CA PHE A 51 -5.14 3.17 -8.90
C PHE A 51 -4.09 3.80 -9.82
N MET A 52 -3.22 2.95 -10.37
CA MET A 52 -2.17 3.41 -11.27
C MET A 52 -2.76 4.07 -12.51
N LEU A 53 -3.64 3.35 -13.19
CA LEU A 53 -4.28 3.86 -14.40
C LEU A 53 -4.94 5.22 -14.13
N LEU A 54 -5.41 5.40 -12.89
CA LEU A 54 -6.05 6.66 -12.51
C LEU A 54 -5.04 7.78 -12.40
N VAL A 55 -4.06 7.61 -11.51
CA VAL A 55 -3.01 8.61 -11.32
C VAL A 55 -2.32 8.96 -12.63
N ALA A 56 -2.27 7.99 -13.54
CA ALA A 56 -1.63 8.18 -14.84
C ALA A 56 -2.59 8.86 -15.81
N GLU A 57 -3.88 8.68 -15.59
CA GLU A 57 -4.89 9.28 -16.46
C GLU A 57 -4.86 10.80 -16.37
N ILE A 58 -4.57 11.31 -15.18
CA ILE A 58 -4.50 12.74 -14.95
C ILE A 58 -3.17 13.31 -15.43
N MET A 59 -2.14 12.47 -15.45
CA MET A 59 -0.82 12.88 -15.88
C MET A 59 -0.29 11.96 -16.98
N PRO A 60 -0.86 12.10 -18.20
CA PRO A 60 -0.47 11.28 -19.35
C PRO A 60 0.93 11.63 -19.85
N SER A 61 1.36 10.94 -20.90
CA SER A 61 2.69 11.18 -21.47
C SER A 61 2.57 11.56 -22.95
N THR A 62 2.26 12.82 -23.21
CA THR A 62 2.11 13.31 -24.57
C THR A 62 2.79 14.65 -24.74
N SER A 63 2.25 15.68 -24.09
CA SER A 63 2.80 17.03 -24.18
C SER A 63 3.92 17.22 -23.16
N ASP A 64 3.58 17.06 -21.88
CA ASP A 64 4.56 17.21 -20.81
C ASP A 64 5.06 15.85 -20.33
N SER A 65 6.38 15.74 -20.17
CA SER A 65 6.99 14.49 -19.73
C SER A 65 7.80 14.70 -18.46
N SER A 66 7.10 14.90 -17.34
CA SER A 66 7.76 15.13 -16.06
C SER A 66 7.02 14.38 -14.94
N PRO A 67 7.16 13.05 -14.92
CA PRO A 67 6.52 12.20 -13.91
C PRO A 67 7.14 12.38 -12.52
N SER A 68 6.36 12.98 -11.62
CA SER A 68 6.84 13.22 -10.25
C SER A 68 6.38 12.10 -9.32
N ILE A 69 5.07 12.06 -9.06
CA ILE A 69 4.51 11.05 -8.18
C ILE A 69 4.63 9.65 -8.80
N ALA A 70 4.65 9.60 -10.12
CA ALA A 70 4.77 8.33 -10.84
C ALA A 70 5.98 7.54 -10.36
N GLN A 71 7.12 8.22 -10.29
CA GLN A 71 8.36 7.57 -9.86
C GLN A 71 8.17 6.90 -8.50
N TYR A 72 7.55 7.62 -7.58
CA TYR A 72 7.31 7.11 -6.23
C TYR A 72 6.26 6.01 -6.25
N PHE A 73 5.33 6.10 -7.20
CA PHE A 73 4.26 5.11 -7.33
C PHE A 73 4.83 3.75 -7.70
N ALA A 74 5.77 3.74 -8.63
CA ALA A 74 6.39 2.49 -9.07
C ALA A 74 7.20 1.85 -7.93
N SER A 75 8.09 2.63 -7.34
CA SER A 75 8.91 2.14 -6.23
C SER A 75 8.05 1.50 -5.15
N THR A 76 6.85 2.03 -4.97
CA THR A 76 5.93 1.51 -3.96
C THR A 76 5.53 0.07 -4.27
N MET A 77 5.06 -0.17 -5.49
CA MET A 77 4.65 -1.50 -5.91
C MET A 77 5.74 -2.52 -5.63
N ILE A 78 7.00 -2.06 -5.68
CA ILE A 78 8.13 -2.94 -5.45
C ILE A 78 8.12 -3.48 -4.02
N ILE A 79 8.22 -2.58 -3.04
CA ILE A 79 8.20 -2.97 -1.64
C ILE A 79 6.93 -3.70 -1.28
N VAL A 80 5.84 -3.36 -1.97
CA VAL A 80 4.54 -4.00 -1.72
C VAL A 80 4.54 -5.45 -2.20
N GLY A 81 5.18 -5.68 -3.35
CA GLY A 81 5.25 -7.04 -3.90
C GLY A 81 5.86 -8.02 -2.93
N LEU A 82 7.12 -7.78 -2.58
CA LEU A 82 7.83 -8.67 -1.66
C LEU A 82 7.11 -8.76 -0.32
N SER A 83 6.34 -7.73 0.00
CA SER A 83 5.59 -7.69 1.25
C SER A 83 4.71 -8.93 1.39
N VAL A 84 3.80 -9.12 0.45
CA VAL A 84 2.90 -10.26 0.47
C VAL A 84 3.66 -11.57 0.32
N VAL A 85 4.84 -11.49 -0.31
CA VAL A 85 5.67 -12.66 -0.52
C VAL A 85 6.25 -13.18 0.80
N VAL A 86 6.62 -12.25 1.68
CA VAL A 86 7.18 -12.61 2.97
C VAL A 86 6.11 -13.13 3.91
N THR A 87 4.86 -12.72 3.65
CA THR A 87 3.74 -13.16 4.48
C THR A 87 3.31 -14.58 4.13
N VAL A 88 3.14 -14.84 2.84
CA VAL A 88 2.73 -16.16 2.38
C VAL A 88 3.72 -17.23 2.83
N ILE A 89 5.00 -16.87 2.87
CA ILE A 89 6.04 -17.80 3.29
C ILE A 89 5.99 -18.05 4.79
N VAL A 90 6.14 -16.99 5.56
CA VAL A 90 6.10 -17.09 7.02
C VAL A 90 4.78 -17.68 7.50
N LEU A 91 3.74 -17.54 6.69
CA LEU A 91 2.42 -18.06 7.03
C LEU A 91 2.38 -19.58 6.86
N GLN A 92 2.97 -20.06 5.77
CA GLN A 92 3.00 -21.49 5.50
C GLN A 92 3.89 -22.22 6.50
N TYR A 93 4.86 -21.50 7.06
CA TYR A 93 5.77 -22.08 8.03
C TYR A 93 5.08 -22.30 9.37
N HIS A 94 4.13 -21.41 9.69
CA HIS A 94 3.38 -21.50 10.94
C HIS A 94 2.54 -22.77 10.98
N HIS A 95 2.05 -23.11 12.16
CA HIS A 95 1.22 -24.30 12.34
C HIS A 95 0.01 -24.26 11.42
N HIS A 96 -0.46 -25.43 11.00
CA HIS A 96 -1.61 -25.53 10.11
C HIS A 96 -2.90 -25.24 10.87
N ASP A 97 -3.86 -24.62 10.18
CA ASP A 97 -5.13 -24.28 10.79
C ASP A 97 -4.95 -23.34 11.97
N PRO A 98 -4.60 -22.06 11.67
CA PRO A 98 -4.38 -21.04 12.69
C PRO A 98 -5.67 -20.63 13.38
N ASP A 99 -5.56 -20.23 14.64
CA ASP A 99 -6.72 -19.80 15.42
C ASP A 99 -6.57 -18.36 15.87
N GLY A 100 -7.61 -17.82 16.51
CA GLY A 100 -7.57 -16.46 16.99
C GLY A 100 -8.29 -16.29 18.32
N GLY A 101 -7.53 -16.43 19.42
CA GLY A 101 -8.12 -16.29 20.73
C GLY A 101 -8.37 -14.84 21.10
N GLU A 102 -7.61 -14.35 22.09
CA GLU A 102 -7.75 -12.96 22.54
C GLU A 102 -6.42 -12.22 22.45
N GLY A 103 -6.26 -11.47 21.36
CA GLY A 103 -5.03 -10.72 21.18
C GLY A 103 -3.87 -11.60 20.74
N GLY A 104 -4.12 -12.46 19.76
CA GLY A 104 -3.08 -13.35 19.27
C GLY A 104 -2.25 -12.72 18.16
N GLY A 105 -1.09 -13.31 17.90
CA GLY A 105 -0.22 -12.79 16.86
C GLY A 105 1.24 -12.79 17.27
N GLU A 106 2.04 -11.95 16.62
CA GLU A 106 3.46 -11.86 16.93
C GLU A 106 3.97 -10.43 16.71
N GLY A 107 5.25 -10.23 16.98
CA GLY A 107 5.85 -8.92 16.80
C GLY A 107 6.18 -8.60 15.36
N ILE A 108 6.46 -9.65 14.59
CA ILE A 108 6.79 -9.48 13.18
C ILE A 108 5.64 -8.85 12.42
N ASP A 109 4.43 -9.30 12.69
CA ASP A 109 3.23 -8.77 12.04
C ASP A 109 3.17 -7.25 12.18
N ARG A 110 3.24 -6.77 13.40
CA ARG A 110 3.18 -5.34 13.67
C ARG A 110 4.41 -4.63 13.11
N LEU A 111 5.52 -5.35 13.04
CA LEU A 111 6.76 -4.79 12.52
C LEU A 111 6.56 -4.21 11.13
N CYS A 112 6.11 -5.04 10.20
CA CYS A 112 5.86 -4.61 8.83
C CYS A 112 4.79 -3.53 8.78
N LEU A 113 3.80 -3.65 9.67
CA LEU A 113 2.71 -2.68 9.73
C LEU A 113 3.23 -1.29 10.04
N MET A 114 4.04 -1.18 11.10
CA MET A 114 4.61 0.09 11.51
C MET A 114 5.47 0.68 10.39
N ALA A 115 6.13 -0.19 9.64
CA ALA A 115 6.99 0.24 8.54
C ALA A 115 6.16 0.84 7.41
N PHE A 116 4.99 0.26 7.15
CA PHE A 116 4.11 0.74 6.10
C PHE A 116 3.44 2.05 6.50
N SER A 117 3.17 2.20 7.78
CA SER A 117 2.53 3.41 8.29
C SER A 117 3.36 4.65 7.97
N VAL A 118 4.58 4.69 8.50
CA VAL A 118 5.48 5.81 8.27
C VAL A 118 5.72 6.02 6.78
N PHE A 119 5.72 4.94 6.02
CA PHE A 119 5.93 5.00 4.58
C PHE A 119 4.87 5.88 3.92
N THR A 120 3.67 5.86 4.47
CA THR A 120 2.57 6.66 3.93
C THR A 120 2.71 8.13 4.32
N ILE A 121 3.22 8.37 5.52
CA ILE A 121 3.40 9.72 6.02
C ILE A 121 4.56 10.41 5.31
N ILE A 122 5.64 9.67 5.09
CA ILE A 122 6.82 10.21 4.42
C ILE A 122 6.59 10.33 2.92
N CYS A 123 5.69 9.51 2.40
CA CYS A 123 5.37 9.53 0.97
C CYS A 123 4.50 10.73 0.63
N THR A 124 3.36 10.84 1.29
CA THR A 124 2.43 11.94 1.05
C THR A 124 3.12 13.28 1.22
N ILE A 125 4.04 13.35 2.18
CA ILE A 125 4.78 14.58 2.46
C ILE A 125 5.96 14.74 1.51
N GLY A 126 6.51 13.61 1.07
CA GLY A 126 7.64 13.64 0.16
C GLY A 126 7.30 14.32 -1.16
N ILE A 127 6.18 13.95 -1.74
CA ILE A 127 5.74 14.53 -3.00
C ILE A 127 5.06 15.88 -2.79
N LEU A 128 4.48 16.06 -1.61
CA LEU A 128 3.80 17.30 -1.27
C LEU A 128 4.77 18.48 -1.27
N MET A 129 5.96 18.25 -0.75
CA MET A 129 6.99 19.28 -0.69
C MET A 129 7.65 19.47 -2.05
N SER A 130 7.71 18.40 -2.83
CA SER A 130 8.32 18.44 -4.15
C SER A 130 7.60 19.43 -5.05
N ALA A 131 6.31 19.65 -4.77
CA ALA A 131 5.51 20.58 -5.55
C ALA A 131 5.54 20.22 -7.03
N PRO A 132 4.89 19.10 -7.39
CA PRO A 132 4.82 18.62 -8.77
C PRO A 132 3.97 19.51 -9.65
N ASN A 133 4.55 19.98 -10.76
CA ASN A 133 3.84 20.84 -11.69
C ASN A 133 2.86 20.05 -12.55
N PHE A 134 1.98 20.75 -13.24
CA PHE A 134 0.99 20.11 -14.10
C PHE A 134 1.16 20.53 -15.55
N VAL A 135 1.18 21.84 -15.78
CA VAL A 135 1.34 22.38 -17.13
C VAL A 135 2.48 23.39 -17.18
N GLU A 136 3.62 22.98 -17.72
CA GLU A 136 4.78 23.85 -17.82
C GLU A 136 4.57 24.91 -18.88
N GLU A 137 4.72 26.17 -18.51
CA GLU A 137 4.54 27.28 -19.43
C GLU A 137 5.74 28.22 -19.40
N GLU A 4 -3.84 23.62 -6.40
CA GLU A 4 -4.62 23.08 -5.30
C GLU A 4 -5.35 21.81 -5.72
N GLU A 5 -5.69 21.72 -7.01
CA GLU A 5 -6.39 20.57 -7.54
C GLU A 5 -5.64 19.28 -7.21
N GLU A 6 -4.33 19.38 -7.07
CA GLU A 6 -3.50 18.22 -6.75
C GLU A 6 -3.71 17.78 -5.32
N LEU A 7 -3.76 18.75 -4.41
CA LEU A 7 -3.94 18.46 -2.99
C LEU A 7 -5.24 17.69 -2.76
N TYR A 8 -6.34 18.23 -3.28
CA TYR A 8 -7.65 17.60 -3.14
C TYR A 8 -7.64 16.18 -3.72
N TYR A 9 -7.03 16.04 -4.89
CA TYR A 9 -6.95 14.73 -5.55
C TYR A 9 -6.18 13.73 -4.68
N GLY A 10 -4.94 14.06 -4.37
CA GLY A 10 -4.13 13.18 -3.55
C GLY A 10 -4.80 12.82 -2.25
N LEU A 11 -5.50 13.77 -1.66
CA LEU A 11 -6.20 13.54 -0.40
C LEU A 11 -7.20 12.39 -0.53
N ASN A 12 -8.10 12.50 -1.48
CA ASN A 12 -9.10 11.47 -1.72
C ASN A 12 -8.45 10.11 -1.96
N LEU A 13 -7.20 10.14 -2.44
CA LEU A 13 -6.47 8.92 -2.71
C LEU A 13 -5.82 8.38 -1.44
N LEU A 14 -5.61 9.25 -0.46
CA LEU A 14 -5.01 8.86 0.80
C LEU A 14 -6.03 8.20 1.72
N ILE A 15 -7.29 8.59 1.56
CA ILE A 15 -8.36 8.03 2.37
C ILE A 15 -8.35 6.51 2.33
N PRO A 16 -8.44 5.94 1.12
CA PRO A 16 -8.43 4.49 0.91
C PRO A 16 -7.07 3.87 1.20
N CYS A 17 -6.01 4.55 0.77
CA CYS A 17 -4.65 4.06 0.97
C CYS A 17 -4.42 3.74 2.44
N VAL A 18 -4.63 4.73 3.31
CA VAL A 18 -4.43 4.54 4.74
C VAL A 18 -5.52 3.66 5.34
N LEU A 19 -6.73 3.76 4.78
CA LEU A 19 -7.86 2.98 5.25
C LEU A 19 -7.54 1.49 5.24
N ILE A 20 -6.90 1.03 4.16
CA ILE A 20 -6.54 -0.37 4.02
C ILE A 20 -5.39 -0.73 4.97
N SER A 21 -4.44 0.19 5.10
CA SER A 21 -3.29 -0.03 5.98
C SER A 21 -3.74 -0.43 7.38
N ALA A 22 -4.68 0.33 7.93
CA ALA A 22 -5.20 0.05 9.27
C ALA A 22 -5.88 -1.32 9.31
N LEU A 23 -6.84 -1.53 8.42
CA LEU A 23 -7.56 -2.79 8.35
C LEU A 23 -6.60 -3.97 8.24
N ALA A 24 -5.51 -3.77 7.53
CA ALA A 24 -4.51 -4.81 7.33
C ALA A 24 -3.95 -5.29 8.68
N LEU A 25 -3.52 -4.33 9.50
CA LEU A 25 -2.96 -4.65 10.81
C LEU A 25 -3.94 -5.48 11.63
N LEU A 26 -5.23 -5.25 11.42
CA LEU A 26 -6.27 -5.99 12.14
C LEU A 26 -6.11 -7.49 11.95
N VAL A 27 -6.09 -7.92 10.69
CA VAL A 27 -5.93 -9.33 10.36
C VAL A 27 -4.51 -9.81 10.67
N PHE A 28 -3.54 -8.97 10.35
CA PHE A 28 -2.13 -9.31 10.58
C PHE A 28 -1.91 -9.71 12.04
N LEU A 29 -2.70 -9.13 12.93
CA LEU A 29 -2.59 -9.42 14.36
C LEU A 29 -3.40 -10.66 14.72
N LEU A 30 -4.46 -10.92 13.96
CA LEU A 30 -5.31 -12.07 14.20
C LEU A 30 -5.37 -12.98 12.97
N PRO A 31 -4.26 -13.67 12.69
CA PRO A 31 -4.17 -14.58 11.55
C PRO A 31 -5.02 -15.83 11.74
N ALA A 32 -6.23 -15.80 11.18
CA ALA A 32 -7.13 -16.94 11.28
C ALA A 32 -6.90 -17.93 10.15
N ASP A 33 -7.65 -19.04 10.16
CA ASP A 33 -7.53 -20.06 9.14
C ASP A 33 -8.78 -20.11 8.27
N SER A 34 -9.48 -18.99 8.18
CA SER A 34 -10.70 -18.91 7.39
C SER A 34 -10.40 -18.40 5.97
N GLY A 35 -9.36 -17.58 5.86
CA GLY A 35 -8.98 -17.04 4.57
C GLY A 35 -9.28 -15.56 4.44
N GLU A 36 -9.42 -14.89 5.58
CA GLU A 36 -9.70 -13.46 5.61
C GLU A 36 -8.60 -12.69 4.91
N LYS A 37 -7.36 -12.98 5.27
CA LYS A 37 -6.20 -12.30 4.67
C LYS A 37 -6.04 -12.68 3.21
N ILE A 38 -6.50 -13.88 2.86
CA ILE A 38 -6.42 -14.36 1.49
C ILE A 38 -7.33 -13.56 0.56
N SER A 39 -8.63 -13.60 0.85
CA SER A 39 -9.61 -12.88 0.04
C SER A 39 -9.21 -11.41 -0.11
N LEU A 40 -9.10 -10.71 1.01
CA LEU A 40 -8.73 -9.30 1.00
C LEU A 40 -7.34 -9.10 0.40
N GLY A 41 -6.51 -10.14 0.49
CA GLY A 41 -5.16 -10.07 -0.05
C GLY A 41 -5.15 -9.62 -1.49
N ILE A 42 -5.81 -10.39 -2.36
CA ILE A 42 -5.86 -10.06 -3.78
C ILE A 42 -6.70 -8.80 -4.03
N THR A 43 -7.64 -8.55 -3.12
CA THR A 43 -8.51 -7.38 -3.24
C THR A 43 -7.69 -6.09 -3.26
N VAL A 44 -6.80 -5.95 -2.28
CA VAL A 44 -5.95 -4.76 -2.19
C VAL A 44 -5.00 -4.67 -3.36
N LEU A 45 -4.34 -5.79 -3.67
CA LEU A 45 -3.39 -5.84 -4.78
C LEU A 45 -4.05 -5.41 -6.08
N LEU A 46 -5.24 -5.93 -6.33
CA LEU A 46 -5.98 -5.61 -7.54
C LEU A 46 -6.21 -4.10 -7.65
N SER A 47 -6.53 -3.48 -6.53
CA SER A 47 -6.77 -2.04 -6.50
C SER A 47 -5.49 -1.26 -6.75
N LEU A 48 -4.35 -1.87 -6.41
CA LEU A 48 -3.05 -1.24 -6.60
C LEU A 48 -2.79 -0.99 -8.08
N THR A 49 -2.80 -2.06 -8.86
CA THR A 49 -2.55 -1.97 -10.30
C THR A 49 -3.55 -1.02 -10.96
N VAL A 50 -4.76 -0.96 -10.42
CA VAL A 50 -5.80 -0.09 -10.96
C VAL A 50 -5.51 1.37 -10.66
N PHE A 51 -5.32 1.67 -9.37
CA PHE A 51 -5.04 3.04 -8.95
C PHE A 51 -3.76 3.55 -9.60
N MET A 52 -2.79 2.65 -9.77
CA MET A 52 -1.52 3.03 -10.38
C MET A 52 -1.73 3.63 -11.76
N LEU A 53 -2.49 2.93 -12.60
CA LEU A 53 -2.77 3.40 -13.95
C LEU A 53 -3.35 4.81 -13.93
N LEU A 54 -4.23 5.07 -12.97
CA LEU A 54 -4.86 6.37 -12.84
C LEU A 54 -3.82 7.43 -12.47
N VAL A 55 -3.15 7.22 -11.34
CA VAL A 55 -2.13 8.16 -10.87
C VAL A 55 -1.06 8.38 -11.93
N ALA A 56 -0.83 7.36 -12.76
CA ALA A 56 0.16 7.44 -13.82
C ALA A 56 -0.40 8.14 -15.06
N GLU A 57 -1.71 8.06 -15.22
CA GLU A 57 -2.38 8.68 -16.37
C GLU A 57 -2.21 10.20 -16.33
N ILE A 58 -2.24 10.76 -15.13
CA ILE A 58 -2.09 12.20 -14.96
C ILE A 58 -0.63 12.61 -15.03
N MET A 59 0.27 11.68 -14.68
CA MET A 59 1.69 11.95 -14.70
C MET A 59 2.42 10.95 -15.59
N PRO A 60 2.24 11.09 -16.91
CA PRO A 60 2.87 10.21 -17.90
C PRO A 60 4.39 10.41 -17.99
N SER A 61 5.13 9.34 -17.74
CA SER A 61 6.59 9.40 -17.78
C SER A 61 7.12 8.75 -19.06
N THR A 62 7.51 9.59 -20.01
CA THR A 62 8.05 9.11 -21.28
C THR A 62 9.49 9.55 -21.47
N SER A 63 9.70 10.86 -21.56
CA SER A 63 11.04 11.40 -21.74
C SER A 63 11.13 12.82 -21.18
N ASP A 64 10.54 13.78 -21.88
CA ASP A 64 10.55 15.16 -21.45
C ASP A 64 9.38 15.46 -20.51
N SER A 65 9.54 15.05 -19.25
CA SER A 65 8.49 15.26 -18.25
C SER A 65 9.09 15.30 -16.85
N SER A 66 8.23 15.57 -15.86
CA SER A 66 8.68 15.64 -14.47
C SER A 66 7.86 14.69 -13.59
N PRO A 67 8.11 13.38 -13.75
CA PRO A 67 7.41 12.35 -12.97
C PRO A 67 7.81 12.35 -11.51
N SER A 68 6.96 12.95 -10.67
CA SER A 68 7.22 13.02 -9.24
C SER A 68 6.40 11.98 -8.47
N ILE A 69 5.08 12.09 -8.58
CA ILE A 69 4.18 11.16 -7.91
C ILE A 69 4.17 9.80 -8.61
N ALA A 70 4.45 9.80 -9.90
CA ALA A 70 4.48 8.57 -10.68
C ALA A 70 5.55 7.62 -10.16
N GLN A 71 6.80 8.09 -10.14
CA GLN A 71 7.92 7.29 -9.66
C GLN A 71 7.67 6.80 -8.23
N TYR A 72 7.25 7.72 -7.38
CA TYR A 72 6.99 7.39 -5.97
C TYR A 72 5.94 6.28 -5.87
N PHE A 73 4.78 6.50 -6.48
CA PHE A 73 3.70 5.53 -6.45
C PHE A 73 4.16 4.19 -7.04
N ALA A 74 5.08 4.25 -7.99
CA ALA A 74 5.60 3.04 -8.62
C ALA A 74 6.49 2.26 -7.66
N SER A 75 7.53 2.91 -7.15
CA SER A 75 8.45 2.28 -6.22
C SER A 75 7.70 1.65 -5.06
N THR A 76 6.61 2.28 -4.66
CA THR A 76 5.80 1.78 -3.56
C THR A 76 5.22 0.40 -3.88
N MET A 77 4.55 0.29 -5.02
CA MET A 77 3.95 -0.96 -5.44
C MET A 77 4.98 -2.10 -5.39
N ILE A 78 6.24 -1.75 -5.61
CA ILE A 78 7.31 -2.75 -5.58
C ILE A 78 7.43 -3.38 -4.20
N ILE A 79 7.77 -2.56 -3.21
CA ILE A 79 7.93 -3.05 -1.84
C ILE A 79 6.64 -3.69 -1.34
N VAL A 80 5.51 -3.20 -1.84
CA VAL A 80 4.21 -3.74 -1.45
C VAL A 80 4.00 -5.15 -2.00
N GLY A 81 4.42 -5.36 -3.24
CA GLY A 81 4.27 -6.66 -3.86
C GLY A 81 4.93 -7.77 -3.06
N LEU A 82 6.24 -7.66 -2.86
CA LEU A 82 6.98 -8.67 -2.11
C LEU A 82 6.44 -8.78 -0.69
N SER A 83 5.83 -7.71 -0.21
CA SER A 83 5.27 -7.70 1.15
C SER A 83 4.31 -8.86 1.34
N VAL A 84 3.25 -8.90 0.54
CA VAL A 84 2.26 -9.96 0.64
C VAL A 84 2.87 -11.32 0.29
N VAL A 85 3.94 -11.30 -0.49
CA VAL A 85 4.63 -12.52 -0.89
C VAL A 85 5.34 -13.17 0.30
N VAL A 86 5.89 -12.34 1.18
CA VAL A 86 6.59 -12.83 2.36
C VAL A 86 5.61 -13.33 3.41
N THR A 87 4.39 -12.80 3.37
CA THR A 87 3.36 -13.20 4.32
C THR A 87 2.74 -14.54 3.94
N VAL A 88 2.32 -14.66 2.69
CA VAL A 88 1.72 -15.89 2.19
C VAL A 88 2.63 -17.09 2.44
N ILE A 89 3.93 -16.90 2.25
CA ILE A 89 4.90 -17.96 2.47
C ILE A 89 5.01 -18.32 3.94
N VAL A 90 5.40 -17.34 4.76
CA VAL A 90 5.55 -17.55 6.19
C VAL A 90 4.26 -18.08 6.80
N LEU A 91 3.13 -17.79 6.15
CA LEU A 91 1.83 -18.25 6.63
C LEU A 91 1.75 -19.76 6.65
N GLN A 92 1.93 -20.37 5.48
CA GLN A 92 1.89 -21.83 5.36
C GLN A 92 2.86 -22.49 6.34
N TYR A 93 4.01 -21.85 6.55
CA TYR A 93 5.02 -22.36 7.46
C TYR A 93 4.47 -22.49 8.87
N HIS A 94 3.54 -21.61 9.22
CA HIS A 94 2.92 -21.62 10.54
C HIS A 94 1.47 -22.09 10.47
N HIS A 95 1.26 -23.28 9.90
CA HIS A 95 -0.07 -23.84 9.78
C HIS A 95 -0.22 -25.11 10.62
N HIS A 96 -0.94 -24.99 11.72
CA HIS A 96 -1.16 -26.12 12.61
C HIS A 96 -2.61 -26.58 12.59
N ASP A 97 -3.02 -27.17 11.47
CA ASP A 97 -4.39 -27.64 11.31
C ASP A 97 -5.38 -26.48 11.37
N PRO A 98 -6.59 -26.72 10.84
CA PRO A 98 -7.66 -25.69 10.83
C PRO A 98 -8.19 -25.40 12.22
N ASP A 99 -7.50 -24.54 12.95
CA ASP A 99 -7.91 -24.17 14.30
C ASP A 99 -7.13 -22.96 14.80
N GLY A 100 -7.84 -21.96 15.32
CA GLY A 100 -7.21 -20.76 15.82
C GLY A 100 -7.11 -20.75 17.32
N GLY A 101 -6.18 -19.95 17.84
CA GLY A 101 -6.00 -19.86 19.29
C GLY A 101 -4.68 -19.21 19.67
N GLU A 102 -3.65 -19.48 18.88
CA GLU A 102 -2.32 -18.93 19.15
C GLU A 102 -1.93 -17.92 18.07
N GLY A 103 -2.57 -16.75 18.11
CA GLY A 103 -2.27 -15.71 17.13
C GLY A 103 -1.50 -14.56 17.72
N GLY A 104 -1.86 -13.34 17.34
CA GLY A 104 -1.18 -12.16 17.84
C GLY A 104 -0.25 -11.53 16.82
N GLY A 105 -0.05 -10.23 16.93
CA GLY A 105 0.82 -9.53 16.00
C GLY A 105 2.29 -9.76 16.31
N GLU A 106 3.03 -10.25 15.32
CA GLU A 106 4.46 -10.52 15.49
C GLU A 106 5.27 -9.24 15.27
N GLY A 107 6.53 -9.28 15.70
CA GLY A 107 7.39 -8.12 15.54
C GLY A 107 7.70 -7.83 14.08
N ILE A 108 8.11 -8.85 13.35
CA ILE A 108 8.43 -8.69 11.93
C ILE A 108 7.24 -8.16 11.15
N ASP A 109 6.08 -8.76 11.37
CA ASP A 109 4.86 -8.34 10.69
C ASP A 109 4.55 -6.87 10.97
N ARG A 110 4.40 -6.54 12.24
CA ARG A 110 4.12 -5.17 12.64
C ARG A 110 5.11 -4.19 12.02
N LEU A 111 6.35 -4.64 11.88
CA LEU A 111 7.40 -3.81 11.29
C LEU A 111 7.06 -3.43 9.86
N CYS A 112 6.52 -4.38 9.10
CA CYS A 112 6.14 -4.13 7.72
C CYS A 112 5.00 -3.12 7.63
N LEU A 113 3.96 -3.34 8.43
CA LEU A 113 2.81 -2.44 8.44
C LEU A 113 3.22 -1.03 8.84
N MET A 114 3.80 -0.90 10.03
CA MET A 114 4.23 0.39 10.53
C MET A 114 5.14 1.09 9.52
N ALA A 115 6.06 0.32 8.93
CA ALA A 115 6.99 0.86 7.96
C ALA A 115 6.25 1.57 6.83
N PHE A 116 5.08 1.05 6.47
CA PHE A 116 4.27 1.62 5.41
C PHE A 116 3.60 2.91 5.88
N SER A 117 3.33 2.98 7.19
CA SER A 117 2.68 4.15 7.76
C SER A 117 3.49 5.41 7.50
N VAL A 118 4.74 5.42 7.95
CA VAL A 118 5.62 6.57 7.75
C VAL A 118 5.94 6.76 6.28
N PHE A 119 5.99 5.66 5.54
CA PHE A 119 6.30 5.72 4.11
C PHE A 119 5.27 6.56 3.37
N THR A 120 4.04 6.56 3.86
CA THR A 120 2.96 7.33 3.24
C THR A 120 3.04 8.80 3.63
N ILE A 121 3.45 9.05 4.88
CA ILE A 121 3.57 10.42 5.37
C ILE A 121 4.71 11.15 4.69
N ILE A 122 5.85 10.47 4.55
CA ILE A 122 7.02 11.06 3.90
C ILE A 122 6.82 11.19 2.41
N CYS A 123 5.95 10.35 1.85
CA CYS A 123 5.67 10.37 0.42
C CYS A 123 4.80 11.58 0.05
N THR A 124 3.61 11.65 0.64
CA THR A 124 2.69 12.75 0.38
C THR A 124 3.37 14.10 0.63
N ILE A 125 4.23 14.15 1.63
CA ILE A 125 4.94 15.37 1.98
C ILE A 125 6.16 15.56 1.08
N GLY A 126 6.70 14.45 0.58
CA GLY A 126 7.87 14.52 -0.28
C GLY A 126 7.59 15.22 -1.60
N ILE A 127 6.44 14.90 -2.20
CA ILE A 127 6.06 15.51 -3.46
C ILE A 127 5.38 16.85 -3.24
N LEU A 128 4.78 17.02 -2.07
CA LEU A 128 4.09 18.27 -1.73
C LEU A 128 5.06 19.44 -1.74
N MET A 129 6.28 19.21 -1.28
CA MET A 129 7.31 20.24 -1.24
C MET A 129 7.75 20.62 -2.64
N SER A 130 7.86 19.62 -3.52
CA SER A 130 8.28 19.85 -4.90
C SER A 130 7.36 20.84 -5.59
N ALA A 131 6.11 20.91 -5.14
CA ALA A 131 5.13 21.82 -5.72
C ALA A 131 4.97 21.58 -7.22
N PRO A 132 4.30 20.48 -7.57
CA PRO A 132 4.05 20.12 -8.97
C PRO A 132 3.07 21.07 -9.66
N ASN A 133 2.32 21.82 -8.86
CA ASN A 133 1.35 22.76 -9.39
C ASN A 133 2.04 23.85 -10.22
N PHE A 134 1.98 23.70 -11.54
CA PHE A 134 2.59 24.66 -12.44
C PHE A 134 2.20 24.38 -13.89
N VAL A 135 0.89 24.24 -14.11
CA VAL A 135 0.37 23.98 -15.45
C VAL A 135 -1.00 24.61 -15.65
N GLU A 136 -1.20 25.24 -16.79
CA GLU A 136 -2.48 25.88 -17.11
C GLU A 136 -3.25 25.10 -18.15
N GLU A 137 -4.55 24.97 -17.95
CA GLU A 137 -5.41 24.24 -18.88
C GLU A 137 -6.64 25.05 -19.24
N GLU A 4 -3.13 22.91 -7.91
CA GLU A 4 -4.27 22.80 -7.02
C GLU A 4 -4.96 21.44 -7.18
N GLU A 5 -4.94 20.93 -8.41
CA GLU A 5 -5.57 19.64 -8.70
C GLU A 5 -4.66 18.48 -8.28
N GLU A 6 -3.36 18.73 -8.29
CA GLU A 6 -2.38 17.71 -7.92
C GLU A 6 -2.52 17.35 -6.44
N LEU A 7 -2.81 18.34 -5.62
CA LEU A 7 -2.98 18.13 -4.18
C LEU A 7 -4.39 17.61 -3.86
N TYR A 8 -5.38 18.13 -4.58
CA TYR A 8 -6.76 17.72 -4.37
C TYR A 8 -6.97 16.28 -4.81
N TYR A 9 -6.46 15.95 -5.99
CA TYR A 9 -6.59 14.59 -6.53
C TYR A 9 -5.86 13.58 -5.65
N GLY A 10 -4.57 13.81 -5.45
CA GLY A 10 -3.79 12.91 -4.63
C GLY A 10 -4.40 12.68 -3.26
N LEU A 11 -5.01 13.72 -2.71
CA LEU A 11 -5.64 13.63 -1.40
C LEU A 11 -6.72 12.56 -1.38
N ASN A 12 -7.67 12.67 -2.31
CA ASN A 12 -8.77 11.71 -2.40
C ASN A 12 -8.22 10.28 -2.56
N LEU A 13 -7.01 10.18 -3.09
CA LEU A 13 -6.38 8.88 -3.30
C LEU A 13 -5.67 8.42 -2.05
N LEU A 14 -5.32 9.37 -1.18
CA LEU A 14 -4.64 9.05 0.07
C LEU A 14 -5.61 8.53 1.11
N ILE A 15 -6.86 9.00 1.05
CA ILE A 15 -7.88 8.58 1.99
C ILE A 15 -7.98 7.06 2.05
N PRO A 16 -8.23 6.44 0.89
CA PRO A 16 -8.34 4.97 0.80
C PRO A 16 -7.01 4.27 1.01
N CYS A 17 -5.94 4.89 0.53
CA CYS A 17 -4.61 4.32 0.66
C CYS A 17 -4.31 3.95 2.11
N VAL A 18 -4.67 4.84 3.03
CA VAL A 18 -4.45 4.62 4.45
C VAL A 18 -5.58 3.79 5.06
N LEU A 19 -6.78 3.98 4.53
CA LEU A 19 -7.94 3.25 5.01
C LEU A 19 -7.79 1.75 4.79
N ILE A 20 -7.22 1.38 3.65
CA ILE A 20 -7.01 -0.02 3.32
C ILE A 20 -5.77 -0.57 4.01
N SER A 21 -4.72 0.23 4.06
CA SER A 21 -3.47 -0.17 4.69
C SER A 21 -3.70 -0.54 6.15
N ALA A 22 -4.51 0.26 6.84
CA ALA A 22 -4.82 0.02 8.24
C ALA A 22 -5.68 -1.23 8.41
N LEU A 23 -6.70 -1.36 7.57
CA LEU A 23 -7.59 -2.53 7.63
C LEU A 23 -6.83 -3.81 7.30
N ALA A 24 -5.84 -3.71 6.41
CA ALA A 24 -5.05 -4.86 6.02
C ALA A 24 -4.25 -5.41 7.21
N LEU A 25 -3.73 -4.50 8.02
CA LEU A 25 -2.94 -4.89 9.19
C LEU A 25 -3.81 -5.62 10.21
N LEU A 26 -5.07 -5.20 10.31
CA LEU A 26 -6.00 -5.83 11.24
C LEU A 26 -6.03 -7.34 11.07
N VAL A 27 -6.05 -7.79 9.82
CA VAL A 27 -6.07 -9.21 9.51
C VAL A 27 -4.70 -9.83 9.69
N PHE A 28 -3.66 -9.05 9.42
CA PHE A 28 -2.28 -9.53 9.55
C PHE A 28 -1.97 -9.89 11.01
N LEU A 29 -2.56 -9.14 11.93
CA LEU A 29 -2.34 -9.38 13.35
C LEU A 29 -3.14 -10.59 13.83
N LEU A 30 -4.29 -10.81 13.20
CA LEU A 30 -5.16 -11.93 13.56
C LEU A 30 -5.44 -12.81 12.34
N PRO A 31 -4.42 -13.57 11.92
CA PRO A 31 -4.54 -14.46 10.76
C PRO A 31 -5.43 -15.66 11.05
N ALA A 32 -6.69 -15.57 10.61
CA ALA A 32 -7.64 -16.65 10.81
C ALA A 32 -7.48 -17.74 9.75
N ASP A 33 -8.20 -18.84 9.93
CA ASP A 33 -8.14 -19.95 9.00
C ASP A 33 -9.36 -19.97 8.09
N SER A 34 -9.92 -18.80 7.83
CA SER A 34 -11.09 -18.68 6.97
C SER A 34 -10.71 -18.27 5.56
N GLY A 35 -9.58 -17.56 5.44
CA GLY A 35 -9.12 -17.11 4.14
C GLY A 35 -9.24 -15.61 3.97
N GLU A 36 -9.29 -14.89 5.09
CA GLU A 36 -9.40 -13.43 5.05
C GLU A 36 -8.27 -12.82 4.24
N LYS A 37 -7.05 -13.26 4.52
CA LYS A 37 -5.87 -12.75 3.81
C LYS A 37 -5.91 -13.15 2.33
N ILE A 38 -6.59 -14.26 2.04
CA ILE A 38 -6.70 -14.75 0.67
C ILE A 38 -7.62 -13.85 -0.16
N SER A 39 -8.87 -13.72 0.29
CA SER A 39 -9.85 -12.90 -0.42
C SER A 39 -9.37 -11.45 -0.51
N LEU A 40 -9.15 -10.84 0.66
CA LEU A 40 -8.70 -9.45 0.72
C LEU A 40 -7.34 -9.31 0.06
N GLY A 41 -6.55 -10.38 0.07
CA GLY A 41 -5.24 -10.35 -0.53
C GLY A 41 -5.26 -9.83 -1.97
N ILE A 42 -5.98 -10.53 -2.83
CA ILE A 42 -6.08 -10.14 -4.23
C ILE A 42 -6.91 -8.86 -4.38
N THR A 43 -7.78 -8.61 -3.42
CA THR A 43 -8.62 -7.42 -3.45
C THR A 43 -7.79 -6.15 -3.49
N VAL A 44 -6.96 -5.96 -2.47
CA VAL A 44 -6.09 -4.79 -2.37
C VAL A 44 -5.03 -4.81 -3.47
N LEU A 45 -4.61 -6.01 -3.85
CA LEU A 45 -3.59 -6.17 -4.88
C LEU A 45 -4.11 -5.68 -6.23
N LEU A 46 -5.36 -6.02 -6.54
CA LEU A 46 -5.98 -5.62 -7.80
C LEU A 46 -6.39 -4.16 -7.76
N SER A 47 -6.71 -3.67 -6.55
CA SER A 47 -7.13 -2.29 -6.38
C SER A 47 -5.95 -1.34 -6.54
N LEU A 48 -4.75 -1.83 -6.24
CA LEU A 48 -3.54 -1.03 -6.35
C LEU A 48 -3.08 -0.93 -7.80
N THR A 49 -2.94 -2.08 -8.45
CA THR A 49 -2.52 -2.13 -9.85
C THR A 49 -3.36 -1.20 -10.71
N VAL A 50 -4.66 -1.15 -10.42
CA VAL A 50 -5.58 -0.30 -11.18
C VAL A 50 -5.36 1.17 -10.85
N PHE A 51 -5.31 1.47 -9.56
CA PHE A 51 -5.10 2.85 -9.11
C PHE A 51 -3.80 3.43 -9.68
N MET A 52 -2.78 2.59 -9.76
CA MET A 52 -1.49 3.01 -10.28
C MET A 52 -1.61 3.42 -11.74
N LEU A 53 -2.29 2.60 -12.53
CA LEU A 53 -2.48 2.88 -13.95
C LEU A 53 -3.15 4.23 -14.16
N LEU A 54 -4.03 4.60 -13.24
CA LEU A 54 -4.74 5.87 -13.31
C LEU A 54 -3.79 7.03 -13.09
N VAL A 55 -3.10 7.02 -11.95
CA VAL A 55 -2.15 8.08 -11.63
C VAL A 55 -1.01 8.14 -12.63
N ALA A 56 -0.69 6.99 -13.23
CA ALA A 56 0.38 6.91 -14.21
C ALA A 56 -0.09 7.40 -15.58
N GLU A 57 -1.39 7.25 -15.84
CA GLU A 57 -1.97 7.68 -17.11
C GLU A 57 -1.89 9.20 -17.25
N ILE A 58 -2.18 9.90 -16.16
CA ILE A 58 -2.15 11.37 -16.17
C ILE A 58 -0.72 11.88 -16.20
N MET A 59 0.21 11.07 -15.69
CA MET A 59 1.62 11.44 -15.66
C MET A 59 2.51 10.24 -15.91
N PRO A 60 2.54 9.78 -17.17
CA PRO A 60 3.35 8.63 -17.58
C PRO A 60 4.85 8.92 -17.55
N SER A 61 5.66 7.91 -17.86
CA SER A 61 7.10 8.07 -17.86
C SER A 61 7.68 7.77 -19.24
N THR A 62 7.48 8.70 -20.17
CA THR A 62 7.97 8.54 -21.53
C THR A 62 8.86 9.71 -21.93
N SER A 63 8.25 10.86 -22.16
CA SER A 63 8.99 12.07 -22.55
C SER A 63 8.11 13.31 -22.42
N ASP A 64 8.72 14.42 -22.06
CA ASP A 64 8.00 15.68 -21.91
C ASP A 64 6.86 15.53 -20.91
N SER A 65 7.19 15.46 -19.63
CA SER A 65 6.19 15.30 -18.59
C SER A 65 6.82 15.48 -17.20
N SER A 66 6.00 15.36 -16.17
CA SER A 66 6.46 15.51 -14.80
C SER A 66 6.23 14.24 -14.00
N PRO A 67 7.00 13.18 -14.34
CA PRO A 67 6.90 11.87 -13.67
C PRO A 67 7.42 11.92 -12.24
N SER A 68 6.51 11.87 -11.27
CA SER A 68 6.87 11.90 -9.87
C SER A 68 6.09 10.86 -9.07
N ILE A 69 4.76 11.00 -9.08
CA ILE A 69 3.90 10.08 -8.36
C ILE A 69 3.83 8.73 -9.07
N ALA A 70 4.01 8.75 -10.39
CA ALA A 70 3.96 7.52 -11.18
C ALA A 70 5.12 6.60 -10.81
N GLN A 71 6.31 7.17 -10.66
CA GLN A 71 7.49 6.39 -10.32
C GLN A 71 7.44 5.94 -8.85
N TYR A 72 6.97 6.83 -7.99
CA TYR A 72 6.87 6.53 -6.57
C TYR A 72 5.81 5.45 -6.31
N PHE A 73 4.60 5.69 -6.80
CA PHE A 73 3.51 4.75 -6.63
C PHE A 73 3.86 3.39 -7.22
N ALA A 74 4.37 3.40 -8.44
CA ALA A 74 4.76 2.17 -9.12
C ALA A 74 5.78 1.38 -8.31
N SER A 75 6.83 2.06 -7.87
CA SER A 75 7.88 1.43 -7.08
C SER A 75 7.28 0.73 -5.86
N THR A 76 6.15 1.23 -5.38
CA THR A 76 5.49 0.66 -4.22
C THR A 76 4.97 -0.75 -4.52
N MET A 77 4.18 -0.87 -5.58
CA MET A 77 3.62 -2.17 -5.96
C MET A 77 4.74 -3.21 -6.12
N ILE A 78 5.93 -2.74 -6.47
CA ILE A 78 7.07 -3.63 -6.66
C ILE A 78 7.46 -4.31 -5.34
N ILE A 79 7.67 -3.52 -4.31
CA ILE A 79 8.04 -4.05 -3.00
C ILE A 79 6.85 -4.74 -2.33
N VAL A 80 5.65 -4.25 -2.64
CA VAL A 80 4.43 -4.83 -2.07
C VAL A 80 4.15 -6.21 -2.65
N GLY A 81 4.15 -6.30 -3.97
CA GLY A 81 3.89 -7.57 -4.63
C GLY A 81 4.82 -8.67 -4.14
N LEU A 82 6.11 -8.48 -4.34
CA LEU A 82 7.11 -9.47 -3.90
C LEU A 82 6.97 -9.76 -2.41
N SER A 83 6.44 -8.80 -1.67
CA SER A 83 6.24 -8.97 -0.23
C SER A 83 5.01 -9.80 0.06
N VAL A 84 4.06 -9.79 -0.86
CA VAL A 84 2.83 -10.55 -0.71
C VAL A 84 3.09 -12.05 -0.76
N VAL A 85 3.94 -12.46 -1.68
CA VAL A 85 4.29 -13.87 -1.83
C VAL A 85 5.20 -14.34 -0.71
N VAL A 86 6.07 -13.45 -0.24
CA VAL A 86 6.99 -13.77 0.84
C VAL A 86 6.28 -13.83 2.19
N THR A 87 5.14 -13.15 2.26
CA THR A 87 4.34 -13.13 3.49
C THR A 87 3.45 -14.36 3.60
N VAL A 88 2.77 -14.69 2.51
CA VAL A 88 1.88 -15.84 2.49
C VAL A 88 2.64 -17.12 2.85
N ILE A 89 3.89 -17.21 2.41
CA ILE A 89 4.72 -18.37 2.69
C ILE A 89 5.20 -18.38 4.13
N VAL A 90 5.93 -17.33 4.51
CA VAL A 90 6.45 -17.21 5.86
C VAL A 90 5.33 -17.28 6.89
N LEU A 91 4.12 -16.93 6.47
CA LEU A 91 2.96 -16.96 7.35
C LEU A 91 2.61 -18.39 7.75
N GLN A 92 2.33 -19.22 6.76
CA GLN A 92 1.98 -20.62 7.01
C GLN A 92 3.16 -21.37 7.59
N TYR A 93 4.37 -21.04 7.12
CA TYR A 93 5.58 -21.70 7.60
C TYR A 93 5.70 -21.59 9.12
N HIS A 94 5.41 -20.40 9.64
CA HIS A 94 5.48 -20.16 11.08
C HIS A 94 4.23 -20.70 11.79
N HIS A 95 4.16 -22.02 11.91
CA HIS A 95 3.02 -22.66 12.56
C HIS A 95 3.03 -22.39 14.07
N HIS A 96 2.01 -21.68 14.54
CA HIS A 96 1.90 -21.34 15.95
C HIS A 96 0.49 -20.91 16.30
N ASP A 97 -0.01 -21.37 17.45
CA ASP A 97 -1.35 -21.02 17.91
C ASP A 97 -2.39 -21.40 16.85
N PRO A 98 -2.61 -22.72 16.69
CA PRO A 98 -3.57 -23.23 15.71
C PRO A 98 -5.02 -22.94 16.11
N ASP A 99 -5.51 -21.78 15.71
CA ASP A 99 -6.88 -21.37 16.02
C ASP A 99 -7.47 -20.52 14.89
N GLY A 100 -8.73 -20.12 15.06
CA GLY A 100 -9.38 -19.30 14.05
C GLY A 100 -10.04 -18.08 14.64
N GLY A 101 -10.48 -17.17 13.77
CA GLY A 101 -11.13 -15.95 14.23
C GLY A 101 -10.14 -14.94 14.76
N GLU A 102 -9.64 -15.18 15.97
CA GLU A 102 -8.68 -14.27 16.60
C GLU A 102 -7.44 -15.02 17.06
N GLY A 103 -6.29 -14.68 16.49
CA GLY A 103 -5.04 -15.33 16.86
C GLY A 103 -4.39 -14.69 18.06
N GLY A 104 -3.55 -13.69 17.80
CA GLY A 104 -2.85 -13.01 18.88
C GLY A 104 -2.12 -11.77 18.41
N GLY A 105 -0.80 -11.89 18.26
CA GLY A 105 0.01 -10.77 17.81
C GLY A 105 1.37 -11.19 17.32
N GLU A 106 1.88 -10.51 16.30
CA GLU A 106 3.19 -10.81 15.74
C GLU A 106 4.04 -9.56 15.63
N GLY A 107 5.10 -9.50 16.44
CA GLY A 107 5.98 -8.35 16.41
C GLY A 107 6.73 -8.21 15.10
N ILE A 108 6.87 -9.32 14.38
CA ILE A 108 7.57 -9.32 13.10
C ILE A 108 6.75 -8.61 12.03
N ASP A 109 5.55 -9.12 11.77
CA ASP A 109 4.67 -8.53 10.77
C ASP A 109 4.37 -7.07 11.10
N ARG A 110 4.26 -6.76 12.39
CA ARG A 110 3.98 -5.42 12.84
C ARG A 110 5.12 -4.47 12.44
N LEU A 111 6.35 -4.96 12.49
CA LEU A 111 7.52 -4.16 12.15
C LEU A 111 7.50 -3.80 10.66
N CYS A 112 7.07 -4.74 9.83
CA CYS A 112 7.00 -4.52 8.40
C CYS A 112 5.86 -3.57 8.04
N LEU A 113 4.67 -3.87 8.56
CA LEU A 113 3.50 -3.06 8.30
C LEU A 113 3.75 -1.60 8.68
N MET A 114 4.59 -1.39 9.69
CA MET A 114 4.92 -0.05 10.14
C MET A 114 5.73 0.69 9.09
N ALA A 115 6.74 0.02 8.55
CA ALA A 115 7.59 0.64 7.53
C ALA A 115 6.76 1.14 6.36
N PHE A 116 5.63 0.49 6.10
CA PHE A 116 4.75 0.88 5.01
C PHE A 116 4.00 2.16 5.34
N SER A 117 3.62 2.30 6.61
CA SER A 117 2.89 3.48 7.06
C SER A 117 3.68 4.75 6.76
N VAL A 118 4.87 4.85 7.34
CA VAL A 118 5.73 6.01 7.14
C VAL A 118 6.09 6.18 5.67
N PHE A 119 6.17 5.06 4.96
CA PHE A 119 6.52 5.09 3.54
C PHE A 119 5.51 5.90 2.75
N THR A 120 4.26 5.91 3.22
CA THR A 120 3.20 6.64 2.56
C THR A 120 3.30 8.14 2.85
N ILE A 121 3.42 8.49 4.12
CA ILE A 121 3.53 9.88 4.53
C ILE A 121 4.70 10.56 3.83
N ILE A 122 5.85 9.89 3.82
CA ILE A 122 7.05 10.43 3.19
C ILE A 122 6.90 10.46 1.67
N CYS A 123 6.05 9.58 1.15
CA CYS A 123 5.83 9.50 -0.29
C CYS A 123 5.10 10.74 -0.79
N THR A 124 3.92 11.01 -0.24
CA THR A 124 3.13 12.16 -0.63
C THR A 124 3.92 13.46 -0.46
N ILE A 125 4.83 13.46 0.50
CA ILE A 125 5.65 14.63 0.76
C ILE A 125 6.85 14.69 -0.18
N GLY A 126 7.34 13.51 -0.58
CA GLY A 126 8.48 13.44 -1.48
C GLY A 126 8.19 14.10 -2.82
N ILE A 127 6.98 13.90 -3.32
CA ILE A 127 6.59 14.48 -4.61
C ILE A 127 6.08 15.91 -4.44
N LEU A 128 5.55 16.20 -3.26
CA LEU A 128 5.03 17.54 -2.97
C LEU A 128 6.10 18.60 -3.24
N MET A 129 7.33 18.32 -2.82
CA MET A 129 8.42 19.26 -3.02
C MET A 129 8.82 19.33 -4.50
N SER A 130 8.58 18.24 -5.22
CA SER A 130 8.91 18.19 -6.64
C SER A 130 8.08 19.19 -7.43
N ALA A 131 6.88 19.48 -6.93
CA ALA A 131 5.99 20.43 -7.58
C ALA A 131 4.84 20.84 -6.66
N PRO A 132 5.17 21.66 -5.64
CA PRO A 132 4.18 22.14 -4.67
C PRO A 132 3.20 23.13 -5.28
N ASN A 133 1.93 22.74 -5.32
CA ASN A 133 0.88 23.60 -5.89
C ASN A 133 -0.35 23.62 -4.99
N PHE A 134 -0.47 24.68 -4.18
CA PHE A 134 -1.59 24.82 -3.27
C PHE A 134 -2.81 25.40 -4.00
N VAL A 135 -2.59 26.50 -4.70
CA VAL A 135 -3.66 27.16 -5.44
C VAL A 135 -3.12 27.88 -6.67
N GLU A 136 -2.18 27.24 -7.36
CA GLU A 136 -1.58 27.82 -8.56
C GLU A 136 -0.98 29.19 -8.25
N GLU A 137 0.19 29.19 -7.61
CA GLU A 137 0.87 30.43 -7.27
C GLU A 137 2.19 30.55 -8.00
N GLU A 4 -6.41 24.25 -6.57
CA GLU A 4 -7.20 23.50 -5.60
C GLU A 4 -7.60 22.15 -6.15
N GLU A 5 -7.77 22.07 -7.47
CA GLU A 5 -8.15 20.82 -8.12
C GLU A 5 -7.12 19.73 -7.87
N GLU A 6 -5.85 20.12 -7.85
CA GLU A 6 -4.77 19.17 -7.61
C GLU A 6 -4.86 18.57 -6.21
N LEU A 7 -5.29 19.39 -5.26
CA LEU A 7 -5.42 18.94 -3.88
C LEU A 7 -6.60 17.98 -3.72
N TYR A 8 -7.75 18.38 -4.23
CA TYR A 8 -8.95 17.57 -4.15
C TYR A 8 -8.70 16.15 -4.67
N TYR A 9 -7.86 16.07 -5.71
CA TYR A 9 -7.53 14.78 -6.31
C TYR A 9 -6.58 13.99 -5.42
N GLY A 10 -5.45 14.60 -5.08
CA GLY A 10 -4.49 13.93 -4.22
C GLY A 10 -5.10 13.40 -2.94
N LEU A 11 -5.88 14.25 -2.28
CA LEU A 11 -6.54 13.87 -1.03
C LEU A 11 -7.44 12.65 -1.23
N ASN A 12 -8.26 12.70 -2.29
CA ASN A 12 -9.16 11.60 -2.60
C ASN A 12 -8.40 10.29 -2.76
N LEU A 13 -7.12 10.39 -3.11
CA LEU A 13 -6.28 9.22 -3.29
C LEU A 13 -5.73 8.72 -1.96
N LEU A 14 -5.67 9.63 -0.98
CA LEU A 14 -5.17 9.28 0.35
C LEU A 14 -6.24 8.56 1.16
N ILE A 15 -7.50 8.86 0.88
CA ILE A 15 -8.61 8.24 1.59
C ILE A 15 -8.49 6.73 1.58
N PRO A 16 -8.43 6.15 0.37
CA PRO A 16 -8.31 4.70 0.19
C PRO A 16 -6.94 4.17 0.62
N CYS A 17 -5.90 4.90 0.27
CA CYS A 17 -4.54 4.51 0.61
C CYS A 17 -4.42 4.22 2.11
N VAL A 18 -4.70 5.24 2.93
CA VAL A 18 -4.63 5.09 4.38
C VAL A 18 -5.68 4.10 4.88
N LEU A 19 -6.81 4.06 4.20
CA LEU A 19 -7.90 3.16 4.59
C LEU A 19 -7.44 1.70 4.50
N ILE A 20 -6.87 1.33 3.37
CA ILE A 20 -6.40 -0.03 3.16
C ILE A 20 -5.22 -0.35 4.09
N SER A 21 -4.35 0.63 4.28
CA SER A 21 -3.18 0.46 5.14
C SER A 21 -3.60 -0.03 6.53
N ALA A 22 -4.61 0.61 7.09
CA ALA A 22 -5.11 0.25 8.41
C ALA A 22 -5.77 -1.13 8.38
N LEU A 23 -6.71 -1.30 7.46
CA LEU A 23 -7.43 -2.58 7.33
C LEU A 23 -6.45 -3.73 7.13
N ALA A 24 -5.30 -3.43 6.54
CA ALA A 24 -4.28 -4.44 6.30
C ALA A 24 -3.68 -4.95 7.61
N LEU A 25 -3.23 -4.02 8.44
CA LEU A 25 -2.62 -4.37 9.73
C LEU A 25 -3.55 -5.28 10.52
N LEU A 26 -4.86 -5.07 10.37
CA LEU A 26 -5.84 -5.88 11.08
C LEU A 26 -5.64 -7.36 10.80
N VAL A 27 -5.38 -7.70 9.54
CA VAL A 27 -5.16 -9.08 9.14
C VAL A 27 -3.77 -9.56 9.57
N PHE A 28 -2.79 -8.66 9.49
CA PHE A 28 -1.43 -8.99 9.87
C PHE A 28 -1.36 -9.49 11.30
N LEU A 29 -2.26 -8.99 12.14
CA LEU A 29 -2.30 -9.38 13.55
C LEU A 29 -3.14 -10.64 13.73
N LEU A 30 -4.08 -10.86 12.81
CA LEU A 30 -4.95 -12.03 12.87
C LEU A 30 -4.87 -12.83 11.58
N PRO A 31 -3.73 -13.53 11.39
CA PRO A 31 -3.50 -14.36 10.20
C PRO A 31 -4.38 -15.60 10.17
N ALA A 32 -5.61 -15.44 9.66
CA ALA A 32 -6.55 -16.55 9.58
C ALA A 32 -6.24 -17.43 8.38
N ASP A 33 -6.39 -18.74 8.55
CA ASP A 33 -6.15 -19.69 7.47
C ASP A 33 -7.44 -20.09 6.78
N SER A 34 -8.42 -19.18 6.80
CA SER A 34 -9.71 -19.43 6.17
C SER A 34 -9.77 -18.81 4.79
N GLY A 35 -9.05 -17.70 4.60
CA GLY A 35 -9.04 -17.02 3.32
C GLY A 35 -9.12 -15.52 3.47
N GLU A 36 -8.44 -14.98 4.47
CA GLU A 36 -8.44 -13.55 4.71
C GLU A 36 -7.39 -12.85 3.84
N LYS A 37 -6.15 -13.33 3.92
CA LYS A 37 -5.05 -12.75 3.17
C LYS A 37 -5.23 -13.03 1.67
N ILE A 38 -5.91 -14.12 1.35
CA ILE A 38 -6.16 -14.49 -0.04
C ILE A 38 -7.18 -13.56 -0.68
N SER A 39 -8.40 -13.56 -0.13
CA SER A 39 -9.47 -12.73 -0.65
C SER A 39 -9.02 -11.27 -0.77
N LEU A 40 -8.64 -10.69 0.36
CA LEU A 40 -8.18 -9.30 0.39
C LEU A 40 -6.88 -9.14 -0.38
N GLY A 41 -6.13 -10.23 -0.51
CA GLY A 41 -4.88 -10.19 -1.23
C GLY A 41 -5.01 -9.57 -2.60
N ILE A 42 -5.91 -10.11 -3.40
CA ILE A 42 -6.14 -9.60 -4.75
C ILE A 42 -6.98 -8.32 -4.72
N THR A 43 -7.75 -8.15 -3.65
CA THR A 43 -8.60 -6.99 -3.51
C THR A 43 -7.81 -5.70 -3.70
N VAL A 44 -6.76 -5.53 -2.89
CA VAL A 44 -5.92 -4.34 -2.97
C VAL A 44 -5.02 -4.39 -4.19
N LEU A 45 -4.45 -5.57 -4.45
CA LEU A 45 -3.56 -5.75 -5.59
C LEU A 45 -4.23 -5.29 -6.89
N LEU A 46 -5.52 -5.54 -7.00
CA LEU A 46 -6.28 -5.14 -8.18
C LEU A 46 -6.49 -3.63 -8.21
N SER A 47 -6.78 -3.06 -7.06
CA SER A 47 -7.00 -1.62 -6.95
C SER A 47 -5.71 -0.85 -7.23
N LEU A 48 -4.58 -1.49 -6.98
CA LEU A 48 -3.29 -0.87 -7.21
C LEU A 48 -3.03 -0.66 -8.70
N THR A 49 -3.02 -1.76 -9.45
CA THR A 49 -2.79 -1.69 -10.89
C THR A 49 -3.74 -0.70 -11.55
N VAL A 50 -4.97 -0.64 -11.04
CA VAL A 50 -5.98 0.26 -11.59
C VAL A 50 -5.65 1.71 -11.28
N PHE A 51 -5.27 1.96 -10.03
CA PHE A 51 -4.92 3.31 -9.59
C PHE A 51 -3.68 3.82 -10.31
N MET A 52 -2.72 2.91 -10.51
CA MET A 52 -1.48 3.26 -11.19
C MET A 52 -1.75 3.82 -12.58
N LEU A 53 -2.64 3.16 -13.31
CA LEU A 53 -3.00 3.58 -14.66
C LEU A 53 -3.63 4.97 -14.65
N LEU A 54 -4.43 5.24 -13.62
CA LEU A 54 -5.09 6.53 -13.48
C LEU A 54 -4.08 7.64 -13.25
N VAL A 55 -3.31 7.51 -12.17
CA VAL A 55 -2.30 8.52 -11.84
C VAL A 55 -1.31 8.69 -12.97
N ALA A 56 -1.11 7.64 -13.76
CA ALA A 56 -0.19 7.68 -14.88
C ALA A 56 -0.85 8.31 -16.11
N GLU A 57 -2.17 8.24 -16.17
CA GLU A 57 -2.92 8.80 -17.29
C GLU A 57 -2.80 10.33 -17.31
N ILE A 58 -2.78 10.92 -16.11
CA ILE A 58 -2.66 12.37 -16.00
C ILE A 58 -1.22 12.83 -16.16
N MET A 59 -0.28 11.94 -15.85
CA MET A 59 1.14 12.25 -15.97
C MET A 59 1.80 11.38 -17.04
N PRO A 60 1.50 11.68 -18.31
CA PRO A 60 2.05 10.94 -19.44
C PRO A 60 3.54 11.21 -19.64
N SER A 61 4.13 10.52 -20.61
CA SER A 61 5.56 10.68 -20.89
C SER A 61 5.82 10.58 -22.39
N THR A 62 5.84 11.73 -23.06
CA THR A 62 6.08 11.78 -24.50
C THR A 62 6.95 12.97 -24.86
N SER A 63 6.36 14.17 -24.79
CA SER A 63 7.08 15.39 -25.12
C SER A 63 7.79 15.95 -23.89
N ASP A 64 7.09 15.97 -22.76
CA ASP A 64 7.65 16.48 -21.52
C ASP A 64 7.83 15.35 -20.49
N SER A 65 9.08 15.04 -20.19
CA SER A 65 9.39 13.99 -19.23
C SER A 65 9.84 14.57 -17.90
N SER A 66 8.99 14.42 -16.88
CA SER A 66 9.29 14.94 -15.55
C SER A 66 8.45 14.23 -14.49
N PRO A 67 8.74 12.94 -14.27
CA PRO A 67 8.03 12.12 -13.29
C PRO A 67 8.36 12.53 -11.85
N SER A 68 7.33 12.59 -11.01
CA SER A 68 7.50 12.97 -9.62
C SER A 68 6.79 11.98 -8.69
N ILE A 69 5.46 12.05 -8.66
CA ILE A 69 4.67 11.17 -7.82
C ILE A 69 4.54 9.78 -8.44
N ALA A 70 4.64 9.72 -9.77
CA ALA A 70 4.54 8.46 -10.49
C ALA A 70 5.69 7.52 -10.12
N GLN A 71 6.88 8.09 -9.95
CA GLN A 71 8.06 7.31 -9.60
C GLN A 71 7.91 6.70 -8.21
N TYR A 72 7.31 7.46 -7.30
CA TYR A 72 7.11 7.00 -5.93
C TYR A 72 6.01 5.96 -5.86
N PHE A 73 4.88 6.26 -6.50
CA PHE A 73 3.74 5.34 -6.52
C PHE A 73 4.17 3.95 -7.00
N ALA A 74 4.95 3.93 -8.07
CA ALA A 74 5.42 2.66 -8.63
C ALA A 74 6.23 1.88 -7.61
N SER A 75 7.24 2.53 -7.02
CA SER A 75 8.09 1.89 -6.03
C SER A 75 7.24 1.29 -4.89
N THR A 76 6.08 1.89 -4.66
CA THR A 76 5.18 1.42 -3.60
C THR A 76 4.64 0.03 -3.92
N MET A 77 4.01 -0.10 -5.09
CA MET A 77 3.46 -1.38 -5.51
C MET A 77 4.50 -2.49 -5.41
N ILE A 78 5.76 -2.13 -5.59
CA ILE A 78 6.85 -3.10 -5.52
C ILE A 78 6.94 -3.73 -4.14
N ILE A 79 7.07 -2.88 -3.12
CA ILE A 79 7.16 -3.36 -1.74
C ILE A 79 5.83 -3.93 -1.27
N VAL A 80 4.73 -3.40 -1.81
CA VAL A 80 3.40 -3.86 -1.44
C VAL A 80 3.14 -5.27 -1.99
N GLY A 81 3.56 -5.50 -3.23
CA GLY A 81 3.37 -6.80 -3.85
C GLY A 81 4.05 -7.91 -3.09
N LEU A 82 5.38 -7.83 -2.97
CA LEU A 82 6.15 -8.84 -2.27
C LEU A 82 5.64 -9.01 -0.84
N SER A 83 5.02 -7.97 -0.31
CA SER A 83 4.50 -8.01 1.05
C SER A 83 3.49 -9.14 1.22
N VAL A 84 2.42 -9.08 0.43
CA VAL A 84 1.38 -10.11 0.49
C VAL A 84 1.95 -11.48 0.15
N VAL A 85 3.04 -11.49 -0.61
CA VAL A 85 3.68 -12.74 -1.01
C VAL A 85 4.33 -13.42 0.19
N VAL A 86 5.05 -12.64 0.99
CA VAL A 86 5.74 -13.17 2.17
C VAL A 86 4.73 -13.63 3.22
N THR A 87 3.67 -12.85 3.41
CA THR A 87 2.64 -13.18 4.38
C THR A 87 2.09 -14.58 4.15
N VAL A 88 1.84 -14.91 2.88
CA VAL A 88 1.31 -16.22 2.52
C VAL A 88 2.29 -17.33 2.89
N ILE A 89 3.57 -17.10 2.62
CA ILE A 89 4.60 -18.08 2.93
C ILE A 89 4.65 -18.37 4.43
N VAL A 90 4.49 -17.33 5.24
CA VAL A 90 4.51 -17.47 6.68
C VAL A 90 3.49 -18.49 7.15
N LEU A 91 2.28 -18.40 6.62
CA LEU A 91 1.20 -19.31 6.97
C LEU A 91 1.59 -20.76 6.67
N GLN A 92 1.92 -21.03 5.41
CA GLN A 92 2.32 -22.36 5.00
C GLN A 92 3.44 -22.90 5.88
N TYR A 93 4.44 -22.06 6.12
CA TYR A 93 5.58 -22.44 6.95
C TYR A 93 5.13 -22.84 8.35
N HIS A 94 4.20 -22.06 8.91
CA HIS A 94 3.68 -22.34 10.25
C HIS A 94 2.76 -23.57 10.24
N HIS A 95 3.25 -24.65 10.83
CA HIS A 95 2.46 -25.89 10.88
C HIS A 95 1.13 -25.66 11.57
N HIS A 96 1.16 -25.00 12.73
CA HIS A 96 -0.06 -24.72 13.48
C HIS A 96 0.22 -23.70 14.59
N ASP A 97 -0.85 -23.20 15.19
CA ASP A 97 -0.73 -22.22 16.27
C ASP A 97 -1.54 -22.64 17.49
N PRO A 98 -1.21 -22.07 18.65
CA PRO A 98 -1.91 -22.36 19.91
C PRO A 98 -3.33 -21.81 19.93
N ASP A 99 -4.04 -22.06 21.03
CA ASP A 99 -5.41 -21.58 21.18
C ASP A 99 -5.43 -20.14 21.68
N GLY A 100 -5.72 -19.21 20.78
CA GLY A 100 -5.78 -17.81 21.15
C GLY A 100 -6.89 -17.06 20.44
N GLY A 101 -7.29 -15.93 21.00
CA GLY A 101 -8.35 -15.14 20.40
C GLY A 101 -7.81 -14.01 19.54
N GLU A 102 -6.82 -13.29 20.04
CA GLU A 102 -6.21 -12.19 19.31
C GLU A 102 -4.70 -12.27 19.34
N GLY A 103 -4.05 -11.67 18.34
CA GLY A 103 -2.60 -11.70 18.27
C GLY A 103 -2.05 -13.09 18.09
N GLY A 104 -2.42 -13.74 16.98
CA GLY A 104 -1.95 -15.09 16.72
C GLY A 104 -0.60 -15.10 16.01
N GLY A 105 -0.35 -14.09 15.20
CA GLY A 105 0.91 -14.01 14.48
C GLY A 105 2.10 -13.78 15.40
N GLU A 106 3.15 -13.16 14.86
CA GLU A 106 4.34 -12.88 15.64
C GLU A 106 4.80 -11.44 15.43
N GLY A 107 5.79 -11.02 16.22
CA GLY A 107 6.30 -9.66 16.10
C GLY A 107 6.80 -9.35 14.70
N ILE A 108 7.24 -10.38 13.99
CA ILE A 108 7.76 -10.21 12.64
C ILE A 108 6.69 -9.61 11.72
N ASP A 109 5.50 -10.19 11.77
CA ASP A 109 4.39 -9.71 10.94
C ASP A 109 4.08 -8.25 11.24
N ARG A 110 3.82 -7.96 12.50
CA ARG A 110 3.50 -6.59 12.93
C ARG A 110 4.66 -5.65 12.62
N LEU A 111 5.87 -6.19 12.60
CA LEU A 111 7.07 -5.41 12.32
C LEU A 111 7.10 -4.97 10.87
N CYS A 112 6.74 -5.88 9.97
CA CYS A 112 6.73 -5.59 8.54
C CYS A 112 5.74 -4.48 8.21
N LEU A 113 4.51 -4.62 8.71
CA LEU A 113 3.48 -3.63 8.48
C LEU A 113 3.87 -2.27 9.07
N MET A 114 4.47 -2.29 10.25
CA MET A 114 4.90 -1.07 10.91
C MET A 114 5.85 -0.27 10.03
N ALA A 115 6.63 -0.99 9.22
CA ALA A 115 7.58 -0.35 8.32
C ALA A 115 6.87 0.33 7.15
N PHE A 116 5.80 -0.30 6.69
CA PHE A 116 5.03 0.23 5.57
C PHE A 116 4.16 1.40 6.02
N SER A 117 3.64 1.30 7.24
CA SER A 117 2.79 2.35 7.79
C SER A 117 3.50 3.71 7.77
N VAL A 118 4.63 3.77 8.46
CA VAL A 118 5.41 5.01 8.52
C VAL A 118 5.90 5.42 7.14
N PHE A 119 6.14 4.42 6.29
CA PHE A 119 6.62 4.69 4.93
C PHE A 119 5.68 5.64 4.19
N THR A 120 4.38 5.46 4.42
CA THR A 120 3.38 6.31 3.78
C THR A 120 3.34 7.69 4.42
N ILE A 121 3.47 7.74 5.74
CA ILE A 121 3.46 9.00 6.47
C ILE A 121 4.64 9.88 6.08
N ILE A 122 5.81 9.26 5.95
CA ILE A 122 7.01 9.98 5.58
C ILE A 122 7.04 10.28 4.09
N CYS A 123 6.36 9.45 3.31
CA CYS A 123 6.30 9.62 1.86
C CYS A 123 5.42 10.80 1.49
N THR A 124 4.19 10.79 2.01
CA THR A 124 3.24 11.86 1.72
C THR A 124 3.76 13.21 2.19
N ILE A 125 4.48 13.20 3.31
CA ILE A 125 5.04 14.42 3.87
C ILE A 125 6.36 14.77 3.20
N GLY A 126 7.04 13.76 2.67
CA GLY A 126 8.32 13.98 2.01
C GLY A 126 8.16 14.73 0.70
N ILE A 127 7.15 14.36 -0.08
CA ILE A 127 6.90 15.01 -1.36
C ILE A 127 6.11 16.30 -1.18
N LEU A 128 5.34 16.36 -0.09
CA LEU A 128 4.53 17.54 0.20
C LEU A 128 5.40 18.79 0.32
N MET A 129 6.39 18.73 1.20
CA MET A 129 7.31 19.85 1.41
C MET A 129 8.03 20.21 0.11
N SER A 130 8.29 19.19 -0.71
CA SER A 130 8.98 19.40 -1.98
C SER A 130 8.23 20.40 -2.85
N ALA A 131 6.93 20.48 -2.66
CA ALA A 131 6.09 21.39 -3.43
C ALA A 131 6.29 21.19 -4.93
N PRO A 132 5.82 20.03 -5.44
CA PRO A 132 5.95 19.69 -6.85
C PRO A 132 5.04 20.56 -7.73
N ASN A 133 5.65 21.21 -8.73
CA ASN A 133 4.90 22.06 -9.64
C ASN A 133 4.75 21.40 -11.01
N PHE A 134 3.77 21.86 -11.78
CA PHE A 134 3.51 21.32 -13.10
C PHE A 134 3.01 22.40 -14.06
N VAL A 135 1.81 22.91 -13.78
CA VAL A 135 1.22 23.95 -14.60
C VAL A 135 0.86 25.18 -13.78
N GLU A 136 0.87 26.35 -14.41
CA GLU A 136 0.53 27.59 -13.73
C GLU A 136 -0.90 27.57 -13.21
N GLU A 137 -1.78 26.91 -13.96
CA GLU A 137 -3.18 26.81 -13.57
C GLU A 137 -3.76 28.20 -13.28
N GLU A 4 -6.14 24.24 -5.13
CA GLU A 4 -7.35 23.53 -4.71
C GLU A 4 -7.46 22.19 -5.44
N GLU A 5 -7.08 22.18 -6.71
CA GLU A 5 -7.13 20.96 -7.52
C GLU A 5 -6.09 19.95 -7.06
N GLU A 6 -4.82 20.36 -7.11
CA GLU A 6 -3.73 19.49 -6.70
C GLU A 6 -3.96 18.94 -5.29
N LEU A 7 -4.63 19.74 -4.46
CA LEU A 7 -4.92 19.34 -3.09
C LEU A 7 -5.93 18.18 -3.06
N TYR A 8 -7.04 18.36 -3.77
CA TYR A 8 -8.07 17.33 -3.82
C TYR A 8 -7.54 16.04 -4.41
N TYR A 9 -6.60 16.17 -5.36
CA TYR A 9 -6.01 15.01 -6.02
C TYR A 9 -5.32 14.11 -4.99
N GLY A 10 -4.36 14.68 -4.27
CA GLY A 10 -3.63 13.91 -3.27
C GLY A 10 -4.53 13.43 -2.15
N LEU A 11 -5.54 14.22 -1.82
CA LEU A 11 -6.47 13.87 -0.75
C LEU A 11 -7.32 12.67 -1.14
N ASN A 12 -7.96 12.76 -2.31
CA ASN A 12 -8.81 11.67 -2.80
C ASN A 12 -8.01 10.38 -2.89
N LEU A 13 -6.71 10.49 -3.04
CA LEU A 13 -5.84 9.32 -3.14
C LEU A 13 -5.49 8.77 -1.76
N LEU A 14 -5.59 9.63 -0.75
CA LEU A 14 -5.30 9.24 0.63
C LEU A 14 -6.48 8.48 1.24
N ILE A 15 -7.67 8.80 0.78
CA ILE A 15 -8.88 8.15 1.29
C ILE A 15 -8.75 6.63 1.22
N PRO A 16 -8.50 6.11 0.01
CA PRO A 16 -8.35 4.67 -0.21
C PRO A 16 -7.06 4.12 0.41
N CYS A 17 -5.97 4.87 0.26
CA CYS A 17 -4.68 4.46 0.80
C CYS A 17 -4.80 4.10 2.27
N VAL A 18 -5.22 5.07 3.09
CA VAL A 18 -5.37 4.86 4.51
C VAL A 18 -6.49 3.86 4.80
N LEU A 19 -7.52 3.86 3.96
CA LEU A 19 -8.65 2.96 4.13
C LEU A 19 -8.18 1.50 4.14
N ILE A 20 -7.42 1.13 3.11
CA ILE A 20 -6.92 -0.23 3.00
C ILE A 20 -6.00 -0.57 4.17
N SER A 21 -5.13 0.35 4.53
CA SER A 21 -4.20 0.15 5.63
C SER A 21 -4.96 -0.15 6.93
N ALA A 22 -6.11 0.50 7.09
CA ALA A 22 -6.93 0.29 8.29
C ALA A 22 -7.53 -1.11 8.31
N LEU A 23 -8.25 -1.46 7.24
CA LEU A 23 -8.88 -2.76 7.14
C LEU A 23 -7.84 -3.88 7.21
N ALA A 24 -6.67 -3.63 6.64
CA ALA A 24 -5.59 -4.61 6.64
C ALA A 24 -5.03 -4.81 8.04
N LEU A 25 -4.94 -3.72 8.79
CA LEU A 25 -4.42 -3.76 10.15
C LEU A 25 -5.21 -4.76 11.00
N LEU A 26 -6.53 -4.72 10.88
CA LEU A 26 -7.39 -5.62 11.63
C LEU A 26 -7.00 -7.07 11.40
N VAL A 27 -6.80 -7.44 10.14
CA VAL A 27 -6.41 -8.81 9.79
C VAL A 27 -4.96 -9.08 10.17
N PHE A 28 -4.15 -8.02 10.19
CA PHE A 28 -2.73 -8.15 10.54
C PHE A 28 -2.57 -8.71 11.94
N LEU A 29 -3.49 -8.34 12.84
CA LEU A 29 -3.45 -8.80 14.21
C LEU A 29 -3.98 -10.23 14.33
N LEU A 30 -4.92 -10.57 13.45
CA LEU A 30 -5.52 -11.91 13.45
C LEU A 30 -5.38 -12.56 12.08
N PRO A 31 -4.14 -12.97 11.74
CA PRO A 31 -3.86 -13.62 10.46
C PRO A 31 -4.45 -15.02 10.36
N ALA A 32 -5.62 -15.12 9.74
CA ALA A 32 -6.30 -16.40 9.59
C ALA A 32 -6.21 -16.89 8.14
N ASP A 33 -6.49 -18.18 7.94
CA ASP A 33 -6.44 -18.78 6.61
C ASP A 33 -7.78 -19.42 6.27
N SER A 34 -8.86 -18.76 6.64
CA SER A 34 -10.20 -19.26 6.36
C SER A 34 -10.71 -18.78 5.01
N GLY A 35 -10.35 -17.55 4.67
CA GLY A 35 -10.77 -16.98 3.40
C GLY A 35 -10.72 -15.46 3.40
N GLU A 36 -10.88 -14.86 4.57
CA GLU A 36 -10.85 -13.41 4.71
C GLU A 36 -9.60 -12.83 4.06
N LYS A 37 -8.44 -13.30 4.50
CA LYS A 37 -7.17 -12.84 3.97
C LYS A 37 -7.08 -13.08 2.46
N ILE A 38 -7.80 -14.08 2.00
CA ILE A 38 -7.82 -14.41 0.57
C ILE A 38 -8.67 -13.42 -0.22
N SER A 39 -9.85 -13.12 0.30
CA SER A 39 -10.77 -12.19 -0.35
C SER A 39 -10.11 -10.82 -0.53
N LEU A 40 -9.70 -10.22 0.58
CA LEU A 40 -9.07 -8.91 0.55
C LEU A 40 -7.70 -8.98 -0.15
N GLY A 41 -7.09 -10.16 -0.10
CA GLY A 41 -5.80 -10.34 -0.72
C GLY A 41 -5.78 -9.90 -2.18
N ILE A 42 -6.67 -10.48 -2.98
CA ILE A 42 -6.76 -10.14 -4.39
C ILE A 42 -7.45 -8.79 -4.59
N THR A 43 -8.28 -8.41 -3.63
CA THR A 43 -9.01 -7.15 -3.69
C THR A 43 -8.04 -5.97 -3.68
N VAL A 44 -7.24 -5.89 -2.63
CA VAL A 44 -6.26 -4.80 -2.49
C VAL A 44 -5.24 -4.84 -3.62
N LEU A 45 -4.92 -6.04 -4.08
CA LEU A 45 -3.95 -6.23 -5.16
C LEU A 45 -4.51 -5.72 -6.48
N LEU A 46 -5.64 -6.27 -6.89
CA LEU A 46 -6.28 -5.87 -8.14
C LEU A 46 -6.55 -4.37 -8.15
N SER A 47 -6.83 -3.82 -6.98
CA SER A 47 -7.12 -2.39 -6.86
C SER A 47 -5.86 -1.56 -7.09
N LEU A 48 -4.70 -2.15 -6.80
CA LEU A 48 -3.43 -1.47 -6.97
C LEU A 48 -3.10 -1.30 -8.45
N THR A 49 -3.05 -2.42 -9.17
CA THR A 49 -2.74 -2.39 -10.60
C THR A 49 -3.66 -1.42 -11.34
N VAL A 50 -4.90 -1.31 -10.88
CA VAL A 50 -5.86 -0.42 -11.49
C VAL A 50 -5.55 1.04 -11.15
N PHE A 51 -5.35 1.31 -9.87
CA PHE A 51 -5.05 2.66 -9.41
C PHE A 51 -3.82 3.21 -10.11
N MET A 52 -2.82 2.35 -10.32
CA MET A 52 -1.60 2.76 -10.99
C MET A 52 -1.88 3.23 -12.41
N LEU A 53 -2.67 2.45 -13.15
CA LEU A 53 -3.02 2.79 -14.53
C LEU A 53 -3.78 4.11 -14.58
N LEU A 54 -4.46 4.44 -13.49
CA LEU A 54 -5.23 5.68 -13.42
C LEU A 54 -4.31 6.89 -13.26
N VAL A 55 -3.39 6.80 -12.30
CA VAL A 55 -2.45 7.88 -12.05
C VAL A 55 -1.52 8.08 -13.23
N ALA A 56 -1.18 6.99 -13.91
CA ALA A 56 -0.29 7.04 -15.06
C ALA A 56 -1.03 7.58 -16.30
N GLU A 57 -2.34 7.42 -16.30
CA GLU A 57 -3.15 7.89 -17.43
C GLU A 57 -3.13 9.41 -17.52
N ILE A 58 -3.32 10.07 -16.37
CA ILE A 58 -3.32 11.53 -16.32
C ILE A 58 -1.91 12.08 -16.47
N MET A 59 -0.92 11.28 -16.10
CA MET A 59 0.48 11.68 -16.20
C MET A 59 1.06 11.33 -17.56
N PRO A 60 2.16 11.99 -17.92
CA PRO A 60 2.84 11.76 -19.21
C PRO A 60 3.51 10.40 -19.28
N SER A 61 3.96 10.02 -20.46
CA SER A 61 4.63 8.73 -20.66
C SER A 61 5.29 8.67 -22.03
N THR A 62 6.45 9.31 -22.16
CA THR A 62 7.18 9.33 -23.41
C THR A 62 8.55 8.69 -23.26
N SER A 63 9.45 9.40 -22.57
CA SER A 63 10.80 8.90 -22.35
C SER A 63 11.57 9.82 -21.40
N ASP A 64 11.68 11.08 -21.76
CA ASP A 64 12.39 12.05 -20.93
C ASP A 64 11.40 12.95 -20.18
N SER A 65 10.31 12.34 -19.72
CA SER A 65 9.28 13.08 -18.98
C SER A 65 9.75 13.38 -17.56
N SER A 66 8.92 14.12 -16.82
CA SER A 66 9.25 14.49 -15.44
C SER A 66 8.23 13.91 -14.47
N PRO A 67 8.23 12.58 -14.33
CA PRO A 67 7.30 11.88 -13.43
C PRO A 67 7.62 12.14 -11.96
N SER A 68 6.83 13.02 -11.34
CA SER A 68 7.03 13.37 -9.94
C SER A 68 6.38 12.33 -9.03
N ILE A 69 5.05 12.35 -8.98
CA ILE A 69 4.31 11.42 -8.15
C ILE A 69 4.29 10.02 -8.77
N ALA A 70 4.42 9.97 -10.09
CA ALA A 70 4.43 8.70 -10.80
C ALA A 70 5.60 7.83 -10.37
N GLN A 71 6.77 8.44 -10.27
CA GLN A 71 7.97 7.71 -9.86
C GLN A 71 7.80 7.10 -8.48
N TYR A 72 7.18 7.86 -7.58
CA TYR A 72 6.95 7.40 -6.21
C TYR A 72 5.89 6.31 -6.18
N PHE A 73 4.84 6.49 -6.97
CA PHE A 73 3.74 5.53 -7.03
C PHE A 73 4.25 4.17 -7.50
N ALA A 74 5.21 4.17 -8.42
CA ALA A 74 5.78 2.94 -8.95
C ALA A 74 6.54 2.18 -7.85
N SER A 75 7.53 2.85 -7.26
CA SER A 75 8.34 2.25 -6.21
C SER A 75 7.45 1.68 -5.10
N THR A 76 6.28 2.30 -4.92
CA THR A 76 5.34 1.87 -3.89
C THR A 76 4.80 0.47 -4.19
N MET A 77 4.24 0.30 -5.38
CA MET A 77 3.70 -0.98 -5.79
C MET A 77 4.71 -2.10 -5.60
N ILE A 78 5.99 -1.76 -5.71
CA ILE A 78 7.06 -2.74 -5.54
C ILE A 78 7.07 -3.31 -4.13
N ILE A 79 7.22 -2.43 -3.15
CA ILE A 79 7.24 -2.85 -1.75
C ILE A 79 5.90 -3.43 -1.33
N VAL A 80 4.83 -2.96 -1.97
CA VAL A 80 3.48 -3.44 -1.67
C VAL A 80 3.28 -4.86 -2.18
N GLY A 81 3.84 -5.14 -3.35
CA GLY A 81 3.70 -6.46 -3.95
C GLY A 81 4.43 -7.53 -3.15
N LEU A 82 5.74 -7.38 -3.02
CA LEU A 82 6.56 -8.35 -2.28
C LEU A 82 6.03 -8.50 -0.86
N SER A 83 5.36 -7.47 -0.35
CA SER A 83 4.82 -7.50 1.00
C SER A 83 3.80 -8.62 1.16
N VAL A 84 2.78 -8.60 0.29
CA VAL A 84 1.73 -9.61 0.33
C VAL A 84 2.31 -11.00 0.11
N VAL A 85 3.45 -11.07 -0.56
CA VAL A 85 4.10 -12.34 -0.84
C VAL A 85 4.68 -12.95 0.44
N VAL A 86 5.16 -12.10 1.33
CA VAL A 86 5.74 -12.55 2.59
C VAL A 86 4.66 -13.01 3.56
N THR A 87 3.44 -12.46 3.37
CA THR A 87 2.32 -12.80 4.23
C THR A 87 1.70 -14.14 3.82
N VAL A 88 1.39 -14.26 2.53
CA VAL A 88 0.79 -15.48 2.00
C VAL A 88 1.61 -16.70 2.39
N ILE A 89 2.94 -16.57 2.32
CA ILE A 89 3.83 -17.66 2.66
C ILE A 89 3.77 -17.98 4.15
N VAL A 90 4.11 -16.99 4.98
CA VAL A 90 4.09 -17.17 6.42
C VAL A 90 2.73 -17.65 6.91
N LEU A 91 1.69 -17.33 6.13
CA LEU A 91 0.32 -17.73 6.47
C LEU A 91 0.09 -19.19 6.14
N GLN A 92 0.68 -19.65 5.04
CA GLN A 92 0.52 -21.03 4.61
C GLN A 92 1.05 -21.99 5.67
N TYR A 93 2.20 -21.66 6.24
CA TYR A 93 2.81 -22.50 7.27
C TYR A 93 2.07 -22.35 8.60
N HIS A 94 1.47 -21.19 8.81
CA HIS A 94 0.73 -20.93 10.04
C HIS A 94 1.63 -21.07 11.26
N HIS A 95 2.24 -19.96 11.66
CA HIS A 95 3.14 -19.97 12.82
C HIS A 95 4.33 -20.91 12.58
N HIS A 96 5.28 -20.88 13.51
CA HIS A 96 6.46 -21.72 13.41
C HIS A 96 6.55 -22.69 14.60
N ASP A 97 5.39 -23.12 15.09
CA ASP A 97 5.33 -24.03 16.22
C ASP A 97 4.88 -25.43 15.76
N PRO A 98 5.17 -26.44 16.60
CA PRO A 98 4.81 -27.83 16.30
C PRO A 98 3.30 -28.06 16.38
N ASP A 99 2.63 -27.27 17.21
CA ASP A 99 1.18 -27.39 17.37
C ASP A 99 0.51 -26.03 17.24
N GLY A 100 -0.81 -26.05 17.04
CA GLY A 100 -1.55 -24.82 16.90
C GLY A 100 -1.77 -24.11 18.22
N GLY A 101 -1.54 -22.80 18.23
CA GLY A 101 -1.71 -22.03 19.46
C GLY A 101 -3.13 -21.55 19.64
N GLU A 102 -3.29 -20.26 19.91
CA GLU A 102 -4.61 -19.68 20.12
C GLU A 102 -5.05 -18.86 18.89
N GLY A 103 -4.22 -17.89 18.52
CA GLY A 103 -4.54 -17.05 17.37
C GLY A 103 -3.30 -16.69 16.57
N GLY A 104 -3.03 -15.39 16.48
CA GLY A 104 -1.87 -14.93 15.72
C GLY A 104 -1.19 -13.74 16.38
N GLY A 105 -0.04 -13.97 16.98
CA GLY A 105 0.70 -12.90 17.63
C GLY A 105 2.17 -12.94 17.33
N GLU A 106 2.54 -12.59 16.12
CA GLU A 106 3.95 -12.59 15.70
C GLU A 106 4.46 -11.16 15.53
N GLY A 107 5.77 -11.00 15.64
CA GLY A 107 6.37 -9.69 15.49
C GLY A 107 6.42 -9.23 14.05
N ILE A 108 6.50 -10.18 13.13
CA ILE A 108 6.56 -9.86 11.71
C ILE A 108 5.35 -9.04 11.27
N ASP A 109 4.18 -9.42 11.76
CA ASP A 109 2.94 -8.71 11.43
C ASP A 109 2.94 -7.31 12.03
N ARG A 110 3.45 -7.19 13.25
CA ARG A 110 3.51 -5.91 13.93
C ARG A 110 4.47 -4.97 13.23
N LEU A 111 5.65 -5.48 12.90
CA LEU A 111 6.67 -4.68 12.22
C LEU A 111 6.12 -4.08 10.94
N CYS A 112 5.52 -4.92 10.10
CA CYS A 112 4.96 -4.46 8.83
C CYS A 112 3.89 -3.40 9.06
N LEU A 113 3.20 -3.50 10.20
CA LEU A 113 2.16 -2.55 10.54
C LEU A 113 2.70 -1.12 10.61
N MET A 114 3.66 -0.91 11.51
CA MET A 114 4.27 0.40 11.67
C MET A 114 5.03 0.81 10.41
N ALA A 115 5.70 -0.16 9.79
CA ALA A 115 6.46 0.10 8.58
C ALA A 115 5.59 0.76 7.51
N PHE A 116 4.44 0.16 7.24
CA PHE A 116 3.52 0.68 6.24
C PHE A 116 2.91 2.00 6.70
N SER A 117 2.76 2.15 8.01
CA SER A 117 2.18 3.37 8.59
C SER A 117 3.06 4.57 8.25
N VAL A 118 4.31 4.54 8.70
CA VAL A 118 5.25 5.62 8.45
C VAL A 118 5.53 5.77 6.97
N PHE A 119 5.49 4.66 6.24
CA PHE A 119 5.75 4.68 4.80
C PHE A 119 4.80 5.63 4.08
N THR A 120 3.56 5.68 4.55
CA THR A 120 2.55 6.56 3.96
C THR A 120 2.78 8.01 4.35
N ILE A 121 3.16 8.22 5.61
CA ILE A 121 3.42 9.57 6.11
C ILE A 121 4.61 10.20 5.40
N ILE A 122 5.68 9.44 5.27
CA ILE A 122 6.89 9.92 4.62
C ILE A 122 6.70 10.04 3.12
N CYS A 123 5.77 9.24 2.59
CA CYS A 123 5.48 9.26 1.16
C CYS A 123 4.83 10.58 0.75
N THR A 124 3.68 10.88 1.34
CA THR A 124 2.97 12.11 1.03
C THR A 124 3.87 13.33 1.16
N ILE A 125 4.72 13.33 2.20
CA ILE A 125 5.63 14.43 2.44
C ILE A 125 6.81 14.37 1.47
N GLY A 126 7.14 13.17 1.02
CA GLY A 126 8.25 13.00 0.09
C GLY A 126 8.04 13.75 -1.20
N ILE A 127 6.83 13.66 -1.75
CA ILE A 127 6.50 14.34 -2.99
C ILE A 127 6.18 15.81 -2.75
N LEU A 128 5.72 16.12 -1.55
CA LEU A 128 5.38 17.50 -1.20
C LEU A 128 6.56 18.43 -1.40
N MET A 129 7.72 18.03 -0.87
CA MET A 129 8.93 18.83 -1.01
C MET A 129 9.34 18.95 -2.47
N SER A 130 8.96 17.97 -3.27
CA SER A 130 9.30 17.96 -4.70
C SER A 130 8.78 19.22 -5.38
N ALA A 131 7.70 19.78 -4.83
CA ALA A 131 7.11 20.99 -5.39
C ALA A 131 6.77 20.82 -6.86
N PRO A 132 5.78 19.96 -7.14
CA PRO A 132 5.33 19.67 -8.51
C PRO A 132 4.62 20.87 -9.15
N ASN A 133 4.14 21.78 -8.31
CA ASN A 133 3.42 22.95 -8.79
C ASN A 133 4.38 23.91 -9.50
N PHE A 134 4.03 24.29 -10.72
CA PHE A 134 4.85 25.19 -11.51
C PHE A 134 4.09 26.47 -11.85
N VAL A 135 3.14 26.83 -10.99
CA VAL A 135 2.34 28.04 -11.20
C VAL A 135 1.56 27.95 -12.50
N GLU A 136 0.33 27.47 -12.43
CA GLU A 136 -0.52 27.34 -13.60
C GLU A 136 -1.50 28.51 -13.70
N GLU A 137 -1.63 29.08 -14.90
CA GLU A 137 -2.53 30.19 -15.11
C GLU A 137 -3.79 29.75 -15.87
N GLU A 4 -3.05 22.33 -9.59
CA GLU A 4 -4.18 22.39 -8.68
C GLU A 4 -4.96 21.07 -8.68
N GLU A 5 -5.33 20.61 -9.86
CA GLU A 5 -6.07 19.36 -10.00
C GLU A 5 -5.26 18.19 -9.46
N GLU A 6 -3.96 18.21 -9.71
CA GLU A 6 -3.07 17.15 -9.24
C GLU A 6 -3.20 16.95 -7.73
N LEU A 7 -3.41 18.05 -7.01
CA LEU A 7 -3.55 18.01 -5.56
C LEU A 7 -4.86 17.33 -5.16
N TYR A 8 -5.98 17.91 -5.59
CA TYR A 8 -7.29 17.37 -5.28
C TYR A 8 -7.41 15.93 -5.77
N TYR A 9 -6.68 15.60 -6.82
CA TYR A 9 -6.70 14.25 -7.38
C TYR A 9 -5.99 13.26 -6.46
N GLY A 10 -4.74 13.57 -6.13
CA GLY A 10 -3.97 12.70 -5.27
C GLY A 10 -4.67 12.42 -3.95
N LEU A 11 -5.35 13.43 -3.42
CA LEU A 11 -6.06 13.29 -2.15
C LEU A 11 -7.14 12.22 -2.26
N ASN A 12 -8.00 12.35 -3.28
CA ASN A 12 -9.08 11.40 -3.48
C ASN A 12 -8.52 9.98 -3.62
N LEU A 13 -7.28 9.87 -4.05
CA LEU A 13 -6.63 8.57 -4.22
C LEU A 13 -6.09 8.05 -2.89
N LEU A 14 -5.84 8.97 -1.96
CA LEU A 14 -5.32 8.61 -0.65
C LEU A 14 -6.43 8.08 0.25
N ILE A 15 -7.65 8.57 0.02
CA ILE A 15 -8.80 8.16 0.81
C ILE A 15 -8.91 6.63 0.86
N PRO A 16 -9.00 6.01 -0.32
CA PRO A 16 -9.11 4.55 -0.45
C PRO A 16 -7.82 3.84 -0.06
N CYS A 17 -6.69 4.39 -0.49
CA CYS A 17 -5.39 3.81 -0.20
C CYS A 17 -5.24 3.56 1.31
N VAL A 18 -5.36 4.61 2.10
CA VAL A 18 -5.24 4.51 3.54
C VAL A 18 -6.41 3.74 4.15
N LEU A 19 -7.57 3.88 3.52
CA LEU A 19 -8.77 3.19 3.99
C LEU A 19 -8.56 1.68 4.02
N ILE A 20 -8.04 1.14 2.93
CA ILE A 20 -7.78 -0.29 2.83
C ILE A 20 -6.65 -0.72 3.77
N SER A 21 -5.63 0.13 3.88
CA SER A 21 -4.49 -0.16 4.74
C SER A 21 -4.95 -0.47 6.16
N ALA A 22 -5.87 0.33 6.67
CA ALA A 22 -6.39 0.15 8.02
C ALA A 22 -7.08 -1.21 8.16
N LEU A 23 -8.05 -1.46 7.28
CA LEU A 23 -8.79 -2.72 7.30
C LEU A 23 -7.84 -3.91 7.18
N ALA A 24 -6.76 -3.72 6.42
CA ALA A 24 -5.77 -4.78 6.24
C ALA A 24 -4.94 -4.99 7.49
N LEU A 25 -4.56 -3.89 8.14
CA LEU A 25 -3.77 -3.96 9.36
C LEU A 25 -4.42 -4.87 10.39
N LEU A 26 -5.74 -4.76 10.53
CA LEU A 26 -6.48 -5.58 11.48
C LEU A 26 -6.20 -7.06 11.25
N VAL A 27 -6.07 -7.45 9.99
CA VAL A 27 -5.80 -8.84 9.64
C VAL A 27 -4.33 -9.19 9.86
N PHE A 28 -3.46 -8.22 9.60
CA PHE A 28 -2.02 -8.42 9.76
C PHE A 28 -1.70 -8.88 11.18
N LEU A 29 -2.27 -8.18 12.16
CA LEU A 29 -2.03 -8.53 13.56
C LEU A 29 -2.76 -9.82 13.93
N LEU A 30 -3.84 -10.10 13.23
CA LEU A 30 -4.63 -11.31 13.48
C LEU A 30 -4.75 -12.16 12.22
N PRO A 31 -3.63 -12.79 11.81
CA PRO A 31 -3.58 -13.64 10.62
C PRO A 31 -4.37 -14.93 10.80
N ALA A 32 -5.56 -14.98 10.22
CA ALA A 32 -6.41 -16.17 10.33
C ALA A 32 -6.40 -16.96 9.02
N ASP A 33 -6.82 -18.22 9.09
CA ASP A 33 -6.86 -19.08 7.91
C ASP A 33 -8.29 -19.52 7.62
N SER A 34 -9.21 -18.57 7.68
CA SER A 34 -10.63 -18.85 7.40
C SER A 34 -10.98 -18.54 5.96
N GLY A 35 -10.30 -17.55 5.39
CA GLY A 35 -10.56 -17.16 4.02
C GLY A 35 -10.34 -15.68 3.78
N GLU A 36 -10.40 -14.89 4.86
CA GLU A 36 -10.23 -13.46 4.76
C GLU A 36 -8.83 -13.11 4.23
N LYS A 37 -7.85 -13.95 4.57
CA LYS A 37 -6.48 -13.74 4.13
C LYS A 37 -6.40 -13.74 2.61
N ILE A 38 -6.79 -14.85 2.00
CA ILE A 38 -6.76 -14.98 0.55
C ILE A 38 -7.76 -14.05 -0.11
N SER A 39 -8.86 -13.78 0.59
CA SER A 39 -9.91 -12.91 0.07
C SER A 39 -9.38 -11.48 -0.10
N LEU A 40 -8.94 -10.89 1.00
CA LEU A 40 -8.41 -9.53 0.97
C LEU A 40 -7.06 -9.48 0.26
N GLY A 41 -6.35 -10.59 0.29
CA GLY A 41 -5.05 -10.67 -0.36
C GLY A 41 -5.10 -10.24 -1.82
N ILE A 42 -5.91 -10.94 -2.60
CA ILE A 42 -6.06 -10.63 -4.02
C ILE A 42 -6.78 -9.30 -4.22
N THR A 43 -7.64 -8.95 -3.27
CA THR A 43 -8.39 -7.70 -3.35
C THR A 43 -7.46 -6.51 -3.55
N VAL A 44 -6.53 -6.33 -2.62
CA VAL A 44 -5.58 -5.23 -2.70
C VAL A 44 -4.65 -5.38 -3.90
N LEU A 45 -4.32 -6.63 -4.23
CA LEU A 45 -3.45 -6.92 -5.36
C LEU A 45 -4.06 -6.43 -6.66
N LEU A 46 -5.33 -6.73 -6.86
CA LEU A 46 -6.03 -6.33 -8.07
C LEU A 46 -6.36 -4.83 -8.04
N SER A 47 -6.55 -4.31 -6.83
CA SER A 47 -6.86 -2.89 -6.65
C SER A 47 -5.65 -2.02 -6.96
N LEU A 48 -4.47 -2.59 -6.78
CA LEU A 48 -3.23 -1.86 -7.03
C LEU A 48 -2.96 -1.76 -8.53
N THR A 49 -2.95 -2.90 -9.21
CA THR A 49 -2.70 -2.95 -10.64
C THR A 49 -3.64 -2.00 -11.38
N VAL A 50 -4.88 -1.90 -10.91
CA VAL A 50 -5.87 -1.03 -11.53
C VAL A 50 -5.60 0.43 -11.19
N PHE A 51 -5.13 0.68 -9.98
CA PHE A 51 -4.83 2.03 -9.52
C PHE A 51 -3.60 2.58 -10.24
N MET A 52 -2.65 1.71 -10.53
CA MET A 52 -1.43 2.11 -11.21
C MET A 52 -1.73 2.62 -12.62
N LEU A 53 -2.44 1.81 -13.39
CA LEU A 53 -2.80 2.18 -14.76
C LEU A 53 -3.47 3.55 -14.80
N LEU A 54 -4.39 3.77 -13.87
CA LEU A 54 -5.10 5.04 -13.80
C LEU A 54 -4.12 6.20 -13.67
N VAL A 55 -3.26 6.13 -12.66
CA VAL A 55 -2.27 7.18 -12.42
C VAL A 55 -1.29 7.28 -13.58
N ALA A 56 -1.08 6.16 -14.28
CA ALA A 56 -0.17 6.13 -15.41
C ALA A 56 -0.79 6.81 -16.63
N GLU A 57 -2.11 6.79 -16.70
CA GLU A 57 -2.82 7.41 -17.82
C GLU A 57 -2.72 8.93 -17.75
N ILE A 58 -2.88 9.48 -16.56
CA ILE A 58 -2.81 10.93 -16.37
C ILE A 58 -1.38 11.41 -16.47
N MET A 59 -0.42 10.53 -16.17
CA MET A 59 0.99 10.88 -16.22
C MET A 59 1.72 10.03 -17.26
N PRO A 60 1.42 10.28 -18.54
CA PRO A 60 2.04 9.57 -19.66
C PRO A 60 3.52 9.90 -19.83
N SER A 61 4.20 9.14 -20.67
CA SER A 61 5.62 9.35 -20.92
C SER A 61 5.92 9.36 -22.41
N THR A 62 5.81 10.54 -23.02
CA THR A 62 6.07 10.68 -24.45
C THR A 62 6.82 11.97 -24.75
N SER A 63 6.23 13.10 -24.40
CA SER A 63 6.85 14.40 -24.63
C SER A 63 7.95 14.66 -23.61
N ASP A 64 7.75 14.18 -22.39
CA ASP A 64 8.72 14.36 -21.33
C ASP A 64 9.27 13.01 -20.85
N SER A 65 10.31 13.06 -20.04
CA SER A 65 10.94 11.85 -19.52
C SER A 65 11.44 12.05 -18.09
N SER A 66 10.71 12.88 -17.33
CA SER A 66 11.08 13.15 -15.95
C SER A 66 9.93 12.84 -15.01
N PRO A 67 9.67 11.54 -14.81
CA PRO A 67 8.59 11.07 -13.93
C PRO A 67 8.89 11.35 -12.46
N SER A 68 7.91 11.90 -11.75
CA SER A 68 8.07 12.21 -10.34
C SER A 68 7.22 11.28 -9.48
N ILE A 69 5.90 11.47 -9.53
CA ILE A 69 4.99 10.64 -8.76
C ILE A 69 5.03 9.19 -9.21
N ALA A 70 5.36 8.98 -10.48
CA ALA A 70 5.45 7.64 -11.04
C ALA A 70 6.58 6.84 -10.39
N GLN A 71 7.70 7.51 -10.14
CA GLN A 71 8.86 6.87 -9.51
C GLN A 71 8.51 6.35 -8.13
N TYR A 72 7.69 7.12 -7.40
CA TYR A 72 7.29 6.74 -6.06
C TYR A 72 6.25 5.62 -6.09
N PHE A 73 5.28 5.76 -6.98
CA PHE A 73 4.21 4.77 -7.12
C PHE A 73 4.80 3.40 -7.49
N ALA A 74 5.68 3.39 -8.49
CA ALA A 74 6.31 2.15 -8.93
C ALA A 74 7.05 1.47 -7.79
N SER A 75 7.89 2.24 -7.10
CA SER A 75 8.66 1.70 -5.97
C SER A 75 7.75 0.99 -4.97
N THR A 76 6.52 1.47 -4.86
CA THR A 76 5.56 0.88 -3.94
C THR A 76 5.22 -0.54 -4.34
N MET A 77 4.82 -0.73 -5.59
CA MET A 77 4.48 -2.05 -6.10
C MET A 77 5.58 -3.06 -5.82
N ILE A 78 6.82 -2.57 -5.77
CA ILE A 78 7.97 -3.43 -5.50
C ILE A 78 7.89 -4.03 -4.10
N ILE A 79 7.80 -3.18 -3.09
CA ILE A 79 7.71 -3.62 -1.71
C ILE A 79 6.40 -4.35 -1.45
N VAL A 80 5.36 -3.96 -2.19
CA VAL A 80 4.04 -4.58 -2.04
C VAL A 80 4.03 -5.99 -2.62
N GLY A 81 4.69 -6.16 -3.76
CA GLY A 81 4.74 -7.45 -4.41
C GLY A 81 5.32 -8.52 -3.50
N LEU A 82 6.57 -8.34 -3.09
CA LEU A 82 7.24 -9.30 -2.22
C LEU A 82 6.51 -9.43 -0.89
N SER A 83 5.76 -8.39 -0.52
CA SER A 83 5.01 -8.39 0.73
C SER A 83 4.09 -9.61 0.81
N VAL A 84 3.27 -9.79 -0.24
CA VAL A 84 2.35 -10.90 -0.29
C VAL A 84 3.08 -12.22 -0.52
N VAL A 85 4.25 -12.13 -1.14
CA VAL A 85 5.06 -13.32 -1.42
C VAL A 85 5.65 -13.91 -0.14
N VAL A 86 6.09 -13.03 0.76
CA VAL A 86 6.69 -13.46 2.02
C VAL A 86 5.61 -13.91 2.99
N THR A 87 4.38 -13.44 2.77
CA THR A 87 3.27 -13.80 3.64
C THR A 87 2.73 -15.18 3.30
N VAL A 88 2.49 -15.41 2.01
CA VAL A 88 1.97 -16.70 1.55
C VAL A 88 2.90 -17.85 1.95
N ILE A 89 4.20 -17.59 1.87
CA ILE A 89 5.19 -18.60 2.23
C ILE A 89 5.22 -18.83 3.74
N VAL A 90 5.52 -17.78 4.48
CA VAL A 90 5.57 -17.87 5.94
C VAL A 90 4.25 -18.36 6.52
N LEU A 91 3.17 -18.17 5.76
CA LEU A 91 1.85 -18.59 6.19
C LEU A 91 1.78 -20.11 6.32
N GLN A 92 2.02 -20.81 5.21
CA GLN A 92 1.98 -22.27 5.21
C GLN A 92 2.88 -22.84 6.31
N TYR A 93 3.97 -22.13 6.60
CA TYR A 93 4.91 -22.57 7.63
C TYR A 93 4.30 -22.41 9.02
N HIS A 94 3.53 -21.35 9.21
CA HIS A 94 2.88 -21.09 10.50
C HIS A 94 1.37 -21.09 10.35
N HIS A 95 0.75 -22.19 10.76
CA HIS A 95 -0.70 -22.33 10.69
C HIS A 95 -1.38 -21.62 11.85
N HIS A 96 -1.10 -22.09 13.06
CA HIS A 96 -1.69 -21.50 14.26
C HIS A 96 -0.69 -21.53 15.43
N ASP A 97 -0.38 -20.35 15.96
CA ASP A 97 0.56 -20.25 17.07
C ASP A 97 0.33 -18.97 17.85
N PRO A 98 -0.79 -18.91 18.59
CA PRO A 98 -1.15 -17.74 19.40
C PRO A 98 -0.23 -17.57 20.60
N ASP A 99 0.09 -16.31 20.92
CA ASP A 99 0.96 -16.01 22.05
C ASP A 99 0.32 -16.43 23.36
N GLY A 100 -0.97 -16.10 23.52
CA GLY A 100 -1.67 -16.45 24.74
C GLY A 100 -2.90 -15.57 24.97
N GLY A 101 -4.08 -16.18 24.93
CA GLY A 101 -5.30 -15.44 25.15
C GLY A 101 -5.81 -14.80 23.87
N GLU A 102 -6.00 -13.48 23.91
CA GLU A 102 -6.49 -12.76 22.74
C GLU A 102 -5.34 -12.10 21.99
N GLY A 103 -5.20 -12.45 20.71
CA GLY A 103 -4.14 -11.89 19.90
C GLY A 103 -3.01 -12.87 19.65
N GLY A 104 -2.57 -12.96 18.40
CA GLY A 104 -1.50 -13.88 18.05
C GLY A 104 -0.90 -13.59 16.69
N GLY A 105 -0.09 -12.54 16.62
CA GLY A 105 0.54 -12.17 15.36
C GLY A 105 2.03 -12.41 15.37
N GLU A 106 2.66 -12.21 14.21
CA GLU A 106 4.10 -12.42 14.08
C GLU A 106 4.84 -11.08 14.02
N GLY A 107 6.16 -11.15 14.12
CA GLY A 107 6.97 -9.93 14.07
C GLY A 107 7.20 -9.45 12.65
N ILE A 108 7.35 -10.39 11.72
CA ILE A 108 7.58 -10.05 10.32
C ILE A 108 6.46 -9.17 9.77
N ASP A 109 5.23 -9.68 9.84
CA ASP A 109 4.07 -8.94 9.35
C ASP A 109 4.03 -7.54 9.96
N ARG A 110 4.22 -7.47 11.28
CA ARG A 110 4.20 -6.19 11.99
C ARG A 110 5.24 -5.24 11.40
N LEU A 111 6.45 -5.75 11.20
CA LEU A 111 7.54 -4.94 10.66
C LEU A 111 7.18 -4.40 9.28
N CYS A 112 6.88 -5.30 8.36
CA CYS A 112 6.52 -4.92 7.00
C CYS A 112 5.40 -3.88 7.01
N LEU A 113 4.53 -3.97 8.00
CA LEU A 113 3.41 -3.03 8.13
C LEU A 113 3.89 -1.66 8.56
N MET A 114 4.54 -1.60 9.72
CA MET A 114 5.06 -0.35 10.25
C MET A 114 5.98 0.33 9.23
N ALA A 115 6.65 -0.47 8.41
CA ALA A 115 7.55 0.06 7.39
C ALA A 115 6.77 0.70 6.25
N PHE A 116 5.74 0.01 5.78
CA PHE A 116 4.92 0.51 4.68
C PHE A 116 4.09 1.71 5.14
N SER A 117 3.66 1.69 6.39
CA SER A 117 2.85 2.76 6.95
C SER A 117 3.57 4.11 6.80
N VAL A 118 4.73 4.22 7.44
CA VAL A 118 5.51 5.45 7.37
C VAL A 118 5.91 5.78 5.94
N PHE A 119 6.08 4.74 5.13
CA PHE A 119 6.47 4.92 3.74
C PHE A 119 5.45 5.77 2.99
N THR A 120 4.17 5.54 3.29
CA THR A 120 3.10 6.29 2.64
C THR A 120 3.00 7.70 3.20
N ILE A 121 3.41 7.86 4.46
CA ILE A 121 3.37 9.17 5.11
C ILE A 121 4.51 10.06 4.63
N ILE A 122 5.70 9.49 4.56
CA ILE A 122 6.88 10.24 4.11
C ILE A 122 6.82 10.50 2.61
N CYS A 123 6.11 9.64 1.89
CA CYS A 123 5.97 9.77 0.45
C CYS A 123 5.15 11.00 0.08
N THR A 124 3.90 11.02 0.56
CA THR A 124 3.01 12.14 0.29
C THR A 124 3.66 13.47 0.65
N ILE A 125 4.36 13.49 1.78
CA ILE A 125 5.04 14.69 2.23
C ILE A 125 6.31 14.95 1.43
N GLY A 126 6.91 13.89 0.91
CA GLY A 126 8.11 14.03 0.13
C GLY A 126 7.88 14.72 -1.20
N ILE A 127 6.89 14.24 -1.95
CA ILE A 127 6.57 14.83 -3.25
C ILE A 127 5.94 16.21 -3.08
N LEU A 128 5.33 16.44 -1.92
CA LEU A 128 4.70 17.72 -1.64
C LEU A 128 5.74 18.83 -1.52
N MET A 129 6.88 18.50 -0.94
CA MET A 129 7.97 19.46 -0.77
C MET A 129 8.71 19.68 -2.08
N SER A 130 8.73 18.67 -2.93
CA SER A 130 9.41 18.75 -4.21
C SER A 130 8.59 19.56 -5.22
N ALA A 131 7.28 19.54 -5.04
CA ALA A 131 6.38 20.28 -5.92
C ALA A 131 5.18 20.83 -5.15
N PRO A 132 5.44 21.84 -4.30
CA PRO A 132 4.38 22.47 -3.49
C PRO A 132 3.42 23.30 -4.34
N ASN A 133 2.34 23.76 -3.72
CA ASN A 133 1.34 24.56 -4.41
C ASN A 133 1.50 26.05 -4.08
N PHE A 134 1.30 26.89 -5.07
CA PHE A 134 1.41 28.34 -4.89
C PHE A 134 0.05 29.01 -5.00
N VAL A 135 -0.97 28.37 -4.42
CA VAL A 135 -2.31 28.91 -4.45
C VAL A 135 -3.01 28.73 -3.10
N GLU A 136 -3.31 29.84 -2.44
CA GLU A 136 -3.98 29.80 -1.14
C GLU A 136 -5.42 29.36 -1.28
N GLU A 137 -6.10 29.16 -0.15
CA GLU A 137 -7.49 28.74 -0.16
C GLU A 137 -8.43 29.93 -0.23
N GLU A 4 -5.68 23.30 -8.72
CA GLU A 4 -6.59 23.00 -7.63
C GLU A 4 -7.24 21.62 -7.82
N GLU A 5 -7.43 21.24 -9.08
CA GLU A 5 -8.03 19.94 -9.39
C GLU A 5 -7.18 18.80 -8.85
N GLU A 6 -5.87 18.93 -8.97
CA GLU A 6 -4.96 17.90 -8.49
C GLU A 6 -5.05 17.76 -6.98
N LEU A 7 -5.40 18.85 -6.31
CA LEU A 7 -5.52 18.85 -4.85
C LEU A 7 -6.70 18.00 -4.41
N TYR A 8 -7.84 18.21 -5.03
CA TYR A 8 -9.05 17.45 -4.71
C TYR A 8 -8.94 16.01 -5.18
N TYR A 9 -8.25 15.82 -6.30
CA TYR A 9 -8.07 14.48 -6.86
C TYR A 9 -7.22 13.61 -5.94
N GLY A 10 -6.00 14.05 -5.68
CA GLY A 10 -5.11 13.30 -4.81
C GLY A 10 -5.76 12.95 -3.48
N LEU A 11 -6.51 13.89 -2.93
CA LEU A 11 -7.18 13.68 -1.64
C LEU A 11 -8.15 12.50 -1.73
N ASN A 12 -9.03 12.54 -2.72
CA ASN A 12 -10.01 11.48 -2.91
C ASN A 12 -9.33 10.12 -3.05
N LEU A 13 -8.08 10.15 -3.50
CA LEU A 13 -7.31 8.92 -3.69
C LEU A 13 -6.69 8.47 -2.38
N LEU A 14 -6.52 9.41 -1.45
CA LEU A 14 -5.93 9.10 -0.15
C LEU A 14 -6.97 8.48 0.78
N ILE A 15 -8.23 8.84 0.58
CA ILE A 15 -9.32 8.31 1.40
C ILE A 15 -9.27 6.78 1.45
N PRO A 16 -9.32 6.15 0.26
CA PRO A 16 -9.28 4.68 0.15
C PRO A 16 -7.92 4.11 0.51
N CYS A 17 -6.87 4.78 0.05
CA CYS A 17 -5.50 4.33 0.32
C CYS A 17 -5.30 4.09 1.82
N VAL A 18 -5.51 5.14 2.61
CA VAL A 18 -5.34 5.06 4.06
C VAL A 18 -6.43 4.18 4.67
N LEU A 19 -7.62 4.19 4.07
CA LEU A 19 -8.74 3.40 4.57
C LEU A 19 -8.39 1.91 4.58
N ILE A 20 -7.92 1.41 3.45
CA ILE A 20 -7.55 0.00 3.32
C ILE A 20 -6.40 -0.34 4.27
N SER A 21 -5.39 0.52 4.29
CA SER A 21 -4.21 0.30 5.14
C SER A 21 -4.64 0.08 6.59
N ALA A 22 -5.64 0.84 7.03
CA ALA A 22 -6.15 0.73 8.40
C ALA A 22 -6.81 -0.63 8.62
N LEU A 23 -7.78 -0.95 7.77
CA LEU A 23 -8.50 -2.22 7.89
C LEU A 23 -7.53 -3.40 7.84
N ALA A 24 -6.44 -3.24 7.09
CA ALA A 24 -5.44 -4.29 6.97
C ALA A 24 -4.61 -4.40 8.24
N LEU A 25 -4.24 -3.25 8.81
CA LEU A 25 -3.43 -3.23 10.02
C LEU A 25 -4.08 -4.07 11.12
N LEU A 26 -5.38 -3.89 11.30
CA LEU A 26 -6.12 -4.64 12.32
C LEU A 26 -5.88 -6.13 12.18
N VAL A 27 -5.95 -6.63 10.95
CA VAL A 27 -5.73 -8.05 10.68
C VAL A 27 -4.26 -8.41 10.80
N PHE A 28 -3.39 -7.48 10.41
CA PHE A 28 -1.96 -7.70 10.48
C PHE A 28 -1.54 -8.16 11.88
N LEU A 29 -2.15 -7.57 12.90
CA LEU A 29 -1.85 -7.91 14.28
C LEU A 29 -2.39 -9.31 14.63
N LEU A 30 -3.46 -9.70 13.96
CA LEU A 30 -4.06 -11.01 14.19
C LEU A 30 -4.12 -11.82 12.91
N PRO A 31 -2.94 -12.30 12.46
CA PRO A 31 -2.83 -13.10 11.24
C PRO A 31 -3.44 -14.48 11.39
N ALA A 32 -4.70 -14.61 10.98
CA ALA A 32 -5.40 -15.89 11.07
C ALA A 32 -5.23 -16.70 9.79
N ASP A 33 -5.64 -17.97 9.85
CA ASP A 33 -5.53 -18.86 8.69
C ASP A 33 -6.90 -19.42 8.32
N SER A 34 -7.94 -18.64 8.56
CA SER A 34 -9.30 -19.08 8.25
C SER A 34 -9.73 -18.57 6.87
N GLY A 35 -9.19 -17.43 6.47
CA GLY A 35 -9.52 -16.85 5.17
C GLY A 35 -9.44 -15.35 5.17
N GLU A 36 -9.53 -14.74 6.35
CA GLU A 36 -9.47 -13.30 6.47
C GLU A 36 -8.14 -12.76 5.96
N LYS A 37 -7.06 -13.50 6.20
CA LYS A 37 -5.74 -13.11 5.77
C LYS A 37 -5.69 -12.98 4.25
N ILE A 38 -5.99 -14.07 3.55
CA ILE A 38 -5.99 -14.08 2.10
C ILE A 38 -7.00 -13.09 1.54
N SER A 39 -8.09 -12.88 2.27
CA SER A 39 -9.14 -11.97 1.84
C SER A 39 -8.56 -10.60 1.50
N LEU A 40 -7.92 -9.97 2.48
CA LEU A 40 -7.32 -8.66 2.29
C LEU A 40 -6.17 -8.73 1.29
N GLY A 41 -5.58 -9.92 1.16
CA GLY A 41 -4.47 -10.10 0.24
C GLY A 41 -4.78 -9.59 -1.15
N ILE A 42 -5.87 -10.08 -1.73
CA ILE A 42 -6.27 -9.66 -3.07
C ILE A 42 -6.95 -8.29 -3.03
N THR A 43 -7.49 -7.93 -1.88
CA THR A 43 -8.17 -6.66 -1.71
C THR A 43 -7.28 -5.50 -2.17
N VAL A 44 -6.07 -5.44 -1.63
CA VAL A 44 -5.13 -4.39 -1.98
C VAL A 44 -4.45 -4.68 -3.31
N LEU A 45 -4.22 -5.97 -3.58
CA LEU A 45 -3.57 -6.38 -4.82
C LEU A 45 -4.37 -5.90 -6.04
N LEU A 46 -5.70 -6.01 -5.95
CA LEU A 46 -6.57 -5.58 -7.04
C LEU A 46 -6.77 -4.07 -7.02
N SER A 47 -6.72 -3.50 -5.82
CA SER A 47 -6.90 -2.06 -5.66
C SER A 47 -5.68 -1.29 -6.19
N LEU A 48 -4.53 -1.95 -6.17
CA LEU A 48 -3.29 -1.33 -6.65
C LEU A 48 -3.24 -1.33 -8.18
N THR A 49 -3.43 -2.52 -8.77
CA THR A 49 -3.40 -2.66 -10.21
C THR A 49 -4.34 -1.66 -10.89
N VAL A 50 -5.50 -1.45 -10.27
CA VAL A 50 -6.48 -0.51 -10.81
C VAL A 50 -6.01 0.93 -10.68
N PHE A 51 -5.64 1.32 -9.46
CA PHE A 51 -5.16 2.68 -9.20
C PHE A 51 -3.97 3.01 -10.09
N MET A 52 -3.19 2.00 -10.45
CA MET A 52 -2.03 2.19 -11.30
C MET A 52 -2.45 2.68 -12.68
N LEU A 53 -3.40 1.98 -13.29
CA LEU A 53 -3.90 2.35 -14.62
C LEU A 53 -4.58 3.72 -14.58
N LEU A 54 -5.09 4.09 -13.42
CA LEU A 54 -5.77 5.38 -13.25
C LEU A 54 -4.76 6.51 -13.16
N VAL A 55 -3.89 6.44 -12.16
CA VAL A 55 -2.87 7.47 -11.96
C VAL A 55 -1.96 7.58 -13.18
N ALA A 56 -1.85 6.49 -13.94
CA ALA A 56 -1.01 6.47 -15.12
C ALA A 56 -1.70 7.17 -16.30
N GLU A 57 -3.03 7.08 -16.33
CA GLU A 57 -3.81 7.70 -17.39
C GLU A 57 -3.68 9.22 -17.34
N ILE A 58 -3.78 9.79 -16.15
CA ILE A 58 -3.67 11.23 -15.97
C ILE A 58 -2.23 11.70 -16.16
N MET A 59 -1.28 10.79 -15.92
CA MET A 59 0.13 11.12 -16.06
C MET A 59 0.80 10.17 -17.06
N PRO A 60 0.49 10.34 -18.35
CA PRO A 60 1.05 9.50 -19.41
C PRO A 60 2.54 9.77 -19.64
N SER A 61 3.17 8.96 -20.49
CA SER A 61 4.59 9.11 -20.78
C SER A 61 4.79 9.66 -22.20
N THR A 62 3.88 10.52 -22.63
CA THR A 62 3.96 11.12 -23.95
C THR A 62 3.64 12.60 -23.91
N SER A 63 4.14 13.28 -22.88
CA SER A 63 3.91 14.71 -22.71
C SER A 63 5.15 15.40 -22.17
N ASP A 64 5.56 15.02 -20.97
CA ASP A 64 6.74 15.60 -20.33
C ASP A 64 7.64 14.51 -19.75
N SER A 65 8.92 14.82 -19.63
CA SER A 65 9.89 13.87 -19.09
C SER A 65 10.22 14.18 -17.64
N SER A 66 9.18 14.51 -16.87
CA SER A 66 9.36 14.84 -15.46
C SER A 66 8.51 13.91 -14.58
N PRO A 67 8.92 12.63 -14.52
CA PRO A 67 8.23 11.61 -13.72
C PRO A 67 8.39 11.85 -12.22
N SER A 68 7.38 11.45 -11.45
CA SER A 68 7.41 11.62 -10.01
C SER A 68 6.52 10.58 -9.32
N ILE A 69 5.21 10.70 -9.54
CA ILE A 69 4.26 9.77 -8.94
C ILE A 69 4.28 8.42 -9.67
N ALA A 70 4.64 8.45 -10.94
CA ALA A 70 4.70 7.23 -11.74
C ALA A 70 5.76 6.27 -11.20
N GLN A 71 6.97 6.78 -11.02
CA GLN A 71 8.07 5.97 -10.51
C GLN A 71 7.82 5.56 -9.06
N TYR A 72 7.36 6.51 -8.26
CA TYR A 72 7.08 6.26 -6.85
C TYR A 72 6.05 5.15 -6.69
N PHE A 73 4.89 5.33 -7.30
CA PHE A 73 3.83 4.33 -7.24
C PHE A 73 4.32 2.97 -7.66
N ALA A 74 5.25 2.95 -8.62
CA ALA A 74 5.81 1.70 -9.12
C ALA A 74 6.66 1.01 -8.06
N SER A 75 7.61 1.75 -7.50
CA SER A 75 8.49 1.22 -6.47
C SER A 75 7.68 0.64 -5.30
N THR A 76 6.48 1.17 -5.11
CA THR A 76 5.61 0.71 -4.04
C THR A 76 5.16 -0.72 -4.27
N MET A 77 4.56 -0.97 -5.43
CA MET A 77 4.08 -2.31 -5.77
C MET A 77 5.19 -3.34 -5.61
N ILE A 78 6.43 -2.90 -5.79
CA ILE A 78 7.58 -3.79 -5.66
C ILE A 78 7.71 -4.32 -4.24
N ILE A 79 7.75 -3.39 -3.28
CA ILE A 79 7.86 -3.76 -1.87
C ILE A 79 6.57 -4.38 -1.35
N VAL A 80 5.45 -3.98 -1.94
CA VAL A 80 4.14 -4.50 -1.55
C VAL A 80 3.96 -5.94 -2.02
N GLY A 81 4.47 -6.23 -3.20
CA GLY A 81 4.36 -7.57 -3.76
C GLY A 81 5.11 -8.61 -2.93
N LEU A 82 6.41 -8.43 -2.84
CA LEU A 82 7.25 -9.36 -2.08
C LEU A 82 6.80 -9.43 -0.62
N SER A 83 6.15 -8.37 -0.15
CA SER A 83 5.67 -8.32 1.22
C SER A 83 4.70 -9.47 1.51
N VAL A 84 3.60 -9.50 0.76
CA VAL A 84 2.60 -10.55 0.94
C VAL A 84 3.19 -11.93 0.68
N VAL A 85 4.27 -11.97 -0.10
CA VAL A 85 4.94 -13.22 -0.43
C VAL A 85 5.68 -13.78 0.79
N VAL A 86 6.26 -12.88 1.57
CA VAL A 86 7.01 -13.27 2.76
C VAL A 86 6.06 -13.71 3.88
N THR A 87 4.81 -13.25 3.80
CA THR A 87 3.80 -13.60 4.80
C THR A 87 3.17 -14.95 4.51
N VAL A 88 2.78 -15.16 3.25
CA VAL A 88 2.17 -16.42 2.85
C VAL A 88 3.08 -17.60 3.15
N ILE A 89 4.38 -17.39 3.01
CA ILE A 89 5.36 -18.44 3.28
C ILE A 89 5.54 -18.66 4.77
N VAL A 90 5.97 -17.61 5.46
CA VAL A 90 6.17 -17.68 6.91
C VAL A 90 4.91 -18.13 7.63
N LEU A 91 3.77 -17.90 7.00
CA LEU A 91 2.49 -18.29 7.58
C LEU A 91 2.36 -19.81 7.66
N GLN A 92 2.43 -20.46 6.50
CA GLN A 92 2.31 -21.91 6.44
C GLN A 92 3.49 -22.58 7.15
N TYR A 93 4.65 -21.93 7.10
CA TYR A 93 5.85 -22.46 7.73
C TYR A 93 5.61 -22.73 9.22
N HIS A 94 4.79 -21.88 9.83
CA HIS A 94 4.48 -22.01 11.25
C HIS A 94 3.18 -22.80 11.45
N HIS A 95 3.28 -23.93 12.15
CA HIS A 95 2.12 -24.77 12.41
C HIS A 95 1.21 -24.14 13.46
N HIS A 96 0.05 -23.66 13.03
CA HIS A 96 -0.91 -23.04 13.93
C HIS A 96 -2.33 -23.52 13.65
N ASP A 97 -2.47 -24.83 13.45
CA ASP A 97 -3.77 -25.42 13.17
C ASP A 97 -4.42 -24.76 11.96
N PRO A 98 -3.88 -25.06 10.77
CA PRO A 98 -4.39 -24.51 9.50
C PRO A 98 -5.76 -25.07 9.14
N ASP A 99 -6.80 -24.51 9.73
CA ASP A 99 -8.17 -24.94 9.47
C ASP A 99 -9.13 -23.76 9.43
N GLY A 100 -9.13 -22.97 10.51
CA GLY A 100 -10.01 -21.82 10.58
C GLY A 100 -10.35 -21.44 12.01
N GLY A 101 -9.39 -20.86 12.72
CA GLY A 101 -9.61 -20.45 14.09
C GLY A 101 -8.78 -19.25 14.48
N GLU A 102 -9.11 -18.65 15.62
CA GLU A 102 -8.40 -17.48 16.11
C GLU A 102 -6.93 -17.80 16.36
N GLY A 103 -6.18 -16.82 16.86
CA GLY A 103 -4.77 -17.02 17.13
C GLY A 103 -3.87 -16.27 16.18
N GLY A 104 -2.58 -16.25 16.48
CA GLY A 104 -1.63 -15.56 15.62
C GLY A 104 -0.44 -15.03 16.39
N GLY A 105 -0.45 -13.73 16.67
CA GLY A 105 0.65 -13.13 17.41
C GLY A 105 1.98 -13.31 16.71
N GLU A 106 2.30 -12.38 15.81
CA GLU A 106 3.55 -12.45 15.07
C GLU A 106 4.25 -11.10 15.06
N GLY A 107 5.51 -11.09 15.47
CA GLY A 107 6.27 -9.84 15.50
C GLY A 107 6.64 -9.35 14.11
N ILE A 108 6.75 -10.28 13.17
CA ILE A 108 7.10 -9.95 11.79
C ILE A 108 6.13 -8.93 11.22
N ASP A 109 4.83 -9.20 11.36
CA ASP A 109 3.80 -8.31 10.86
C ASP A 109 3.98 -6.90 11.43
N ARG A 110 4.43 -6.82 12.67
CA ARG A 110 4.63 -5.53 13.32
C ARG A 110 5.76 -4.76 12.65
N LEU A 111 6.87 -5.44 12.39
CA LEU A 111 8.03 -4.82 11.74
C LEU A 111 7.61 -4.11 10.46
N CYS A 112 6.96 -4.85 9.57
CA CYS A 112 6.51 -4.28 8.29
C CYS A 112 5.49 -3.18 8.52
N LEU A 113 4.78 -3.26 9.65
CA LEU A 113 3.76 -2.27 9.98
C LEU A 113 4.37 -0.88 10.13
N MET A 114 5.39 -0.78 10.98
CA MET A 114 6.06 0.50 11.21
C MET A 114 6.84 0.93 9.96
N ALA A 115 7.35 -0.05 9.22
CA ALA A 115 8.11 0.23 8.01
C ALA A 115 7.21 0.83 6.92
N PHE A 116 5.99 0.33 6.83
CA PHE A 116 5.04 0.81 5.84
C PHE A 116 4.46 2.16 6.26
N SER A 117 4.33 2.36 7.56
CA SER A 117 3.77 3.61 8.09
C SER A 117 4.59 4.80 7.63
N VAL A 118 5.87 4.82 8.01
CA VAL A 118 6.76 5.91 7.63
C VAL A 118 6.91 6.00 6.12
N PHE A 119 6.87 4.84 5.46
CA PHE A 119 7.01 4.78 4.02
C PHE A 119 5.95 5.64 3.33
N THR A 120 4.76 5.67 3.91
CA THR A 120 3.66 6.45 3.36
C THR A 120 3.91 7.95 3.53
N ILE A 121 4.22 8.36 4.75
CA ILE A 121 4.48 9.76 5.05
C ILE A 121 5.60 10.30 4.16
N ILE A 122 6.76 9.68 4.24
CA ILE A 122 7.92 10.09 3.44
C ILE A 122 7.57 10.12 1.95
N CYS A 123 6.59 9.32 1.57
CA CYS A 123 6.17 9.25 0.17
C CYS A 123 5.33 10.47 -0.20
N THR A 124 4.21 10.64 0.49
CA THR A 124 3.32 11.77 0.23
C THR A 124 4.03 13.10 0.46
N ILE A 125 4.88 13.14 1.48
CA ILE A 125 5.62 14.35 1.80
C ILE A 125 6.82 14.52 0.87
N GLY A 126 7.31 13.41 0.33
CA GLY A 126 8.45 13.46 -0.56
C GLY A 126 8.15 14.23 -1.83
N ILE A 127 7.10 13.84 -2.54
CA ILE A 127 6.71 14.51 -3.76
C ILE A 127 6.04 15.86 -3.49
N LEU A 128 5.42 15.96 -2.32
CA LEU A 128 4.75 17.19 -1.93
C LEU A 128 5.68 18.39 -2.07
N MET A 129 6.82 18.32 -1.39
CA MET A 129 7.81 19.41 -1.45
C MET A 129 8.35 19.58 -2.86
N SER A 130 8.32 18.50 -3.65
CA SER A 130 8.81 18.53 -5.02
C SER A 130 7.85 19.31 -5.92
N ALA A 131 6.57 19.33 -5.53
CA ALA A 131 5.57 20.04 -6.31
C ALA A 131 4.54 20.71 -5.40
N PRO A 132 4.96 21.79 -4.74
CA PRO A 132 4.09 22.53 -3.82
C PRO A 132 2.98 23.28 -4.55
N ASN A 133 2.23 24.10 -3.81
CA ASN A 133 1.14 24.87 -4.39
C ASN A 133 1.66 26.13 -5.08
N PHE A 134 2.50 25.94 -6.09
CA PHE A 134 3.08 27.06 -6.82
C PHE A 134 2.72 26.97 -8.31
N VAL A 135 1.54 27.47 -8.66
CA VAL A 135 1.08 27.45 -10.05
C VAL A 135 1.70 28.59 -10.85
N GLU A 136 2.19 29.60 -10.14
CA GLU A 136 2.81 30.76 -10.79
C GLU A 136 4.18 30.39 -11.36
N GLU A 137 4.80 31.34 -12.05
CA GLU A 137 6.11 31.12 -12.64
C GLU A 137 6.98 32.36 -12.52
N GLU A 4 -6.61 23.85 -7.91
CA GLU A 4 -7.63 23.49 -6.93
C GLU A 4 -8.21 22.12 -7.25
N GLU A 5 -8.70 21.95 -8.47
CA GLU A 5 -9.28 20.68 -8.89
C GLU A 5 -8.34 19.52 -8.61
N GLU A 6 -7.04 19.77 -8.74
CA GLU A 6 -6.03 18.74 -8.50
C GLU A 6 -5.88 18.47 -7.01
N LEU A 7 -5.94 19.54 -6.22
CA LEU A 7 -5.80 19.41 -4.76
C LEU A 7 -6.86 18.47 -4.20
N TYR A 8 -8.09 18.60 -4.68
CA TYR A 8 -9.19 17.75 -4.22
C TYR A 8 -9.03 16.32 -4.73
N TYR A 9 -8.49 16.19 -5.94
CA TYR A 9 -8.28 14.88 -6.55
C TYR A 9 -7.32 14.04 -5.69
N GLY A 10 -6.12 14.56 -5.48
CA GLY A 10 -5.13 13.84 -4.69
C GLY A 10 -5.67 13.42 -3.34
N LEU A 11 -6.34 14.34 -2.65
CA LEU A 11 -6.91 14.06 -1.33
C LEU A 11 -7.91 12.91 -1.41
N ASN A 12 -8.80 12.98 -2.40
CA ASN A 12 -9.82 11.94 -2.58
C ASN A 12 -9.17 10.57 -2.73
N LEU A 13 -7.92 10.56 -3.20
CA LEU A 13 -7.19 9.31 -3.41
C LEU A 13 -6.56 8.84 -2.10
N LEU A 14 -6.35 9.77 -1.16
CA LEU A 14 -5.76 9.44 0.13
C LEU A 14 -6.80 8.84 1.06
N ILE A 15 -8.06 9.22 0.87
CA ILE A 15 -9.16 8.73 1.70
C ILE A 15 -9.15 7.20 1.75
N PRO A 16 -9.24 6.57 0.56
CA PRO A 16 -9.24 5.11 0.43
C PRO A 16 -7.88 4.50 0.78
N CYS A 17 -6.82 5.14 0.31
CA CYS A 17 -5.46 4.65 0.57
C CYS A 17 -5.25 4.41 2.06
N VAL A 18 -5.39 5.46 2.85
CA VAL A 18 -5.21 5.36 4.29
C VAL A 18 -6.28 4.49 4.92
N LEU A 19 -7.47 4.53 4.35
CA LEU A 19 -8.60 3.73 4.85
C LEU A 19 -8.26 2.25 4.86
N ILE A 20 -7.83 1.74 3.71
CA ILE A 20 -7.47 0.33 3.59
C ILE A 20 -6.26 0.00 4.47
N SER A 21 -5.35 0.95 4.58
CA SER A 21 -4.15 0.76 5.39
C SER A 21 -4.51 0.36 6.82
N ALA A 22 -5.41 1.12 7.43
CA ALA A 22 -5.84 0.84 8.79
C ALA A 22 -6.51 -0.52 8.89
N LEU A 23 -7.53 -0.74 8.07
CA LEU A 23 -8.25 -2.01 8.06
C LEU A 23 -7.29 -3.18 7.84
N ALA A 24 -6.21 -2.92 7.11
CA ALA A 24 -5.22 -3.95 6.82
C ALA A 24 -4.42 -4.31 8.07
N LEU A 25 -3.99 -3.30 8.80
CA LEU A 25 -3.22 -3.50 10.04
C LEU A 25 -4.01 -4.32 11.04
N LEU A 26 -5.33 -4.17 11.02
CA LEU A 26 -6.20 -4.90 11.93
C LEU A 26 -6.08 -6.41 11.72
N VAL A 27 -6.03 -6.81 10.45
CA VAL A 27 -5.91 -8.24 10.12
C VAL A 27 -4.50 -8.75 10.43
N PHE A 28 -3.50 -7.97 10.05
CA PHE A 28 -2.11 -8.35 10.29
C PHE A 28 -1.87 -8.65 11.76
N LEU A 29 -2.49 -7.85 12.63
CA LEU A 29 -2.34 -8.03 14.07
C LEU A 29 -3.09 -9.27 14.55
N LEU A 30 -4.18 -9.59 13.86
CA LEU A 30 -4.99 -10.76 14.21
C LEU A 30 -4.98 -11.78 13.07
N PRO A 31 -3.85 -12.47 12.91
CA PRO A 31 -3.69 -13.50 11.87
C PRO A 31 -4.53 -14.74 12.15
N ALA A 32 -5.59 -14.91 11.38
CA ALA A 32 -6.48 -16.06 11.54
C ALA A 32 -6.09 -17.19 10.59
N ASP A 33 -5.46 -16.83 9.48
CA ASP A 33 -5.03 -17.81 8.49
C ASP A 33 -6.20 -18.69 8.06
N SER A 34 -7.39 -18.10 8.05
CA SER A 34 -8.60 -18.84 7.66
C SER A 34 -8.99 -18.50 6.23
N GLY A 35 -8.68 -17.28 5.80
CA GLY A 35 -9.01 -16.86 4.46
C GLY A 35 -9.01 -15.36 4.30
N GLU A 36 -9.26 -14.65 5.40
CA GLU A 36 -9.30 -13.19 5.38
C GLU A 36 -7.92 -12.62 5.05
N LYS A 37 -6.88 -13.38 5.38
CA LYS A 37 -5.50 -12.96 5.13
C LYS A 37 -5.28 -12.71 3.63
N ILE A 38 -5.47 -13.76 2.84
CA ILE A 38 -5.29 -13.66 1.39
C ILE A 38 -6.31 -12.69 0.78
N SER A 39 -7.48 -12.59 1.41
CA SER A 39 -8.53 -11.71 0.93
C SER A 39 -8.01 -10.30 0.72
N LEU A 40 -7.52 -9.70 1.80
CA LEU A 40 -6.98 -8.33 1.73
C LEU A 40 -5.73 -8.28 0.87
N GLY A 41 -5.05 -9.43 0.74
CA GLY A 41 -3.86 -9.49 -0.08
C GLY A 41 -4.05 -8.91 -1.46
N ILE A 42 -5.05 -9.43 -2.18
CA ILE A 42 -5.34 -8.96 -3.53
C ILE A 42 -6.10 -7.64 -3.49
N THR A 43 -6.78 -7.37 -2.38
CA THR A 43 -7.54 -6.15 -2.21
C THR A 43 -6.69 -4.92 -2.52
N VAL A 44 -5.57 -4.81 -1.82
CA VAL A 44 -4.66 -3.68 -2.02
C VAL A 44 -3.81 -3.87 -3.27
N LEU A 45 -3.50 -5.12 -3.58
CA LEU A 45 -2.69 -5.44 -4.75
C LEU A 45 -3.35 -4.93 -6.02
N LEU A 46 -4.60 -5.33 -6.23
CA LEU A 46 -5.35 -4.92 -7.42
C LEU A 46 -5.74 -3.45 -7.32
N SER A 47 -5.90 -2.96 -6.10
CA SER A 47 -6.28 -1.57 -5.87
C SER A 47 -5.14 -0.63 -6.24
N LEU A 48 -3.90 -1.13 -6.15
CA LEU A 48 -2.73 -0.34 -6.49
C LEU A 48 -2.59 -0.19 -8.00
N THR A 49 -2.58 -1.31 -8.70
CA THR A 49 -2.45 -1.30 -10.16
C THR A 49 -3.51 -0.42 -10.79
N VAL A 50 -4.69 -0.39 -10.19
CA VAL A 50 -5.80 0.41 -10.71
C VAL A 50 -5.62 1.88 -10.34
N PHE A 51 -5.21 2.13 -9.10
CA PHE A 51 -5.00 3.50 -8.62
C PHE A 51 -3.92 4.20 -9.44
N MET A 52 -2.96 3.43 -9.93
CA MET A 52 -1.86 3.97 -10.73
C MET A 52 -2.34 4.30 -12.14
N LEU A 53 -3.13 3.40 -12.73
CA LEU A 53 -3.65 3.60 -14.07
C LEU A 53 -4.45 4.89 -14.16
N LEU A 54 -5.02 5.31 -13.03
CA LEU A 54 -5.81 6.53 -12.98
C LEU A 54 -4.91 7.76 -12.98
N VAL A 55 -4.00 7.82 -12.00
CA VAL A 55 -3.08 8.94 -11.89
C VAL A 55 -2.20 9.07 -13.12
N ALA A 56 -2.00 7.94 -13.81
CA ALA A 56 -1.19 7.93 -15.02
C ALA A 56 -1.98 8.40 -16.23
N GLU A 57 -3.28 8.15 -16.20
CA GLU A 57 -4.15 8.56 -17.31
C GLU A 57 -4.18 10.07 -17.45
N ILE A 58 -4.24 10.77 -16.33
CA ILE A 58 -4.27 12.23 -16.34
C ILE A 58 -2.91 12.81 -16.74
N MET A 59 -1.86 12.05 -16.48
CA MET A 59 -0.51 12.47 -16.82
C MET A 59 -0.20 12.22 -18.29
N PRO A 60 0.81 12.93 -18.81
CA PRO A 60 1.23 12.79 -20.21
C PRO A 60 1.88 11.44 -20.50
N SER A 61 1.59 10.90 -21.69
CA SER A 61 2.14 9.61 -22.09
C SER A 61 2.77 9.70 -23.47
N THR A 62 3.81 10.52 -23.59
CA THR A 62 4.50 10.70 -24.86
C THR A 62 5.80 9.89 -24.89
N SER A 63 5.76 8.69 -24.31
CA SER A 63 6.93 7.82 -24.27
C SER A 63 8.08 8.50 -23.53
N ASP A 64 8.25 8.13 -22.26
CA ASP A 64 9.32 8.70 -21.44
C ASP A 64 9.18 10.21 -21.35
N SER A 65 8.15 10.67 -20.65
CA SER A 65 7.91 12.11 -20.50
C SER A 65 8.37 12.59 -19.12
N SER A 66 9.43 11.96 -18.61
CA SER A 66 9.97 12.32 -17.30
C SER A 66 8.89 12.26 -16.23
N PRO A 67 8.47 11.04 -15.88
CA PRO A 67 7.44 10.82 -14.86
C PRO A 67 7.92 11.17 -13.45
N SER A 68 7.17 12.04 -12.78
CA SER A 68 7.53 12.46 -11.43
C SER A 68 6.90 11.53 -10.39
N ILE A 69 5.59 11.65 -10.22
CA ILE A 69 4.86 10.82 -9.26
C ILE A 69 4.71 9.40 -9.77
N ALA A 70 4.71 9.25 -11.09
CA ALA A 70 4.56 7.94 -11.71
C ALA A 70 5.73 7.03 -11.35
N GLN A 71 6.94 7.53 -11.56
CA GLN A 71 8.14 6.77 -11.25
C GLN A 71 8.15 6.31 -9.80
N TYR A 72 7.81 7.21 -8.89
CA TYR A 72 7.77 6.89 -7.47
C TYR A 72 6.67 5.89 -7.16
N PHE A 73 5.45 6.22 -7.56
CA PHE A 73 4.30 5.33 -7.32
C PHE A 73 4.57 3.94 -7.89
N ALA A 74 5.21 3.90 -9.04
CA ALA A 74 5.53 2.63 -9.69
C ALA A 74 6.47 1.80 -8.84
N SER A 75 7.67 2.33 -8.59
CA SER A 75 8.67 1.63 -7.79
C SER A 75 8.08 1.20 -6.45
N THR A 76 7.14 1.99 -5.93
CA THR A 76 6.50 1.69 -4.67
C THR A 76 5.70 0.39 -4.73
N MET A 77 4.82 0.29 -5.72
CA MET A 77 4.01 -0.91 -5.90
C MET A 77 4.88 -2.16 -5.93
N ILE A 78 6.11 -2.00 -6.40
CA ILE A 78 7.04 -3.12 -6.49
C ILE A 78 7.36 -3.68 -5.10
N ILE A 79 7.97 -2.84 -4.27
CA ILE A 79 8.31 -3.24 -2.91
C ILE A 79 7.09 -3.67 -2.12
N VAL A 80 5.94 -3.06 -2.44
CA VAL A 80 4.70 -3.36 -1.76
C VAL A 80 4.20 -4.76 -2.13
N GLY A 81 4.32 -5.10 -3.41
CA GLY A 81 3.88 -6.41 -3.87
C GLY A 81 4.54 -7.55 -3.10
N LEU A 82 5.86 -7.62 -3.18
CA LEU A 82 6.61 -8.67 -2.48
C LEU A 82 6.35 -8.61 -0.98
N SER A 83 5.99 -7.43 -0.49
CA SER A 83 5.72 -7.24 0.93
C SER A 83 4.67 -8.24 1.42
N VAL A 84 3.51 -8.22 0.79
CA VAL A 84 2.42 -9.12 1.17
C VAL A 84 2.77 -10.56 0.85
N VAL A 85 3.66 -10.75 -0.12
CA VAL A 85 4.09 -12.09 -0.52
C VAL A 85 4.92 -12.75 0.57
N VAL A 86 5.95 -12.04 1.03
CA VAL A 86 6.82 -12.55 2.09
C VAL A 86 6.03 -12.89 3.34
N THR A 87 5.14 -11.99 3.74
CA THR A 87 4.32 -12.19 4.93
C THR A 87 3.59 -13.52 4.87
N VAL A 88 2.94 -13.79 3.74
CA VAL A 88 2.21 -15.03 3.55
C VAL A 88 3.10 -16.24 3.78
N ILE A 89 4.35 -16.15 3.33
CA ILE A 89 5.30 -17.24 3.49
C ILE A 89 5.64 -17.46 4.96
N VAL A 90 5.77 -16.36 5.70
CA VAL A 90 6.08 -16.42 7.12
C VAL A 90 5.06 -17.27 7.88
N LEU A 91 3.79 -16.95 7.71
CA LEU A 91 2.71 -17.67 8.37
C LEU A 91 2.62 -19.10 7.86
N GLN A 92 3.00 -19.30 6.60
CA GLN A 92 2.96 -20.62 5.98
C GLN A 92 4.02 -21.53 6.60
N TYR A 93 5.15 -20.94 6.97
CA TYR A 93 6.24 -21.71 7.58
C TYR A 93 5.79 -22.42 8.84
N HIS A 94 5.35 -21.64 9.82
CA HIS A 94 4.87 -22.19 11.09
C HIS A 94 3.76 -23.20 10.86
N HIS A 95 3.38 -23.91 11.92
CA HIS A 95 2.31 -24.90 11.83
C HIS A 95 0.97 -24.25 11.51
N HIS A 96 0.22 -24.87 10.61
CA HIS A 96 -1.08 -24.35 10.21
C HIS A 96 -2.04 -25.49 9.89
N ASP A 97 -3.23 -25.44 10.50
CA ASP A 97 -4.24 -26.47 10.28
C ASP A 97 -5.50 -25.86 9.67
N PRO A 98 -6.34 -26.71 9.06
CA PRO A 98 -7.59 -26.29 8.43
C PRO A 98 -8.64 -25.85 9.45
N ASP A 99 -9.18 -24.66 9.26
CA ASP A 99 -10.20 -24.12 10.16
C ASP A 99 -9.72 -24.17 11.60
N GLY A 100 -8.50 -23.68 11.84
CA GLY A 100 -7.95 -23.68 13.18
C GLY A 100 -7.25 -22.38 13.52
N GLY A 101 -7.90 -21.26 13.20
CA GLY A 101 -7.32 -19.96 13.49
C GLY A 101 -7.12 -19.73 14.98
N GLU A 102 -6.49 -18.60 15.32
CA GLU A 102 -6.25 -18.27 16.71
C GLU A 102 -5.95 -16.78 16.86
N GLY A 103 -5.59 -16.36 18.08
CA GLY A 103 -5.28 -14.98 18.34
C GLY A 103 -4.16 -14.80 19.34
N GLY A 104 -2.92 -14.97 18.89
CA GLY A 104 -1.78 -14.83 19.78
C GLY A 104 -1.09 -13.49 19.62
N GLY A 105 -0.89 -13.08 18.38
CA GLY A 105 -0.22 -11.81 18.12
C GLY A 105 1.28 -11.92 18.18
N GLU A 106 1.91 -12.21 17.04
CA GLU A 106 3.36 -12.35 16.97
C GLU A 106 4.03 -10.97 16.98
N GLY A 107 5.26 -10.93 17.47
CA GLY A 107 6.00 -9.68 17.53
C GLY A 107 6.69 -9.35 16.22
N ILE A 108 7.22 -10.38 15.55
CA ILE A 108 7.90 -10.18 14.28
C ILE A 108 7.02 -9.43 13.29
N ASP A 109 5.75 -9.81 13.23
CA ASP A 109 4.80 -9.15 12.33
C ASP A 109 4.65 -7.68 12.67
N ARG A 110 4.55 -7.38 13.96
CA ARG A 110 4.40 -6.00 14.42
C ARG A 110 5.55 -5.13 13.91
N LEU A 111 6.77 -5.54 14.23
CA LEU A 111 7.96 -4.80 13.81
C LEU A 111 7.94 -4.55 12.30
N CYS A 112 7.53 -5.55 11.54
CA CYS A 112 7.46 -5.44 10.09
C CYS A 112 6.42 -4.39 9.68
N LEU A 113 5.20 -4.56 10.15
CA LEU A 113 4.11 -3.64 9.83
C LEU A 113 4.47 -2.22 10.26
N MET A 114 5.23 -2.11 11.34
CA MET A 114 5.64 -0.80 11.86
C MET A 114 6.46 -0.05 10.82
N ALA A 115 7.43 -0.72 10.22
CA ALA A 115 8.28 -0.12 9.20
C ALA A 115 7.47 0.31 7.98
N PHE A 116 6.40 -0.42 7.71
CA PHE A 116 5.54 -0.14 6.57
C PHE A 116 4.65 1.07 6.86
N SER A 117 4.23 1.20 8.11
CA SER A 117 3.37 2.31 8.53
C SER A 117 4.04 3.65 8.23
N VAL A 118 5.20 3.87 8.82
CA VAL A 118 5.95 5.12 8.61
C VAL A 118 6.33 5.29 7.14
N PHE A 119 6.54 4.17 6.46
CA PHE A 119 6.92 4.21 5.05
C PHE A 119 5.82 4.84 4.21
N THR A 120 4.58 4.78 4.71
CA THR A 120 3.44 5.34 4.01
C THR A 120 3.36 6.85 4.21
N ILE A 121 3.25 7.26 5.47
CA ILE A 121 3.17 8.67 5.80
C ILE A 121 4.31 9.47 5.17
N ILE A 122 5.49 8.86 5.13
CA ILE A 122 6.66 9.51 4.55
C ILE A 122 6.62 9.44 3.02
N CYS A 123 5.91 8.44 2.50
CA CYS A 123 5.78 8.27 1.06
C CYS A 123 4.94 9.39 0.45
N THR A 124 3.76 9.61 1.01
CA THR A 124 2.87 10.66 0.52
C THR A 124 3.50 12.03 0.65
N ILE A 125 4.24 12.25 1.73
CA ILE A 125 4.90 13.52 1.97
C ILE A 125 6.18 13.64 1.14
N GLY A 126 6.75 12.50 0.79
CA GLY A 126 7.97 12.48 0.00
C GLY A 126 7.76 13.02 -1.41
N ILE A 127 6.77 12.47 -2.10
CA ILE A 127 6.46 12.90 -3.46
C ILE A 127 5.80 14.27 -3.47
N LEU A 128 5.12 14.60 -2.37
CA LEU A 128 4.44 15.88 -2.25
C LEU A 128 5.43 17.05 -2.34
N MET A 129 6.59 16.86 -1.72
CA MET A 129 7.63 17.89 -1.73
C MET A 129 8.35 17.92 -3.07
N SER A 130 8.40 16.77 -3.73
CA SER A 130 9.07 16.66 -5.03
C SER A 130 8.21 17.26 -6.14
N ALA A 131 6.90 17.26 -5.93
CA ALA A 131 5.97 17.81 -6.92
C ALA A 131 4.81 18.52 -6.23
N PRO A 132 5.11 19.66 -5.59
CA PRO A 132 4.10 20.46 -4.89
C PRO A 132 3.12 21.14 -5.85
N ASN A 133 2.23 21.95 -5.30
CA ASN A 133 1.24 22.65 -6.10
C ASN A 133 1.46 24.16 -6.04
N PHE A 134 2.73 24.56 -6.04
CA PHE A 134 3.09 25.97 -5.98
C PHE A 134 2.95 26.62 -7.36
N VAL A 135 3.09 25.82 -8.41
CA VAL A 135 2.98 26.31 -9.77
C VAL A 135 2.18 25.34 -10.65
N GLU A 136 1.70 25.83 -11.78
CA GLU A 136 0.92 25.01 -12.70
C GLU A 136 -0.31 24.43 -12.01
N GLU A 137 -1.07 23.63 -12.74
CA GLU A 137 -2.27 23.01 -12.19
C GLU A 137 -2.05 21.52 -11.95
N GLU A 4 -3.50 22.11 -7.43
CA GLU A 4 -4.58 21.85 -6.49
C GLU A 4 -5.32 20.57 -6.86
N GLU A 5 -5.38 20.29 -8.16
CA GLU A 5 -6.06 19.10 -8.65
C GLU A 5 -5.39 17.83 -8.15
N GLU A 6 -4.10 17.69 -8.43
CA GLU A 6 -3.34 16.52 -8.01
C GLU A 6 -3.26 16.45 -6.49
N LEU A 7 -3.31 17.60 -5.85
CA LEU A 7 -3.25 17.67 -4.39
C LEU A 7 -4.46 16.99 -3.76
N TYR A 8 -5.65 17.45 -4.13
CA TYR A 8 -6.89 16.88 -3.61
C TYR A 8 -7.11 15.46 -4.13
N TYR A 9 -6.90 15.27 -5.42
CA TYR A 9 -7.07 13.97 -6.05
C TYR A 9 -6.26 12.91 -5.33
N GLY A 10 -4.94 13.11 -5.27
CA GLY A 10 -4.07 12.16 -4.59
C GLY A 10 -4.52 11.87 -3.18
N LEU A 11 -5.05 12.88 -2.51
CA LEU A 11 -5.52 12.73 -1.13
C LEU A 11 -6.68 11.74 -1.06
N ASN A 12 -7.70 11.98 -1.88
CA ASN A 12 -8.87 11.12 -1.92
C ASN A 12 -8.48 9.66 -2.20
N LEU A 13 -7.34 9.49 -2.85
CA LEU A 13 -6.83 8.15 -3.17
C LEU A 13 -6.10 7.54 -1.99
N LEU A 14 -5.61 8.39 -1.10
CA LEU A 14 -4.89 7.93 0.08
C LEU A 14 -5.85 7.46 1.16
N ILE A 15 -7.05 8.05 1.18
CA ILE A 15 -8.06 7.68 2.16
C ILE A 15 -8.28 6.17 2.19
N PRO A 16 -8.64 5.60 1.03
CA PRO A 16 -8.90 4.17 0.88
C PRO A 16 -7.62 3.34 1.00
N CYS A 17 -6.55 3.83 0.38
CA CYS A 17 -5.26 3.14 0.42
C CYS A 17 -4.85 2.82 1.85
N VAL A 18 -4.71 3.85 2.66
CA VAL A 18 -4.32 3.68 4.06
C VAL A 18 -5.41 2.96 4.84
N LEU A 19 -6.66 3.18 4.46
CA LEU A 19 -7.79 2.55 5.13
C LEU A 19 -7.68 1.03 5.06
N ILE A 20 -7.52 0.51 3.84
CA ILE A 20 -7.40 -0.93 3.64
C ILE A 20 -6.10 -1.46 4.25
N SER A 21 -5.02 -0.71 4.07
CA SER A 21 -3.72 -1.11 4.61
C SER A 21 -3.79 -1.36 6.11
N ALA A 22 -4.51 -0.48 6.80
CA ALA A 22 -4.67 -0.60 8.25
C ALA A 22 -5.37 -1.90 8.62
N LEU A 23 -6.54 -2.12 8.02
CA LEU A 23 -7.32 -3.33 8.29
C LEU A 23 -6.49 -4.58 8.01
N ALA A 24 -5.71 -4.55 6.93
CA ALA A 24 -4.87 -5.69 6.57
C ALA A 24 -3.97 -6.10 7.73
N LEU A 25 -3.36 -5.12 8.38
CA LEU A 25 -2.48 -5.39 9.51
C LEU A 25 -3.22 -6.09 10.64
N LEU A 26 -4.45 -5.65 10.87
CA LEU A 26 -5.28 -6.23 11.93
C LEU A 26 -5.57 -7.70 11.65
N VAL A 27 -5.68 -8.04 10.36
CA VAL A 27 -5.95 -9.41 9.95
C VAL A 27 -4.72 -10.29 10.15
N PHE A 28 -3.54 -9.70 10.01
CA PHE A 28 -2.29 -10.44 10.17
C PHE A 28 -1.97 -10.64 11.64
N LEU A 29 -2.30 -9.65 12.47
CA LEU A 29 -2.05 -9.73 13.90
C LEU A 29 -2.96 -10.76 14.56
N LEU A 30 -4.13 -10.98 13.97
CA LEU A 30 -5.08 -11.95 14.49
C LEU A 30 -5.12 -13.20 13.63
N PRO A 31 -5.64 -14.30 14.20
CA PRO A 31 -5.74 -15.58 13.51
C PRO A 31 -6.78 -15.55 12.40
N ALA A 32 -6.34 -15.27 11.17
CA ALA A 32 -7.24 -15.21 10.03
C ALA A 32 -6.59 -15.84 8.79
N ASP A 33 -6.65 -17.17 8.71
CA ASP A 33 -6.07 -17.89 7.58
C ASP A 33 -7.04 -18.96 7.07
N SER A 34 -8.33 -18.66 7.14
CA SER A 34 -9.36 -19.59 6.69
C SER A 34 -9.86 -19.21 5.30
N GLY A 35 -10.00 -17.91 5.06
CA GLY A 35 -10.47 -17.44 3.78
C GLY A 35 -10.27 -15.95 3.59
N GLU A 36 -10.46 -15.19 4.67
CA GLU A 36 -10.29 -13.74 4.62
C GLU A 36 -8.90 -13.37 4.14
N LYS A 37 -7.91 -14.19 4.50
CA LYS A 37 -6.53 -13.95 4.11
C LYS A 37 -6.42 -13.74 2.60
N ILE A 38 -6.84 -14.74 1.84
CA ILE A 38 -6.79 -14.65 0.38
C ILE A 38 -7.82 -13.66 -0.15
N SER A 39 -8.89 -13.45 0.63
CA SER A 39 -9.94 -12.54 0.24
C SER A 39 -9.41 -11.11 0.11
N LEU A 40 -8.87 -10.59 1.20
CA LEU A 40 -8.32 -9.24 1.21
C LEU A 40 -7.00 -9.18 0.45
N GLY A 41 -6.31 -10.31 0.38
CA GLY A 41 -5.04 -10.37 -0.32
C GLY A 41 -5.14 -9.84 -1.73
N ILE A 42 -6.10 -10.35 -2.48
CA ILE A 42 -6.30 -9.92 -3.86
C ILE A 42 -7.05 -8.60 -3.93
N THR A 43 -7.86 -8.32 -2.91
CA THR A 43 -8.62 -7.09 -2.84
C THR A 43 -7.71 -5.87 -2.81
N VAL A 44 -6.75 -5.87 -1.88
CA VAL A 44 -5.82 -4.77 -1.76
C VAL A 44 -4.78 -4.79 -2.88
N LEU A 45 -4.40 -5.99 -3.30
CA LEU A 45 -3.42 -6.15 -4.37
C LEU A 45 -3.95 -5.60 -5.69
N LEU A 46 -5.10 -6.12 -6.12
CA LEU A 46 -5.72 -5.67 -7.37
C LEU A 46 -6.04 -4.19 -7.32
N SER A 47 -6.28 -3.68 -6.11
CA SER A 47 -6.62 -2.28 -5.92
C SER A 47 -5.40 -1.39 -6.20
N LEU A 48 -4.22 -1.95 -5.99
CA LEU A 48 -2.98 -1.22 -6.22
C LEU A 48 -2.69 -1.08 -7.71
N THR A 49 -2.64 -2.21 -8.40
CA THR A 49 -2.38 -2.22 -9.84
C THR A 49 -3.33 -1.27 -10.58
N VAL A 50 -4.57 -1.22 -10.12
CA VAL A 50 -5.58 -0.36 -10.72
C VAL A 50 -5.34 1.11 -10.37
N PHE A 51 -4.99 1.36 -9.12
CA PHE A 51 -4.73 2.71 -8.64
C PHE A 51 -3.51 3.31 -9.36
N MET A 52 -2.55 2.47 -9.68
CA MET A 52 -1.34 2.91 -10.37
C MET A 52 -1.66 3.37 -11.79
N LEU A 53 -2.49 2.61 -12.48
CA LEU A 53 -2.88 2.94 -13.84
C LEU A 53 -3.56 4.29 -13.91
N LEU A 54 -4.33 4.61 -12.88
CA LEU A 54 -5.05 5.88 -12.81
C LEU A 54 -4.06 7.04 -12.73
N VAL A 55 -3.23 7.03 -11.68
CA VAL A 55 -2.24 8.09 -11.49
C VAL A 55 -1.29 8.18 -12.68
N ALA A 56 -1.13 7.07 -13.38
CA ALA A 56 -0.25 7.02 -14.55
C ALA A 56 -0.94 7.59 -15.78
N GLU A 57 -2.26 7.48 -15.81
CA GLU A 57 -3.05 7.97 -16.95
C GLU A 57 -2.99 9.49 -17.01
N ILE A 58 -3.02 10.14 -15.85
CA ILE A 58 -2.98 11.59 -15.78
C ILE A 58 -1.58 12.12 -16.07
N MET A 59 -0.57 11.28 -15.82
CA MET A 59 0.81 11.65 -16.07
C MET A 59 1.60 10.48 -16.64
N PRO A 60 1.34 10.17 -17.92
CA PRO A 60 2.02 9.07 -18.62
C PRO A 60 3.49 9.37 -18.89
N SER A 61 4.32 8.33 -18.83
CA SER A 61 5.75 8.48 -19.06
C SER A 61 6.17 7.79 -20.36
N THR A 62 5.93 8.47 -21.48
CA THR A 62 6.28 7.92 -22.78
C THR A 62 7.25 8.84 -23.52
N SER A 63 6.79 10.05 -23.83
CA SER A 63 7.62 11.01 -24.54
C SER A 63 8.19 12.05 -23.58
N ASP A 64 8.38 11.64 -22.33
CA ASP A 64 8.91 12.54 -21.30
C ASP A 64 8.02 13.77 -21.14
N SER A 65 6.90 13.58 -20.47
CA SER A 65 5.95 14.67 -20.24
C SER A 65 6.28 15.42 -18.95
N SER A 66 6.18 14.72 -17.83
CA SER A 66 6.45 15.32 -16.53
C SER A 66 6.58 14.24 -15.45
N PRO A 67 7.66 13.45 -15.52
CA PRO A 67 7.92 12.37 -14.57
C PRO A 67 8.28 12.90 -13.19
N SER A 68 7.27 13.10 -12.35
CA SER A 68 7.47 13.60 -11.00
C SER A 68 6.89 12.64 -9.96
N ILE A 69 5.57 12.59 -9.89
CA ILE A 69 4.89 11.72 -8.95
C ILE A 69 4.97 10.26 -9.39
N ALA A 70 5.11 10.04 -10.69
CA ALA A 70 5.21 8.70 -11.24
C ALA A 70 6.37 7.94 -10.63
N GLN A 71 7.56 8.54 -10.67
CA GLN A 71 8.75 7.92 -10.11
C GLN A 71 8.54 7.51 -8.66
N TYR A 72 7.81 8.34 -7.93
CA TYR A 72 7.52 8.07 -6.52
C TYR A 72 6.56 6.89 -6.38
N PHE A 73 5.43 6.97 -7.08
CA PHE A 73 4.43 5.90 -7.03
C PHE A 73 5.02 4.58 -7.50
N ALA A 74 5.99 4.66 -8.40
CA ALA A 74 6.64 3.46 -8.93
C ALA A 74 7.41 2.72 -7.84
N SER A 75 8.30 3.43 -7.17
CA SER A 75 9.10 2.84 -6.10
C SER A 75 8.22 2.14 -5.08
N THR A 76 7.02 2.70 -4.86
CA THR A 76 6.09 2.13 -3.91
C THR A 76 5.65 0.73 -4.33
N MET A 77 5.19 0.61 -5.57
CA MET A 77 4.73 -0.67 -6.10
C MET A 77 5.80 -1.74 -5.89
N ILE A 78 7.06 -1.33 -5.89
CA ILE A 78 8.17 -2.25 -5.70
C ILE A 78 8.11 -2.91 -4.32
N ILE A 79 8.23 -2.09 -3.29
CA ILE A 79 8.20 -2.58 -1.91
C ILE A 79 6.89 -3.31 -1.63
N VAL A 80 5.82 -2.89 -2.31
CA VAL A 80 4.51 -3.50 -2.13
C VAL A 80 4.47 -4.90 -2.72
N GLY A 81 5.12 -5.06 -3.88
CA GLY A 81 5.15 -6.36 -4.54
C GLY A 81 5.72 -7.45 -3.64
N LEU A 82 6.98 -7.28 -3.25
CA LEU A 82 7.64 -8.25 -2.39
C LEU A 82 6.92 -8.39 -1.06
N SER A 83 6.20 -7.34 -0.67
CA SER A 83 5.46 -7.35 0.59
C SER A 83 4.53 -8.55 0.66
N VAL A 84 3.70 -8.72 -0.37
CA VAL A 84 2.75 -9.82 -0.41
C VAL A 84 3.47 -11.15 -0.67
N VAL A 85 4.64 -11.06 -1.28
CA VAL A 85 5.43 -12.25 -1.59
C VAL A 85 6.04 -12.85 -0.32
N VAL A 86 6.52 -11.98 0.57
CA VAL A 86 7.12 -12.41 1.81
C VAL A 86 6.07 -12.87 2.81
N THR A 87 4.84 -12.41 2.61
CA THR A 87 3.73 -12.77 3.49
C THR A 87 3.19 -14.15 3.15
N VAL A 88 2.87 -14.35 1.87
CA VAL A 88 2.34 -15.64 1.42
C VAL A 88 3.26 -16.79 1.81
N ILE A 89 4.56 -16.56 1.69
CA ILE A 89 5.55 -17.58 2.05
C ILE A 89 5.56 -17.85 3.55
N VAL A 90 5.84 -16.81 4.33
CA VAL A 90 5.87 -16.93 5.78
C VAL A 90 4.55 -17.45 6.32
N LEU A 91 3.48 -17.24 5.55
CA LEU A 91 2.16 -17.70 5.96
C LEU A 91 2.12 -19.22 6.09
N GLN A 92 2.41 -19.91 4.98
CA GLN A 92 2.40 -21.37 4.98
C GLN A 92 3.35 -21.92 6.03
N TYR A 93 4.40 -21.15 6.35
CA TYR A 93 5.37 -21.57 7.35
C TYR A 93 4.70 -21.88 8.67
N HIS A 94 4.07 -20.87 9.27
CA HIS A 94 3.39 -21.04 10.55
C HIS A 94 1.91 -21.33 10.34
N HIS A 95 1.54 -22.60 10.47
CA HIS A 95 0.15 -23.02 10.30
C HIS A 95 -0.61 -22.93 11.61
N HIS A 96 -1.68 -22.14 11.62
CA HIS A 96 -2.49 -21.97 12.83
C HIS A 96 -3.98 -22.05 12.47
N ASP A 97 -4.71 -22.88 13.22
CA ASP A 97 -6.14 -23.05 13.00
C ASP A 97 -6.89 -23.12 14.32
N PRO A 98 -6.93 -21.99 15.05
CA PRO A 98 -7.61 -21.91 16.35
C PRO A 98 -9.13 -21.99 16.21
N ASP A 99 -9.79 -22.41 17.27
CA ASP A 99 -11.25 -22.53 17.27
C ASP A 99 -11.90 -21.32 17.95
N GLY A 100 -11.20 -20.19 17.92
CA GLY A 100 -11.73 -18.98 18.54
C GLY A 100 -11.09 -18.70 19.89
N GLY A 101 -10.02 -17.91 19.89
CA GLY A 101 -9.34 -17.57 21.12
C GLY A 101 -8.58 -16.26 21.03
N GLU A 102 -7.51 -16.15 21.82
CA GLU A 102 -6.70 -14.94 21.82
C GLU A 102 -5.93 -14.79 20.52
N GLY A 103 -5.32 -13.63 20.33
CA GLY A 103 -4.56 -13.38 19.11
C GLY A 103 -3.11 -13.81 19.23
N GLY A 104 -2.31 -13.50 18.22
CA GLY A 104 -0.91 -13.87 18.24
C GLY A 104 -0.29 -13.85 16.86
N GLY A 105 0.99 -13.51 16.78
CA GLY A 105 1.68 -13.46 15.51
C GLY A 105 3.18 -13.39 15.67
N GLU A 106 3.86 -12.81 14.68
CA GLU A 106 5.30 -12.68 14.71
C GLU A 106 5.73 -11.22 14.55
N GLY A 107 6.80 -10.84 15.24
CA GLY A 107 7.28 -9.47 15.18
C GLY A 107 7.87 -9.14 13.82
N ILE A 108 8.31 -10.16 13.10
CA ILE A 108 8.90 -9.98 11.78
C ILE A 108 7.93 -9.26 10.84
N ASP A 109 6.75 -9.84 10.67
CA ASP A 109 5.73 -9.26 9.80
C ASP A 109 5.29 -7.90 10.31
N ARG A 110 5.21 -7.76 11.64
CA ARG A 110 4.79 -6.51 12.25
C ARG A 110 5.76 -5.38 11.88
N LEU A 111 7.01 -5.74 11.65
CA LEU A 111 8.04 -4.76 11.28
C LEU A 111 7.86 -4.30 9.84
N CYS A 112 7.58 -5.24 8.96
CA CYS A 112 7.37 -4.94 7.54
C CYS A 112 6.19 -4.00 7.35
N LEU A 113 5.06 -4.35 7.97
CA LEU A 113 3.86 -3.54 7.87
C LEU A 113 4.09 -2.13 8.41
N MET A 114 4.56 -2.05 9.65
CA MET A 114 4.82 -0.76 10.28
C MET A 114 5.79 0.07 9.42
N ALA A 115 6.67 -0.61 8.70
CA ALA A 115 7.64 0.07 7.85
C ALA A 115 6.96 0.72 6.66
N PHE A 116 6.02 0.01 6.05
CA PHE A 116 5.30 0.52 4.90
C PHE A 116 4.29 1.59 5.31
N SER A 117 3.77 1.46 6.54
CA SER A 117 2.80 2.41 7.06
C SER A 117 3.38 3.82 7.10
N VAL A 118 4.47 3.98 7.84
CA VAL A 118 5.12 5.28 7.96
C VAL A 118 5.70 5.73 6.62
N PHE A 119 6.07 4.76 5.79
CA PHE A 119 6.64 5.06 4.48
C PHE A 119 5.69 5.92 3.65
N THR A 120 4.41 5.55 3.67
CA THR A 120 3.40 6.29 2.91
C THR A 120 3.13 7.65 3.55
N ILE A 121 3.18 7.70 4.87
CA ILE A 121 2.93 8.94 5.60
C ILE A 121 4.03 9.96 5.33
N ILE A 122 5.28 9.49 5.34
CA ILE A 122 6.42 10.38 5.09
C ILE A 122 6.55 10.69 3.61
N CYS A 123 6.04 9.80 2.77
CA CYS A 123 6.10 9.98 1.32
C CYS A 123 5.14 11.07 0.88
N THR A 124 3.87 10.94 1.25
CA THR A 124 2.86 11.92 0.89
C THR A 124 3.20 13.29 1.42
N ILE A 125 3.83 13.33 2.60
CA ILE A 125 4.21 14.59 3.22
C ILE A 125 5.52 15.12 2.63
N GLY A 126 6.40 14.18 2.24
CA GLY A 126 7.68 14.57 1.67
C GLY A 126 7.52 15.32 0.36
N ILE A 127 6.58 14.88 -0.47
CA ILE A 127 6.34 15.52 -1.76
C ILE A 127 5.43 16.74 -1.61
N LEU A 128 4.61 16.73 -0.56
CA LEU A 128 3.71 17.84 -0.31
C LEU A 128 4.47 19.15 -0.16
N MET A 129 5.45 19.16 0.74
CA MET A 129 6.27 20.34 0.97
C MET A 129 7.04 20.74 -0.28
N SER A 130 7.33 19.75 -1.13
CA SER A 130 8.06 19.99 -2.36
C SER A 130 7.33 21.00 -3.24
N ALA A 131 6.01 21.04 -3.11
CA ALA A 131 5.20 21.97 -3.89
C ALA A 131 5.47 21.81 -5.38
N PRO A 132 4.99 20.69 -5.96
CA PRO A 132 5.16 20.40 -7.38
C PRO A 132 4.34 21.32 -8.27
N ASN A 133 3.32 21.94 -7.69
CA ASN A 133 2.45 22.85 -8.43
C ASN A 133 3.23 24.09 -8.88
N PHE A 134 3.03 24.49 -10.13
CA PHE A 134 3.70 25.65 -10.68
C PHE A 134 2.79 26.88 -10.67
N VAL A 135 1.73 26.82 -11.47
CA VAL A 135 0.77 27.93 -11.53
C VAL A 135 -0.63 27.47 -11.15
N GLU A 136 -1.57 28.40 -11.16
CA GLU A 136 -2.96 28.10 -10.81
C GLU A 136 -3.87 29.27 -11.14
N GLU A 137 -3.61 29.92 -12.26
CA GLU A 137 -4.41 31.07 -12.69
C GLU A 137 -4.33 32.20 -11.67
N GLU A 4 -2.14 22.35 -8.73
CA GLU A 4 -3.34 22.31 -7.91
C GLU A 4 -4.16 21.05 -8.20
N GLU A 5 -4.38 20.78 -9.49
CA GLU A 5 -5.15 19.61 -9.89
C GLU A 5 -4.52 18.33 -9.36
N GLU A 6 -3.19 18.34 -9.25
CA GLU A 6 -2.47 17.17 -8.76
C GLU A 6 -2.84 16.87 -7.31
N LEU A 7 -3.12 17.92 -6.55
CA LEU A 7 -3.49 17.77 -5.15
C LEU A 7 -4.85 17.12 -5.00
N TYR A 8 -5.86 17.73 -5.62
CA TYR A 8 -7.22 17.22 -5.57
C TYR A 8 -7.27 15.76 -6.01
N TYR A 9 -6.46 15.42 -7.01
CA TYR A 9 -6.41 14.06 -7.53
C TYR A 9 -5.76 13.12 -6.52
N GLY A 10 -4.54 13.44 -6.12
CA GLY A 10 -3.82 12.62 -5.17
C GLY A 10 -4.61 12.39 -3.90
N LEU A 11 -5.50 13.33 -3.59
CA LEU A 11 -6.33 13.22 -2.39
C LEU A 11 -7.32 12.08 -2.51
N ASN A 12 -8.16 12.13 -3.54
CA ASN A 12 -9.16 11.10 -3.77
C ASN A 12 -8.51 9.72 -3.87
N LEU A 13 -7.24 9.70 -4.24
CA LEU A 13 -6.50 8.45 -4.36
C LEU A 13 -5.97 7.99 -3.01
N LEU A 14 -5.82 8.93 -2.09
CA LEU A 14 -5.31 8.63 -0.76
C LEU A 14 -6.42 8.05 0.12
N ILE A 15 -7.65 8.45 -0.15
CA ILE A 15 -8.81 7.97 0.61
C ILE A 15 -8.82 6.44 0.68
N PRO A 16 -8.82 5.79 -0.50
CA PRO A 16 -8.83 4.33 -0.59
C PRO A 16 -7.50 3.72 -0.15
N CYS A 17 -6.40 4.34 -0.55
CA CYS A 17 -5.08 3.85 -0.19
C CYS A 17 -4.96 3.63 1.31
N VAL A 18 -5.18 4.69 2.08
CA VAL A 18 -5.09 4.61 3.54
C VAL A 18 -6.24 3.78 4.10
N LEU A 19 -7.38 3.81 3.43
CA LEU A 19 -8.55 3.05 3.86
C LEU A 19 -8.23 1.57 3.97
N ILE A 20 -7.65 1.02 2.91
CA ILE A 20 -7.28 -0.40 2.90
C ILE A 20 -6.13 -0.68 3.86
N SER A 21 -5.24 0.30 4.00
CA SER A 21 -4.08 0.15 4.88
C SER A 21 -4.52 -0.22 6.29
N ALA A 22 -5.45 0.56 6.85
CA ALA A 22 -5.95 0.31 8.19
C ALA A 22 -6.62 -1.06 8.28
N LEU A 23 -7.54 -1.33 7.37
CA LEU A 23 -8.24 -2.60 7.35
C LEU A 23 -7.26 -3.78 7.27
N ALA A 24 -6.19 -3.59 6.51
CA ALA A 24 -5.18 -4.62 6.35
C ALA A 24 -4.47 -4.90 7.67
N LEU A 25 -4.21 -3.85 8.43
CA LEU A 25 -3.54 -3.98 9.72
C LEU A 25 -4.32 -4.91 10.64
N LEU A 26 -5.64 -4.85 10.57
CA LEU A 26 -6.50 -5.69 11.39
C LEU A 26 -6.26 -7.17 11.09
N VAL A 27 -5.96 -7.46 9.82
CA VAL A 27 -5.72 -8.83 9.40
C VAL A 27 -4.28 -9.25 9.68
N PHE A 28 -3.37 -8.29 9.60
CA PHE A 28 -1.96 -8.55 9.84
C PHE A 28 -1.74 -9.14 11.24
N LEU A 29 -2.38 -8.53 12.23
CA LEU A 29 -2.27 -9.00 13.61
C LEU A 29 -3.06 -10.29 13.82
N LEU A 30 -4.10 -10.47 13.01
CA LEU A 30 -4.93 -11.66 13.10
C LEU A 30 -4.82 -12.51 11.84
N PRO A 31 -3.68 -13.17 11.67
CA PRO A 31 -3.42 -14.02 10.50
C PRO A 31 -4.26 -15.29 10.51
N ALA A 32 -5.49 -15.19 10.00
CA ALA A 32 -6.38 -16.34 9.95
C ALA A 32 -5.97 -17.32 8.85
N ASP A 33 -6.63 -18.47 8.83
CA ASP A 33 -6.34 -19.49 7.83
C ASP A 33 -7.62 -20.11 7.29
N SER A 34 -8.67 -19.30 7.21
CA SER A 34 -9.97 -19.77 6.72
C SER A 34 -10.09 -19.54 5.22
N GLY A 35 -9.50 -18.44 4.75
CA GLY A 35 -9.56 -18.12 3.33
C GLY A 35 -9.51 -16.63 3.08
N GLU A 36 -9.82 -15.84 4.11
CA GLU A 36 -9.82 -14.38 3.98
C GLU A 36 -8.44 -13.88 3.56
N LYS A 37 -7.40 -14.63 3.93
CA LYS A 37 -6.03 -14.26 3.57
C LYS A 37 -5.88 -14.09 2.07
N ILE A 38 -6.14 -15.16 1.32
CA ILE A 38 -6.03 -15.12 -0.12
C ILE A 38 -7.14 -14.28 -0.74
N SER A 39 -8.27 -14.19 -0.04
CA SER A 39 -9.41 -13.42 -0.52
C SER A 39 -9.02 -11.95 -0.69
N LEU A 40 -8.61 -11.33 0.42
CA LEU A 40 -8.22 -9.91 0.40
C LEU A 40 -6.89 -9.73 -0.33
N GLY A 41 -6.08 -10.78 -0.33
CA GLY A 41 -4.79 -10.71 -1.00
C GLY A 41 -4.90 -10.25 -2.43
N ILE A 42 -5.78 -10.89 -3.19
CA ILE A 42 -5.98 -10.53 -4.59
C ILE A 42 -6.87 -9.30 -4.72
N THR A 43 -7.76 -9.10 -3.75
CA THR A 43 -8.66 -7.97 -3.76
C THR A 43 -7.90 -6.65 -3.89
N VAL A 44 -6.99 -6.41 -2.96
CA VAL A 44 -6.19 -5.19 -2.96
C VAL A 44 -5.19 -5.20 -4.12
N LEU A 45 -4.62 -6.37 -4.39
CA LEU A 45 -3.65 -6.52 -5.47
C LEU A 45 -4.23 -6.05 -6.80
N LEU A 46 -5.41 -6.53 -7.13
CA LEU A 46 -6.07 -6.15 -8.38
C LEU A 46 -6.44 -4.67 -8.37
N SER A 47 -6.68 -4.13 -7.17
CA SER A 47 -7.04 -2.73 -7.02
C SER A 47 -5.82 -1.83 -7.26
N LEU A 48 -4.64 -2.37 -7.00
CA LEU A 48 -3.41 -1.61 -7.19
C LEU A 48 -3.05 -1.50 -8.67
N THR A 49 -3.00 -2.64 -9.35
CA THR A 49 -2.67 -2.67 -10.76
C THR A 49 -3.57 -1.72 -11.56
N VAL A 50 -4.84 -1.64 -11.16
CA VAL A 50 -5.80 -0.78 -11.83
C VAL A 50 -5.51 0.69 -11.53
N PHE A 51 -5.49 1.04 -10.25
CA PHE A 51 -5.22 2.41 -9.83
C PHE A 51 -3.92 2.92 -10.43
N MET A 52 -2.99 1.99 -10.69
CA MET A 52 -1.70 2.35 -11.26
C MET A 52 -1.85 2.84 -12.70
N LEU A 53 -2.67 2.15 -13.47
CA LEU A 53 -2.91 2.51 -14.86
C LEU A 53 -3.41 3.95 -14.97
N LEU A 54 -4.28 4.33 -14.05
CA LEU A 54 -4.83 5.68 -14.05
C LEU A 54 -3.73 6.72 -13.89
N VAL A 55 -2.90 6.54 -12.87
CA VAL A 55 -1.80 7.46 -12.61
C VAL A 55 -0.76 7.40 -13.72
N ALA A 56 -0.67 6.24 -14.37
CA ALA A 56 0.29 6.06 -15.46
C ALA A 56 -0.21 6.71 -16.74
N GLU A 57 -1.52 6.85 -16.86
CA GLU A 57 -2.12 7.46 -18.05
C GLU A 57 -1.90 8.97 -18.04
N ILE A 58 -2.03 9.58 -16.87
CA ILE A 58 -1.86 11.01 -16.73
C ILE A 58 -0.38 11.40 -16.82
N MET A 59 0.49 10.47 -16.43
CA MET A 59 1.93 10.72 -16.47
C MET A 59 2.67 9.49 -16.99
N PRO A 60 2.53 9.22 -18.30
CA PRO A 60 3.19 8.09 -18.95
C PRO A 60 4.70 8.25 -19.03
N SER A 61 5.36 7.28 -19.66
CA SER A 61 6.82 7.32 -19.80
C SER A 61 7.21 7.83 -21.19
N THR A 62 6.42 8.77 -21.70
CA THR A 62 6.68 9.35 -23.02
C THR A 62 6.38 10.84 -23.04
N SER A 63 6.88 11.54 -24.06
CA SER A 63 6.66 12.97 -24.19
C SER A 63 7.12 13.70 -22.93
N ASP A 64 6.82 14.99 -22.86
CA ASP A 64 7.20 15.81 -21.72
C ASP A 64 6.08 15.86 -20.68
N SER A 65 5.76 14.70 -20.13
CA SER A 65 4.70 14.60 -19.13
C SER A 65 5.24 14.87 -17.74
N SER A 66 6.52 14.61 -17.55
CA SER A 66 7.17 14.82 -16.25
C SER A 66 6.47 14.03 -15.15
N PRO A 67 6.63 12.71 -15.19
CA PRO A 67 6.03 11.81 -14.20
C PRO A 67 6.65 11.94 -12.82
N SER A 68 5.96 12.64 -11.92
CA SER A 68 6.45 12.85 -10.57
C SER A 68 5.88 11.81 -9.62
N ILE A 69 4.56 11.80 -9.48
CA ILE A 69 3.89 10.86 -8.60
C ILE A 69 3.86 9.45 -9.22
N ALA A 70 3.92 9.40 -10.53
CA ALA A 70 3.91 8.12 -11.25
C ALA A 70 5.05 7.21 -10.76
N GLN A 71 6.27 7.73 -10.81
CA GLN A 71 7.43 6.97 -10.38
C GLN A 71 7.24 6.42 -8.96
N TYR A 72 6.82 7.30 -8.05
CA TYR A 72 6.60 6.91 -6.67
C TYR A 72 5.54 5.82 -6.57
N PHE A 73 4.46 5.99 -7.32
CA PHE A 73 3.37 5.02 -7.32
C PHE A 73 3.87 3.63 -7.72
N ALA A 74 4.88 3.61 -8.60
CA ALA A 74 5.45 2.35 -9.06
C ALA A 74 6.23 1.65 -7.94
N SER A 75 7.20 2.36 -7.37
CA SER A 75 8.02 1.82 -6.30
C SER A 75 7.15 1.30 -5.17
N THR A 76 5.97 1.89 -5.01
CA THR A 76 5.04 1.50 -3.96
C THR A 76 4.52 0.09 -4.20
N MET A 77 3.96 -0.14 -5.37
CA MET A 77 3.42 -1.44 -5.73
C MET A 77 4.45 -2.55 -5.50
N ILE A 78 5.72 -2.18 -5.64
CA ILE A 78 6.81 -3.14 -5.45
C ILE A 78 6.85 -3.65 -4.02
N ILE A 79 6.95 -2.73 -3.06
CA ILE A 79 6.99 -3.08 -1.65
C ILE A 79 5.64 -3.64 -1.19
N VAL A 80 4.57 -3.19 -1.83
CA VAL A 80 3.23 -3.64 -1.48
C VAL A 80 3.00 -5.08 -1.95
N GLY A 81 3.54 -5.40 -3.12
CA GLY A 81 3.37 -6.74 -3.66
C GLY A 81 4.07 -7.79 -2.81
N LEU A 82 5.38 -7.67 -2.69
CA LEU A 82 6.17 -8.63 -1.91
C LEU A 82 5.65 -8.69 -0.47
N SER A 83 5.02 -7.62 -0.02
CA SER A 83 4.49 -7.55 1.33
C SER A 83 3.47 -8.66 1.58
N VAL A 84 2.40 -8.65 0.79
CA VAL A 84 1.34 -9.65 0.90
C VAL A 84 1.89 -11.05 0.64
N VAL A 85 2.97 -11.12 -0.14
CA VAL A 85 3.60 -12.39 -0.47
C VAL A 85 4.22 -13.04 0.77
N VAL A 86 4.97 -12.24 1.53
CA VAL A 86 5.62 -12.73 2.73
C VAL A 86 4.60 -13.21 3.75
N THR A 87 3.57 -12.40 3.99
CA THR A 87 2.53 -12.75 4.94
C THR A 87 1.97 -14.14 4.66
N VAL A 88 1.77 -14.45 3.39
CA VAL A 88 1.23 -15.75 2.99
C VAL A 88 2.18 -16.88 3.41
N ILE A 89 3.46 -16.72 3.09
CA ILE A 89 4.46 -17.72 3.44
C ILE A 89 4.51 -17.95 4.94
N VAL A 90 4.48 -16.87 5.71
CA VAL A 90 4.52 -16.95 7.16
C VAL A 90 3.40 -17.85 7.69
N LEU A 91 2.27 -17.85 7.00
CA LEU A 91 1.13 -18.67 7.39
C LEU A 91 1.40 -20.15 7.12
N GLN A 92 1.73 -20.47 5.87
CA GLN A 92 2.01 -21.84 5.49
C GLN A 92 3.13 -22.43 6.34
N TYR A 93 4.13 -21.60 6.64
CA TYR A 93 5.26 -22.04 7.45
C TYR A 93 4.81 -22.48 8.84
N HIS A 94 3.93 -21.69 9.44
CA HIS A 94 3.42 -22.00 10.77
C HIS A 94 2.10 -22.77 10.68
N HIS A 95 2.16 -24.07 10.95
CA HIS A 95 0.97 -24.91 10.90
C HIS A 95 0.16 -24.78 12.19
N HIS A 96 0.75 -25.21 13.30
CA HIS A 96 0.09 -25.13 14.59
C HIS A 96 0.29 -23.77 15.24
N ASP A 97 -0.77 -22.98 15.29
CA ASP A 97 -0.71 -21.65 15.88
C ASP A 97 -0.71 -21.74 17.41
N PRO A 98 -0.26 -20.65 18.06
CA PRO A 98 -0.20 -20.58 19.53
C PRO A 98 -1.58 -20.51 20.16
N ASP A 99 -2.45 -19.70 19.57
CA ASP A 99 -3.81 -19.55 20.07
C ASP A 99 -4.63 -18.62 19.19
N GLY A 100 -5.86 -18.32 19.60
CA GLY A 100 -6.72 -17.45 18.82
C GLY A 100 -6.91 -16.10 19.47
N GLY A 101 -8.16 -15.75 19.77
CA GLY A 101 -8.45 -14.47 20.39
C GLY A 101 -8.04 -13.31 19.52
N GLU A 102 -7.51 -12.26 20.15
CA GLU A 102 -7.09 -11.07 19.43
C GLU A 102 -5.68 -10.65 19.85
N GLY A 103 -4.70 -11.46 19.47
CA GLY A 103 -3.31 -11.16 19.82
C GLY A 103 -2.36 -12.21 19.33
N GLY A 104 -2.57 -12.69 18.11
CA GLY A 104 -1.70 -13.71 17.54
C GLY A 104 -0.81 -13.16 16.45
N GLY A 105 -0.01 -12.15 16.78
CA GLY A 105 0.89 -11.55 15.81
C GLY A 105 2.32 -11.99 16.00
N GLU A 106 3.14 -11.80 14.97
CA GLU A 106 4.54 -12.18 15.04
C GLU A 106 5.45 -10.96 14.96
N GLY A 107 6.69 -11.11 15.42
CA GLY A 107 7.63 -10.00 15.40
C GLY A 107 7.92 -9.52 13.99
N ILE A 108 7.90 -10.44 13.04
CA ILE A 108 8.16 -10.09 11.65
C ILE A 108 7.06 -9.22 11.07
N ASP A 109 5.82 -9.66 11.23
CA ASP A 109 4.66 -8.91 10.74
C ASP A 109 4.69 -7.48 11.27
N ARG A 110 4.92 -7.33 12.57
CA ARG A 110 4.96 -6.02 13.19
C ARG A 110 6.10 -5.18 12.62
N LEU A 111 7.25 -5.81 12.41
CA LEU A 111 8.41 -5.13 11.87
C LEU A 111 8.10 -4.48 10.52
N CYS A 112 7.54 -5.28 9.61
CA CYS A 112 7.18 -4.79 8.28
C CYS A 112 6.14 -3.69 8.38
N LEU A 113 5.34 -3.72 9.43
CA LEU A 113 4.29 -2.71 9.64
C LEU A 113 4.90 -1.35 9.94
N MET A 114 6.02 -1.35 10.66
CA MET A 114 6.70 -0.11 10.99
C MET A 114 7.36 0.51 9.76
N ALA A 115 8.03 -0.32 8.98
CA ALA A 115 8.70 0.15 7.77
C ALA A 115 7.71 0.73 6.77
N PHE A 116 6.53 0.11 6.70
CA PHE A 116 5.48 0.58 5.79
C PHE A 116 4.87 1.89 6.28
N SER A 117 4.75 2.02 7.60
CA SER A 117 4.18 3.21 8.20
C SER A 117 4.89 4.47 7.70
N VAL A 118 6.19 4.56 8.00
CA VAL A 118 6.99 5.70 7.58
C VAL A 118 7.05 5.81 6.06
N PHE A 119 6.98 4.66 5.40
CA PHE A 119 7.03 4.61 3.94
C PHE A 119 6.00 5.56 3.32
N THR A 120 4.81 5.60 3.92
CA THR A 120 3.74 6.46 3.44
C THR A 120 3.98 7.90 3.85
N ILE A 121 4.45 8.10 5.07
CA ILE A 121 4.72 9.44 5.59
C ILE A 121 5.76 10.15 4.75
N ILE A 122 6.83 9.44 4.41
CA ILE A 122 7.91 10.00 3.60
C ILE A 122 7.47 10.18 2.15
N CYS A 123 6.51 9.36 1.72
CA CYS A 123 6.01 9.44 0.35
C CYS A 123 5.22 10.73 0.13
N THR A 124 4.18 10.92 0.93
CA THR A 124 3.33 12.10 0.82
C THR A 124 4.18 13.38 0.86
N ILE A 125 5.17 13.39 1.74
CA ILE A 125 6.06 14.54 1.86
C ILE A 125 7.07 14.61 0.72
N GLY A 126 7.42 13.43 0.19
CA GLY A 126 8.37 13.37 -0.90
C GLY A 126 7.91 14.16 -2.12
N ILE A 127 6.73 13.80 -2.63
CA ILE A 127 6.18 14.47 -3.80
C ILE A 127 5.72 15.88 -3.46
N LEU A 128 5.40 16.10 -2.19
CA LEU A 128 4.95 17.41 -1.73
C LEU A 128 6.10 18.42 -1.76
N MET A 129 7.23 18.03 -1.19
CA MET A 129 8.41 18.90 -1.16
C MET A 129 8.94 19.15 -2.57
N SER A 130 8.73 18.19 -3.45
CA SER A 130 9.19 18.31 -4.83
C SER A 130 8.36 19.33 -5.59
N ALA A 131 7.12 19.51 -5.17
CA ALA A 131 6.22 20.47 -5.81
C ALA A 131 5.16 20.96 -4.84
N PRO A 132 5.57 21.83 -3.90
CA PRO A 132 4.67 22.40 -2.90
C PRO A 132 3.67 23.38 -3.50
N ASN A 133 2.71 23.82 -2.69
CA ASN A 133 1.70 24.76 -3.15
C ASN A 133 2.18 26.20 -3.01
N PHE A 134 2.37 26.86 -4.15
CA PHE A 134 2.84 28.24 -4.16
C PHE A 134 1.84 29.16 -3.46
N VAL A 135 0.59 29.12 -3.90
CA VAL A 135 -0.45 29.94 -3.32
C VAL A 135 -1.79 29.21 -3.32
N GLU A 136 -2.80 29.82 -2.70
CA GLU A 136 -4.13 29.23 -2.63
C GLU A 136 -5.09 29.96 -3.55
N GLU A 137 -6.24 29.33 -3.82
CA GLU A 137 -7.25 29.91 -4.70
C GLU A 137 -6.67 30.18 -6.08
N GLU A 4 -5.28 23.33 -8.32
CA GLU A 4 -6.24 22.73 -7.40
C GLU A 4 -6.47 21.26 -7.73
N GLU A 5 -6.40 20.93 -9.02
CA GLU A 5 -6.60 19.56 -9.46
C GLU A 5 -5.65 18.60 -8.74
N GLU A 6 -4.38 18.97 -8.68
CA GLU A 6 -3.38 18.14 -8.01
C GLU A 6 -3.81 17.82 -6.59
N LEU A 7 -4.56 18.73 -5.97
CA LEU A 7 -5.04 18.54 -4.60
C LEU A 7 -6.07 17.42 -4.54
N TYR A 8 -7.09 17.51 -5.37
CA TYR A 8 -8.15 16.51 -5.42
C TYR A 8 -7.57 15.14 -5.74
N TYR A 9 -6.72 15.08 -6.75
CA TYR A 9 -6.10 13.83 -7.17
C TYR A 9 -5.42 13.15 -6.00
N GLY A 10 -4.48 13.85 -5.38
CA GLY A 10 -3.76 13.30 -4.24
C GLY A 10 -4.69 12.76 -3.18
N LEU A 11 -5.86 13.38 -3.04
CA LEU A 11 -6.83 12.96 -2.04
C LEU A 11 -7.42 11.61 -2.41
N ASN A 12 -8.02 11.53 -3.60
CA ASN A 12 -8.63 10.29 -4.06
C ASN A 12 -7.61 9.15 -4.06
N LEU A 13 -6.33 9.50 -4.16
CA LEU A 13 -5.27 8.50 -4.16
C LEU A 13 -4.90 8.08 -2.74
N LEU A 14 -5.20 8.95 -1.78
CA LEU A 14 -4.92 8.67 -0.37
C LEU A 14 -5.96 7.74 0.22
N ILE A 15 -7.19 7.82 -0.30
CA ILE A 15 -8.28 6.99 0.18
C ILE A 15 -7.87 5.51 0.21
N PRO A 16 -7.47 4.99 -0.96
CA PRO A 16 -7.04 3.59 -1.10
C PRO A 16 -5.71 3.32 -0.41
N CYS A 17 -4.77 4.24 -0.55
CA CYS A 17 -3.45 4.10 0.06
C CYS A 17 -3.59 3.80 1.56
N VAL A 18 -4.20 4.71 2.29
CA VAL A 18 -4.39 4.55 3.72
C VAL A 18 -5.31 3.37 4.03
N LEU A 19 -6.27 3.14 3.14
CA LEU A 19 -7.22 2.04 3.31
C LEU A 19 -6.50 0.70 3.34
N ILE A 20 -5.82 0.38 2.23
CA ILE A 20 -5.09 -0.88 2.13
C ILE A 20 -4.12 -1.05 3.30
N SER A 21 -3.57 0.06 3.77
CA SER A 21 -2.63 0.03 4.89
C SER A 21 -3.33 -0.39 6.17
N ALA A 22 -4.44 0.26 6.48
CA ALA A 22 -5.20 -0.04 7.68
C ALA A 22 -5.60 -1.51 7.72
N LEU A 23 -6.28 -1.96 6.66
CA LEU A 23 -6.72 -3.34 6.56
C LEU A 23 -5.55 -4.30 6.67
N ALA A 24 -4.43 -3.91 6.07
CA ALA A 24 -3.22 -4.75 6.09
C ALA A 24 -2.70 -4.92 7.52
N LEU A 25 -2.91 -3.89 8.33
CA LEU A 25 -2.46 -3.93 9.72
C LEU A 25 -3.38 -4.79 10.58
N LEU A 26 -4.64 -4.90 10.16
CA LEU A 26 -5.62 -5.71 10.88
C LEU A 26 -5.32 -7.19 10.73
N VAL A 27 -4.83 -7.58 9.56
CA VAL A 27 -4.50 -8.98 9.28
C VAL A 27 -3.18 -9.36 9.96
N PHE A 28 -2.26 -8.41 10.05
CA PHE A 28 -0.97 -8.66 10.67
C PHE A 28 -1.13 -8.97 12.15
N LEU A 29 -2.01 -8.22 12.82
CA LEU A 29 -2.26 -8.42 14.24
C LEU A 29 -3.07 -9.69 14.49
N LEU A 30 -3.93 -10.03 13.53
CA LEU A 30 -4.77 -11.21 13.64
C LEU A 30 -4.50 -12.18 12.48
N PRO A 31 -3.33 -12.84 12.52
CA PRO A 31 -2.95 -13.80 11.48
C PRO A 31 -3.78 -15.07 11.53
N ALA A 32 -4.79 -15.13 10.65
CA ALA A 32 -5.68 -16.29 10.59
C ALA A 32 -5.02 -17.42 9.80
N ASP A 33 -5.71 -18.57 9.75
CA ASP A 33 -5.19 -19.73 9.02
C ASP A 33 -6.01 -19.98 7.76
N SER A 34 -7.30 -19.63 7.82
CA SER A 34 -8.20 -19.83 6.69
C SER A 34 -7.67 -19.12 5.45
N GLY A 35 -7.43 -17.82 5.57
CA GLY A 35 -6.94 -17.05 4.45
C GLY A 35 -7.34 -15.59 4.53
N GLU A 36 -6.84 -14.89 5.55
CA GLU A 36 -7.15 -13.47 5.73
C GLU A 36 -6.31 -12.60 4.82
N LYS A 37 -4.99 -12.75 4.92
CA LYS A 37 -4.07 -11.97 4.10
C LYS A 37 -4.14 -12.40 2.64
N ILE A 38 -4.53 -13.66 2.42
CA ILE A 38 -4.64 -14.19 1.07
C ILE A 38 -5.81 -13.56 0.32
N SER A 39 -7.02 -13.73 0.87
CA SER A 39 -8.22 -13.18 0.27
C SER A 39 -8.05 -11.69 -0.02
N LEU A 40 -7.77 -10.91 1.03
CA LEU A 40 -7.58 -9.47 0.89
C LEU A 40 -6.35 -9.16 0.04
N GLY A 41 -5.39 -10.09 0.04
CA GLY A 41 -4.18 -9.89 -0.73
C GLY A 41 -4.46 -9.55 -2.18
N ILE A 42 -5.19 -10.42 -2.86
CA ILE A 42 -5.53 -10.20 -4.26
C ILE A 42 -6.53 -9.06 -4.41
N THR A 43 -7.35 -8.85 -3.38
CA THR A 43 -8.35 -7.79 -3.39
C THR A 43 -7.69 -6.41 -3.45
N VAL A 44 -6.87 -6.11 -2.45
CA VAL A 44 -6.18 -4.83 -2.39
C VAL A 44 -5.17 -4.69 -3.53
N LEU A 45 -4.59 -5.82 -3.93
CA LEU A 45 -3.61 -5.82 -5.01
C LEU A 45 -4.25 -5.40 -6.33
N LEU A 46 -5.30 -6.10 -6.72
CA LEU A 46 -6.01 -5.80 -7.97
C LEU A 46 -6.51 -4.36 -7.97
N SER A 47 -6.77 -3.82 -6.79
CA SER A 47 -7.25 -2.45 -6.65
C SER A 47 -6.13 -1.45 -6.94
N LEU A 48 -4.90 -1.87 -6.69
CA LEU A 48 -3.74 -1.01 -6.93
C LEU A 48 -3.40 -0.94 -8.41
N THR A 49 -3.24 -2.12 -9.03
CA THR A 49 -2.91 -2.19 -10.45
C THR A 49 -3.88 -1.35 -11.28
N VAL A 50 -5.16 -1.39 -10.91
CA VAL A 50 -6.18 -0.63 -11.62
C VAL A 50 -6.02 0.86 -11.39
N PHE A 51 -5.68 1.23 -10.16
CA PHE A 51 -5.49 2.63 -9.81
C PHE A 51 -4.29 3.23 -10.54
N MET A 52 -3.30 2.38 -10.83
CA MET A 52 -2.10 2.82 -11.53
C MET A 52 -2.42 3.18 -12.99
N LEU A 53 -3.27 2.37 -13.61
CA LEU A 53 -3.66 2.60 -15.00
C LEU A 53 -4.43 3.91 -15.14
N LEU A 54 -5.16 4.28 -14.10
CA LEU A 54 -5.95 5.51 -14.10
C LEU A 54 -5.04 6.73 -14.03
N VAL A 55 -4.22 6.79 -12.98
CA VAL A 55 -3.30 7.90 -12.80
C VAL A 55 -2.34 8.02 -13.96
N ALA A 56 -2.06 6.90 -14.62
CA ALA A 56 -1.16 6.88 -15.76
C ALA A 56 -1.87 7.29 -17.04
N GLU A 57 -3.18 7.04 -17.09
CA GLU A 57 -3.98 7.39 -18.25
C GLU A 57 -4.09 8.90 -18.41
N ILE A 58 -4.26 9.60 -17.30
CA ILE A 58 -4.37 11.05 -17.31
C ILE A 58 -3.04 11.70 -17.66
N MET A 59 -1.95 11.00 -17.37
CA MET A 59 -0.61 11.52 -17.66
C MET A 59 -0.38 11.60 -19.17
N PRO A 60 0.58 12.46 -19.56
CA PRO A 60 0.92 12.65 -20.98
C PRO A 60 1.61 11.42 -21.58
N SER A 61 1.43 11.23 -22.89
CA SER A 61 2.03 10.10 -23.57
C SER A 61 2.90 10.58 -24.74
N THR A 62 4.20 10.70 -24.49
CA THR A 62 5.12 11.14 -25.53
C THR A 62 6.57 10.91 -25.10
N SER A 63 7.50 11.22 -26.00
CA SER A 63 8.92 11.03 -25.72
C SER A 63 9.32 11.80 -24.46
N ASP A 64 8.98 13.08 -24.41
CA ASP A 64 9.31 13.92 -23.27
C ASP A 64 8.06 14.22 -22.44
N SER A 65 7.68 13.28 -21.59
CA SER A 65 6.50 13.43 -20.75
C SER A 65 6.90 13.79 -19.31
N SER A 66 8.06 13.28 -18.89
CA SER A 66 8.55 13.54 -17.54
C SER A 66 7.53 13.11 -16.49
N PRO A 67 7.35 11.79 -16.34
CA PRO A 67 6.41 11.23 -15.38
C PRO A 67 6.86 11.43 -13.94
N SER A 68 5.97 12.00 -13.12
CA SER A 68 6.27 12.25 -11.72
C SER A 68 5.49 11.31 -10.81
N ILE A 69 4.19 11.57 -10.70
CA ILE A 69 3.32 10.74 -9.87
C ILE A 69 3.18 9.34 -10.44
N ALA A 70 3.33 9.22 -11.75
CA ALA A 70 3.22 7.93 -12.43
C ALA A 70 4.35 7.01 -12.01
N GLN A 71 5.58 7.52 -12.03
CA GLN A 71 6.74 6.74 -11.66
C GLN A 71 6.71 6.37 -10.17
N TYR A 72 6.34 7.35 -9.34
CA TYR A 72 6.28 7.14 -7.91
C TYR A 72 5.22 6.10 -7.56
N PHE A 73 4.00 6.33 -8.01
CA PHE A 73 2.89 5.41 -7.75
C PHE A 73 3.21 4.02 -8.28
N ALA A 74 3.83 3.96 -9.45
CA ALA A 74 4.19 2.68 -10.06
C ALA A 74 5.22 1.94 -9.20
N SER A 75 6.32 2.61 -8.90
CA SER A 75 7.38 2.01 -8.11
C SER A 75 6.82 1.47 -6.79
N THR A 76 5.75 2.09 -6.31
CA THR A 76 5.13 1.68 -5.06
C THR A 76 4.52 0.29 -5.18
N MET A 77 3.66 0.11 -6.17
CA MET A 77 3.01 -1.18 -6.40
C MET A 77 4.04 -2.30 -6.48
N ILE A 78 5.23 -1.97 -6.94
CA ILE A 78 6.30 -2.94 -7.07
C ILE A 78 6.72 -3.49 -5.71
N ILE A 79 7.07 -2.59 -4.80
CA ILE A 79 7.49 -2.97 -3.46
C ILE A 79 6.31 -3.51 -2.66
N VAL A 80 5.11 -3.00 -2.96
CA VAL A 80 3.91 -3.43 -2.26
C VAL A 80 3.50 -4.84 -2.67
N GLY A 81 3.78 -5.18 -3.93
CA GLY A 81 3.45 -6.50 -4.43
C GLY A 81 4.30 -7.59 -3.82
N LEU A 82 5.61 -7.50 -4.03
CA LEU A 82 6.54 -8.49 -3.51
C LEU A 82 6.41 -8.60 -1.99
N SER A 83 5.94 -7.54 -1.36
CA SER A 83 5.76 -7.51 0.08
C SER A 83 4.72 -8.55 0.52
N VAL A 84 3.54 -8.48 -0.09
CA VAL A 84 2.47 -9.41 0.23
C VAL A 84 2.89 -10.86 0.00
N VAL A 85 3.80 -11.06 -0.96
CA VAL A 85 4.29 -12.39 -1.28
C VAL A 85 5.02 -13.00 -0.09
N VAL A 86 5.87 -12.21 0.56
CA VAL A 86 6.61 -12.68 1.72
C VAL A 86 5.68 -13.14 2.83
N THR A 87 4.71 -12.28 3.18
CA THR A 87 3.75 -12.60 4.22
C THR A 87 3.08 -13.94 3.97
N VAL A 88 2.85 -14.25 2.70
CA VAL A 88 2.21 -15.50 2.32
C VAL A 88 3.09 -16.70 2.69
N ILE A 89 4.39 -16.55 2.48
CA ILE A 89 5.34 -17.63 2.78
C ILE A 89 5.39 -17.90 4.29
N VAL A 90 5.11 -16.87 5.08
CA VAL A 90 5.12 -17.00 6.53
C VAL A 90 3.99 -17.90 7.00
N LEU A 91 2.79 -17.69 6.46
CA LEU A 91 1.63 -18.48 6.82
C LEU A 91 1.88 -19.97 6.57
N GLN A 92 2.29 -20.30 5.35
CA GLN A 92 2.56 -21.68 4.99
C GLN A 92 3.63 -22.28 5.89
N TYR A 93 4.53 -21.44 6.37
CA TYR A 93 5.62 -21.87 7.25
C TYR A 93 5.10 -22.17 8.65
N HIS A 94 4.63 -21.12 9.32
CA HIS A 94 4.10 -21.27 10.67
C HIS A 94 2.58 -21.23 10.67
N HIS A 95 1.96 -22.24 11.28
CA HIS A 95 0.51 -22.33 11.35
C HIS A 95 -0.01 -21.72 12.65
N HIS A 96 -1.09 -20.94 12.54
CA HIS A 96 -1.68 -20.29 13.70
C HIS A 96 -2.98 -20.99 14.10
N ASP A 97 -3.41 -20.76 15.34
CA ASP A 97 -4.64 -21.36 15.84
C ASP A 97 -5.63 -20.29 16.29
N PRO A 98 -6.23 -19.59 15.32
CA PRO A 98 -7.21 -18.53 15.58
C PRO A 98 -8.52 -19.07 16.14
N ASP A 99 -8.77 -18.78 17.41
CA ASP A 99 -10.00 -19.24 18.08
C ASP A 99 -10.14 -18.62 19.46
N GLY A 100 -10.81 -17.47 19.52
CA GLY A 100 -11.00 -16.80 20.79
C GLY A 100 -9.88 -15.83 21.10
N GLY A 101 -9.78 -15.45 22.37
CA GLY A 101 -8.73 -14.52 22.77
C GLY A 101 -9.01 -13.10 22.32
N GLU A 102 -8.14 -12.17 22.69
CA GLU A 102 -8.30 -10.77 22.31
C GLU A 102 -7.24 -10.36 21.29
N GLY A 103 -6.92 -11.27 20.39
CA GLY A 103 -5.93 -10.99 19.36
C GLY A 103 -4.55 -11.49 19.74
N GLY A 104 -3.55 -11.11 18.95
CA GLY A 104 -2.19 -11.54 19.23
C GLY A 104 -1.19 -10.97 18.24
N GLY A 105 -0.84 -11.74 17.22
CA GLY A 105 0.11 -11.29 16.23
C GLY A 105 1.55 -11.43 16.69
N GLU A 106 2.28 -12.34 16.06
CA GLU A 106 3.67 -12.56 16.40
C GLU A 106 4.49 -11.27 16.28
N GLY A 107 5.63 -11.24 16.96
CA GLY A 107 6.48 -10.06 16.92
C GLY A 107 6.99 -9.76 15.52
N ILE A 108 7.10 -10.81 14.70
CA ILE A 108 7.58 -10.66 13.33
C ILE A 108 6.69 -9.70 12.54
N ASP A 109 5.39 -9.99 12.52
CA ASP A 109 4.43 -9.17 11.81
C ASP A 109 4.50 -7.72 12.27
N ARG A 110 4.57 -7.53 13.58
CA ARG A 110 4.65 -6.19 14.15
C ARG A 110 5.87 -5.44 13.64
N LEU A 111 6.98 -6.17 13.50
CA LEU A 111 8.21 -5.56 13.00
C LEU A 111 7.99 -4.84 11.69
N CYS A 112 7.43 -5.55 10.71
CA CYS A 112 7.16 -4.98 9.40
C CYS A 112 6.08 -3.90 9.50
N LEU A 113 5.23 -4.00 10.50
CA LEU A 113 4.15 -3.04 10.71
C LEU A 113 4.70 -1.62 10.75
N MET A 114 5.72 -1.41 11.58
CA MET A 114 6.33 -0.10 11.72
C MET A 114 7.09 0.28 10.45
N ALA A 115 7.82 -0.68 9.88
CA ALA A 115 8.58 -0.43 8.67
C ALA A 115 7.69 0.13 7.57
N PHE A 116 6.56 -0.51 7.35
CA PHE A 116 5.62 -0.08 6.32
C PHE A 116 4.91 1.21 6.73
N SER A 117 4.78 1.42 8.04
CA SER A 117 4.12 2.60 8.57
C SER A 117 4.80 3.87 8.05
N VAL A 118 6.07 4.04 8.40
CA VAL A 118 6.83 5.21 7.97
C VAL A 118 6.96 5.26 6.46
N PHE A 119 6.98 4.08 5.83
CA PHE A 119 7.10 3.99 4.39
C PHE A 119 6.04 4.85 3.70
N THR A 120 4.81 4.76 4.18
CA THR A 120 3.70 5.52 3.62
C THR A 120 3.84 7.00 3.94
N ILE A 121 4.31 7.30 5.16
CA ILE A 121 4.48 8.68 5.59
C ILE A 121 5.52 9.40 4.73
N ILE A 122 6.63 8.73 4.48
CA ILE A 122 7.70 9.31 3.66
C ILE A 122 7.29 9.39 2.19
N CYS A 123 6.39 8.50 1.79
CA CYS A 123 5.92 8.48 0.41
C CYS A 123 5.12 9.75 0.08
N THR A 124 4.04 9.97 0.82
CA THR A 124 3.20 11.14 0.61
C THR A 124 4.03 12.42 0.61
N ILE A 125 4.99 12.50 1.53
CA ILE A 125 5.86 13.66 1.64
C ILE A 125 6.87 13.70 0.50
N GLY A 126 7.23 12.52 0.00
CA GLY A 126 8.19 12.45 -1.10
C GLY A 126 7.69 13.11 -2.36
N ILE A 127 6.42 12.88 -2.68
CA ILE A 127 5.82 13.46 -3.88
C ILE A 127 5.42 14.91 -3.65
N LEU A 128 5.16 15.25 -2.38
CA LEU A 128 4.76 16.60 -2.02
C LEU A 128 5.90 17.58 -2.24
N MET A 129 7.09 17.23 -1.75
CA MET A 129 8.26 18.07 -1.89
C MET A 129 8.64 18.22 -3.37
N SER A 130 8.30 17.22 -4.17
CA SER A 130 8.62 17.23 -5.59
C SER A 130 7.70 18.19 -6.33
N ALA A 131 6.50 18.41 -5.79
CA ALA A 131 5.54 19.31 -6.40
C ALA A 131 4.77 20.09 -5.35
N PRO A 132 5.45 21.07 -4.72
CA PRO A 132 4.84 21.91 -3.69
C PRO A 132 3.79 22.86 -4.24
N ASN A 133 3.16 23.63 -3.35
CA ASN A 133 2.13 24.58 -3.77
C ASN A 133 2.57 26.00 -3.48
N PHE A 134 1.96 26.96 -4.19
CA PHE A 134 2.29 28.37 -4.02
C PHE A 134 2.11 28.79 -2.57
N VAL A 135 0.94 28.51 -2.01
CA VAL A 135 0.64 28.86 -0.62
C VAL A 135 0.36 27.62 0.21
N GLU A 136 1.09 27.46 1.30
CA GLU A 136 0.92 26.31 2.19
C GLU A 136 -0.10 26.61 3.28
N GLU A 137 -0.88 25.60 3.64
CA GLU A 137 -1.90 25.76 4.67
C GLU A 137 -1.31 25.55 6.06
N GLU A 4 -4.64 23.43 -7.45
CA GLU A 4 -5.89 22.98 -6.84
C GLU A 4 -6.28 21.59 -7.35
N GLU A 5 -6.45 21.48 -8.66
CA GLU A 5 -6.83 20.21 -9.27
C GLU A 5 -5.85 19.11 -8.88
N GLU A 6 -4.61 19.49 -8.63
CA GLU A 6 -3.58 18.53 -8.25
C GLU A 6 -3.86 17.96 -6.86
N LEU A 7 -4.26 18.82 -5.94
CA LEU A 7 -4.56 18.40 -4.57
C LEU A 7 -5.88 17.63 -4.52
N TYR A 8 -6.92 18.21 -5.09
CA TYR A 8 -8.23 17.58 -5.11
C TYR A 8 -8.14 16.16 -5.65
N TYR A 9 -7.22 15.94 -6.59
CA TYR A 9 -7.04 14.62 -7.19
C TYR A 9 -6.32 13.69 -6.22
N GLY A 10 -5.11 14.08 -5.81
CA GLY A 10 -4.34 13.27 -4.90
C GLY A 10 -5.11 12.89 -3.65
N LEU A 11 -5.96 13.80 -3.19
CA LEU A 11 -6.76 13.56 -1.99
C LEU A 11 -7.73 12.41 -2.21
N ASN A 12 -8.50 12.49 -3.29
CA ASN A 12 -9.46 11.44 -3.62
C ASN A 12 -8.78 10.08 -3.73
N LEU A 13 -7.49 10.09 -4.03
CA LEU A 13 -6.72 8.86 -4.16
C LEU A 13 -6.25 8.36 -2.80
N LEU A 14 -6.18 9.27 -1.84
CA LEU A 14 -5.75 8.93 -0.49
C LEU A 14 -6.89 8.30 0.30
N ILE A 15 -8.11 8.68 -0.03
CA ILE A 15 -9.29 8.15 0.65
C ILE A 15 -9.27 6.62 0.66
N PRO A 16 -9.20 6.02 -0.53
CA PRO A 16 -9.17 4.56 -0.68
C PRO A 16 -7.86 3.96 -0.19
N CYS A 17 -6.75 4.61 -0.51
CA CYS A 17 -5.43 4.15 -0.10
C CYS A 17 -5.40 3.87 1.40
N VAL A 18 -5.69 4.90 2.19
CA VAL A 18 -5.69 4.77 3.64
C VAL A 18 -6.85 3.89 4.12
N LEU A 19 -7.96 3.94 3.39
CA LEU A 19 -9.13 3.15 3.74
C LEU A 19 -8.81 1.66 3.73
N ILE A 20 -8.33 1.17 2.59
CA ILE A 20 -7.98 -0.24 2.45
C ILE A 20 -6.92 -0.64 3.47
N SER A 21 -5.96 0.26 3.70
CA SER A 21 -4.88 -0.01 4.64
C SER A 21 -5.44 -0.30 6.03
N ALA A 22 -6.44 0.47 6.44
CA ALA A 22 -7.06 0.30 7.74
C ALA A 22 -7.64 -1.11 7.89
N LEU A 23 -8.48 -1.50 6.94
CA LEU A 23 -9.11 -2.81 6.97
C LEU A 23 -8.06 -3.92 6.88
N ALA A 24 -6.98 -3.65 6.14
CA ALA A 24 -5.90 -4.61 5.98
C ALA A 24 -5.13 -4.80 7.28
N LEU A 25 -4.97 -3.71 8.03
CA LEU A 25 -4.25 -3.75 9.29
C LEU A 25 -4.93 -4.69 10.29
N LEU A 26 -6.27 -4.68 10.26
CA LEU A 26 -7.04 -5.54 11.16
C LEU A 26 -6.70 -7.01 10.94
N VAL A 27 -6.42 -7.37 9.69
CA VAL A 27 -6.07 -8.74 9.35
C VAL A 27 -4.58 -9.00 9.54
N PHE A 28 -3.78 -7.98 9.28
CA PHE A 28 -2.33 -8.10 9.42
C PHE A 28 -1.96 -8.62 10.80
N LEU A 29 -2.67 -8.15 11.82
CA LEU A 29 -2.42 -8.59 13.19
C LEU A 29 -3.03 -9.96 13.45
N LEU A 30 -4.13 -10.25 12.77
CA LEU A 30 -4.82 -11.53 12.93
C LEU A 30 -4.83 -12.31 11.61
N PRO A 31 -3.66 -12.83 11.22
CA PRO A 31 -3.50 -13.60 9.98
C PRO A 31 -4.20 -14.96 10.06
N ALA A 32 -5.42 -15.02 9.53
CA ALA A 32 -6.20 -16.26 9.53
C ALA A 32 -6.32 -16.83 8.13
N ASP A 33 -7.08 -17.92 8.00
CA ASP A 33 -7.27 -18.56 6.71
C ASP A 33 -8.73 -18.97 6.52
N SER A 34 -9.64 -18.20 7.12
CA SER A 34 -11.06 -18.50 7.02
C SER A 34 -11.65 -17.93 5.73
N GLY A 35 -11.06 -16.84 5.25
CA GLY A 35 -11.53 -16.23 4.02
C GLY A 35 -11.23 -14.74 3.97
N GLU A 36 -11.07 -14.13 5.15
CA GLU A 36 -10.79 -12.70 5.23
C GLU A 36 -9.52 -12.35 4.45
N LYS A 37 -8.52 -13.22 4.53
CA LYS A 37 -7.26 -13.00 3.84
C LYS A 37 -7.43 -13.21 2.34
N ILE A 38 -8.38 -14.06 1.96
CA ILE A 38 -8.64 -14.34 0.55
C ILE A 38 -9.38 -13.18 -0.11
N SER A 39 -10.53 -12.82 0.45
CA SER A 39 -11.33 -11.73 -0.10
C SER A 39 -10.48 -10.47 -0.26
N LEU A 40 -9.94 -9.98 0.86
CA LEU A 40 -9.12 -8.78 0.85
C LEU A 40 -7.84 -9.01 0.05
N GLY A 41 -7.43 -10.27 -0.06
CA GLY A 41 -6.23 -10.60 -0.79
C GLY A 41 -6.21 -10.00 -2.18
N ILE A 42 -7.26 -10.29 -2.96
CA ILE A 42 -7.36 -9.78 -4.32
C ILE A 42 -7.92 -8.36 -4.33
N THR A 43 -8.64 -8.00 -3.27
CA THR A 43 -9.22 -6.67 -3.16
C THR A 43 -8.17 -5.59 -3.39
N VAL A 44 -7.07 -5.67 -2.63
CA VAL A 44 -6.00 -4.70 -2.74
C VAL A 44 -5.07 -5.05 -3.90
N LEU A 45 -4.87 -6.34 -4.13
CA LEU A 45 -4.01 -6.80 -5.21
C LEU A 45 -4.46 -6.23 -6.55
N LEU A 46 -5.73 -6.45 -6.88
CA LEU A 46 -6.30 -5.97 -8.14
C LEU A 46 -6.45 -4.44 -8.10
N SER A 47 -6.68 -3.90 -6.91
CA SER A 47 -6.85 -2.47 -6.74
C SER A 47 -5.54 -1.73 -6.97
N LEU A 48 -4.43 -2.41 -6.70
CA LEU A 48 -3.11 -1.83 -6.88
C LEU A 48 -2.77 -1.68 -8.36
N THR A 49 -2.81 -2.79 -9.08
CA THR A 49 -2.51 -2.78 -10.51
C THR A 49 -3.34 -1.73 -11.25
N VAL A 50 -4.57 -1.53 -10.78
CA VAL A 50 -5.46 -0.55 -11.39
C VAL A 50 -5.06 0.88 -11.00
N PHE A 51 -4.98 1.12 -9.70
CA PHE A 51 -4.61 2.44 -9.19
C PHE A 51 -3.30 2.91 -9.81
N MET A 52 -2.40 1.97 -10.08
CA MET A 52 -1.11 2.29 -10.67
C MET A 52 -1.28 2.80 -12.10
N LEU A 53 -2.10 2.10 -12.88
CA LEU A 53 -2.35 2.48 -14.27
C LEU A 53 -2.90 3.90 -14.35
N LEU A 54 -3.67 4.28 -13.34
CA LEU A 54 -4.27 5.62 -13.29
C LEU A 54 -3.19 6.68 -13.16
N VAL A 55 -2.41 6.61 -12.09
CA VAL A 55 -1.34 7.57 -11.85
C VAL A 55 -0.30 7.53 -12.97
N ALA A 56 -0.17 6.37 -13.60
CA ALA A 56 0.78 6.19 -14.69
C ALA A 56 0.25 6.78 -15.99
N GLU A 57 -1.07 6.84 -16.10
CA GLU A 57 -1.71 7.37 -17.30
C GLU A 57 -1.59 8.89 -17.34
N ILE A 58 -1.57 9.51 -16.17
CA ILE A 58 -1.46 10.96 -16.07
C ILE A 58 -0.01 11.41 -16.09
N MET A 59 0.89 10.52 -15.67
CA MET A 59 2.31 10.83 -15.65
C MET A 59 3.07 9.92 -16.60
N PRO A 60 2.90 10.16 -17.91
CA PRO A 60 3.56 9.37 -18.95
C PRO A 60 5.06 9.64 -19.02
N SER A 61 5.85 8.56 -19.00
CA SER A 61 7.30 8.69 -19.05
C SER A 61 7.82 8.38 -20.44
N THR A 62 8.25 9.43 -21.15
CA THR A 62 8.78 9.28 -22.50
C THR A 62 10.03 10.13 -22.70
N SER A 63 9.85 11.45 -22.63
CA SER A 63 10.97 12.38 -22.82
C SER A 63 10.83 13.58 -21.89
N ASP A 64 11.75 13.71 -20.94
CA ASP A 64 11.74 14.81 -19.99
C ASP A 64 10.37 14.92 -19.31
N SER A 65 9.94 13.83 -18.68
CA SER A 65 8.65 13.81 -17.99
C SER A 65 8.84 14.06 -16.50
N SER A 66 9.98 13.66 -15.96
CA SER A 66 10.27 13.85 -14.55
C SER A 66 9.11 13.38 -13.70
N PRO A 67 8.87 12.06 -13.69
CA PRO A 67 7.79 11.45 -12.91
C PRO A 67 8.04 11.51 -11.41
N SER A 68 7.00 11.80 -10.65
CA SER A 68 7.10 11.90 -9.20
C SER A 68 6.25 10.83 -8.52
N ILE A 69 4.94 10.94 -8.69
CA ILE A 69 4.01 9.98 -8.11
C ILE A 69 4.06 8.64 -8.83
N ALA A 70 4.45 8.68 -10.10
CA ALA A 70 4.56 7.46 -10.90
C ALA A 70 5.61 6.52 -10.34
N GLN A 71 6.82 7.04 -10.17
CA GLN A 71 7.93 6.24 -9.65
C GLN A 71 7.65 5.80 -8.21
N TYR A 72 7.14 6.72 -7.41
CA TYR A 72 6.83 6.43 -6.01
C TYR A 72 5.83 5.29 -5.90
N PHE A 73 4.66 5.48 -6.51
CA PHE A 73 3.62 4.46 -6.48
C PHE A 73 4.12 3.14 -7.04
N ALA A 74 5.00 3.23 -8.05
CA ALA A 74 5.55 2.03 -8.68
C ALA A 74 6.41 1.24 -7.69
N SER A 75 7.36 1.92 -7.07
CA SER A 75 8.25 1.28 -6.10
C SER A 75 7.45 0.53 -5.04
N THR A 76 6.25 1.04 -4.75
CA THR A 76 5.39 0.42 -3.75
C THR A 76 4.96 -0.98 -4.18
N MET A 77 4.40 -1.08 -5.39
CA MET A 77 3.96 -2.36 -5.92
C MET A 77 5.08 -3.40 -5.86
N ILE A 78 6.32 -2.92 -5.94
CA ILE A 78 7.47 -3.80 -5.90
C ILE A 78 7.56 -4.53 -4.56
N ILE A 79 7.60 -3.76 -3.48
CA ILE A 79 7.70 -4.32 -2.13
C ILE A 79 6.41 -5.04 -1.76
N VAL A 80 5.29 -4.57 -2.31
CA VAL A 80 3.99 -5.19 -2.04
C VAL A 80 3.87 -6.55 -2.70
N GLY A 81 4.16 -6.61 -3.99
CA GLY A 81 4.09 -7.85 -4.72
C GLY A 81 4.90 -8.96 -4.08
N LEU A 82 6.21 -8.73 -3.98
CA LEU A 82 7.11 -9.71 -3.37
C LEU A 82 6.66 -10.06 -1.95
N SER A 83 5.95 -9.13 -1.32
CA SER A 83 5.47 -9.35 0.04
C SER A 83 4.21 -10.21 0.04
N VAL A 84 3.49 -10.19 -1.07
CA VAL A 84 2.27 -10.98 -1.20
C VAL A 84 2.57 -12.47 -1.24
N VAL A 85 3.63 -12.83 -1.96
CA VAL A 85 4.03 -14.23 -2.08
C VAL A 85 4.68 -14.72 -0.80
N VAL A 86 5.41 -13.83 -0.13
CA VAL A 86 6.09 -14.18 1.12
C VAL A 86 5.09 -14.29 2.27
N THR A 87 3.94 -13.64 2.12
CA THR A 87 2.90 -13.67 3.15
C THR A 87 2.04 -14.92 3.03
N VAL A 88 1.62 -15.23 1.81
CA VAL A 88 0.79 -16.40 1.56
C VAL A 88 1.48 -17.67 2.03
N ILE A 89 2.80 -17.72 1.87
CA ILE A 89 3.58 -18.88 2.29
C ILE A 89 3.73 -18.92 3.80
N VAL A 90 4.34 -17.89 4.36
CA VAL A 90 4.55 -17.80 5.80
C VAL A 90 3.23 -17.93 6.56
N LEU A 91 2.14 -17.58 5.89
CA LEU A 91 0.82 -17.65 6.50
C LEU A 91 0.42 -19.10 6.77
N GLN A 92 0.37 -19.91 5.71
CA GLN A 92 0.01 -21.32 5.84
C GLN A 92 0.96 -22.03 6.80
N TYR A 93 2.24 -21.69 6.72
CA TYR A 93 3.26 -22.30 7.58
C TYR A 93 2.85 -22.22 9.05
N HIS A 94 2.10 -21.18 9.38
CA HIS A 94 1.64 -20.98 10.76
C HIS A 94 2.83 -20.85 11.71
N HIS A 95 3.57 -19.76 11.59
CA HIS A 95 4.73 -19.53 12.44
C HIS A 95 4.44 -18.44 13.47
N HIS A 96 4.49 -18.81 14.75
CA HIS A 96 4.22 -17.87 15.83
C HIS A 96 4.72 -18.42 17.17
N ASP A 97 4.77 -17.57 18.17
CA ASP A 97 5.22 -17.96 19.50
C ASP A 97 4.04 -18.27 20.40
N PRO A 98 4.30 -19.02 21.49
CA PRO A 98 3.27 -19.40 22.46
C PRO A 98 2.78 -18.22 23.28
N ASP A 99 1.83 -17.47 22.72
CA ASP A 99 1.27 -16.31 23.41
C ASP A 99 -0.06 -15.90 22.78
N GLY A 100 -0.98 -15.41 23.62
CA GLY A 100 -2.27 -14.98 23.13
C GLY A 100 -3.10 -16.14 22.62
N GLY A 101 -4.36 -15.86 22.29
CA GLY A 101 -5.25 -16.91 21.79
C GLY A 101 -4.80 -17.46 20.45
N GLU A 102 -5.38 -16.95 19.38
CA GLU A 102 -5.03 -17.41 18.04
C GLU A 102 -3.77 -16.70 17.53
N GLY A 103 -2.64 -16.96 18.17
CA GLY A 103 -1.40 -16.34 17.77
C GLY A 103 -1.47 -14.83 17.77
N GLY A 104 -0.59 -14.19 17.00
CA GLY A 104 -0.59 -12.75 16.92
C GLY A 104 0.41 -12.23 15.91
N GLY A 105 0.42 -10.91 15.71
CA GLY A 105 1.33 -10.31 14.76
C GLY A 105 2.79 -10.63 15.06
N GLU A 106 3.36 -11.55 14.28
CA GLU A 106 4.75 -11.95 14.47
C GLU A 106 5.69 -10.79 14.19
N GLY A 107 6.99 -11.05 14.28
CA GLY A 107 7.97 -10.02 14.03
C GLY A 107 7.92 -9.48 12.61
N ILE A 108 7.69 -10.38 11.66
CA ILE A 108 7.60 -9.98 10.26
C ILE A 108 6.36 -9.13 10.00
N ASP A 109 5.23 -9.59 10.50
CA ASP A 109 3.97 -8.88 10.32
C ASP A 109 4.07 -7.46 10.87
N ARG A 110 4.46 -7.34 12.12
CA ARG A 110 4.60 -6.04 12.77
C ARG A 110 5.64 -5.18 12.05
N LEU A 111 6.66 -5.84 11.51
CA LEU A 111 7.73 -5.15 10.80
C LEU A 111 7.20 -4.54 9.50
N CYS A 112 6.42 -5.32 8.76
CA CYS A 112 5.85 -4.86 7.50
C CYS A 112 4.78 -3.80 7.74
N LEU A 113 4.16 -3.85 8.91
CA LEU A 113 3.11 -2.90 9.26
C LEU A 113 3.66 -1.49 9.35
N MET A 114 4.63 -1.30 10.25
CA MET A 114 5.25 0.01 10.43
C MET A 114 5.94 0.47 9.15
N ALA A 115 6.60 -0.46 8.47
CA ALA A 115 7.29 -0.15 7.22
C ALA A 115 6.34 0.45 6.19
N PHE A 116 5.11 -0.08 6.14
CA PHE A 116 4.11 0.41 5.21
C PHE A 116 3.52 1.73 5.67
N SER A 117 3.35 1.87 6.98
CA SER A 117 2.80 3.09 7.55
C SER A 117 3.61 4.31 7.14
N VAL A 118 4.89 4.31 7.51
CA VAL A 118 5.78 5.42 7.17
C VAL A 118 5.96 5.54 5.65
N PHE A 119 5.86 4.42 4.96
CA PHE A 119 6.01 4.40 3.51
C PHE A 119 5.04 5.39 2.86
N THR A 120 3.82 5.46 3.38
CA THR A 120 2.81 6.36 2.85
C THR A 120 3.07 7.80 3.28
N ILE A 121 3.55 7.96 4.51
CA ILE A 121 3.85 9.29 5.04
C ILE A 121 4.99 9.95 4.28
N ILE A 122 6.02 9.17 3.97
CA ILE A 122 7.18 9.68 3.25
C ILE A 122 6.85 9.88 1.77
N CYS A 123 5.88 9.11 1.28
CA CYS A 123 5.48 9.20 -0.12
C CYS A 123 4.67 10.47 -0.36
N THR A 124 3.55 10.60 0.35
CA THR A 124 2.69 11.77 0.20
C THR A 124 3.47 13.06 0.37
N ILE A 125 4.47 13.03 1.26
CA ILE A 125 5.29 14.19 1.52
C ILE A 125 6.43 14.29 0.51
N GLY A 126 6.82 13.16 -0.05
CA GLY A 126 7.89 13.14 -1.04
C GLY A 126 7.50 13.80 -2.33
N ILE A 127 6.28 13.56 -2.79
CA ILE A 127 5.79 14.13 -4.02
C ILE A 127 5.20 15.52 -3.80
N LEU A 128 4.72 15.75 -2.58
CA LEU A 128 4.13 17.04 -2.21
C LEU A 128 5.15 18.16 -2.36
N MET A 129 6.36 17.93 -1.86
CA MET A 129 7.42 18.93 -1.94
C MET A 129 7.91 19.09 -3.37
N SER A 130 7.76 18.03 -4.16
CA SER A 130 8.19 18.06 -5.56
C SER A 130 7.33 19.02 -6.37
N ALA A 131 6.11 19.23 -5.93
CA ALA A 131 5.18 20.14 -6.61
C ALA A 131 4.03 20.55 -5.71
N PRO A 132 4.34 21.35 -4.67
CA PRO A 132 3.34 21.82 -3.72
C PRO A 132 2.37 22.82 -4.34
N ASN A 133 1.46 23.35 -3.52
CA ASN A 133 0.47 24.31 -3.99
C ASN A 133 1.14 25.60 -4.43
N PHE A 134 1.06 25.89 -5.73
CA PHE A 134 1.67 27.11 -6.28
C PHE A 134 1.19 28.34 -5.52
N VAL A 135 -0.10 28.38 -5.21
CA VAL A 135 -0.67 29.51 -4.48
C VAL A 135 -1.39 29.04 -3.22
N GLU A 136 -0.70 29.14 -2.09
CA GLU A 136 -1.27 28.73 -0.81
C GLU A 136 -2.53 29.52 -0.49
N GLU A 137 -3.37 28.95 0.37
CA GLU A 137 -4.62 29.61 0.76
C GLU A 137 -4.34 30.80 1.67
N GLU A 4 -2.67 23.83 -4.16
CA GLU A 4 -4.05 23.86 -3.70
C GLU A 4 -4.88 22.78 -4.36
N GLU A 5 -4.83 22.73 -5.69
CA GLU A 5 -5.57 21.74 -6.45
C GLU A 5 -4.98 20.35 -6.26
N GLU A 6 -3.69 20.22 -6.53
CA GLU A 6 -3.01 18.94 -6.39
C GLU A 6 -3.12 18.41 -4.96
N LEU A 7 -3.23 19.34 -4.01
CA LEU A 7 -3.34 18.99 -2.60
C LEU A 7 -4.67 18.31 -2.31
N TYR A 8 -5.76 18.95 -2.74
CA TYR A 8 -7.09 18.41 -2.53
C TYR A 8 -7.23 17.03 -3.17
N TYR A 9 -6.59 16.85 -4.31
CA TYR A 9 -6.63 15.59 -5.03
C TYR A 9 -5.94 14.48 -4.25
N GLY A 10 -4.68 14.71 -3.90
CA GLY A 10 -3.92 13.74 -3.14
C GLY A 10 -4.62 13.32 -1.85
N LEU A 11 -5.23 14.29 -1.18
CA LEU A 11 -5.94 14.02 0.06
C LEU A 11 -7.01 12.96 -0.13
N ASN A 12 -7.92 13.21 -1.08
CA ASN A 12 -9.00 12.27 -1.36
C ASN A 12 -8.45 10.90 -1.72
N LEU A 13 -7.21 10.88 -2.21
CA LEU A 13 -6.56 9.63 -2.60
C LEU A 13 -5.94 8.94 -1.39
N LEU A 14 -5.66 9.72 -0.35
CA LEU A 14 -5.07 9.19 0.87
C LEU A 14 -6.12 8.53 1.74
N ILE A 15 -7.36 9.02 1.65
CA ILE A 15 -8.45 8.48 2.43
C ILE A 15 -8.55 6.97 2.27
N PRO A 16 -8.70 6.50 1.02
CA PRO A 16 -8.79 5.08 0.70
C PRO A 16 -7.48 4.34 0.92
N CYS A 17 -6.38 4.97 0.52
CA CYS A 17 -5.06 4.38 0.66
C CYS A 17 -4.83 3.92 2.10
N VAL A 18 -4.91 4.86 3.04
CA VAL A 18 -4.71 4.56 4.45
C VAL A 18 -5.83 3.69 4.99
N LEU A 19 -7.03 3.88 4.44
CA LEU A 19 -8.19 3.10 4.87
C LEU A 19 -7.96 1.60 4.68
N ILE A 20 -7.66 1.22 3.44
CA ILE A 20 -7.41 -0.19 3.13
C ILE A 20 -6.31 -0.77 4.01
N SER A 21 -5.26 0.02 4.21
CA SER A 21 -4.13 -0.42 5.03
C SER A 21 -4.60 -0.80 6.43
N ALA A 22 -5.44 0.06 7.02
CA ALA A 22 -5.96 -0.18 8.36
C ALA A 22 -6.76 -1.48 8.41
N LEU A 23 -7.74 -1.60 7.52
CA LEU A 23 -8.58 -2.79 7.47
C LEU A 23 -7.72 -4.04 7.29
N ALA A 24 -6.59 -3.91 6.60
CA ALA A 24 -5.69 -5.03 6.38
C ALA A 24 -4.97 -5.43 7.66
N LEU A 25 -4.55 -4.43 8.44
CA LEU A 25 -3.84 -4.68 9.69
C LEU A 25 -4.69 -5.56 10.61
N LEU A 26 -5.99 -5.33 10.60
CA LEU A 26 -6.90 -6.10 11.44
C LEU A 26 -6.76 -7.59 11.18
N VAL A 27 -6.69 -7.95 9.89
CA VAL A 27 -6.55 -9.35 9.50
C VAL A 27 -5.13 -9.86 9.76
N PHE A 28 -4.15 -8.98 9.56
CA PHE A 28 -2.76 -9.34 9.77
C PHE A 28 -2.53 -9.83 11.20
N LEU A 29 -3.12 -9.13 12.15
CA LEU A 29 -2.98 -9.49 13.56
C LEU A 29 -3.78 -10.74 13.88
N LEU A 30 -4.83 -10.99 13.10
CA LEU A 30 -5.67 -12.16 13.30
C LEU A 30 -5.65 -13.06 12.06
N PRO A 31 -4.52 -13.76 11.86
CA PRO A 31 -4.35 -14.67 10.73
C PRO A 31 -5.23 -15.92 10.85
N ALA A 32 -6.42 -15.86 10.24
CA ALA A 32 -7.34 -16.98 10.28
C ALA A 32 -7.34 -17.74 8.95
N ASP A 33 -8.07 -18.84 8.91
CA ASP A 33 -8.15 -19.66 7.70
C ASP A 33 -9.59 -19.77 7.21
N SER A 34 -10.35 -18.70 7.40
CA SER A 34 -11.75 -18.66 6.98
C SER A 34 -11.86 -18.43 5.47
N GLY A 35 -10.97 -17.59 4.94
CA GLY A 35 -10.98 -17.29 3.52
C GLY A 35 -10.67 -15.84 3.23
N GLU A 36 -10.88 -14.99 4.23
CA GLU A 36 -10.62 -13.56 4.07
C GLU A 36 -9.16 -13.31 3.70
N LYS A 37 -8.28 -14.22 4.12
CA LYS A 37 -6.87 -14.10 3.84
C LYS A 37 -6.61 -13.98 2.34
N ILE A 38 -7.13 -14.94 1.59
CA ILE A 38 -6.96 -14.95 0.13
C ILE A 38 -7.93 -13.98 -0.53
N SER A 39 -9.06 -13.74 0.12
CA SER A 39 -10.07 -12.84 -0.42
C SER A 39 -9.54 -11.41 -0.48
N LEU A 40 -9.17 -10.87 0.67
CA LEU A 40 -8.64 -9.52 0.74
C LEU A 40 -7.26 -9.43 0.10
N GLY A 41 -6.55 -10.54 0.09
CA GLY A 41 -5.22 -10.57 -0.51
C GLY A 41 -5.21 -10.06 -1.94
N ILE A 42 -6.06 -10.64 -2.78
CA ILE A 42 -6.14 -10.24 -4.18
C ILE A 42 -6.88 -8.91 -4.31
N THR A 43 -7.74 -8.60 -3.35
CA THR A 43 -8.50 -7.36 -3.36
C THR A 43 -7.58 -6.16 -3.31
N VAL A 44 -6.80 -6.05 -2.24
CA VAL A 44 -5.87 -4.94 -2.06
C VAL A 44 -4.82 -4.92 -3.17
N LEU A 45 -4.48 -6.11 -3.68
CA LEU A 45 -3.49 -6.23 -4.73
C LEU A 45 -4.03 -5.67 -6.05
N LEU A 46 -5.26 -6.03 -6.38
CA LEU A 46 -5.89 -5.56 -7.61
C LEU A 46 -6.17 -4.06 -7.54
N SER A 47 -6.37 -3.56 -6.33
CA SER A 47 -6.64 -2.14 -6.13
C SER A 47 -5.39 -1.31 -6.35
N LEU A 48 -4.23 -1.93 -6.14
CA LEU A 48 -2.95 -1.24 -6.32
C LEU A 48 -2.67 -1.00 -7.80
N THR A 49 -2.68 -2.08 -8.58
CA THR A 49 -2.42 -1.99 -10.01
C THR A 49 -3.33 -0.95 -10.67
N VAL A 50 -4.59 -0.91 -10.23
CA VAL A 50 -5.56 0.03 -10.77
C VAL A 50 -5.20 1.46 -10.40
N PHE A 51 -4.90 1.68 -9.12
CA PHE A 51 -4.54 3.00 -8.63
C PHE A 51 -3.30 3.52 -9.34
N MET A 52 -2.33 2.63 -9.56
CA MET A 52 -1.09 3.01 -10.23
C MET A 52 -1.37 3.69 -11.56
N LEU A 53 -2.13 3.03 -12.42
CA LEU A 53 -2.47 3.58 -13.73
C LEU A 53 -3.17 4.92 -13.59
N LEU A 54 -3.87 5.10 -12.47
CA LEU A 54 -4.59 6.35 -12.21
C LEU A 54 -3.61 7.50 -11.98
N VAL A 55 -2.75 7.36 -10.98
CA VAL A 55 -1.76 8.38 -10.66
C VAL A 55 -0.76 8.55 -11.80
N ALA A 56 -0.54 7.48 -12.55
CA ALA A 56 0.40 7.51 -13.67
C ALA A 56 -0.23 8.20 -14.88
N GLU A 57 -1.56 8.17 -14.97
CA GLU A 57 -2.26 8.79 -16.07
C GLU A 57 -2.23 10.31 -15.95
N ILE A 58 -2.41 10.81 -14.74
CA ILE A 58 -2.39 12.25 -14.50
C ILE A 58 -0.99 12.81 -14.63
N MET A 59 0.01 11.97 -14.41
CA MET A 59 1.40 12.38 -14.51
C MET A 59 2.10 11.65 -15.65
N PRO A 60 1.76 12.01 -16.90
CA PRO A 60 2.34 11.41 -18.10
C PRO A 60 3.80 11.81 -18.29
N SER A 61 4.40 11.31 -19.36
CA SER A 61 5.80 11.61 -19.66
C SER A 61 6.18 11.12 -21.06
N THR A 62 5.94 11.98 -22.06
CA THR A 62 6.26 11.63 -23.44
C THR A 62 7.09 12.72 -24.11
N SER A 63 6.69 13.98 -23.90
CA SER A 63 7.41 15.10 -24.48
C SER A 63 8.45 15.65 -23.51
N ASP A 64 8.03 15.86 -22.27
CA ASP A 64 8.93 16.38 -21.24
C ASP A 64 9.32 15.28 -20.26
N SER A 65 10.39 14.56 -20.57
CA SER A 65 10.88 13.47 -19.73
C SER A 65 11.12 13.97 -18.31
N SER A 66 10.27 13.55 -17.38
CA SER A 66 10.39 13.95 -15.99
C SER A 66 9.91 12.83 -15.05
N PRO A 67 10.72 11.76 -14.98
CA PRO A 67 10.41 10.60 -14.13
C PRO A 67 10.53 10.93 -12.65
N SER A 68 9.41 10.88 -11.94
CA SER A 68 9.38 11.17 -10.51
C SER A 68 8.48 10.20 -9.77
N ILE A 69 7.17 10.36 -9.96
CA ILE A 69 6.19 9.50 -9.30
C ILE A 69 6.29 8.07 -9.84
N ALA A 70 6.76 7.93 -11.07
CA ALA A 70 6.90 6.62 -11.69
C ALA A 70 7.79 5.70 -10.85
N GLN A 71 8.95 6.22 -10.46
CA GLN A 71 9.89 5.45 -9.65
C GLN A 71 9.39 5.29 -8.23
N TYR A 72 8.62 6.27 -7.76
CA TYR A 72 8.08 6.25 -6.41
C TYR A 72 7.03 5.14 -6.27
N PHE A 73 5.98 5.23 -7.07
CA PHE A 73 4.91 4.24 -7.04
C PHE A 73 5.44 2.86 -7.39
N ALA A 74 6.44 2.82 -8.25
CA ALA A 74 7.04 1.56 -8.67
C ALA A 74 7.77 0.88 -7.52
N SER A 75 8.69 1.62 -6.90
CA SER A 75 9.46 1.09 -5.77
C SER A 75 8.54 0.52 -4.70
N THR A 76 7.34 1.10 -4.59
CA THR A 76 6.37 0.64 -3.60
C THR A 76 5.91 -0.78 -3.89
N MET A 77 5.44 -1.00 -5.12
CA MET A 77 4.97 -2.33 -5.52
C MET A 77 6.01 -3.40 -5.23
N ILE A 78 7.29 -3.00 -5.27
CA ILE A 78 8.38 -3.92 -5.00
C ILE A 78 8.32 -4.45 -3.58
N ILE A 79 8.39 -3.55 -2.61
CA ILE A 79 8.34 -3.93 -1.20
C ILE A 79 7.01 -4.57 -0.85
N VAL A 80 5.96 -4.18 -1.58
CA VAL A 80 4.62 -4.72 -1.34
C VAL A 80 4.53 -6.17 -1.83
N GLY A 81 5.08 -6.43 -3.01
CA GLY A 81 5.04 -7.77 -3.57
C GLY A 81 5.82 -8.76 -2.73
N LEU A 82 7.12 -8.53 -2.57
CA LEU A 82 7.97 -9.41 -1.79
C LEU A 82 7.41 -9.60 -0.38
N SER A 83 6.68 -8.60 0.09
CA SER A 83 6.09 -8.65 1.42
C SER A 83 5.12 -9.82 1.55
N VAL A 84 4.24 -9.96 0.57
CA VAL A 84 3.26 -11.04 0.56
C VAL A 84 3.94 -12.39 0.46
N VAL A 85 5.11 -12.42 -0.17
CA VAL A 85 5.87 -13.66 -0.33
C VAL A 85 6.27 -14.23 1.02
N VAL A 86 6.65 -13.36 1.94
CA VAL A 86 7.06 -13.79 3.27
C VAL A 86 5.85 -14.12 4.14
N THR A 87 4.69 -13.57 3.78
CA THR A 87 3.47 -13.81 4.52
C THR A 87 2.86 -15.16 4.16
N VAL A 88 2.97 -15.52 2.88
CA VAL A 88 2.43 -16.79 2.40
C VAL A 88 3.28 -17.97 2.87
N ILE A 89 4.57 -17.73 3.04
CA ILE A 89 5.49 -18.76 3.49
C ILE A 89 5.36 -19.00 4.99
N VAL A 90 5.28 -17.91 5.75
CA VAL A 90 5.15 -18.00 7.20
C VAL A 90 3.76 -18.50 7.59
N LEU A 91 2.78 -18.23 6.74
CA LEU A 91 1.41 -18.66 6.99
C LEU A 91 1.23 -20.15 6.71
N GLN A 92 1.94 -20.64 5.71
CA GLN A 92 1.87 -22.05 5.35
C GLN A 92 2.70 -22.91 6.30
N TYR A 93 3.81 -22.35 6.76
CA TYR A 93 4.70 -23.06 7.67
C TYR A 93 3.94 -23.56 8.90
N HIS A 94 2.96 -22.78 9.33
CA HIS A 94 2.14 -23.15 10.49
C HIS A 94 3.03 -23.38 11.71
N HIS A 95 4.02 -22.52 11.90
CA HIS A 95 4.94 -22.64 13.02
C HIS A 95 4.60 -21.61 14.10
N HIS A 96 4.55 -22.05 15.35
CA HIS A 96 4.23 -21.17 16.47
C HIS A 96 2.88 -20.50 16.26
N ASP A 97 1.94 -21.23 15.67
CA ASP A 97 0.60 -20.70 15.42
C ASP A 97 -0.39 -21.19 16.47
N PRO A 98 -1.52 -20.47 16.60
CA PRO A 98 -2.57 -20.82 17.57
C PRO A 98 -3.30 -22.10 17.20
N ASP A 99 -4.18 -22.55 18.08
CA ASP A 99 -4.95 -23.77 17.86
C ASP A 99 -6.08 -23.51 16.87
N GLY A 100 -7.05 -22.71 17.30
CA GLY A 100 -8.18 -22.39 16.44
C GLY A 100 -9.17 -21.45 17.11
N GLY A 101 -8.66 -20.30 17.56
CA GLY A 101 -9.52 -19.34 18.22
C GLY A 101 -8.92 -17.94 18.21
N GLU A 102 -8.03 -17.67 19.15
CA GLU A 102 -7.40 -16.36 19.25
C GLU A 102 -6.28 -16.23 18.22
N GLY A 103 -5.80 -14.99 18.03
CA GLY A 103 -4.74 -14.76 17.06
C GLY A 103 -3.41 -14.49 17.73
N GLY A 104 -2.42 -14.09 16.94
CA GLY A 104 -1.09 -13.80 17.48
C GLY A 104 -0.48 -12.56 16.86
N GLY A 105 -0.30 -12.58 15.55
CA GLY A 105 0.28 -11.45 14.86
C GLY A 105 1.68 -11.13 15.35
N GLU A 106 2.67 -11.80 14.78
CA GLU A 106 4.07 -11.59 15.16
C GLU A 106 4.45 -10.11 15.04
N GLY A 107 5.62 -9.76 15.57
CA GLY A 107 6.08 -8.39 15.50
C GLY A 107 6.41 -7.96 14.09
N ILE A 108 6.92 -8.88 13.29
CA ILE A 108 7.28 -8.58 11.91
C ILE A 108 6.08 -8.03 11.13
N ASP A 109 4.94 -8.68 11.29
CA ASP A 109 3.71 -8.26 10.62
C ASP A 109 3.38 -6.81 10.96
N ARG A 110 3.56 -6.45 12.23
CA ARG A 110 3.27 -5.09 12.69
C ARG A 110 4.16 -4.08 11.98
N LEU A 111 5.46 -4.37 11.93
CA LEU A 111 6.42 -3.48 11.28
C LEU A 111 6.11 -3.35 9.79
N CYS A 112 5.64 -4.43 9.19
CA CYS A 112 5.31 -4.43 7.76
C CYS A 112 4.24 -3.39 7.46
N LEU A 113 3.10 -3.49 8.14
CA LEU A 113 2.00 -2.56 7.94
C LEU A 113 2.42 -1.13 8.30
N MET A 114 3.18 -1.01 9.39
CA MET A 114 3.64 0.29 9.85
C MET A 114 4.51 0.97 8.79
N ALA A 115 5.46 0.20 8.25
CA ALA A 115 6.36 0.73 7.22
C ALA A 115 5.57 1.24 6.02
N PHE A 116 4.46 0.58 5.72
CA PHE A 116 3.62 0.97 4.58
C PHE A 116 2.88 2.28 4.88
N SER A 117 2.41 2.42 6.12
CA SER A 117 1.70 3.62 6.53
C SER A 117 2.49 4.88 6.20
N VAL A 118 3.66 5.00 6.82
CA VAL A 118 4.53 6.16 6.60
C VAL A 118 4.92 6.27 5.12
N PHE A 119 4.98 5.12 4.45
CA PHE A 119 5.36 5.09 3.04
C PHE A 119 4.32 5.82 2.19
N THR A 120 3.11 5.96 2.73
CA THR A 120 2.03 6.63 2.02
C THR A 120 2.11 8.14 2.19
N ILE A 121 2.30 8.57 3.43
CA ILE A 121 2.39 10.00 3.74
C ILE A 121 3.68 10.59 3.19
N ILE A 122 4.73 9.77 3.13
CA ILE A 122 6.02 10.22 2.62
C ILE A 122 6.05 10.19 1.10
N CYS A 123 5.24 9.31 0.51
CA CYS A 123 5.17 9.19 -0.94
C CYS A 123 4.40 10.36 -1.55
N THR A 124 3.27 10.69 -0.95
CA THR A 124 2.44 11.79 -1.43
C THR A 124 3.15 13.13 -1.25
N ILE A 125 3.89 13.27 -0.17
CA ILE A 125 4.61 14.50 0.12
C ILE A 125 5.95 14.53 -0.62
N GLY A 126 6.47 13.35 -0.93
CA GLY A 126 7.74 13.27 -1.64
C GLY A 126 7.67 13.88 -3.02
N ILE A 127 6.63 13.53 -3.77
CA ILE A 127 6.45 14.06 -5.12
C ILE A 127 5.79 15.42 -5.10
N LEU A 128 5.02 15.69 -4.04
CA LEU A 128 4.33 16.97 -3.90
C LEU A 128 5.32 18.12 -3.73
N MET A 129 6.39 17.86 -2.98
CA MET A 129 7.42 18.86 -2.74
C MET A 129 8.35 18.99 -3.95
N SER A 130 8.56 17.88 -4.64
CA SER A 130 9.42 17.86 -5.81
C SER A 130 8.73 18.48 -7.02
N ALA A 131 7.40 18.38 -7.04
CA ALA A 131 6.62 18.93 -8.13
C ALA A 131 5.34 19.61 -7.61
N PRO A 132 5.51 20.79 -6.99
CA PRO A 132 4.39 21.56 -6.44
C PRO A 132 3.49 22.14 -7.52
N ASN A 133 2.27 22.48 -7.14
CA ASN A 133 1.31 23.05 -8.09
C ASN A 133 0.61 24.26 -7.48
N PHE A 134 1.14 25.45 -7.76
CA PHE A 134 0.57 26.68 -7.24
C PHE A 134 -0.27 27.39 -8.31
N VAL A 135 -1.13 26.62 -8.98
CA VAL A 135 -1.98 27.17 -10.02
C VAL A 135 -3.38 26.56 -9.95
N GLU A 136 -4.24 26.99 -10.87
CA GLU A 136 -5.62 26.49 -10.91
C GLU A 136 -5.88 25.71 -12.19
N GLU A 137 -7.12 25.25 -12.36
CA GLU A 137 -7.50 24.48 -13.54
C GLU A 137 -7.57 25.39 -14.76
N GLU A 4 -2.51 22.84 -5.91
CA GLU A 4 -3.69 22.69 -5.07
C GLU A 4 -4.57 21.55 -5.57
N GLU A 5 -4.62 21.37 -6.88
CA GLU A 5 -5.43 20.31 -7.48
C GLU A 5 -4.88 18.94 -7.12
N GLU A 6 -3.60 18.72 -7.43
CA GLU A 6 -2.95 17.45 -7.14
C GLU A 6 -2.85 17.23 -5.63
N LEU A 7 -2.75 18.32 -4.87
CA LEU A 7 -2.65 18.25 -3.43
C LEU A 7 -3.79 17.44 -2.83
N TYR A 8 -5.01 17.90 -3.08
CA TYR A 8 -6.20 17.21 -2.57
C TYR A 8 -6.40 15.87 -3.27
N TYR A 9 -5.92 15.78 -4.51
CA TYR A 9 -6.05 14.56 -5.29
C TYR A 9 -5.32 13.40 -4.63
N GLY A 10 -4.01 13.57 -4.43
CA GLY A 10 -3.22 12.52 -3.81
C GLY A 10 -3.78 12.10 -2.46
N LEU A 11 -4.19 13.07 -1.66
CA LEU A 11 -4.74 12.78 -0.34
C LEU A 11 -5.97 11.88 -0.46
N ASN A 12 -6.90 12.27 -1.33
CA ASN A 12 -8.12 11.49 -1.54
C ASN A 12 -7.79 10.05 -1.93
N LEU A 13 -6.61 9.86 -2.50
CA LEU A 13 -6.18 8.53 -2.91
C LEU A 13 -5.58 7.75 -1.74
N LEU A 14 -5.12 8.49 -0.74
CA LEU A 14 -4.53 7.87 0.45
C LEU A 14 -5.60 7.38 1.40
N ILE A 15 -6.76 8.04 1.39
CA ILE A 15 -7.87 7.66 2.24
C ILE A 15 -8.19 6.17 2.11
N PRO A 16 -8.49 5.74 0.88
CA PRO A 16 -8.82 4.35 0.59
C PRO A 16 -7.60 3.43 0.71
N CYS A 17 -6.45 3.90 0.22
CA CYS A 17 -5.23 3.11 0.29
C CYS A 17 -4.96 2.63 1.71
N VAL A 18 -4.84 3.57 2.64
CA VAL A 18 -4.59 3.24 4.04
C VAL A 18 -5.78 2.54 4.66
N LEU A 19 -6.98 2.90 4.21
CA LEU A 19 -8.21 2.31 4.73
C LEU A 19 -8.18 0.79 4.57
N ILE A 20 -7.90 0.33 3.36
CA ILE A 20 -7.85 -1.11 3.08
C ILE A 20 -6.72 -1.76 3.86
N SER A 21 -5.60 -1.07 3.99
CA SER A 21 -4.44 -1.59 4.71
C SER A 21 -4.81 -1.94 6.15
N ALA A 22 -5.58 -1.06 6.78
CA ALA A 22 -6.01 -1.28 8.16
C ALA A 22 -6.86 -2.54 8.28
N LEU A 23 -7.94 -2.60 7.50
CA LEU A 23 -8.84 -3.75 7.51
C LEU A 23 -8.06 -5.04 7.28
N ALA A 24 -7.01 -4.97 6.47
CA ALA A 24 -6.19 -6.13 6.17
C ALA A 24 -5.49 -6.64 7.42
N LEU A 25 -4.90 -5.73 8.18
CA LEU A 25 -4.20 -6.11 9.41
C LEU A 25 -5.10 -6.89 10.34
N LEU A 26 -6.39 -6.53 10.36
CA LEU A 26 -7.36 -7.20 11.21
C LEU A 26 -7.33 -8.70 10.99
N VAL A 27 -7.06 -9.11 9.76
CA VAL A 27 -7.00 -10.53 9.41
C VAL A 27 -5.68 -11.15 9.88
N PHE A 28 -4.60 -10.40 9.73
CA PHE A 28 -3.27 -10.88 10.13
C PHE A 28 -3.29 -11.34 11.59
N LEU A 29 -4.03 -10.61 12.42
CA LEU A 29 -4.13 -10.94 13.84
C LEU A 29 -5.05 -12.14 14.06
N LEU A 30 -6.04 -12.28 13.18
CA LEU A 30 -6.98 -13.39 13.28
C LEU A 30 -7.01 -14.20 11.99
N PRO A 31 -5.91 -14.93 11.73
CA PRO A 31 -5.79 -15.77 10.54
C PRO A 31 -6.70 -16.99 10.58
N ALA A 32 -7.84 -16.89 9.89
CA ALA A 32 -8.80 -17.98 9.85
C ALA A 32 -8.69 -18.75 8.53
N ASP A 33 -9.39 -19.88 8.46
CA ASP A 33 -9.37 -20.71 7.26
C ASP A 33 -10.64 -20.51 6.44
N SER A 34 -11.20 -19.31 6.51
CA SER A 34 -12.41 -18.98 5.77
C SER A 34 -12.08 -18.48 4.37
N GLY A 35 -10.89 -17.89 4.22
CA GLY A 35 -10.46 -17.37 2.93
C GLY A 35 -10.48 -15.85 2.90
N GLU A 36 -10.38 -15.22 4.06
CA GLU A 36 -10.38 -13.76 4.15
C GLU A 36 -9.05 -13.19 3.66
N LYS A 37 -7.97 -13.92 3.87
CA LYS A 37 -6.65 -13.49 3.44
C LYS A 37 -6.57 -13.41 1.93
N ILE A 38 -6.95 -14.50 1.26
CA ILE A 38 -6.91 -14.54 -0.19
C ILE A 38 -7.88 -13.53 -0.80
N SER A 39 -8.93 -13.20 -0.06
CA SER A 39 -9.93 -12.24 -0.52
C SER A 39 -9.32 -10.85 -0.66
N LEU A 40 -8.80 -10.33 0.45
CA LEU A 40 -8.19 -9.00 0.45
C LEU A 40 -6.88 -9.00 -0.32
N GLY A 41 -6.24 -10.17 -0.40
CA GLY A 41 -4.99 -10.28 -1.12
C GLY A 41 -5.09 -9.78 -2.55
N ILE A 42 -6.01 -10.35 -3.31
CA ILE A 42 -6.21 -9.95 -4.70
C ILE A 42 -6.88 -8.58 -4.79
N THR A 43 -7.62 -8.21 -3.74
CA THR A 43 -8.31 -6.94 -3.70
C THR A 43 -7.33 -5.77 -3.75
N VAL A 44 -6.41 -5.75 -2.78
CA VAL A 44 -5.41 -4.69 -2.72
C VAL A 44 -4.49 -4.72 -3.93
N LEU A 45 -4.29 -5.92 -4.48
CA LEU A 45 -3.44 -6.08 -5.66
C LEU A 45 -4.09 -5.49 -6.90
N LEU A 46 -5.32 -5.92 -7.17
CA LEU A 46 -6.07 -5.44 -8.33
C LEU A 46 -6.36 -3.95 -8.21
N SER A 47 -6.47 -3.47 -6.97
CA SER A 47 -6.74 -2.07 -6.71
C SER A 47 -5.53 -1.20 -7.02
N LEU A 48 -4.35 -1.79 -6.93
CA LEU A 48 -3.11 -1.08 -7.21
C LEU A 48 -2.95 -0.82 -8.70
N THR A 49 -2.99 -1.90 -9.48
CA THR A 49 -2.85 -1.78 -10.93
C THR A 49 -3.82 -0.77 -11.50
N VAL A 50 -5.03 -0.74 -10.94
CA VAL A 50 -6.06 0.18 -11.40
C VAL A 50 -5.72 1.62 -11.00
N PHE A 51 -5.29 1.79 -9.75
CA PHE A 51 -4.94 3.11 -9.24
C PHE A 51 -3.77 3.71 -10.03
N MET A 52 -2.80 2.87 -10.34
CA MET A 52 -1.63 3.31 -11.10
C MET A 52 -2.04 3.93 -12.42
N LEU A 53 -2.93 3.25 -13.15
CA LEU A 53 -3.41 3.75 -14.43
C LEU A 53 -3.96 5.16 -14.30
N LEU A 54 -4.70 5.41 -13.22
CA LEU A 54 -5.29 6.72 -12.97
C LEU A 54 -4.21 7.78 -12.81
N VAL A 55 -3.33 7.58 -11.83
CA VAL A 55 -2.25 8.53 -11.57
C VAL A 55 -1.41 8.75 -12.82
N ALA A 56 -1.31 7.72 -13.65
CA ALA A 56 -0.53 7.80 -14.88
C ALA A 56 -1.31 8.54 -15.96
N GLU A 57 -2.63 8.47 -15.89
CA GLU A 57 -3.50 9.13 -16.87
C GLU A 57 -3.35 10.64 -16.79
N ILE A 58 -3.26 11.17 -15.57
CA ILE A 58 -3.12 12.60 -15.36
C ILE A 58 -1.71 13.06 -15.70
N MET A 59 -0.76 12.15 -15.60
CA MET A 59 0.64 12.47 -15.91
C MET A 59 1.12 11.70 -17.14
N PRO A 60 0.64 12.13 -18.31
CA PRO A 60 1.01 11.49 -19.58
C PRO A 60 2.47 11.75 -19.96
N SER A 61 2.88 11.24 -21.12
CA SER A 61 4.24 11.41 -21.59
C SER A 61 4.27 12.23 -22.88
N THR A 62 3.76 13.47 -22.79
CA THR A 62 3.73 14.35 -23.94
C THR A 62 4.12 15.77 -23.56
N SER A 63 4.77 16.48 -24.47
CA SER A 63 5.21 17.84 -24.22
C SER A 63 6.15 17.90 -23.03
N ASP A 64 7.45 17.73 -23.29
CA ASP A 64 8.45 17.76 -22.24
C ASP A 64 8.12 16.77 -21.13
N SER A 65 8.40 15.49 -21.39
CA SER A 65 8.13 14.44 -20.42
C SER A 65 8.80 14.74 -19.08
N SER A 66 8.00 14.89 -18.04
CA SER A 66 8.51 15.18 -16.71
C SER A 66 7.57 14.65 -15.63
N PRO A 67 7.49 13.32 -15.53
CA PRO A 67 6.63 12.65 -14.54
C PRO A 67 7.14 12.82 -13.12
N SER A 68 6.31 13.43 -12.27
CA SER A 68 6.68 13.67 -10.87
C SER A 68 6.19 12.53 -9.98
N ILE A 69 4.87 12.49 -9.77
CA ILE A 69 4.26 11.46 -8.94
C ILE A 69 4.20 10.13 -9.68
N ALA A 70 4.15 10.20 -11.01
CA ALA A 70 4.09 8.98 -11.83
C ALA A 70 5.21 8.03 -11.47
N GLN A 71 6.43 8.54 -11.40
CA GLN A 71 7.59 7.72 -11.07
C GLN A 71 7.54 7.28 -9.61
N TYR A 72 7.05 8.16 -8.74
CA TYR A 72 6.95 7.85 -7.32
C TYR A 72 5.98 6.71 -7.07
N PHE A 73 4.92 6.65 -7.86
CA PHE A 73 3.91 5.61 -7.73
C PHE A 73 4.48 4.26 -8.16
N ALA A 74 5.26 4.26 -9.24
CA ALA A 74 5.86 3.03 -9.75
C ALA A 74 6.70 2.35 -8.68
N SER A 75 7.54 3.13 -8.00
CA SER A 75 8.41 2.60 -6.95
C SER A 75 7.59 1.90 -5.87
N THR A 76 6.50 2.55 -5.44
CA THR A 76 5.64 1.99 -4.42
C THR A 76 5.16 0.59 -4.80
N MET A 77 4.74 0.43 -6.04
CA MET A 77 4.26 -0.86 -6.53
C MET A 77 5.27 -1.96 -6.24
N ILE A 78 6.49 -1.78 -6.75
CA ILE A 78 7.55 -2.75 -6.54
C ILE A 78 7.70 -3.10 -5.07
N ILE A 79 7.38 -2.15 -4.20
CA ILE A 79 7.48 -2.36 -2.77
C ILE A 79 6.27 -3.13 -2.24
N VAL A 80 5.08 -2.73 -2.69
CA VAL A 80 3.85 -3.38 -2.27
C VAL A 80 3.79 -4.82 -2.78
N GLY A 81 4.46 -5.07 -3.90
CA GLY A 81 4.47 -6.41 -4.48
C GLY A 81 5.28 -7.39 -3.66
N LEU A 82 6.58 -7.11 -3.53
CA LEU A 82 7.47 -7.97 -2.77
C LEU A 82 7.07 -8.01 -1.29
N SER A 83 6.39 -6.96 -0.85
CA SER A 83 5.96 -6.87 0.55
C SER A 83 5.02 -8.02 0.89
N VAL A 84 3.95 -8.14 0.12
CA VAL A 84 2.97 -9.21 0.33
C VAL A 84 3.57 -10.58 0.12
N VAL A 85 4.63 -10.63 -0.70
CA VAL A 85 5.31 -11.88 -0.99
C VAL A 85 6.03 -12.42 0.24
N VAL A 86 6.60 -11.51 1.02
CA VAL A 86 7.32 -11.89 2.23
C VAL A 86 6.37 -12.26 3.35
N THR A 87 5.15 -11.73 3.28
CA THR A 87 4.13 -12.02 4.29
C THR A 87 3.50 -13.38 4.07
N VAL A 88 3.09 -13.65 2.84
CA VAL A 88 2.46 -14.93 2.49
C VAL A 88 3.38 -16.09 2.84
N ILE A 89 4.68 -15.91 2.60
CA ILE A 89 5.66 -16.95 2.89
C ILE A 89 5.83 -17.15 4.39
N VAL A 90 6.24 -16.08 5.07
CA VAL A 90 6.43 -16.13 6.52
C VAL A 90 5.17 -16.56 7.24
N LEU A 91 4.03 -16.33 6.60
CA LEU A 91 2.73 -16.69 7.17
C LEU A 91 2.50 -18.19 7.06
N GLN A 92 3.01 -18.80 6.00
CA GLN A 92 2.87 -20.23 5.78
C GLN A 92 3.58 -21.03 6.86
N TYR A 93 4.86 -20.73 7.07
CA TYR A 93 5.66 -21.41 8.07
C TYR A 93 5.02 -21.29 9.45
N HIS A 94 4.49 -20.12 9.75
CA HIS A 94 3.84 -19.87 11.04
C HIS A 94 4.81 -20.15 12.19
N HIS A 95 5.48 -19.10 12.66
CA HIS A 95 6.44 -19.23 13.75
C HIS A 95 5.77 -19.84 14.98
N HIS A 96 6.56 -20.09 16.02
CA HIS A 96 6.04 -20.68 17.25
C HIS A 96 5.39 -19.61 18.12
N ASP A 97 4.12 -19.31 17.82
CA ASP A 97 3.38 -18.31 18.58
C ASP A 97 3.45 -18.59 20.08
N PRO A 98 3.16 -17.55 20.89
CA PRO A 98 3.19 -17.67 22.35
C PRO A 98 2.06 -18.53 22.89
N ASP A 99 0.85 -18.30 22.37
CA ASP A 99 -0.32 -19.05 22.79
C ASP A 99 -1.30 -19.24 21.63
N GLY A 100 -1.17 -20.37 20.94
CA GLY A 100 -2.05 -20.65 19.81
C GLY A 100 -3.49 -20.83 20.24
N GLY A 101 -4.36 -19.96 19.72
CA GLY A 101 -5.77 -20.04 20.07
C GLY A 101 -6.68 -19.97 18.85
N GLU A 102 -7.53 -18.95 18.81
CA GLU A 102 -8.45 -18.76 17.69
C GLU A 102 -7.79 -17.98 16.56
N GLY A 103 -7.17 -18.69 15.64
CA GLY A 103 -6.50 -18.04 14.52
C GLY A 103 -4.99 -18.07 14.65
N GLY A 104 -4.42 -17.01 15.20
CA GLY A 104 -2.98 -16.93 15.37
C GLY A 104 -2.52 -15.55 15.79
N GLY A 105 -2.24 -14.70 14.80
CA GLY A 105 -1.79 -13.35 15.08
C GLY A 105 -0.36 -13.32 15.58
N GLU A 106 0.58 -13.07 14.66
CA GLU A 106 2.00 -13.01 15.01
C GLU A 106 2.42 -11.58 15.30
N GLY A 107 3.53 -11.43 16.02
CA GLY A 107 4.03 -10.10 16.35
C GLY A 107 4.81 -9.48 15.21
N ILE A 108 5.57 -10.30 14.49
CA ILE A 108 6.37 -9.82 13.36
C ILE A 108 5.48 -9.14 12.32
N ASP A 109 4.50 -9.88 11.82
CA ASP A 109 3.58 -9.35 10.82
C ASP A 109 2.92 -8.07 11.30
N ARG A 110 2.60 -8.03 12.59
CA ARG A 110 1.96 -6.86 13.17
C ARG A 110 2.83 -5.62 13.00
N LEU A 111 4.13 -5.78 13.20
CA LEU A 111 5.07 -4.68 13.06
C LEU A 111 5.29 -4.32 11.60
N CYS A 112 5.40 -5.34 10.75
CA CYS A 112 5.60 -5.14 9.33
C CYS A 112 4.49 -4.26 8.74
N LEU A 113 3.25 -4.55 9.12
CA LEU A 113 2.10 -3.80 8.63
C LEU A 113 2.14 -2.36 9.13
N MET A 114 2.29 -2.21 10.45
CA MET A 114 2.34 -0.88 11.06
C MET A 114 3.39 -0.01 10.38
N ALA A 115 4.56 -0.59 10.12
CA ALA A 115 5.65 0.13 9.48
C ALA A 115 5.25 0.59 8.08
N PHE A 116 4.43 -0.21 7.42
CA PHE A 116 3.96 0.12 6.07
C PHE A 116 3.01 1.30 6.09
N SER A 117 2.16 1.35 7.12
CA SER A 117 1.19 2.43 7.26
C SER A 117 1.89 3.79 7.26
N VAL A 118 2.77 4.00 8.22
CA VAL A 118 3.51 5.25 8.33
C VAL A 118 4.34 5.51 7.08
N PHE A 119 4.82 4.44 6.46
CA PHE A 119 5.63 4.55 5.26
C PHE A 119 4.88 5.29 4.15
N THR A 120 3.57 5.02 4.05
CA THR A 120 2.74 5.67 3.04
C THR A 120 2.46 7.12 3.42
N ILE A 121 2.42 7.40 4.70
CA ILE A 121 2.16 8.75 5.19
C ILE A 121 3.37 9.66 4.97
N ILE A 122 4.55 9.14 5.29
CA ILE A 122 5.78 9.90 5.13
C ILE A 122 6.17 10.02 3.66
N CYS A 123 5.72 9.07 2.86
CA CYS A 123 6.01 9.06 1.43
C CYS A 123 5.21 10.13 0.71
N THR A 124 3.88 10.03 0.80
CA THR A 124 3.00 11.00 0.15
C THR A 124 3.38 12.42 0.51
N ILE A 125 3.81 12.62 1.75
CA ILE A 125 4.20 13.94 2.22
C ILE A 125 5.65 14.25 1.83
N GLY A 126 6.46 13.21 1.71
CA GLY A 126 7.85 13.39 1.35
C GLY A 126 8.02 13.80 -0.10
N ILE A 127 7.18 13.26 -0.98
CA ILE A 127 7.24 13.58 -2.40
C ILE A 127 6.49 14.88 -2.70
N LEU A 128 5.46 15.15 -1.91
CA LEU A 128 4.66 16.36 -2.09
C LEU A 128 5.45 17.60 -1.70
N MET A 129 6.37 17.44 -0.75
CA MET A 129 7.19 18.55 -0.29
C MET A 129 8.34 18.82 -1.25
N SER A 130 8.93 17.73 -1.77
CA SER A 130 10.05 17.84 -2.70
C SER A 130 9.56 18.25 -4.09
N ALA A 131 8.31 17.89 -4.40
CA ALA A 131 7.73 18.22 -5.69
C ALA A 131 6.29 18.71 -5.53
N PRO A 132 6.14 19.93 -5.00
CA PRO A 132 4.82 20.54 -4.78
C PRO A 132 4.14 20.92 -6.09
N ASN A 133 4.92 21.01 -7.16
CA ASN A 133 4.39 21.36 -8.48
C ASN A 133 3.59 22.66 -8.41
N PHE A 134 4.30 23.78 -8.51
CA PHE A 134 3.66 25.10 -8.47
C PHE A 134 2.66 25.26 -9.61
N VAL A 135 3.15 25.12 -10.84
CA VAL A 135 2.31 25.26 -12.02
C VAL A 135 2.46 24.05 -12.94
N GLU A 136 1.37 23.66 -13.59
CA GLU A 136 1.39 22.53 -14.50
C GLU A 136 2.33 22.78 -15.67
N GLU A 137 3.21 21.81 -15.93
CA GLU A 137 4.18 21.93 -17.02
C GLU A 137 5.03 23.19 -16.86
N GLU A 4 -0.20 21.90 -7.15
CA GLU A 4 -1.52 21.71 -6.57
C GLU A 4 -2.10 20.34 -6.94
N GLU A 5 -1.66 19.82 -8.07
CA GLU A 5 -2.13 18.52 -8.54
C GLU A 5 -1.82 17.43 -7.51
N GLU A 6 -0.55 17.35 -7.12
CA GLU A 6 -0.13 16.36 -6.14
C GLU A 6 -0.91 16.49 -4.84
N LEU A 7 -1.35 17.70 -4.55
CA LEU A 7 -2.12 17.96 -3.34
C LEU A 7 -3.41 17.17 -3.32
N TYR A 8 -4.25 17.39 -4.33
CA TYR A 8 -5.52 16.69 -4.44
C TYR A 8 -5.31 15.20 -4.71
N TYR A 9 -4.58 14.90 -5.78
CA TYR A 9 -4.30 13.52 -6.15
C TYR A 9 -3.72 12.74 -4.97
N GLY A 10 -2.59 13.21 -4.47
CA GLY A 10 -1.95 12.55 -3.34
C GLY A 10 -2.89 12.35 -2.18
N LEU A 11 -3.83 13.28 -2.00
CA LEU A 11 -4.80 13.21 -0.91
C LEU A 11 -5.77 12.05 -1.14
N ASN A 12 -6.53 12.11 -2.23
CA ASN A 12 -7.49 11.07 -2.55
C ASN A 12 -6.81 9.70 -2.64
N LEU A 13 -5.51 9.71 -2.93
CA LEU A 13 -4.75 8.47 -3.03
C LEU A 13 -4.30 7.99 -1.66
N LEU A 14 -4.22 8.92 -0.71
CA LEU A 14 -3.82 8.58 0.65
C LEU A 14 -4.96 7.96 1.43
N ILE A 15 -6.19 8.34 1.09
CA ILE A 15 -7.38 7.82 1.75
C ILE A 15 -7.35 6.29 1.78
N PRO A 16 -7.27 5.68 0.60
CA PRO A 16 -7.24 4.21 0.46
C PRO A 16 -5.94 3.61 0.98
N CYS A 17 -4.83 4.26 0.66
CA CYS A 17 -3.52 3.79 1.10
C CYS A 17 -3.50 3.54 2.60
N VAL A 18 -3.76 4.59 3.38
CA VAL A 18 -3.78 4.48 4.83
C VAL A 18 -4.92 3.59 5.30
N LEU A 19 -6.02 3.62 4.57
CA LEU A 19 -7.20 2.81 4.91
C LEU A 19 -6.84 1.33 4.96
N ILE A 20 -6.14 0.86 3.94
CA ILE A 20 -5.73 -0.54 3.87
C ILE A 20 -4.71 -0.87 4.95
N SER A 21 -3.91 0.12 5.32
CA SER A 21 -2.88 -0.06 6.35
C SER A 21 -3.52 -0.41 7.69
N ALA A 22 -4.45 0.42 8.13
CA ALA A 22 -5.13 0.20 9.40
C ALA A 22 -5.84 -1.15 9.41
N LEU A 23 -6.72 -1.36 8.45
CA LEU A 23 -7.46 -2.62 8.35
C LEU A 23 -6.51 -3.82 8.31
N ALA A 24 -5.40 -3.66 7.60
CA ALA A 24 -4.42 -4.73 7.49
C ALA A 24 -3.82 -5.06 8.86
N LEU A 25 -3.61 -4.03 9.67
CA LEU A 25 -3.04 -4.20 11.00
C LEU A 25 -3.94 -5.06 11.87
N LEU A 26 -5.25 -4.98 11.62
CA LEU A 26 -6.22 -5.76 12.38
C LEU A 26 -6.02 -7.26 12.15
N VAL A 27 -5.90 -7.64 10.89
CA VAL A 27 -5.70 -9.04 10.54
C VAL A 27 -4.27 -9.49 10.81
N PHE A 28 -3.34 -8.56 10.64
CA PHE A 28 -1.91 -8.85 10.87
C PHE A 28 -1.70 -9.40 12.28
N LEU A 29 -2.27 -8.73 13.27
CA LEU A 29 -2.13 -9.15 14.66
C LEU A 29 -2.92 -10.44 14.92
N LEU A 30 -3.95 -10.66 14.12
CA LEU A 30 -4.78 -11.86 14.25
C LEU A 30 -4.80 -12.65 12.96
N PRO A 31 -3.66 -13.31 12.64
CA PRO A 31 -3.53 -14.12 11.42
C PRO A 31 -4.36 -15.39 11.49
N ALA A 32 -5.54 -15.36 10.86
CA ALA A 32 -6.44 -16.51 10.85
C ALA A 32 -6.66 -17.00 9.43
N ASP A 33 -6.73 -18.32 9.26
CA ASP A 33 -6.94 -18.93 7.95
C ASP A 33 -8.40 -19.32 7.76
N SER A 34 -9.30 -18.36 7.95
CA SER A 34 -10.73 -18.62 7.81
C SER A 34 -11.23 -18.22 6.43
N GLY A 35 -10.60 -17.19 5.86
CA GLY A 35 -10.98 -16.73 4.54
C GLY A 35 -10.71 -15.25 4.34
N GLU A 36 -10.68 -14.50 5.43
CA GLU A 36 -10.42 -13.06 5.37
C GLU A 36 -9.02 -12.79 4.82
N LYS A 37 -8.09 -13.67 5.14
CA LYS A 37 -6.71 -13.53 4.68
C LYS A 37 -6.65 -13.51 3.16
N ILE A 38 -7.17 -14.56 2.53
CA ILE A 38 -7.17 -14.66 1.08
C ILE A 38 -8.15 -13.68 0.46
N SER A 39 -9.22 -13.37 1.19
CA SER A 39 -10.23 -12.44 0.71
C SER A 39 -9.64 -11.05 0.50
N LEU A 40 -9.12 -10.47 1.58
CA LEU A 40 -8.53 -9.14 1.52
C LEU A 40 -7.23 -9.17 0.71
N GLY A 41 -6.58 -10.32 0.68
CA GLY A 41 -5.33 -10.46 -0.06
C GLY A 41 -5.46 -9.98 -1.49
N ILE A 42 -6.42 -10.54 -2.21
CA ILE A 42 -6.65 -10.17 -3.60
C ILE A 42 -7.31 -8.80 -3.71
N THR A 43 -8.08 -8.44 -2.69
CA THR A 43 -8.77 -7.16 -2.66
C THR A 43 -7.80 -6.00 -2.88
N VAL A 44 -6.83 -5.88 -2.00
CA VAL A 44 -5.83 -4.81 -2.10
C VAL A 44 -5.01 -4.95 -3.38
N LEU A 45 -4.56 -6.16 -3.66
CA LEU A 45 -3.77 -6.44 -4.85
C LEU A 45 -4.48 -5.94 -6.11
N LEU A 46 -5.79 -6.17 -6.18
CA LEU A 46 -6.59 -5.75 -7.32
C LEU A 46 -6.84 -4.24 -7.27
N SER A 47 -6.92 -3.70 -6.06
CA SER A 47 -7.16 -2.27 -5.88
C SER A 47 -5.93 -1.46 -6.29
N LEU A 48 -4.75 -2.07 -6.19
CA LEU A 48 -3.51 -1.42 -6.55
C LEU A 48 -3.32 -1.38 -8.06
N THR A 49 -3.41 -2.56 -8.69
CA THR A 49 -3.25 -2.67 -10.13
C THR A 49 -4.17 -1.70 -10.86
N VAL A 50 -5.37 -1.50 -10.31
CA VAL A 50 -6.34 -0.61 -10.92
C VAL A 50 -5.98 0.85 -10.64
N PHE A 51 -5.41 1.10 -9.47
CA PHE A 51 -5.01 2.46 -9.09
C PHE A 51 -3.81 2.93 -9.89
N MET A 52 -2.91 1.99 -10.20
CA MET A 52 -1.71 2.30 -10.98
C MET A 52 -2.08 2.76 -12.38
N LEU A 53 -2.92 1.98 -13.05
CA LEU A 53 -3.35 2.31 -14.41
C LEU A 53 -4.05 3.67 -14.44
N LEU A 54 -4.74 4.00 -13.36
CA LEU A 54 -5.45 5.27 -13.27
C LEU A 54 -4.47 6.44 -13.24
N VAL A 55 -3.60 6.46 -12.23
CA VAL A 55 -2.62 7.52 -12.09
C VAL A 55 -1.70 7.58 -13.31
N ALA A 56 -1.56 6.46 -14.00
CA ALA A 56 -0.71 6.38 -15.18
C ALA A 56 -1.46 6.89 -16.41
N GLU A 57 -2.78 6.80 -16.38
CA GLU A 57 -3.60 7.25 -17.50
C GLU A 57 -3.55 8.76 -17.65
N ILE A 58 -3.54 9.46 -16.52
CA ILE A 58 -3.49 10.92 -16.53
C ILE A 58 -2.11 11.41 -16.96
N MET A 59 -1.09 10.58 -16.74
CA MET A 59 0.27 10.93 -17.11
C MET A 59 0.82 9.97 -18.15
N PRO A 60 0.29 10.07 -19.39
CA PRO A 60 0.71 9.22 -20.50
C PRO A 60 2.12 9.54 -20.97
N SER A 61 2.80 8.53 -21.53
CA SER A 61 4.16 8.71 -22.01
C SER A 61 4.18 8.81 -23.54
N THR A 62 3.96 10.02 -24.05
CA THR A 62 3.96 10.26 -25.48
C THR A 62 5.11 11.15 -25.90
N SER A 63 5.08 12.41 -25.46
CA SER A 63 6.12 13.36 -25.79
C SER A 63 6.79 13.90 -24.53
N ASP A 64 5.98 14.48 -23.65
CA ASP A 64 6.50 15.04 -22.39
C ASP A 64 6.29 14.06 -21.24
N SER A 65 7.33 13.27 -20.95
CA SER A 65 7.27 12.29 -19.88
C SER A 65 7.89 12.85 -18.60
N SER A 66 7.07 13.54 -17.80
CA SER A 66 7.53 14.12 -16.55
C SER A 66 6.81 13.50 -15.36
N PRO A 67 7.14 12.23 -15.08
CA PRO A 67 6.54 11.49 -13.96
C PRO A 67 6.98 12.01 -12.61
N SER A 68 6.09 12.70 -11.90
CA SER A 68 6.40 13.26 -10.60
C SER A 68 5.99 12.29 -9.49
N ILE A 69 4.68 12.20 -9.25
CA ILE A 69 4.16 11.31 -8.22
C ILE A 69 4.17 9.86 -8.69
N ALA A 70 4.06 9.66 -9.99
CA ALA A 70 4.05 8.32 -10.58
C ALA A 70 5.29 7.55 -10.17
N GLN A 71 6.44 8.20 -10.26
CA GLN A 71 7.71 7.56 -9.91
C GLN A 71 7.64 6.97 -8.50
N TYR A 72 7.08 7.73 -7.57
CA TYR A 72 6.95 7.28 -6.19
C TYR A 72 6.02 6.08 -6.08
N PHE A 73 4.91 6.14 -6.82
CA PHE A 73 3.94 5.06 -6.82
C PHE A 73 4.54 3.77 -7.37
N ALA A 74 5.33 3.90 -8.42
CA ALA A 74 5.97 2.75 -9.04
C ALA A 74 6.82 1.98 -8.04
N SER A 75 7.71 2.68 -7.36
CA SER A 75 8.58 2.06 -6.37
C SER A 75 7.77 1.34 -5.31
N THR A 76 6.65 1.93 -4.92
CA THR A 76 5.77 1.34 -3.92
C THR A 76 5.26 -0.03 -4.36
N MET A 77 4.81 -0.10 -5.61
CA MET A 77 4.30 -1.35 -6.16
C MET A 77 5.28 -2.49 -5.93
N ILE A 78 6.50 -2.32 -6.44
CA ILE A 78 7.54 -3.34 -6.30
C ILE A 78 7.68 -3.77 -4.85
N ILE A 79 7.46 -2.83 -3.93
CA ILE A 79 7.56 -3.12 -2.51
C ILE A 79 6.35 -3.90 -2.01
N VAL A 80 5.16 -3.44 -2.39
CA VAL A 80 3.92 -4.10 -1.98
C VAL A 80 3.85 -5.52 -2.54
N GLY A 81 4.46 -5.72 -3.72
CA GLY A 81 4.45 -7.04 -4.33
C GLY A 81 5.19 -8.06 -3.53
N LEU A 82 6.49 -7.83 -3.33
CA LEU A 82 7.33 -8.75 -2.56
C LEU A 82 6.88 -8.81 -1.11
N SER A 83 6.23 -7.74 -0.64
CA SER A 83 5.76 -7.67 0.73
C SER A 83 4.87 -8.86 1.06
N VAL A 84 3.81 -9.04 0.27
CA VAL A 84 2.88 -10.14 0.48
C VAL A 84 3.56 -11.49 0.24
N VAL A 85 4.54 -11.50 -0.66
CA VAL A 85 5.27 -12.72 -0.99
C VAL A 85 5.92 -13.31 0.26
N VAL A 86 6.44 -12.44 1.12
CA VAL A 86 7.09 -12.87 2.36
C VAL A 86 6.07 -13.17 3.44
N THR A 87 4.87 -12.60 3.30
CA THR A 87 3.80 -12.81 4.27
C THR A 87 3.08 -14.12 4.02
N VAL A 88 2.95 -14.48 2.74
CA VAL A 88 2.28 -15.72 2.36
C VAL A 88 3.14 -16.93 2.67
N ILE A 89 4.44 -16.79 2.50
CA ILE A 89 5.38 -17.87 2.76
C ILE A 89 5.54 -18.12 4.26
N VAL A 90 5.98 -17.09 4.98
CA VAL A 90 6.17 -17.20 6.42
C VAL A 90 4.91 -17.73 7.09
N LEU A 91 3.76 -17.44 6.51
CA LEU A 91 2.48 -17.90 7.05
C LEU A 91 2.41 -19.42 7.06
N GLN A 92 2.50 -20.02 5.87
CA GLN A 92 2.45 -21.47 5.74
C GLN A 92 3.59 -22.13 6.49
N TYR A 93 4.74 -21.45 6.52
CA TYR A 93 5.92 -21.97 7.20
C TYR A 93 5.62 -22.27 8.67
N HIS A 94 4.67 -21.52 9.23
CA HIS A 94 4.29 -21.70 10.62
C HIS A 94 3.28 -22.84 10.78
N HIS A 95 3.70 -23.89 11.47
CA HIS A 95 2.83 -25.04 11.69
C HIS A 95 1.72 -24.71 12.68
N HIS A 96 0.66 -24.10 12.19
CA HIS A 96 -0.48 -23.73 13.03
C HIS A 96 -1.66 -23.28 12.18
N ASP A 97 -2.64 -24.16 12.01
CA ASP A 97 -3.83 -23.84 11.23
C ASP A 97 -5.05 -24.56 11.79
N PRO A 98 -5.49 -24.13 12.98
CA PRO A 98 -6.66 -24.72 13.65
C PRO A 98 -7.96 -24.38 12.94
N ASP A 99 -9.04 -25.08 13.31
CA ASP A 99 -10.35 -24.85 12.71
C ASP A 99 -10.90 -23.49 13.09
N GLY A 100 -11.40 -22.76 12.11
CA GLY A 100 -11.95 -21.43 12.37
C GLY A 100 -10.93 -20.33 12.15
N GLY A 101 -10.90 -19.38 13.07
CA GLY A 101 -9.97 -18.27 12.96
C GLY A 101 -9.36 -17.89 14.30
N GLU A 102 -8.06 -18.17 14.45
CA GLU A 102 -7.36 -17.86 15.69
C GLU A 102 -6.07 -17.10 15.40
N GLY A 103 -5.58 -16.37 16.41
CA GLY A 103 -4.37 -15.60 16.24
C GLY A 103 -3.13 -16.38 16.68
N GLY A 104 -2.09 -15.65 17.06
CA GLY A 104 -0.86 -16.30 17.49
C GLY A 104 0.09 -15.35 18.17
N GLY A 105 0.69 -14.44 17.39
CA GLY A 105 1.61 -13.48 17.94
C GLY A 105 2.90 -13.37 17.12
N GLU A 106 2.95 -12.36 16.26
CA GLU A 106 4.12 -12.14 15.41
C GLU A 106 4.61 -10.70 15.52
N GLY A 107 5.91 -10.54 15.79
CA GLY A 107 6.47 -9.21 15.92
C GLY A 107 6.82 -8.60 14.57
N ILE A 108 7.35 -9.42 13.67
CA ILE A 108 7.72 -8.96 12.34
C ILE A 108 6.55 -8.27 11.65
N ASP A 109 5.37 -8.85 11.77
CA ASP A 109 4.17 -8.29 11.17
C ASP A 109 3.99 -6.83 11.56
N ARG A 110 4.17 -6.54 12.85
CA ARG A 110 4.03 -5.19 13.36
C ARG A 110 5.11 -4.28 12.78
N LEU A 111 6.34 -4.78 12.72
CA LEU A 111 7.46 -4.01 12.18
C LEU A 111 7.15 -3.53 10.77
N CYS A 112 6.46 -4.37 9.99
CA CYS A 112 6.11 -4.02 8.62
C CYS A 112 4.97 -3.00 8.59
N LEU A 113 4.07 -3.10 9.57
CA LEU A 113 2.95 -2.18 9.64
C LEU A 113 3.40 -0.76 9.93
N MET A 114 4.10 -0.58 11.05
CA MET A 114 4.60 0.73 11.42
C MET A 114 5.40 1.37 10.30
N ALA A 115 6.32 0.59 9.72
CA ALA A 115 7.14 1.08 8.62
C ALA A 115 6.28 1.60 7.48
N PHE A 116 5.20 0.89 7.19
CA PHE A 116 4.30 1.28 6.11
C PHE A 116 3.59 2.60 6.45
N SER A 117 3.32 2.80 7.73
CA SER A 117 2.65 4.02 8.19
C SER A 117 3.39 5.26 7.71
N VAL A 118 4.62 5.41 8.18
CA VAL A 118 5.45 6.55 7.81
C VAL A 118 5.74 6.57 6.31
N PHE A 119 5.68 5.39 5.69
CA PHE A 119 5.93 5.26 4.27
C PHE A 119 5.07 6.24 3.47
N THR A 120 3.77 6.21 3.73
CA THR A 120 2.83 7.09 3.04
C THR A 120 2.92 8.52 3.58
N ILE A 121 2.90 8.64 4.90
CA ILE A 121 2.97 9.95 5.55
C ILE A 121 4.15 10.75 5.02
N ILE A 122 5.35 10.23 5.21
CA ILE A 122 6.56 10.90 4.74
C ILE A 122 6.53 11.11 3.24
N CYS A 123 5.84 10.21 2.54
CA CYS A 123 5.74 10.31 1.08
C CYS A 123 5.00 11.58 0.67
N THR A 124 3.75 11.70 1.11
CA THR A 124 2.94 12.86 0.78
C THR A 124 3.60 14.15 1.26
N ILE A 125 4.45 14.02 2.27
CA ILE A 125 5.15 15.18 2.82
C ILE A 125 6.42 15.48 2.03
N GLY A 126 6.97 14.46 1.37
CA GLY A 126 8.17 14.63 0.58
C GLY A 126 7.91 15.30 -0.75
N ILE A 127 6.78 14.95 -1.37
CA ILE A 127 6.40 15.52 -2.65
C ILE A 127 5.68 16.85 -2.49
N LEU A 128 5.06 17.04 -1.33
CA LEU A 128 4.34 18.28 -1.04
C LEU A 128 5.30 19.45 -0.92
N MET A 129 6.28 19.32 -0.03
CA MET A 129 7.26 20.38 0.19
C MET A 129 8.01 20.68 -1.11
N SER A 130 8.15 19.67 -1.96
CA SER A 130 8.85 19.84 -3.23
C SER A 130 7.96 20.54 -4.25
N ALA A 131 6.65 20.37 -4.09
CA ALA A 131 5.69 21.00 -5.01
C ALA A 131 4.45 21.46 -4.26
N PRO A 132 4.60 22.54 -3.48
CA PRO A 132 3.50 23.11 -2.69
C PRO A 132 2.43 23.76 -3.57
N ASN A 133 2.82 24.14 -4.79
CA ASN A 133 1.91 24.77 -5.73
C ASN A 133 2.55 24.89 -7.11
N PHE A 134 1.71 24.91 -8.14
CA PHE A 134 2.18 25.03 -9.52
C PHE A 134 1.56 26.23 -10.22
N VAL A 135 0.23 26.32 -10.14
CA VAL A 135 -0.50 27.42 -10.77
C VAL A 135 -1.71 27.82 -9.94
N GLU A 136 -2.27 28.98 -10.24
CA GLU A 136 -3.44 29.48 -9.52
C GLU A 136 -4.70 28.74 -9.95
N GLU A 137 -4.75 28.37 -11.22
CA GLU A 137 -5.91 27.65 -11.76
C GLU A 137 -6.04 26.27 -11.11
N GLU A 4 -4.81 23.38 -7.15
CA GLU A 4 -6.03 23.15 -6.39
C GLU A 4 -6.67 21.82 -6.78
N GLU A 5 -6.60 21.48 -8.06
CA GLU A 5 -7.17 20.24 -8.57
C GLU A 5 -6.31 19.05 -8.17
N GLU A 6 -4.99 19.24 -8.20
CA GLU A 6 -4.06 18.18 -7.84
C GLU A 6 -4.29 17.70 -6.41
N LEU A 7 -4.61 18.64 -5.52
CA LEU A 7 -4.87 18.32 -4.13
C LEU A 7 -6.22 17.64 -3.96
N TYR A 8 -7.27 18.31 -4.41
CA TYR A 8 -8.62 17.77 -4.31
C TYR A 8 -8.70 16.37 -4.91
N TYR A 9 -7.97 16.16 -5.99
CA TYR A 9 -7.95 14.87 -6.67
C TYR A 9 -7.20 13.83 -5.83
N GLY A 10 -5.93 14.10 -5.56
CA GLY A 10 -5.11 13.19 -4.78
C GLY A 10 -5.76 12.84 -3.45
N LEU A 11 -6.36 13.83 -2.80
CA LEU A 11 -7.01 13.63 -1.52
C LEU A 11 -8.09 12.56 -1.62
N ASN A 12 -9.03 12.76 -2.54
CA ASN A 12 -10.13 11.82 -2.74
C ASN A 12 -9.58 10.42 -3.05
N LEU A 13 -8.36 10.37 -3.59
CA LEU A 13 -7.73 9.10 -3.93
C LEU A 13 -7.07 8.48 -2.71
N LEU A 14 -6.75 9.32 -1.73
CA LEU A 14 -6.12 8.84 -0.50
C LEU A 14 -7.14 8.23 0.45
N ILE A 15 -8.38 8.71 0.37
CA ILE A 15 -9.46 8.22 1.22
C ILE A 15 -9.56 6.70 1.14
N PRO A 16 -9.74 6.18 -0.08
CA PRO A 16 -9.86 4.74 -0.32
C PRO A 16 -8.54 4.01 -0.12
N CYS A 17 -7.46 4.61 -0.59
CA CYS A 17 -6.13 4.02 -0.46
C CYS A 17 -5.84 3.64 0.99
N VAL A 18 -5.91 4.62 1.88
CA VAL A 18 -5.66 4.39 3.30
C VAL A 18 -6.78 3.56 3.92
N LEU A 19 -7.99 3.74 3.41
CA LEU A 19 -9.15 3.01 3.93
C LEU A 19 -8.92 1.51 3.84
N ILE A 20 -8.74 1.01 2.62
CA ILE A 20 -8.52 -0.41 2.40
C ILE A 20 -7.38 -0.93 3.26
N SER A 21 -6.28 -0.19 3.29
CA SER A 21 -5.12 -0.58 4.08
C SER A 21 -5.51 -0.82 5.53
N ALA A 22 -6.34 0.06 6.07
CA ALA A 22 -6.79 -0.07 7.46
C ALA A 22 -7.49 -1.40 7.69
N LEU A 23 -8.54 -1.66 6.91
CA LEU A 23 -9.29 -2.90 7.03
C LEU A 23 -8.37 -4.11 6.91
N ALA A 24 -7.41 -4.02 6.00
CA ALA A 24 -6.46 -5.11 5.79
C ALA A 24 -5.68 -5.41 7.07
N LEU A 25 -5.20 -4.37 7.74
CA LEU A 25 -4.45 -4.54 8.97
C LEU A 25 -5.24 -5.37 9.99
N LEU A 26 -6.53 -5.08 10.10
CA LEU A 26 -7.39 -5.80 11.03
C LEU A 26 -7.29 -7.30 10.82
N VAL A 27 -7.07 -7.71 9.57
CA VAL A 27 -6.96 -9.12 9.23
C VAL A 27 -5.54 -9.63 9.50
N PHE A 28 -4.55 -8.79 9.19
CA PHE A 28 -3.16 -9.16 9.40
C PHE A 28 -2.90 -9.52 10.86
N LEU A 29 -3.41 -8.70 11.76
CA LEU A 29 -3.24 -8.94 13.20
C LEU A 29 -4.01 -10.18 13.65
N LEU A 30 -5.08 -10.49 12.93
CA LEU A 30 -5.90 -11.66 13.25
C LEU A 30 -5.84 -12.69 12.13
N PRO A 31 -4.70 -13.39 12.02
CA PRO A 31 -4.49 -14.42 11.00
C PRO A 31 -5.33 -15.66 11.25
N ALA A 32 -6.41 -15.79 10.49
CA ALA A 32 -7.31 -16.94 10.62
C ALA A 32 -6.78 -18.13 9.84
N ASP A 33 -6.11 -17.86 8.73
CA ASP A 33 -5.55 -18.92 7.89
C ASP A 33 -6.64 -19.87 7.42
N SER A 34 -7.86 -19.34 7.27
CA SER A 34 -8.99 -20.14 6.83
C SER A 34 -9.27 -19.92 5.34
N GLY A 35 -8.92 -18.74 4.85
CA GLY A 35 -9.13 -18.42 3.45
C GLY A 35 -9.27 -16.93 3.21
N GLU A 36 -9.64 -16.20 4.25
CA GLU A 36 -9.81 -14.75 4.14
C GLU A 36 -8.47 -14.06 3.94
N LYS A 37 -7.40 -14.69 4.41
CA LYS A 37 -6.06 -14.14 4.28
C LYS A 37 -5.74 -13.84 2.81
N ILE A 38 -5.77 -14.88 1.98
CA ILE A 38 -5.48 -14.73 0.56
C ILE A 38 -6.52 -13.85 -0.11
N SER A 39 -7.75 -13.89 0.39
CA SER A 39 -8.84 -13.10 -0.17
C SER A 39 -8.44 -11.63 -0.27
N LEU A 40 -8.12 -11.03 0.87
CA LEU A 40 -7.72 -9.62 0.92
C LEU A 40 -6.39 -9.41 0.19
N GLY A 41 -5.61 -10.48 0.09
CA GLY A 41 -4.33 -10.39 -0.59
C GLY A 41 -4.43 -9.76 -1.96
N ILE A 42 -5.29 -10.34 -2.80
CA ILE A 42 -5.49 -9.83 -4.16
C ILE A 42 -6.38 -8.60 -4.16
N THR A 43 -7.19 -8.46 -3.12
CA THR A 43 -8.09 -7.33 -2.99
C THR A 43 -7.34 -6.00 -3.16
N VAL A 44 -6.35 -5.79 -2.30
CA VAL A 44 -5.55 -4.57 -2.35
C VAL A 44 -4.53 -4.62 -3.48
N LEU A 45 -4.07 -5.82 -3.79
CA LEU A 45 -3.09 -6.01 -4.86
C LEU A 45 -3.63 -5.50 -6.19
N LEU A 46 -4.82 -5.97 -6.56
CA LEU A 46 -5.45 -5.56 -7.81
C LEU A 46 -5.90 -4.11 -7.74
N SER A 47 -6.23 -3.65 -6.53
CA SER A 47 -6.67 -2.28 -6.32
C SER A 47 -5.52 -1.29 -6.52
N LEU A 48 -4.30 -1.76 -6.30
CA LEU A 48 -3.12 -0.93 -6.44
C LEU A 48 -2.82 -0.68 -7.93
N THR A 49 -2.67 -1.76 -8.68
CA THR A 49 -2.38 -1.65 -10.11
C THR A 49 -3.39 -0.76 -10.81
N VAL A 50 -4.64 -0.81 -10.35
CA VAL A 50 -5.71 0.00 -10.93
C VAL A 50 -5.56 1.46 -10.54
N PHE A 51 -5.27 1.71 -9.27
CA PHE A 51 -5.09 3.07 -8.76
C PHE A 51 -3.89 3.74 -9.41
N MET A 52 -2.89 2.94 -9.76
CA MET A 52 -1.67 3.46 -10.38
C MET A 52 -1.97 4.00 -11.77
N LEU A 53 -2.59 3.18 -12.61
CA LEU A 53 -2.93 3.58 -13.97
C LEU A 53 -3.73 4.88 -13.97
N LEU A 54 -4.54 5.07 -12.93
CA LEU A 54 -5.36 6.28 -12.82
C LEU A 54 -4.48 7.52 -12.67
N VAL A 55 -3.65 7.53 -11.63
CA VAL A 55 -2.75 8.66 -11.39
C VAL A 55 -1.78 8.85 -12.55
N ALA A 56 -1.46 7.76 -13.24
CA ALA A 56 -0.54 7.82 -14.36
C ALA A 56 -1.23 8.40 -15.60
N GLU A 57 -2.55 8.25 -15.66
CA GLU A 57 -3.32 8.77 -16.79
C GLU A 57 -3.33 10.30 -16.79
N ILE A 58 -3.52 10.88 -15.61
CA ILE A 58 -3.55 12.34 -15.48
C ILE A 58 -2.16 12.93 -15.65
N MET A 59 -1.13 12.13 -15.36
CA MET A 59 0.25 12.58 -15.50
C MET A 59 1.01 11.72 -16.50
N PRO A 60 0.67 11.86 -17.78
CA PRO A 60 1.30 11.11 -18.86
C PRO A 60 2.74 11.54 -19.10
N SER A 61 3.62 10.57 -19.33
CA SER A 61 5.03 10.86 -19.57
C SER A 61 5.45 10.38 -20.96
N THR A 62 4.95 11.07 -21.99
CA THR A 62 5.27 10.71 -23.36
C THR A 62 6.15 11.78 -24.02
N SER A 63 5.63 13.00 -24.08
CA SER A 63 6.36 14.11 -24.68
C SER A 63 7.63 14.42 -23.88
N ASP A 64 7.48 14.64 -22.59
CA ASP A 64 8.60 14.94 -21.72
C ASP A 64 8.91 13.77 -20.79
N SER A 65 10.08 13.18 -20.97
CA SER A 65 10.48 12.03 -20.16
C SER A 65 11.02 12.50 -18.81
N SER A 66 10.12 12.73 -17.86
CA SER A 66 10.50 13.18 -16.52
C SER A 66 9.39 12.88 -15.51
N PRO A 67 9.18 11.59 -15.24
CA PRO A 67 8.16 11.14 -14.30
C PRO A 67 8.50 11.49 -12.86
N SER A 68 7.58 12.17 -12.17
CA SER A 68 7.79 12.56 -10.79
C SER A 68 7.03 11.64 -9.84
N ILE A 69 5.70 11.75 -9.84
CA ILE A 69 4.87 10.93 -8.99
C ILE A 69 4.77 9.50 -9.51
N ALA A 70 4.95 9.35 -10.82
CA ALA A 70 4.88 8.03 -11.45
C ALA A 70 6.03 7.14 -10.97
N GLN A 71 7.24 7.69 -11.01
CA GLN A 71 8.42 6.95 -10.60
C GLN A 71 8.29 6.45 -9.15
N TYR A 72 7.67 7.28 -8.31
CA TYR A 72 7.47 6.93 -6.91
C TYR A 72 6.37 5.87 -6.77
N PHE A 73 5.17 6.21 -7.22
CA PHE A 73 4.03 5.29 -7.14
C PHE A 73 4.39 3.94 -7.75
N ALA A 74 5.17 3.96 -8.83
CA ALA A 74 5.58 2.73 -9.50
C ALA A 74 6.51 1.91 -8.62
N SER A 75 7.62 2.51 -8.22
CA SER A 75 8.60 1.83 -7.38
C SER A 75 7.93 1.25 -6.13
N THR A 76 6.86 1.90 -5.68
CA THR A 76 6.13 1.43 -4.51
C THR A 76 5.47 0.08 -4.76
N MET A 77 4.69 0.01 -5.84
CA MET A 77 3.99 -1.23 -6.19
C MET A 77 4.97 -2.39 -6.28
N ILE A 78 6.22 -2.09 -6.62
CA ILE A 78 7.26 -3.10 -6.73
C ILE A 78 7.54 -3.76 -5.39
N ILE A 79 7.83 -2.94 -4.38
CA ILE A 79 8.12 -3.44 -3.04
C ILE A 79 6.86 -3.96 -2.37
N VAL A 80 5.72 -3.39 -2.73
CA VAL A 80 4.44 -3.80 -2.16
C VAL A 80 4.02 -5.16 -2.69
N GLY A 81 4.17 -5.35 -4.00
CA GLY A 81 3.80 -6.61 -4.62
C GLY A 81 4.61 -7.78 -4.08
N LEU A 82 5.92 -7.72 -4.27
CA LEU A 82 6.81 -8.78 -3.80
C LEU A 82 6.64 -9.01 -2.31
N SER A 83 6.19 -7.98 -1.60
CA SER A 83 5.98 -8.07 -0.16
C SER A 83 4.74 -8.92 0.16
N VAL A 84 3.80 -8.95 -0.77
CA VAL A 84 2.58 -9.71 -0.59
C VAL A 84 2.84 -11.21 -0.70
N VAL A 85 3.49 -11.61 -1.78
CA VAL A 85 3.82 -13.02 -2.00
C VAL A 85 4.65 -13.58 -0.85
N VAL A 86 5.50 -12.74 -0.27
CA VAL A 86 6.35 -13.15 0.83
C VAL A 86 5.55 -13.24 2.13
N THR A 87 4.80 -12.19 2.44
CA THR A 87 3.98 -12.15 3.65
C THR A 87 3.07 -13.37 3.74
N VAL A 88 2.69 -13.90 2.58
CA VAL A 88 1.82 -15.07 2.53
C VAL A 88 2.57 -16.32 2.96
N ILE A 89 3.70 -16.58 2.32
CA ILE A 89 4.51 -17.75 2.64
C ILE A 89 4.92 -17.75 4.11
N VAL A 90 5.33 -16.59 4.61
CA VAL A 90 5.75 -16.46 6.00
C VAL A 90 4.68 -17.02 6.94
N LEU A 91 3.46 -16.53 6.80
CA LEU A 91 2.35 -16.98 7.64
C LEU A 91 2.00 -18.43 7.33
N GLN A 92 2.09 -18.80 6.06
CA GLN A 92 1.77 -20.16 5.64
C GLN A 92 2.74 -21.17 6.27
N TYR A 93 3.95 -20.71 6.57
CA TYR A 93 4.96 -21.56 7.17
C TYR A 93 4.51 -22.07 8.53
N HIS A 94 4.00 -21.16 9.37
CA HIS A 94 3.53 -21.52 10.69
C HIS A 94 2.46 -22.60 10.62
N HIS A 95 2.84 -23.83 10.96
CA HIS A 95 1.91 -24.95 10.92
C HIS A 95 1.32 -25.20 12.31
N HIS A 96 2.15 -25.09 13.34
CA HIS A 96 1.70 -25.30 14.71
C HIS A 96 1.75 -24.00 15.51
N ASP A 97 1.20 -24.03 16.71
CA ASP A 97 1.17 -22.86 17.57
C ASP A 97 0.78 -23.23 19.00
N PRO A 98 1.67 -23.96 19.68
CA PRO A 98 1.43 -24.41 21.07
C PRO A 98 1.47 -23.25 22.06
N ASP A 99 0.84 -23.44 23.21
CA ASP A 99 0.79 -22.41 24.24
C ASP A 99 0.11 -21.15 23.72
N GLY A 100 -1.21 -21.23 23.53
CA GLY A 100 -1.96 -20.10 23.05
C GLY A 100 -3.44 -20.22 23.33
N GLY A 101 -4.23 -20.37 22.27
CA GLY A 101 -5.67 -20.49 22.42
C GLY A 101 -6.43 -19.88 21.26
N GLU A 102 -6.52 -18.54 21.25
CA GLU A 102 -7.22 -17.83 20.20
C GLU A 102 -6.48 -16.57 19.79
N GLY A 103 -6.60 -16.19 18.53
CA GLY A 103 -5.93 -14.99 18.04
C GLY A 103 -4.45 -14.99 18.35
N GLY A 104 -4.03 -14.05 19.19
CA GLY A 104 -2.63 -13.96 19.55
C GLY A 104 -1.92 -12.83 18.84
N GLY A 105 -1.07 -12.11 19.57
CA GLY A 105 -0.34 -11.01 18.98
C GLY A 105 1.04 -11.41 18.49
N GLU A 106 1.37 -11.02 17.27
CA GLU A 106 2.66 -11.35 16.68
C GLU A 106 3.57 -10.12 16.60
N GLY A 107 4.77 -10.24 17.15
CA GLY A 107 5.70 -9.13 17.14
C GLY A 107 6.29 -8.88 15.77
N ILE A 108 6.33 -9.92 14.94
CA ILE A 108 6.86 -9.81 13.59
C ILE A 108 5.88 -9.12 12.65
N ASP A 109 4.59 -9.31 12.93
CA ASP A 109 3.54 -8.71 12.11
C ASP A 109 3.37 -7.23 12.46
N ARG A 110 3.44 -6.91 13.75
CA ARG A 110 3.30 -5.54 14.20
C ARG A 110 4.47 -4.69 13.74
N LEU A 111 5.63 -5.32 13.57
CA LEU A 111 6.83 -4.62 13.13
C LEU A 111 6.79 -4.34 11.64
N CYS A 112 6.41 -5.35 10.86
CA CYS A 112 6.33 -5.22 9.41
C CYS A 112 5.28 -4.18 9.03
N LEU A 113 4.14 -4.23 9.70
CA LEU A 113 3.04 -3.31 9.42
C LEU A 113 3.45 -1.87 9.76
N MET A 114 4.27 -1.73 10.79
CA MET A 114 4.74 -0.41 11.22
C MET A 114 5.53 0.27 10.11
N ALA A 115 6.54 -0.42 9.60
CA ALA A 115 7.37 0.12 8.53
C ALA A 115 6.54 0.49 7.32
N PHE A 116 5.43 -0.23 7.12
CA PHE A 116 4.54 0.02 5.99
C PHE A 116 3.77 1.31 6.19
N SER A 117 3.27 1.53 7.41
CA SER A 117 2.50 2.73 7.72
C SER A 117 3.30 3.99 7.37
N VAL A 118 4.49 4.11 7.96
CA VAL A 118 5.35 5.26 7.71
C VAL A 118 5.69 5.39 6.23
N PHE A 119 5.85 4.24 5.57
CA PHE A 119 6.18 4.22 4.15
C PHE A 119 5.19 5.06 3.35
N THR A 120 3.93 5.01 3.73
CA THR A 120 2.88 5.76 3.05
C THR A 120 2.99 7.26 3.37
N ILE A 121 3.33 7.55 4.63
CA ILE A 121 3.47 8.95 5.06
C ILE A 121 4.65 9.63 4.38
N ILE A 122 5.79 8.92 4.34
CA ILE A 122 6.99 9.45 3.72
C ILE A 122 6.82 9.58 2.20
N CYS A 123 5.93 8.77 1.65
CA CYS A 123 5.67 8.79 0.22
C CYS A 123 5.04 10.12 -0.21
N THR A 124 3.87 10.40 0.35
CA THR A 124 3.15 11.64 0.03
C THR A 124 4.02 12.85 0.28
N ILE A 125 4.94 12.74 1.24
CA ILE A 125 5.85 13.84 1.57
C ILE A 125 7.04 13.87 0.63
N GLY A 126 7.37 12.70 0.06
CA GLY A 126 8.50 12.62 -0.85
C GLY A 126 8.26 13.38 -2.13
N ILE A 127 7.06 13.29 -2.67
CA ILE A 127 6.70 13.97 -3.90
C ILE A 127 6.27 15.41 -3.63
N LEU A 128 5.76 15.65 -2.43
CA LEU A 128 5.31 16.98 -2.03
C LEU A 128 6.44 17.99 -2.17
N MET A 129 7.59 17.68 -1.59
CA MET A 129 8.75 18.57 -1.65
C MET A 129 9.37 18.55 -3.04
N SER A 130 9.20 17.44 -3.75
CA SER A 130 9.75 17.29 -5.09
C SER A 130 9.10 18.28 -6.05
N ALA A 131 7.85 18.65 -5.76
CA ALA A 131 7.13 19.60 -6.60
C ALA A 131 5.87 20.10 -5.89
N PRO A 132 6.07 20.95 -4.87
CA PRO A 132 4.97 21.51 -4.08
C PRO A 132 4.15 22.52 -4.88
N ASN A 133 2.90 22.70 -4.49
CA ASN A 133 2.01 23.64 -5.18
C ASN A 133 2.31 25.07 -4.75
N PHE A 134 3.12 25.76 -5.54
CA PHE A 134 3.49 27.14 -5.25
C PHE A 134 3.99 27.85 -6.51
N VAL A 135 3.46 27.45 -7.65
CA VAL A 135 3.85 28.05 -8.93
C VAL A 135 2.66 28.18 -9.86
N GLU A 136 2.66 29.24 -10.67
CA GLU A 136 1.57 29.48 -11.62
C GLU A 136 2.08 29.41 -13.05
N GLU A 137 2.07 28.22 -13.64
CA GLU A 137 2.53 28.03 -15.00
C GLU A 137 3.95 28.54 -15.17
N GLU A 4 -2.99 22.14 -8.13
CA GLU A 4 -4.08 21.83 -7.22
C GLU A 4 -4.76 20.53 -7.62
N GLU A 5 -4.79 20.24 -8.92
CA GLU A 5 -5.42 19.03 -9.43
C GLU A 5 -4.83 17.80 -8.76
N GLU A 6 -3.51 17.75 -8.66
CA GLU A 6 -2.82 16.63 -8.03
C GLU A 6 -3.12 16.56 -6.54
N LEU A 7 -3.29 17.73 -5.93
CA LEU A 7 -3.58 17.82 -4.50
C LEU A 7 -4.91 17.15 -4.18
N TYR A 8 -5.97 17.59 -4.85
CA TYR A 8 -7.30 17.03 -4.63
C TYR A 8 -7.37 15.58 -5.11
N TYR A 9 -6.81 15.33 -6.28
CA TYR A 9 -6.80 13.98 -6.85
C TYR A 9 -6.13 12.99 -5.91
N GLY A 10 -4.90 13.28 -5.53
CA GLY A 10 -4.17 12.41 -4.63
C GLY A 10 -4.92 12.13 -3.35
N LEU A 11 -5.50 13.16 -2.76
CA LEU A 11 -6.26 13.02 -1.52
C LEU A 11 -7.32 11.93 -1.66
N ASN A 12 -8.18 12.07 -2.66
CA ASN A 12 -9.23 11.10 -2.91
C ASN A 12 -8.66 9.69 -3.09
N LEU A 13 -7.39 9.63 -3.52
CA LEU A 13 -6.73 8.35 -3.73
C LEU A 13 -6.16 7.81 -2.41
N LEU A 14 -5.94 8.70 -1.46
CA LEU A 14 -5.41 8.30 -0.16
C LEU A 14 -6.51 7.73 0.73
N ILE A 15 -7.74 8.20 0.51
CA ILE A 15 -8.87 7.73 1.29
C ILE A 15 -8.96 6.22 1.30
N PRO A 16 -9.04 5.62 0.10
CA PRO A 16 -9.12 4.17 -0.07
C PRO A 16 -7.81 3.47 0.30
N CYS A 17 -6.69 4.07 -0.12
CA CYS A 17 -5.37 3.50 0.15
C CYS A 17 -5.22 3.21 1.65
N VAL A 18 -5.33 4.24 2.46
CA VAL A 18 -5.20 4.10 3.90
C VAL A 18 -6.34 3.27 4.49
N LEU A 19 -7.52 3.39 3.88
CA LEU A 19 -8.69 2.65 4.33
C LEU A 19 -8.43 1.14 4.30
N ILE A 20 -7.85 0.67 3.21
CA ILE A 20 -7.55 -0.75 3.06
C ILE A 20 -6.41 -1.16 3.98
N SER A 21 -5.47 -0.24 4.21
CA SER A 21 -4.33 -0.52 5.07
C SER A 21 -4.78 -0.89 6.47
N ALA A 22 -5.67 -0.08 7.04
CA ALA A 22 -6.18 -0.33 8.37
C ALA A 22 -6.88 -1.68 8.46
N LEU A 23 -7.86 -1.89 7.60
CA LEU A 23 -8.61 -3.14 7.56
C LEU A 23 -7.67 -4.33 7.38
N ALA A 24 -6.76 -4.21 6.42
CA ALA A 24 -5.80 -5.28 6.15
C ALA A 24 -4.93 -5.56 7.37
N LEU A 25 -4.48 -4.49 8.02
CA LEU A 25 -3.64 -4.62 9.21
C LEU A 25 -4.28 -5.55 10.24
N LEU A 26 -5.60 -5.49 10.32
CA LEU A 26 -6.35 -6.33 11.27
C LEU A 26 -6.10 -7.81 10.98
N VAL A 27 -6.15 -8.19 9.71
CA VAL A 27 -5.94 -9.57 9.32
C VAL A 27 -4.46 -9.93 9.33
N PHE A 28 -3.62 -8.93 9.07
CA PHE A 28 -2.17 -9.14 9.06
C PHE A 28 -1.68 -9.63 10.41
N LEU A 29 -2.20 -9.04 11.47
CA LEU A 29 -1.81 -9.42 12.83
C LEU A 29 -2.50 -10.72 13.25
N LEU A 30 -3.68 -10.96 12.68
CA LEU A 30 -4.45 -12.16 12.98
C LEU A 30 -4.68 -13.00 11.74
N PRO A 31 -3.60 -13.64 11.25
CA PRO A 31 -3.65 -14.49 10.06
C PRO A 31 -4.43 -15.78 10.30
N ALA A 32 -5.68 -15.79 9.86
CA ALA A 32 -6.54 -16.97 10.02
C ALA A 32 -6.43 -17.89 8.83
N ASP A 33 -6.21 -17.31 7.66
CA ASP A 33 -6.10 -18.09 6.43
C ASP A 33 -7.32 -18.97 6.22
N SER A 34 -8.47 -18.51 6.70
CA SER A 34 -9.71 -19.27 6.58
C SER A 34 -10.51 -18.81 5.36
N GLY A 35 -10.31 -17.54 4.98
CA GLY A 35 -11.01 -17.00 3.84
C GLY A 35 -10.74 -15.52 3.63
N GLU A 36 -10.65 -14.78 4.73
CA GLU A 36 -10.39 -13.35 4.67
C GLU A 36 -9.08 -13.07 3.95
N LYS A 37 -8.00 -13.70 4.41
CA LYS A 37 -6.69 -13.52 3.81
C LYS A 37 -6.71 -13.90 2.33
N ILE A 38 -7.58 -14.84 1.97
CA ILE A 38 -7.70 -15.28 0.59
C ILE A 38 -8.44 -14.25 -0.25
N SER A 39 -9.69 -13.98 0.11
CA SER A 39 -10.51 -13.02 -0.62
C SER A 39 -9.81 -11.66 -0.69
N LEU A 40 -9.48 -11.10 0.47
CA LEU A 40 -8.82 -9.81 0.52
C LEU A 40 -7.44 -9.88 -0.12
N GLY A 41 -6.85 -11.07 -0.13
CA GLY A 41 -5.54 -11.25 -0.72
C GLY A 41 -5.48 -10.73 -2.14
N ILE A 42 -6.33 -11.27 -3.00
CA ILE A 42 -6.37 -10.86 -4.40
C ILE A 42 -7.02 -9.49 -4.56
N THR A 43 -7.88 -9.14 -3.61
CA THR A 43 -8.57 -7.85 -3.64
C THR A 43 -7.57 -6.70 -3.58
N VAL A 44 -6.79 -6.65 -2.50
CA VAL A 44 -5.80 -5.60 -2.32
C VAL A 44 -4.71 -5.69 -3.38
N LEU A 45 -4.39 -6.90 -3.78
CA LEU A 45 -3.36 -7.13 -4.79
C LEU A 45 -3.79 -6.57 -6.15
N LEU A 46 -4.92 -7.03 -6.64
CA LEU A 46 -5.45 -6.58 -7.92
C LEU A 46 -5.73 -5.08 -7.90
N SER A 47 -6.06 -4.57 -6.71
CA SER A 47 -6.36 -3.15 -6.55
C SER A 47 -5.09 -2.31 -6.73
N LEU A 48 -3.94 -2.92 -6.44
CA LEU A 48 -2.66 -2.23 -6.55
C LEU A 48 -2.26 -2.08 -8.01
N THR A 49 -2.19 -3.20 -8.72
CA THR A 49 -1.82 -3.19 -10.13
C THR A 49 -2.69 -2.21 -10.92
N VAL A 50 -3.96 -2.13 -10.55
CA VAL A 50 -4.89 -1.23 -11.23
C VAL A 50 -4.63 0.22 -10.85
N PHE A 51 -4.56 0.49 -9.55
CA PHE A 51 -4.31 1.83 -9.06
C PHE A 51 -3.00 2.38 -9.61
N MET A 52 -2.07 1.48 -9.92
CA MET A 52 -0.77 1.87 -10.45
C MET A 52 -0.91 2.42 -11.86
N LEU A 53 -1.62 1.68 -12.71
CA LEU A 53 -1.82 2.09 -14.09
C LEU A 53 -2.63 3.39 -14.16
N LEU A 54 -3.44 3.63 -13.15
CA LEU A 54 -4.26 4.83 -13.09
C LEU A 54 -3.39 6.07 -12.88
N VAL A 55 -2.53 6.02 -11.87
CA VAL A 55 -1.63 7.12 -11.56
C VAL A 55 -0.54 7.26 -12.61
N ALA A 56 -0.22 6.15 -13.27
CA ALA A 56 0.82 6.14 -14.30
C ALA A 56 0.26 6.61 -15.64
N GLU A 57 -1.05 6.44 -15.82
CA GLU A 57 -1.71 6.84 -17.05
C GLU A 57 -1.97 8.35 -17.07
N ILE A 58 -2.19 8.90 -15.89
CA ILE A 58 -2.45 10.33 -15.76
C ILE A 58 -1.18 11.15 -15.94
N MET A 59 -0.04 10.53 -15.66
CA MET A 59 1.25 11.20 -15.80
C MET A 59 1.40 11.81 -17.18
N PRO A 60 1.34 10.96 -18.22
CA PRO A 60 1.47 11.41 -19.61
C PRO A 60 0.26 12.22 -20.08
N SER A 61 0.39 12.85 -21.24
CA SER A 61 -0.70 13.65 -21.80
C SER A 61 -1.06 14.80 -20.86
N THR A 62 -0.07 15.25 -20.09
CA THR A 62 -0.28 16.34 -19.14
C THR A 62 1.04 16.84 -18.56
N SER A 63 1.94 15.90 -18.29
CA SER A 63 3.24 16.23 -17.73
C SER A 63 4.28 16.41 -18.83
N ASP A 64 4.14 15.62 -19.89
CA ASP A 64 5.06 15.68 -21.02
C ASP A 64 6.49 15.35 -20.58
N SER A 65 6.76 14.06 -20.40
CA SER A 65 8.09 13.61 -19.96
C SER A 65 8.51 14.33 -18.70
N SER A 66 7.77 14.11 -17.61
CA SER A 66 8.08 14.74 -16.33
C SER A 66 7.47 13.95 -15.18
N PRO A 67 8.06 12.79 -14.89
CA PRO A 67 7.58 11.91 -13.81
C PRO A 67 7.86 12.51 -12.43
N SER A 68 6.86 12.43 -11.55
CA SER A 68 6.99 12.95 -10.20
C SER A 68 6.51 11.94 -9.16
N ILE A 69 5.20 11.75 -9.10
CA ILE A 69 4.60 10.81 -8.16
C ILE A 69 4.78 9.38 -8.63
N ALA A 70 4.86 9.21 -9.95
CA ALA A 70 5.04 7.88 -10.53
C ALA A 70 6.23 7.16 -9.91
N GLN A 71 7.38 7.82 -9.91
CA GLN A 71 8.60 7.25 -9.35
C GLN A 71 8.36 6.76 -7.93
N TYR A 72 7.49 7.45 -7.20
CA TYR A 72 7.18 7.09 -5.82
C TYR A 72 6.29 5.84 -5.78
N PHE A 73 5.17 5.91 -6.48
CA PHE A 73 4.22 4.79 -6.52
C PHE A 73 4.92 3.52 -6.96
N ALA A 74 5.93 3.66 -7.82
CA ALA A 74 6.68 2.52 -8.32
C ALA A 74 7.44 1.82 -7.19
N SER A 75 8.21 2.60 -6.43
CA SER A 75 8.99 2.07 -5.33
C SER A 75 8.10 1.29 -4.36
N THR A 76 6.83 1.66 -4.30
CA THR A 76 5.88 1.01 -3.42
C THR A 76 5.62 -0.43 -3.86
N MET A 77 5.24 -0.60 -5.12
CA MET A 77 4.96 -1.93 -5.67
C MET A 77 6.14 -2.87 -5.42
N ILE A 78 7.35 -2.30 -5.37
CA ILE A 78 8.55 -3.08 -5.14
C ILE A 78 8.51 -3.77 -3.78
N ILE A 79 8.41 -2.97 -2.73
CA ILE A 79 8.35 -3.49 -1.36
C ILE A 79 7.10 -4.33 -1.15
N VAL A 80 6.04 -3.99 -1.87
CA VAL A 80 4.78 -4.72 -1.74
C VAL A 80 4.89 -6.11 -2.36
N GLY A 81 5.46 -6.17 -3.56
CA GLY A 81 5.62 -7.44 -4.24
C GLY A 81 6.41 -8.45 -3.43
N LEU A 82 7.66 -8.10 -3.13
CA LEU A 82 8.53 -8.98 -2.34
C LEU A 82 7.89 -9.33 -1.01
N SER A 83 7.01 -8.45 -0.53
CA SER A 83 6.32 -8.68 0.73
C SER A 83 5.21 -9.71 0.59
N VAL A 84 4.68 -9.85 -0.63
CA VAL A 84 3.62 -10.80 -0.91
C VAL A 84 4.14 -12.23 -0.86
N VAL A 85 5.32 -12.44 -1.45
CA VAL A 85 5.93 -13.77 -1.46
C VAL A 85 6.39 -14.18 -0.07
N VAL A 86 6.81 -13.19 0.72
CA VAL A 86 7.27 -13.46 2.08
C VAL A 86 6.11 -13.73 3.02
N THR A 87 4.93 -13.22 2.66
CA THR A 87 3.74 -13.41 3.48
C THR A 87 3.08 -14.76 3.18
N VAL A 88 2.95 -15.08 1.91
CA VAL A 88 2.35 -16.35 1.50
C VAL A 88 3.10 -17.54 2.08
N ILE A 89 4.43 -17.43 2.14
CA ILE A 89 5.26 -18.50 2.68
C ILE A 89 5.10 -18.59 4.19
N VAL A 90 5.43 -17.51 4.89
CA VAL A 90 5.32 -17.48 6.35
C VAL A 90 3.91 -17.80 6.79
N LEU A 91 2.94 -17.54 5.93
CA LEU A 91 1.54 -17.80 6.24
C LEU A 91 1.28 -19.30 6.41
N GLN A 92 1.64 -20.07 5.38
CA GLN A 92 1.46 -21.52 5.43
C GLN A 92 2.18 -22.13 6.61
N TYR A 93 3.29 -21.50 7.00
CA TYR A 93 4.09 -21.99 8.13
C TYR A 93 3.24 -22.09 9.39
N HIS A 94 2.30 -21.17 9.53
CA HIS A 94 1.41 -21.14 10.70
C HIS A 94 0.54 -22.39 10.74
N HIS A 95 -0.37 -22.44 11.71
CA HIS A 95 -1.26 -23.57 11.87
C HIS A 95 -2.70 -23.17 11.56
N HIS A 96 -3.22 -22.24 12.35
CA HIS A 96 -4.59 -21.77 12.17
C HIS A 96 -4.78 -20.38 12.77
N ASP A 97 -4.69 -20.31 14.10
CA ASP A 97 -4.84 -19.05 14.81
C ASP A 97 -4.27 -19.14 16.22
N PRO A 98 -3.99 -17.98 16.83
CA PRO A 98 -3.43 -17.90 18.18
C PRO A 98 -4.45 -18.32 19.24
N ASP A 99 -4.07 -18.15 20.51
CA ASP A 99 -4.95 -18.50 21.62
C ASP A 99 -4.45 -17.87 22.92
N GLY A 100 -5.33 -17.11 23.57
CA GLY A 100 -4.96 -16.46 24.82
C GLY A 100 -3.81 -15.50 24.65
N GLY A 101 -4.12 -14.22 24.50
CA GLY A 101 -3.09 -13.21 24.34
C GLY A 101 -3.42 -12.22 23.25
N GLU A 102 -3.30 -10.93 23.56
CA GLU A 102 -3.60 -9.88 22.59
C GLU A 102 -2.45 -9.72 21.59
N GLY A 103 -2.73 -9.05 20.48
CA GLY A 103 -1.72 -8.85 19.46
C GLY A 103 -1.59 -10.04 18.54
N GLY A 104 -0.70 -10.96 18.87
CA GLY A 104 -0.49 -12.14 18.05
C GLY A 104 0.27 -11.84 16.78
N GLY A 105 0.32 -12.81 15.87
CA GLY A 105 1.03 -12.61 14.62
C GLY A 105 2.54 -12.66 14.80
N GLU A 106 3.27 -12.46 13.71
CA GLU A 106 4.73 -12.49 13.74
C GLU A 106 5.29 -11.07 13.71
N GLY A 107 6.53 -10.92 14.18
CA GLY A 107 7.16 -9.62 14.19
C GLY A 107 7.60 -9.18 12.81
N ILE A 108 7.77 -10.14 11.91
CA ILE A 108 8.18 -9.83 10.54
C ILE A 108 7.13 -9.01 9.81
N ASP A 109 5.89 -9.46 9.86
CA ASP A 109 4.79 -8.76 9.20
C ASP A 109 4.64 -7.35 9.76
N ARG A 110 4.81 -7.22 11.08
CA ARG A 110 4.67 -5.94 11.74
C ARG A 110 5.78 -4.99 11.30
N LEU A 111 6.95 -5.54 10.99
CA LEU A 111 8.09 -4.75 10.55
C LEU A 111 7.80 -4.07 9.21
N CYS A 112 7.17 -4.81 8.31
CA CYS A 112 6.84 -4.29 6.99
C CYS A 112 5.60 -3.39 7.06
N LEU A 113 4.65 -3.76 7.92
CA LEU A 113 3.43 -2.98 8.08
C LEU A 113 3.75 -1.55 8.50
N MET A 114 4.57 -1.41 9.54
CA MET A 114 4.95 -0.09 10.03
C MET A 114 5.68 0.71 8.95
N ALA A 115 6.60 0.06 8.26
CA ALA A 115 7.36 0.71 7.20
C ALA A 115 6.44 1.21 6.09
N PHE A 116 5.41 0.43 5.77
CA PHE A 116 4.46 0.80 4.74
C PHE A 116 3.66 2.02 5.15
N SER A 117 3.37 2.13 6.45
CA SER A 117 2.59 3.24 6.97
C SER A 117 3.32 4.56 6.74
N VAL A 118 4.50 4.70 7.34
CA VAL A 118 5.30 5.91 7.20
C VAL A 118 5.64 6.17 5.74
N PHE A 119 5.77 5.10 4.96
CA PHE A 119 6.10 5.22 3.55
C PHE A 119 5.03 6.01 2.81
N THR A 120 3.79 5.88 3.26
CA THR A 120 2.67 6.59 2.64
C THR A 120 2.62 8.04 3.08
N ILE A 121 3.05 8.29 4.32
CA ILE A 121 3.05 9.64 4.86
C ILE A 121 4.16 10.49 4.24
N ILE A 122 5.35 9.93 4.16
CA ILE A 122 6.49 10.62 3.58
C ILE A 122 6.35 10.75 2.07
N CYS A 123 5.59 9.84 1.48
CA CYS A 123 5.36 9.86 0.03
C CYS A 123 4.53 11.08 -0.38
N THR A 124 3.32 11.17 0.15
CA THR A 124 2.43 12.28 -0.16
C THR A 124 3.13 13.61 0.06
N ILE A 125 3.90 13.71 1.14
CA ILE A 125 4.62 14.94 1.46
C ILE A 125 5.83 15.11 0.54
N GLY A 126 6.39 14.00 0.09
CA GLY A 126 7.54 14.05 -0.79
C GLY A 126 7.20 14.61 -2.16
N ILE A 127 6.12 14.13 -2.74
CA ILE A 127 5.68 14.59 -4.06
C ILE A 127 5.13 16.01 -3.99
N LEU A 128 4.64 16.40 -2.81
CA LEU A 128 4.09 17.73 -2.61
C LEU A 128 5.14 18.80 -2.87
N MET A 129 6.27 18.69 -2.18
CA MET A 129 7.36 19.65 -2.34
C MET A 129 8.09 19.42 -3.66
N SER A 130 8.05 18.18 -4.15
CA SER A 130 8.73 17.84 -5.39
C SER A 130 8.23 18.72 -6.54
N ALA A 131 6.99 19.18 -6.43
CA ALA A 131 6.39 20.03 -7.45
C ALA A 131 5.02 20.54 -7.01
N PRO A 132 5.03 21.50 -6.08
CA PRO A 132 3.80 22.10 -5.55
C PRO A 132 3.10 22.98 -6.58
N ASN A 133 1.82 22.70 -6.81
CA ASN A 133 1.04 23.47 -7.77
C ASN A 133 0.19 24.52 -7.06
N PHE A 134 -0.16 24.25 -5.81
CA PHE A 134 -0.97 25.16 -5.02
C PHE A 134 -0.36 26.56 -5.02
N VAL A 135 0.97 26.63 -5.06
CA VAL A 135 1.66 27.90 -5.06
C VAL A 135 2.44 28.10 -6.36
N GLU A 136 2.61 29.36 -6.76
CA GLU A 136 3.33 29.68 -7.99
C GLU A 136 3.65 31.17 -8.06
N GLU A 137 4.73 31.51 -8.75
CA GLU A 137 5.14 32.90 -8.90
C GLU A 137 5.66 33.18 -10.31
N GLU A 4 -2.59 23.72 -4.24
CA GLU A 4 -3.89 23.67 -3.56
C GLU A 4 -4.74 22.52 -4.10
N GLU A 5 -4.91 22.50 -5.42
CA GLU A 5 -5.70 21.46 -6.06
C GLU A 5 -5.03 20.10 -5.95
N GLU A 6 -3.70 20.11 -5.92
CA GLU A 6 -2.92 18.88 -5.81
C GLU A 6 -2.91 18.37 -4.38
N LEU A 7 -3.03 19.28 -3.43
CA LEU A 7 -3.04 18.93 -2.01
C LEU A 7 -4.38 18.32 -1.61
N TYR A 8 -5.46 18.89 -2.14
CA TYR A 8 -6.80 18.40 -1.83
C TYR A 8 -7.06 17.05 -2.50
N TYR A 9 -6.57 16.90 -3.73
CA TYR A 9 -6.75 15.67 -4.47
C TYR A 9 -6.05 14.50 -3.77
N GLY A 10 -4.74 14.64 -3.58
CA GLY A 10 -3.97 13.59 -2.93
C GLY A 10 -4.57 13.19 -1.59
N LEU A 11 -5.15 14.16 -0.90
CA LEU A 11 -5.76 13.91 0.41
C LEU A 11 -6.89 12.90 0.29
N ASN A 12 -7.86 13.19 -0.56
CA ASN A 12 -9.00 12.31 -0.77
C ASN A 12 -8.53 10.91 -1.17
N LEU A 13 -7.35 10.84 -1.78
CA LEU A 13 -6.80 9.56 -2.21
C LEU A 13 -6.11 8.84 -1.06
N LEU A 14 -5.70 9.61 -0.05
CA LEU A 14 -5.03 9.03 1.12
C LEU A 14 -6.04 8.42 2.08
N ILE A 15 -7.26 8.96 2.09
CA ILE A 15 -8.31 8.46 2.96
C ILE A 15 -8.48 6.95 2.80
N PRO A 16 -8.76 6.52 1.57
CA PRO A 16 -8.95 5.10 1.25
C PRO A 16 -7.65 4.30 1.36
N CYS A 17 -6.56 4.89 0.87
CA CYS A 17 -5.26 4.23 0.91
C CYS A 17 -4.93 3.75 2.32
N VAL A 18 -4.88 4.69 3.26
CA VAL A 18 -4.58 4.36 4.64
C VAL A 18 -5.70 3.55 5.28
N LEU A 19 -6.93 3.82 4.85
CA LEU A 19 -8.09 3.12 5.37
C LEU A 19 -7.93 1.61 5.21
N ILE A 20 -7.62 1.18 3.98
CA ILE A 20 -7.43 -0.24 3.70
C ILE A 20 -6.28 -0.83 4.52
N SER A 21 -5.17 -0.10 4.57
CA SER A 21 -4.00 -0.55 5.31
C SER A 21 -4.38 -0.88 6.76
N ALA A 22 -5.22 -0.04 7.34
CA ALA A 22 -5.66 -0.25 8.72
C ALA A 22 -6.47 -1.53 8.86
N LEU A 23 -7.52 -1.65 8.06
CA LEU A 23 -8.38 -2.83 8.09
C LEU A 23 -7.56 -4.10 7.84
N ALA A 24 -6.55 -3.99 7.00
CA ALA A 24 -5.70 -5.12 6.68
C ALA A 24 -4.76 -5.46 7.84
N LEU A 25 -4.23 -4.43 8.48
CA LEU A 25 -3.32 -4.60 9.61
C LEU A 25 -3.94 -5.53 10.66
N LEU A 26 -5.25 -5.42 10.83
CA LEU A 26 -5.97 -6.23 11.80
C LEU A 26 -5.76 -7.72 11.51
N VAL A 27 -5.66 -8.07 10.24
CA VAL A 27 -5.46 -9.45 9.83
C VAL A 27 -3.97 -9.82 9.86
N PHE A 28 -3.12 -8.82 9.70
CA PHE A 28 -1.68 -9.05 9.72
C PHE A 28 -1.23 -9.64 11.06
N LEU A 29 -1.90 -9.23 12.13
CA LEU A 29 -1.57 -9.72 13.47
C LEU A 29 -2.02 -11.17 13.63
N LEU A 30 -3.10 -11.54 12.95
CA LEU A 30 -3.63 -12.89 13.01
C LEU A 30 -3.82 -13.47 11.62
N PRO A 31 -2.71 -13.82 10.95
CA PRO A 31 -2.73 -14.39 9.60
C PRO A 31 -3.30 -15.80 9.59
N ALA A 32 -4.52 -15.95 9.09
CA ALA A 32 -5.16 -17.26 9.01
C ALA A 32 -5.34 -17.70 7.56
N ASP A 33 -4.87 -18.91 7.26
CA ASP A 33 -4.98 -19.45 5.91
C ASP A 33 -6.28 -20.24 5.74
N SER A 34 -7.38 -19.66 6.20
CA SER A 34 -8.69 -20.32 6.11
C SER A 34 -9.47 -19.80 4.91
N GLY A 35 -9.31 -18.51 4.62
CA GLY A 35 -10.02 -17.91 3.50
C GLY A 35 -10.10 -16.40 3.61
N GLU A 36 -10.01 -15.89 4.83
CA GLU A 36 -10.07 -14.46 5.06
C GLU A 36 -8.90 -13.74 4.41
N LYS A 37 -7.69 -14.19 4.72
CA LYS A 37 -6.48 -13.60 4.15
C LYS A 37 -6.51 -13.66 2.62
N ILE A 38 -7.22 -14.65 2.09
CA ILE A 38 -7.33 -14.81 0.64
C ILE A 38 -8.26 -13.77 0.04
N SER A 39 -9.38 -13.52 0.71
CA SER A 39 -10.35 -12.54 0.24
C SER A 39 -9.74 -11.15 0.19
N LEU A 40 -9.27 -10.66 1.33
CA LEU A 40 -8.66 -9.34 1.41
C LEU A 40 -7.30 -9.32 0.73
N GLY A 41 -6.65 -10.48 0.69
CA GLY A 41 -5.34 -10.58 0.06
C GLY A 41 -5.35 -10.05 -1.35
N ILE A 42 -6.26 -10.55 -2.17
CA ILE A 42 -6.36 -10.12 -3.56
C ILE A 42 -7.03 -8.76 -3.67
N THR A 43 -7.86 -8.42 -2.68
CA THR A 43 -8.56 -7.15 -2.66
C THR A 43 -7.57 -5.99 -2.61
N VAL A 44 -6.74 -5.96 -1.58
CA VAL A 44 -5.74 -4.91 -1.42
C VAL A 44 -4.72 -4.94 -2.55
N LEU A 45 -4.41 -6.13 -3.04
CA LEU A 45 -3.46 -6.30 -4.12
C LEU A 45 -3.98 -5.69 -5.41
N LEU A 46 -5.13 -6.19 -5.87
CA LEU A 46 -5.75 -5.71 -7.10
C LEU A 46 -6.09 -4.22 -6.98
N SER A 47 -6.32 -3.78 -5.75
CA SER A 47 -6.67 -2.38 -5.50
C SER A 47 -5.46 -1.48 -5.70
N LEU A 48 -4.27 -2.03 -5.50
CA LEU A 48 -3.03 -1.27 -5.67
C LEU A 48 -2.77 -0.98 -7.14
N THR A 49 -2.71 -2.04 -7.94
CA THR A 49 -2.46 -1.91 -9.37
C THR A 49 -3.42 -0.90 -10.00
N VAL A 50 -4.67 -0.89 -9.53
CA VAL A 50 -5.68 0.02 -10.04
C VAL A 50 -5.43 1.45 -9.57
N PHE A 51 -5.03 1.58 -8.31
CA PHE A 51 -4.76 2.90 -7.74
C PHE A 51 -3.58 3.57 -8.45
N MET A 52 -2.61 2.77 -8.85
CA MET A 52 -1.43 3.27 -9.54
C MET A 52 -1.81 3.85 -10.91
N LEU A 53 -2.65 3.13 -11.63
CA LEU A 53 -3.09 3.57 -12.95
C LEU A 53 -3.75 4.94 -12.87
N LEU A 54 -4.47 5.18 -11.78
CA LEU A 54 -5.15 6.46 -11.59
C LEU A 54 -4.15 7.60 -11.42
N VAL A 55 -3.29 7.48 -10.40
CA VAL A 55 -2.27 8.49 -10.15
C VAL A 55 -1.34 8.66 -11.34
N ALA A 56 -1.17 7.59 -12.11
CA ALA A 56 -0.31 7.61 -13.28
C ALA A 56 -0.98 8.33 -14.44
N GLU A 57 -2.30 8.29 -14.47
CA GLU A 57 -3.07 8.93 -15.53
C GLU A 57 -2.94 10.45 -15.45
N ILE A 58 -2.93 10.97 -14.22
CA ILE A 58 -2.82 12.41 -14.01
C ILE A 58 -1.38 12.88 -14.19
N MET A 59 -0.43 11.97 -13.96
CA MET A 59 0.98 12.30 -14.11
C MET A 59 1.71 11.20 -14.87
N PRO A 60 1.48 11.14 -16.20
CA PRO A 60 2.11 10.14 -17.07
C PRO A 60 3.61 10.39 -17.24
N SER A 61 4.29 9.41 -17.83
CA SER A 61 5.74 9.52 -18.05
C SER A 61 6.12 8.94 -19.41
N THR A 62 5.94 9.73 -20.46
CA THR A 62 6.27 9.30 -21.81
C THR A 62 7.12 10.34 -22.53
N SER A 63 6.48 11.45 -22.90
CA SER A 63 7.19 12.53 -23.60
C SER A 63 7.85 13.49 -22.62
N ASP A 64 7.15 13.76 -21.52
CA ASP A 64 7.67 14.66 -20.49
C ASP A 64 9.01 14.18 -19.97
N SER A 65 9.22 12.85 -20.01
CA SER A 65 10.47 12.27 -19.54
C SER A 65 10.80 12.74 -18.12
N SER A 66 9.75 12.97 -17.32
CA SER A 66 9.93 13.42 -15.95
C SER A 66 8.95 12.71 -15.02
N PRO A 67 9.21 11.42 -14.77
CA PRO A 67 8.37 10.59 -13.89
C PRO A 67 8.49 11.00 -12.42
N SER A 68 7.51 11.76 -11.95
CA SER A 68 7.50 12.22 -10.56
C SER A 68 6.95 11.15 -9.63
N ILE A 69 5.64 10.94 -9.69
CA ILE A 69 4.99 9.94 -8.86
C ILE A 69 5.20 8.54 -9.40
N ALA A 70 5.44 8.45 -10.72
CA ALA A 70 5.66 7.17 -11.37
C ALA A 70 6.77 6.38 -10.67
N GLN A 71 7.79 7.10 -10.21
CA GLN A 71 8.92 6.47 -9.53
C GLN A 71 8.56 6.16 -8.08
N TYR A 72 7.78 7.04 -7.47
CA TYR A 72 7.37 6.85 -6.07
C TYR A 72 6.44 5.65 -5.93
N PHE A 73 5.32 5.69 -6.65
CA PHE A 73 4.35 4.60 -6.59
C PHE A 73 4.99 3.27 -6.98
N ALA A 74 5.91 3.33 -7.95
CA ALA A 74 6.61 2.13 -8.41
C ALA A 74 7.42 1.50 -7.30
N SER A 75 8.23 2.32 -6.63
CA SER A 75 9.07 1.84 -5.54
C SER A 75 8.23 1.12 -4.48
N THR A 76 6.97 1.51 -4.37
CA THR A 76 6.07 0.90 -3.41
C THR A 76 5.80 -0.56 -3.74
N MET A 77 5.37 -0.79 -4.99
CA MET A 77 5.07 -2.15 -5.44
C MET A 77 6.25 -3.08 -5.20
N ILE A 78 7.46 -2.51 -5.21
CA ILE A 78 8.68 -3.28 -4.99
C ILE A 78 8.71 -3.86 -3.58
N ILE A 79 8.55 -2.99 -2.59
CA ILE A 79 8.57 -3.43 -1.20
C ILE A 79 7.32 -4.23 -0.85
N VAL A 80 6.23 -3.96 -1.57
CA VAL A 80 4.97 -4.66 -1.35
C VAL A 80 5.02 -6.07 -1.90
N GLY A 81 5.49 -6.20 -3.14
CA GLY A 81 5.58 -7.51 -3.77
C GLY A 81 6.41 -8.48 -2.96
N LEU A 82 7.58 -8.02 -2.49
CA LEU A 82 8.47 -8.85 -1.70
C LEU A 82 7.92 -9.06 -0.29
N SER A 83 7.03 -8.17 0.12
CA SER A 83 6.43 -8.27 1.45
C SER A 83 5.24 -9.21 1.45
N VAL A 84 4.56 -9.30 0.30
CA VAL A 84 3.41 -10.17 0.16
C VAL A 84 3.83 -11.60 -0.15
N VAL A 85 5.00 -11.74 -0.76
CA VAL A 85 5.53 -13.05 -1.12
C VAL A 85 6.18 -13.73 0.08
N VAL A 86 6.77 -12.93 0.96
CA VAL A 86 7.43 -13.44 2.16
C VAL A 86 6.41 -13.71 3.26
N THR A 87 5.29 -13.00 3.22
CA THR A 87 4.25 -13.17 4.22
C THR A 87 3.40 -14.41 3.94
N VAL A 88 3.23 -14.73 2.66
CA VAL A 88 2.44 -15.89 2.26
C VAL A 88 3.23 -17.18 2.47
N ILE A 89 4.54 -17.12 2.26
CA ILE A 89 5.41 -18.28 2.43
C ILE A 89 5.64 -18.57 3.90
N VAL A 90 6.22 -17.60 4.61
CA VAL A 90 6.49 -17.76 6.04
C VAL A 90 5.23 -18.16 6.80
N LEU A 91 4.09 -17.73 6.29
CA LEU A 91 2.81 -18.04 6.93
C LEU A 91 2.55 -19.54 6.93
N GLN A 92 2.49 -20.12 5.73
CA GLN A 92 2.25 -21.56 5.59
C GLN A 92 3.27 -22.36 6.38
N TYR A 93 4.47 -21.82 6.51
CA TYR A 93 5.54 -22.48 7.25
C TYR A 93 5.08 -22.86 8.65
N HIS A 94 4.34 -21.96 9.29
CA HIS A 94 3.84 -22.19 10.64
C HIS A 94 2.54 -23.00 10.60
N HIS A 95 1.91 -23.15 11.77
CA HIS A 95 0.68 -23.90 11.87
C HIS A 95 -0.52 -22.97 11.92
N HIS A 96 -1.32 -22.97 10.85
CA HIS A 96 -2.51 -22.12 10.77
C HIS A 96 -3.44 -22.60 9.67
N ASP A 97 -4.49 -23.33 10.05
CA ASP A 97 -5.46 -23.85 9.10
C ASP A 97 -6.55 -24.65 9.81
N PRO A 98 -6.13 -25.73 10.49
CA PRO A 98 -7.05 -26.60 11.22
C PRO A 98 -7.63 -25.93 12.45
N ASP A 99 -6.88 -24.98 13.01
CA ASP A 99 -7.33 -24.26 14.21
C ASP A 99 -6.82 -22.82 14.18
N GLY A 100 -7.73 -21.88 14.43
CA GLY A 100 -7.37 -20.47 14.43
C GLY A 100 -7.99 -19.71 15.57
N GLY A 101 -7.89 -18.38 15.53
CA GLY A 101 -8.46 -17.55 16.57
C GLY A 101 -7.93 -16.14 16.54
N GLU A 102 -8.30 -15.34 17.54
CA GLU A 102 -7.86 -13.96 17.63
C GLU A 102 -6.55 -13.86 18.40
N GLY A 103 -6.31 -14.82 19.29
CA GLY A 103 -5.09 -14.82 20.07
C GLY A 103 -3.84 -14.90 19.22
N GLY A 104 -3.04 -13.83 19.24
CA GLY A 104 -1.83 -13.80 18.46
C GLY A 104 -1.02 -12.53 18.68
N GLY A 105 -0.76 -11.81 17.59
CA GLY A 105 0.00 -10.58 17.70
C GLY A 105 1.42 -10.72 17.18
N GLU A 106 1.64 -10.36 15.93
CA GLU A 106 2.96 -10.46 15.33
C GLU A 106 3.65 -9.10 15.30
N GLY A 107 4.83 -9.02 15.93
CA GLY A 107 5.57 -7.78 15.97
C GLY A 107 6.22 -7.46 14.64
N ILE A 108 6.83 -8.46 14.03
CA ILE A 108 7.50 -8.27 12.75
C ILE A 108 6.53 -7.77 11.69
N ASP A 109 5.39 -8.43 11.56
CA ASP A 109 4.38 -8.04 10.59
C ASP A 109 3.92 -6.61 10.83
N ARG A 110 3.87 -6.21 12.09
CA ARG A 110 3.45 -4.86 12.45
C ARG A 110 4.42 -3.83 11.91
N LEU A 111 5.71 -4.10 12.02
CA LEU A 111 6.74 -3.20 11.54
C LEU A 111 6.56 -2.90 10.06
N CYS A 112 6.28 -3.95 9.28
CA CYS A 112 6.08 -3.80 7.85
C CYS A 112 4.96 -2.81 7.55
N LEU A 113 3.83 -2.99 8.23
CA LEU A 113 2.68 -2.11 8.05
C LEU A 113 3.01 -0.67 8.43
N MET A 114 3.67 -0.52 9.59
CA MET A 114 4.05 0.80 10.07
C MET A 114 4.87 1.55 9.02
N ALA A 115 5.88 0.89 8.48
CA ALA A 115 6.72 1.50 7.45
C ALA A 115 5.89 2.00 6.28
N PHE A 116 4.84 1.26 5.94
CA PHE A 116 3.97 1.63 4.83
C PHE A 116 3.17 2.89 5.17
N SER A 117 2.78 3.02 6.43
CA SER A 117 2.01 4.17 6.88
C SER A 117 2.74 5.48 6.54
N VAL A 118 3.92 5.67 7.11
CA VAL A 118 4.71 6.86 6.87
C VAL A 118 5.07 6.99 5.39
N PHE A 119 5.30 5.86 4.73
CA PHE A 119 5.65 5.85 3.32
C PHE A 119 4.57 6.52 2.49
N THR A 120 3.33 6.47 2.98
CA THR A 120 2.21 7.07 2.28
C THR A 120 2.12 8.56 2.55
N ILE A 121 2.49 8.96 3.76
CA ILE A 121 2.46 10.37 4.15
C ILE A 121 3.63 11.13 3.52
N ILE A 122 4.80 10.51 3.50
CA ILE A 122 5.98 11.14 2.93
C ILE A 122 5.91 11.16 1.41
N CYS A 123 5.16 10.21 0.85
CA CYS A 123 5.01 10.12 -0.61
C CYS A 123 4.15 11.26 -1.14
N THR A 124 2.91 11.34 -0.67
CA THR A 124 1.99 12.38 -1.10
C THR A 124 2.62 13.76 -0.93
N ILE A 125 3.40 13.93 0.13
CA ILE A 125 4.06 15.21 0.40
C ILE A 125 5.32 15.36 -0.44
N GLY A 126 5.90 14.23 -0.84
CA GLY A 126 7.11 14.26 -1.65
C GLY A 126 6.85 14.72 -3.07
N ILE A 127 5.79 14.19 -3.67
CA ILE A 127 5.43 14.54 -5.03
C ILE A 127 4.74 15.90 -5.09
N LEU A 128 4.13 16.29 -3.98
CA LEU A 128 3.44 17.57 -3.90
C LEU A 128 4.44 18.72 -3.82
N MET A 129 5.54 18.51 -3.11
CA MET A 129 6.57 19.53 -2.96
C MET A 129 7.55 19.48 -4.14
N SER A 130 7.85 18.27 -4.60
CA SER A 130 8.78 18.09 -5.72
C SER A 130 8.13 18.48 -7.04
N ALA A 131 6.80 18.37 -7.09
CA ALA A 131 6.05 18.71 -8.28
C ALA A 131 4.79 19.50 -7.95
N PRO A 132 4.98 20.77 -7.54
CA PRO A 132 3.87 21.65 -7.17
C PRO A 132 3.03 22.06 -8.37
N ASN A 133 1.76 21.68 -8.36
CA ASN A 133 0.84 22.01 -9.45
C ASN A 133 0.33 23.44 -9.32
N PHE A 134 0.82 24.32 -10.19
CA PHE A 134 0.41 25.71 -10.17
C PHE A 134 0.12 26.22 -11.58
N VAL A 135 -0.86 25.60 -12.23
CA VAL A 135 -1.23 25.98 -13.59
C VAL A 135 -0.05 25.85 -14.54
N GLU A 136 0.02 24.72 -15.22
CA GLU A 136 1.11 24.47 -16.18
C GLU A 136 0.59 23.72 -17.41
N GLU A 137 1.26 23.94 -18.54
CA GLU A 137 0.87 23.28 -19.78
C GLU A 137 2.10 22.73 -20.51
#